data_8QQW
#
_entry.id   8QQW
#
_cell.length_a   1.00
_cell.length_b   1.00
_cell.length_c   1.00
_cell.angle_alpha   90.00
_cell.angle_beta   90.00
_cell.angle_gamma   90.00
#
_symmetry.space_group_name_H-M   'P 1'
#
_entity_poly.entity_id   1
_entity_poly.type   'polypeptide(L)'
_entity_poly.pdbx_seq_one_letter_code
;MSIAESSVPIAVPVPTGGDDPTKVAMLGLTFDDVLLLPAASDVVPATADTSSQLTKRIRLRVPLVSSAMDTVTESRMAIA
MARAGGMGVLHRNLPVAEQAGQVETVKRSEAGMVTDPVTCSPDNTLAEVDAMCARFRISGLPVVDDTGELVGIITNRDMR
FEVDQSKPVSEVMTKAPLITAKEGVSAEAALGLLRRHKIEKLPIVDGHGKLTGLITVKDFVKTEQFPLSTKDSDGRLLVG
AAVGVGDDAWTRAMTLVDAGVDVLIVDTAHAHNRGVLDMVSRLKQAVGERVDVVGGNVATRAAAAALVEAGADAVKVGVG
PGSICTTRVVAGVGAPQITAILEAVAACKPYGVPVIADGGLQYSGDIAKALAAGASTAMLGSLLAGTAESPGELIFVNGK
QFKSYRGMGSLGAMQGRGAAKSYSKDRYFQDDVLSEDKLVPEGIEGRVPFRGPLGTVIHQLTGGLRAAMGYTGSATIEQL
QQAQFVQITAAGLKESHPHDITMTVEAPNYYTR
;
_entity_poly.pdbx_strand_id   A,B,C,D,E,F,G,H
#
# COMPACT_ATOMS: atom_id res chain seq x y z
N VAL A 12 -6.72 -6.10 53.40
CA VAL A 12 -5.39 -5.51 53.41
C VAL A 12 -4.70 -5.59 52.04
N PRO A 13 -4.72 -6.76 51.38
CA PRO A 13 -4.11 -6.82 50.04
C PRO A 13 -4.81 -5.88 49.06
N VAL A 14 -4.00 -5.21 48.26
CA VAL A 14 -4.50 -4.28 47.23
C VAL A 14 -4.88 -5.09 45.99
N PRO A 15 -5.97 -4.76 45.30
CA PRO A 15 -6.31 -5.51 44.08
C PRO A 15 -5.24 -5.46 43.00
N THR A 16 -4.52 -4.35 42.87
CA THR A 16 -3.49 -4.23 41.85
C THR A 16 -2.15 -4.80 42.28
N GLY A 17 -2.07 -5.45 43.44
CA GLY A 17 -0.83 -6.10 43.84
C GLY A 17 -0.13 -5.35 44.96
N GLY A 18 0.50 -6.11 45.84
CA GLY A 18 1.27 -5.55 46.94
C GLY A 18 0.44 -5.28 48.18
N ASP A 19 1.13 -4.85 49.23
CA ASP A 19 0.51 -4.47 50.49
C ASP A 19 0.45 -2.97 50.71
N ASP A 20 0.91 -2.17 49.75
CA ASP A 20 0.95 -0.73 49.92
C ASP A 20 -0.22 -0.12 49.15
N PRO A 21 -1.24 0.41 49.83
CA PRO A 21 -2.38 1.00 49.11
C PRO A 21 -2.04 2.27 48.35
N THR A 22 -0.93 2.93 48.67
CA THR A 22 -0.56 4.19 48.02
C THR A 22 0.47 4.01 46.92
N LYS A 23 0.83 2.76 46.57
CA LYS A 23 1.80 2.56 45.50
C LYS A 23 1.31 3.13 44.19
N VAL A 24 0.10 2.77 43.78
CA VAL A 24 -0.57 3.38 42.63
C VAL A 24 -1.35 4.56 43.19
N ALA A 25 -0.82 5.77 42.98
CA ALA A 25 -1.36 6.95 43.66
C ALA A 25 -2.80 7.22 43.24
N MET A 26 -3.05 7.30 41.94
CA MET A 26 -4.37 7.69 41.47
C MET A 26 -4.52 7.29 40.01
N LEU A 27 -5.77 7.31 39.55
CA LEU A 27 -6.07 7.14 38.13
C LEU A 27 -5.97 8.49 37.43
N GLY A 28 -5.44 8.48 36.22
CA GLY A 28 -5.19 9.71 35.47
C GLY A 28 -6.16 9.84 34.31
N LEU A 29 -6.73 11.03 34.18
CA LEU A 29 -7.65 11.36 33.09
C LEU A 29 -6.96 12.28 32.10
N THR A 30 -7.10 11.96 30.81
CA THR A 30 -6.58 12.81 29.75
C THR A 30 -7.73 13.57 29.10
N PHE A 31 -7.42 14.32 28.05
CA PHE A 31 -8.45 15.12 27.38
C PHE A 31 -9.46 14.26 26.63
N ASP A 32 -9.09 13.02 26.27
CA ASP A 32 -10.00 12.14 25.54
C ASP A 32 -10.91 11.35 26.46
N ASP A 33 -10.74 11.45 27.78
CA ASP A 33 -11.52 10.67 28.72
C ASP A 33 -12.78 11.38 29.21
N VAL A 34 -12.91 12.68 28.99
CA VAL A 34 -14.00 13.46 29.56
C VAL A 34 -14.66 14.30 28.49
N LEU A 35 -15.92 14.66 28.76
CA LEU A 35 -16.67 15.60 27.94
C LEU A 35 -17.37 16.60 28.84
N LEU A 36 -17.65 17.78 28.29
CA LEU A 36 -18.35 18.80 29.06
C LEU A 36 -19.85 18.56 29.03
N LEU A 37 -20.47 18.54 30.20
CA LEU A 37 -21.91 18.33 30.30
C LEU A 37 -22.65 19.62 30.01
N PRO A 38 -23.66 19.60 29.13
CA PRO A 38 -24.49 20.78 28.94
C PRO A 38 -25.25 21.12 30.22
N ALA A 39 -25.47 22.42 30.42
CA ALA A 39 -26.12 22.90 31.63
C ALA A 39 -27.08 24.03 31.27
N ALA A 40 -27.75 24.56 32.28
CA ALA A 40 -28.66 25.69 32.10
C ALA A 40 -27.91 26.87 31.52
N SER A 41 -28.36 27.37 30.38
CA SER A 41 -27.63 28.39 29.63
C SER A 41 -28.55 29.54 29.25
N ASP A 42 -27.99 30.75 29.29
CA ASP A 42 -28.61 31.93 28.68
C ASP A 42 -27.57 32.76 27.95
N VAL A 43 -26.52 32.11 27.45
CA VAL A 43 -25.37 32.77 26.85
C VAL A 43 -25.29 32.35 25.39
N VAL A 44 -25.20 33.32 24.50
CA VAL A 44 -24.96 33.05 23.08
C VAL A 44 -23.45 33.08 22.85
N PRO A 45 -22.93 32.25 21.94
CA PRO A 45 -21.47 32.18 21.78
C PRO A 45 -20.81 33.52 21.46
N ALA A 46 -21.46 34.38 20.68
CA ALA A 46 -20.82 35.58 20.18
C ALA A 46 -20.72 36.70 21.21
N THR A 47 -21.39 36.60 22.35
CA THR A 47 -21.33 37.62 23.38
C THR A 47 -20.63 37.14 24.65
N ALA A 48 -20.05 35.94 24.64
CA ALA A 48 -19.34 35.45 25.81
C ALA A 48 -18.02 36.19 25.98
N ASP A 49 -17.62 36.40 27.23
CA ASP A 49 -16.39 37.11 27.56
C ASP A 49 -15.29 36.07 27.78
N THR A 50 -14.36 35.99 26.84
CA THR A 50 -13.25 35.04 26.92
C THR A 50 -12.03 35.63 27.61
N SER A 51 -12.18 36.72 28.36
CA SER A 51 -11.05 37.30 29.06
C SER A 51 -10.64 36.40 30.22
N SER A 52 -9.33 36.34 30.49
CA SER A 52 -8.82 35.47 31.53
C SER A 52 -7.54 36.07 32.11
N GLN A 53 -7.25 35.68 33.34
CA GLN A 53 -6.05 36.16 34.04
C GLN A 53 -4.86 35.30 33.67
N LEU A 54 -3.87 35.91 33.00
CA LEU A 54 -2.62 35.19 32.75
C LEU A 54 -1.81 35.06 34.03
N THR A 55 -1.71 36.15 34.79
CA THR A 55 -1.08 36.13 36.11
C THR A 55 -1.98 36.86 37.10
N LYS A 56 -1.47 37.14 38.30
CA LYS A 56 -2.27 37.86 39.28
C LYS A 56 -2.50 39.31 38.92
N ARG A 57 -1.77 39.85 37.93
CA ARG A 57 -1.86 41.25 37.56
C ARG A 57 -2.10 41.50 36.08
N ILE A 58 -1.93 40.50 35.22
CA ILE A 58 -2.06 40.66 33.77
C ILE A 58 -3.28 39.87 33.31
N ARG A 59 -4.16 40.53 32.56
CA ARG A 59 -5.37 39.91 32.04
C ARG A 59 -5.36 39.95 30.52
N LEU A 60 -5.43 38.79 29.89
CA LEU A 60 -5.48 38.69 28.45
C LEU A 60 -6.92 38.77 27.96
N ARG A 61 -7.07 39.09 26.68
CA ARG A 61 -8.38 39.13 26.05
C ARG A 61 -8.76 37.78 25.45
N VAL A 62 -7.78 37.02 24.97
CA VAL A 62 -7.98 35.66 24.50
C VAL A 62 -7.01 34.78 25.27
N PRO A 63 -7.48 33.75 25.98
CA PRO A 63 -6.60 32.97 26.87
C PRO A 63 -5.71 31.99 26.13
N LEU A 64 -4.91 32.49 25.19
CA LEU A 64 -3.99 31.66 24.42
C LEU A 64 -2.61 32.29 24.45
N VAL A 65 -1.59 31.47 24.75
CA VAL A 65 -0.21 31.92 24.84
C VAL A 65 0.67 30.94 24.06
N SER A 66 1.62 31.48 23.31
CA SER A 66 2.56 30.63 22.58
C SER A 66 3.55 29.99 23.54
N SER A 67 4.18 28.90 23.09
CA SER A 67 4.83 27.97 24.01
C SER A 67 6.35 28.14 24.09
N ALA A 68 6.89 29.25 23.61
CA ALA A 68 8.31 29.57 23.80
C ALA A 68 9.23 28.51 23.23
N MET A 69 8.83 27.84 22.16
CA MET A 69 9.71 26.90 21.48
C MET A 69 10.47 27.62 20.36
N ASP A 70 11.63 27.06 20.02
CA ASP A 70 12.49 27.71 19.03
C ASP A 70 11.84 27.74 17.64
N THR A 71 10.95 26.80 17.35
CA THR A 71 10.26 26.76 16.08
C THR A 71 8.91 27.47 16.11
N VAL A 72 8.49 27.99 17.25
CA VAL A 72 7.17 28.59 17.41
C VAL A 72 7.23 30.11 17.51
N THR A 73 7.91 30.62 18.53
CA THR A 73 7.77 32.02 18.91
C THR A 73 9.08 32.78 18.73
N GLU A 74 9.06 33.79 17.85
CA GLU A 74 10.07 34.84 17.81
C GLU A 74 9.36 36.19 17.78
N SER A 75 10.11 37.26 17.47
CA SER A 75 9.54 38.61 17.53
C SER A 75 8.29 38.74 16.68
N ARG A 76 8.32 38.20 15.45
CA ARG A 76 7.15 38.24 14.58
C ARG A 76 5.98 37.51 15.22
N MET A 77 6.22 36.31 15.73
CA MET A 77 5.16 35.53 16.35
C MET A 77 4.65 36.21 17.60
N ALA A 78 5.55 36.81 18.40
CA ALA A 78 5.11 37.51 19.61
C ALA A 78 4.24 38.70 19.26
N ILE A 79 4.62 39.47 18.23
CA ILE A 79 3.80 40.62 17.83
C ILE A 79 2.44 40.15 17.35
N ALA A 80 2.40 39.09 16.53
CA ALA A 80 1.12 38.59 16.03
C ALA A 80 0.24 38.10 17.17
N MET A 81 0.82 37.40 18.14
CA MET A 81 0.05 36.89 19.27
C MET A 81 -0.49 38.02 20.13
N ALA A 82 0.34 39.05 20.38
CA ALA A 82 -0.12 40.17 21.19
C ALA A 82 -1.18 40.98 20.47
N ARG A 83 -1.12 41.04 19.14
CA ARG A 83 -2.16 41.74 18.39
C ARG A 83 -3.44 40.93 18.32
N ALA A 84 -3.33 39.60 18.34
CA ALA A 84 -4.52 38.74 18.26
C ALA A 84 -5.31 38.70 19.56
N GLY A 85 -4.75 39.21 20.65
CA GLY A 85 -5.43 39.24 21.94
C GLY A 85 -4.76 38.44 23.04
N GLY A 86 -3.71 37.69 22.73
CA GLY A 86 -3.00 36.92 23.73
C GLY A 86 -1.63 37.48 24.04
N MET A 87 -0.65 36.59 24.19
CA MET A 87 0.73 37.01 24.45
C MET A 87 1.66 35.91 23.96
N GLY A 88 2.81 36.32 23.44
CA GLY A 88 3.86 35.40 23.04
C GLY A 88 5.00 35.39 24.03
N VAL A 89 5.65 34.24 24.15
CA VAL A 89 6.81 34.07 25.03
C VAL A 89 7.99 33.67 24.16
N LEU A 90 9.05 34.46 24.21
CA LEU A 90 10.19 34.23 23.33
C LEU A 90 11.04 33.06 23.84
N HIS A 91 11.50 32.24 22.90
CA HIS A 91 12.33 31.09 23.25
C HIS A 91 13.72 31.56 23.67
N ARG A 92 14.40 30.72 24.45
CA ARG A 92 15.70 31.05 25.00
C ARG A 92 16.83 30.25 24.36
N ASN A 93 16.61 29.66 23.20
CA ASN A 93 17.68 29.01 22.46
C ASN A 93 18.48 30.02 21.64
N LEU A 94 18.93 31.10 22.29
CA LEU A 94 19.58 32.20 21.61
C LEU A 94 20.63 32.79 22.54
N PRO A 95 21.61 33.51 21.99
CA PRO A 95 22.46 34.35 22.85
C PRO A 95 21.62 35.43 23.52
N VAL A 96 22.11 35.87 24.69
CA VAL A 96 21.34 36.80 25.52
C VAL A 96 21.06 38.09 24.76
N ALA A 97 22.05 38.60 24.03
CA ALA A 97 21.87 39.84 23.29
C ALA A 97 20.78 39.70 22.22
N GLU A 98 20.74 38.57 21.53
CA GLU A 98 19.70 38.38 20.52
C GLU A 98 18.31 38.33 21.15
N GLN A 99 18.17 37.65 22.29
CA GLN A 99 16.88 37.60 22.95
C GLN A 99 16.44 38.97 23.43
N ALA A 100 17.36 39.75 23.99
CA ALA A 100 17.04 41.11 24.40
C ALA A 100 16.66 41.97 23.19
N GLY A 101 17.36 41.78 22.07
CA GLY A 101 17.01 42.50 20.85
C GLY A 101 15.62 42.16 20.35
N GLN A 102 15.24 40.89 20.42
CA GLN A 102 13.89 40.49 20.03
C GLN A 102 12.85 41.06 20.99
N VAL A 103 13.16 41.10 22.28
CA VAL A 103 12.27 41.74 23.25
C VAL A 103 12.07 43.21 22.88
N GLU A 104 13.16 43.91 22.57
CA GLU A 104 13.05 45.31 22.18
C GLU A 104 12.28 45.48 20.88
N THR A 105 12.46 44.55 19.94
CA THR A 105 11.74 44.60 18.68
C THR A 105 10.24 44.47 18.90
N VAL A 106 9.83 43.57 19.79
CA VAL A 106 8.40 43.45 20.11
C VAL A 106 7.91 44.69 20.83
N LYS A 107 8.72 45.24 21.74
CA LYS A 107 8.28 46.35 22.57
C LYS A 107 8.14 47.65 21.77
N ARG A 108 8.93 47.82 20.70
CA ARG A 108 8.95 49.07 19.95
C ARG A 108 7.96 48.98 18.79
N SER A 109 6.70 49.23 19.10
CA SER A 109 5.64 49.26 18.09
C SER A 109 4.42 50.04 18.59
N THR A 223 -6.55 51.93 15.20
CA THR A 223 -6.34 50.67 15.91
C THR A 223 -7.49 49.71 15.65
N GLU A 224 -8.29 50.01 14.63
CA GLU A 224 -9.41 49.14 14.28
C GLU A 224 -8.95 47.81 13.69
N GLN A 225 -7.69 47.71 13.25
CA GLN A 225 -7.16 46.43 12.81
C GLN A 225 -6.98 45.46 13.97
N PHE A 226 -6.52 45.96 15.12
CA PHE A 226 -6.24 45.13 16.29
C PHE A 226 -6.86 45.76 17.53
N PRO A 227 -8.19 45.79 17.63
CA PRO A 227 -8.81 46.30 18.86
C PRO A 227 -8.47 45.48 20.08
N LEU A 228 -8.24 44.18 19.92
CA LEU A 228 -8.01 43.26 21.04
C LEU A 228 -6.55 43.24 21.50
N SER A 229 -5.74 44.23 21.12
CA SER A 229 -4.32 44.19 21.46
C SER A 229 -4.11 44.18 22.97
N THR A 230 -3.16 43.37 23.41
CA THR A 230 -2.77 43.33 24.82
C THR A 230 -1.62 44.32 25.02
N LYS A 231 -1.89 45.41 25.75
CA LYS A 231 -0.97 46.51 25.87
C LYS A 231 -0.85 46.94 27.33
N ASP A 232 0.30 47.52 27.66
CA ASP A 232 0.57 47.99 29.00
C ASP A 232 0.14 49.45 29.15
N SER A 233 0.53 50.08 30.26
CA SER A 233 0.18 51.47 30.51
C SER A 233 0.73 52.41 29.46
N ASP A 234 1.82 52.05 28.78
CA ASP A 234 2.44 52.89 27.78
C ASP A 234 1.90 52.67 26.38
N GLY A 235 0.89 51.81 26.21
CA GLY A 235 0.39 51.51 24.89
C GLY A 235 1.25 50.59 24.07
N ARG A 236 2.30 50.01 24.66
CA ARG A 236 3.17 49.08 23.97
C ARG A 236 2.71 47.65 24.16
N LEU A 237 3.06 46.79 23.20
CA LEU A 237 2.69 45.39 23.26
C LEU A 237 3.44 44.68 24.38
N LEU A 238 2.79 43.69 24.98
CA LEU A 238 3.41 42.87 26.00
C LEU A 238 4.12 41.68 25.36
N VAL A 239 5.21 41.25 25.98
CA VAL A 239 5.99 40.11 25.51
C VAL A 239 6.59 39.40 26.71
N GLY A 240 6.75 38.09 26.57
CA GLY A 240 7.39 37.29 27.60
C GLY A 240 8.66 36.64 27.11
N ALA A 241 9.50 36.18 28.03
CA ALA A 241 10.75 35.54 27.68
C ALA A 241 11.03 34.42 28.67
N ALA A 242 11.67 33.36 28.18
CA ALA A 242 12.01 32.21 28.99
C ALA A 242 13.45 32.28 29.45
N VAL A 243 13.71 31.83 30.69
CA VAL A 243 15.04 31.79 31.26
C VAL A 243 15.25 30.41 31.87
N GLY A 244 16.52 30.06 32.08
CA GLY A 244 16.88 28.79 32.66
C GLY A 244 17.24 28.90 34.12
N VAL A 245 18.27 28.15 34.53
CA VAL A 245 18.76 28.18 35.90
C VAL A 245 20.28 28.31 35.86
N GLY A 246 20.82 29.21 36.68
CA GLY A 246 22.25 29.40 36.81
C GLY A 246 22.63 30.87 36.77
N ASP A 247 23.94 31.10 36.88
CA ASP A 247 24.46 32.47 36.80
C ASP A 247 24.24 33.06 35.42
N ASP A 248 24.46 32.27 34.37
CA ASP A 248 24.15 32.72 33.02
C ASP A 248 22.66 33.02 32.87
N ALA A 249 21.81 32.17 33.47
CA ALA A 249 20.38 32.45 33.47
C ALA A 249 20.07 33.74 34.22
N TRP A 250 20.75 33.99 35.34
CA TRP A 250 20.51 35.21 36.09
C TRP A 250 20.89 36.44 35.28
N THR A 251 22.05 36.42 34.62
CA THR A 251 22.44 37.58 33.82
C THR A 251 21.55 37.75 32.60
N ARG A 252 21.08 36.65 32.02
CA ARG A 252 20.12 36.74 30.92
C ARG A 252 18.82 37.37 31.38
N ALA A 253 18.34 36.97 32.57
CA ALA A 253 17.10 37.54 33.10
C ALA A 253 17.25 39.02 33.38
N MET A 254 18.38 39.42 33.96
CA MET A 254 18.60 40.84 34.23
C MET A 254 18.69 41.64 32.93
N THR A 255 19.37 41.10 31.93
CA THR A 255 19.45 41.77 30.63
C THR A 255 18.07 41.93 30.01
N LEU A 256 17.25 40.87 30.09
CA LEU A 256 15.89 40.94 29.54
C LEU A 256 15.03 41.95 30.29
N VAL A 257 15.16 42.00 31.61
CA VAL A 257 14.40 42.98 32.39
C VAL A 257 14.81 44.39 32.01
N ASP A 258 16.12 44.61 31.83
CA ASP A 258 16.59 45.92 31.40
C ASP A 258 16.09 46.29 30.00
N ALA A 259 15.67 45.31 29.21
CA ALA A 259 15.13 45.55 27.88
C ALA A 259 13.65 45.87 27.88
N GLY A 260 13.00 45.87 29.04
CA GLY A 260 11.59 46.19 29.12
C GLY A 260 10.64 45.01 29.07
N VAL A 261 11.14 43.79 29.28
CA VAL A 261 10.27 42.62 29.25
C VAL A 261 9.21 42.72 30.35
N ASP A 262 8.14 41.95 30.19
CA ASP A 262 7.00 42.01 31.09
C ASP A 262 6.80 40.74 31.91
N VAL A 263 6.94 39.56 31.32
CA VAL A 263 6.77 38.29 32.02
C VAL A 263 8.01 37.45 31.80
N LEU A 264 8.56 36.91 32.89
CA LEU A 264 9.71 36.02 32.84
C LEU A 264 9.25 34.61 33.17
N ILE A 265 9.50 33.68 32.25
CA ILE A 265 9.13 32.28 32.42
C ILE A 265 10.39 31.50 32.79
N VAL A 266 10.32 30.75 33.89
CA VAL A 266 11.42 29.86 34.28
C VAL A 266 11.16 28.53 33.58
N ASP A 267 11.58 28.46 32.33
CA ASP A 267 11.28 27.31 31.47
C ASP A 267 12.19 26.15 31.86
N THR A 268 11.67 25.21 32.64
CA THR A 268 12.38 24.00 33.00
C THR A 268 11.48 22.79 32.82
N ALA A 269 12.10 21.66 32.49
CA ALA A 269 11.33 20.44 32.26
C ALA A 269 10.79 19.84 33.55
N HIS A 270 11.31 20.25 34.70
CA HIS A 270 10.87 19.71 35.98
C HIS A 270 11.11 20.79 37.03
N ALA A 271 10.03 21.44 37.47
CA ALA A 271 10.12 22.62 38.32
C ALA A 271 10.10 22.31 39.81
N HIS A 272 10.06 21.04 40.19
CA HIS A 272 10.09 20.71 41.62
C HIS A 272 11.51 20.66 42.17
N ASN A 273 12.51 21.01 41.36
CA ASN A 273 13.89 21.05 41.84
C ASN A 273 14.08 22.26 42.75
N ARG A 274 15.10 22.17 43.61
CA ARG A 274 15.39 23.28 44.51
C ARG A 274 15.94 24.48 43.76
N GLY A 275 16.73 24.23 42.70
CA GLY A 275 17.29 25.33 41.93
C GLY A 275 16.23 26.19 41.28
N VAL A 276 15.18 25.56 40.75
CA VAL A 276 14.11 26.33 40.11
C VAL A 276 13.38 27.20 41.13
N LEU A 277 13.08 26.64 42.31
CA LEU A 277 12.41 27.41 43.34
C LEU A 277 13.27 28.57 43.81
N ASP A 278 14.58 28.32 43.98
CA ASP A 278 15.48 29.40 44.40
C ASP A 278 15.56 30.49 43.35
N MET A 279 15.62 30.11 42.07
CA MET A 279 15.64 31.11 41.01
C MET A 279 14.36 31.93 40.99
N VAL A 280 13.22 31.27 41.17
CA VAL A 280 11.94 31.99 41.21
C VAL A 280 11.92 32.97 42.38
N SER A 281 12.38 32.53 43.55
CA SER A 281 12.40 33.42 44.71
C SER A 281 13.34 34.61 44.47
N ARG A 282 14.51 34.36 43.89
CA ARG A 282 15.44 35.45 43.62
C ARG A 282 14.84 36.46 42.66
N LEU A 283 14.22 35.98 41.57
CA LEU A 283 13.62 36.90 40.61
C LEU A 283 12.49 37.69 41.24
N LYS A 284 11.66 37.03 42.06
CA LYS A 284 10.54 37.71 42.71
C LYS A 284 11.04 38.77 43.69
N GLN A 285 12.13 38.49 44.39
CA GLN A 285 12.66 39.45 45.34
C GLN A 285 13.37 40.60 44.65
N ALA A 286 13.95 40.36 43.47
CA ALA A 286 14.73 41.40 42.79
C ALA A 286 13.85 42.30 41.93
N VAL A 287 13.07 41.72 41.01
CA VAL A 287 12.32 42.50 40.04
C VAL A 287 10.84 42.19 40.16
N GLY A 288 10.38 41.87 41.37
CA GLY A 288 9.00 41.48 41.57
C GLY A 288 7.99 42.55 41.21
N GLU A 289 8.33 43.82 41.44
CA GLU A 289 7.37 44.90 41.18
C GLU A 289 7.30 45.25 39.70
N ARG A 290 8.38 45.02 38.94
CA ARG A 290 8.41 45.43 37.54
C ARG A 290 7.83 44.36 36.62
N VAL A 291 8.24 43.11 36.79
CA VAL A 291 7.84 42.02 35.93
C VAL A 291 7.21 40.92 36.77
N ASP A 292 6.58 39.96 36.09
CA ASP A 292 5.96 38.81 36.73
C ASP A 292 6.82 37.57 36.50
N VAL A 293 6.91 36.73 37.52
CA VAL A 293 7.70 35.50 37.48
C VAL A 293 6.75 34.31 37.41
N VAL A 294 7.00 33.40 36.49
CA VAL A 294 6.16 32.22 36.27
C VAL A 294 7.01 30.97 36.46
N GLY A 295 6.51 30.03 37.26
CA GLY A 295 7.25 28.82 37.51
C GLY A 295 7.21 27.85 36.35
N GLY A 296 8.07 26.84 36.42
CA GLY A 296 8.19 25.86 35.37
C GLY A 296 7.08 24.83 35.42
N ASN A 297 7.29 23.74 34.66
CA ASN A 297 6.28 22.71 34.52
C ASN A 297 6.17 21.87 35.79
N VAL A 298 4.94 21.68 36.27
CA VAL A 298 4.65 20.80 37.39
C VAL A 298 3.46 19.92 37.03
N ALA A 299 3.30 18.83 37.78
CA ALA A 299 2.20 17.90 37.50
C ALA A 299 1.53 17.38 38.76
N THR A 300 1.89 17.88 39.94
CA THR A 300 1.31 17.41 41.19
C THR A 300 0.94 18.59 42.07
N ARG A 301 0.12 18.31 43.09
CA ARG A 301 -0.32 19.36 44.00
C ARG A 301 0.83 19.88 44.85
N ALA A 302 1.73 18.98 45.26
CA ALA A 302 2.84 19.39 46.12
C ALA A 302 3.78 20.35 45.39
N ALA A 303 4.10 20.06 44.13
CA ALA A 303 4.96 20.95 43.36
C ALA A 303 4.30 22.30 43.12
N ALA A 304 2.99 22.30 42.85
CA ALA A 304 2.27 23.55 42.67
C ALA A 304 2.30 24.38 43.94
N ALA A 305 2.08 23.75 45.10
CA ALA A 305 2.14 24.46 46.36
C ALA A 305 3.54 25.01 46.62
N ALA A 306 4.57 24.23 46.29
CA ALA A 306 5.94 24.69 46.47
C ALA A 306 6.22 25.91 45.61
N LEU A 307 5.77 25.90 44.35
CA LEU A 307 5.96 27.06 43.49
C LEU A 307 5.18 28.26 43.98
N VAL A 308 3.98 28.03 44.52
CA VAL A 308 3.19 29.14 45.05
C VAL A 308 3.90 29.77 46.24
N GLU A 309 4.42 28.95 47.14
CA GLU A 309 5.14 29.46 48.30
C GLU A 309 6.43 30.15 47.90
N ALA A 310 7.10 29.66 46.85
CA ALA A 310 8.36 30.26 46.42
C ALA A 310 8.17 31.68 45.90
N GLY A 311 6.97 32.05 45.51
CA GLY A 311 6.67 33.39 45.04
C GLY A 311 6.30 33.54 43.58
N ALA A 312 5.86 32.46 42.92
CA ALA A 312 5.49 32.55 41.52
C ALA A 312 4.16 33.27 41.35
N ASP A 313 4.04 34.03 40.27
CA ASP A 313 2.79 34.71 39.93
C ASP A 313 1.88 33.84 39.06
N ALA A 314 2.41 32.77 38.48
CA ALA A 314 1.62 31.84 37.69
C ALA A 314 2.34 30.50 37.65
N VAL A 315 1.57 29.43 37.62
CA VAL A 315 2.10 28.07 37.65
C VAL A 315 1.76 27.39 36.33
N LYS A 316 2.78 26.85 35.68
CA LYS A 316 2.63 26.16 34.40
C LYS A 316 2.61 24.65 34.65
N VAL A 317 1.68 23.96 34.00
CA VAL A 317 1.36 22.58 34.32
C VAL A 317 1.60 21.69 33.10
N GLY A 318 2.28 20.57 33.32
CA GLY A 318 2.38 19.52 32.33
C GLY A 318 3.76 18.91 32.23
N VAL A 319 3.84 17.60 32.41
CA VAL A 319 5.10 16.85 32.29
C VAL A 319 4.79 15.58 31.49
N GLY A 320 5.21 15.54 30.24
CA GLY A 320 4.92 14.44 29.37
C GLY A 320 3.43 14.19 29.18
N PRO A 321 2.65 15.23 28.86
CA PRO A 321 1.20 15.07 28.79
C PRO A 321 0.71 14.36 27.54
N GLY A 322 1.55 14.23 26.51
CA GLY A 322 1.12 13.55 25.31
C GLY A 322 1.07 12.04 25.47
N SER A 323 0.32 11.40 24.56
CA SER A 323 0.15 9.95 24.63
C SER A 323 1.46 9.22 24.36
N ILE A 324 2.24 9.69 23.39
CA ILE A 324 3.49 9.03 23.02
C ILE A 324 4.66 9.99 23.20
N CYS A 325 4.56 10.89 24.17
CA CYS A 325 5.66 11.81 24.44
C CYS A 325 6.95 11.05 24.73
N THR A 326 8.08 11.67 24.37
CA THR A 326 9.37 11.01 24.53
C THR A 326 9.70 10.74 25.98
N THR A 327 9.21 11.58 26.90
CA THR A 327 9.43 11.33 28.32
C THR A 327 8.79 10.03 28.77
N ARG A 328 7.61 9.70 28.22
CA ARG A 328 6.92 8.48 28.60
C ARG A 328 7.65 7.25 28.07
N VAL A 329 8.07 7.29 26.79
CA VAL A 329 8.70 6.12 26.19
C VAL A 329 10.09 5.90 26.76
N VAL A 330 10.88 6.97 26.88
CA VAL A 330 12.28 6.82 27.28
C VAL A 330 12.40 6.73 28.80
N ALA A 331 11.93 7.75 29.50
CA ALA A 331 12.09 7.82 30.96
C ALA A 331 10.98 7.12 31.72
N GLY A 332 9.81 6.92 31.11
CA GLY A 332 8.70 6.31 31.82
C GLY A 332 7.97 7.24 32.76
N VAL A 333 8.20 8.54 32.67
CA VAL A 333 7.60 9.52 33.58
C VAL A 333 6.55 10.30 32.81
N GLY A 334 5.41 10.51 33.44
CA GLY A 334 4.34 11.28 32.80
C GLY A 334 3.19 11.47 33.76
N ALA A 335 2.25 12.30 33.31
CA ALA A 335 1.05 12.59 34.08
C ALA A 335 -0.04 13.06 33.12
N PRO A 336 -1.22 12.44 33.14
CA PRO A 336 -2.32 12.91 32.29
C PRO A 336 -2.70 14.34 32.63
N GLN A 337 -3.10 15.09 31.61
CA GLN A 337 -3.18 16.54 31.75
C GLN A 337 -4.39 16.97 32.58
N ILE A 338 -5.54 16.31 32.43
CA ILE A 338 -6.73 16.73 33.19
C ILE A 338 -6.50 16.54 34.68
N THR A 339 -5.98 15.38 35.08
CA THR A 339 -5.70 15.13 36.49
C THR A 339 -4.64 16.09 37.02
N ALA A 340 -3.60 16.36 36.21
CA ALA A 340 -2.56 17.27 36.63
C ALA A 340 -3.10 18.68 36.84
N ILE A 341 -3.96 19.15 35.94
CA ILE A 341 -4.54 20.47 36.09
C ILE A 341 -5.43 20.52 37.33
N LEU A 342 -6.25 19.48 37.55
CA LEU A 342 -7.11 19.48 38.72
C LEU A 342 -6.31 19.48 40.02
N GLU A 343 -5.16 18.79 40.02
CA GLU A 343 -4.34 18.75 41.23
C GLU A 343 -3.63 20.07 41.44
N ALA A 344 -3.07 20.66 40.38
CA ALA A 344 -2.37 21.92 40.57
C ALA A 344 -3.34 23.03 40.92
N VAL A 345 -4.55 22.99 40.35
CA VAL A 345 -5.55 24.00 40.65
C VAL A 345 -5.99 23.90 42.10
N ALA A 346 -6.08 22.66 42.63
CA ALA A 346 -6.45 22.50 44.03
C ALA A 346 -5.48 23.21 44.97
N ALA A 347 -4.24 23.42 44.55
CA ALA A 347 -3.24 24.10 45.35
C ALA A 347 -3.16 25.59 45.03
N CYS A 348 -3.37 25.96 43.77
CA CYS A 348 -3.18 27.34 43.33
C CYS A 348 -4.41 28.22 43.51
N LYS A 349 -5.61 27.63 43.50
CA LYS A 349 -6.83 28.43 43.58
C LYS A 349 -6.97 29.19 44.90
N PRO A 350 -6.72 28.60 46.07
CA PRO A 350 -6.91 29.36 47.33
C PRO A 350 -6.02 30.60 47.43
N TYR A 351 -4.92 30.67 46.69
CA TYR A 351 -4.03 31.82 46.74
C TYR A 351 -4.18 32.73 45.51
N GLY A 352 -5.13 32.45 44.63
CA GLY A 352 -5.38 33.30 43.48
C GLY A 352 -4.37 33.20 42.36
N VAL A 353 -3.51 32.19 42.38
CA VAL A 353 -2.48 32.04 41.35
C VAL A 353 -3.08 31.33 40.14
N PRO A 354 -2.99 31.92 38.95
CA PRO A 354 -3.53 31.25 37.75
C PRO A 354 -2.68 30.05 37.37
N VAL A 355 -3.32 29.11 36.67
CA VAL A 355 -2.69 27.88 36.22
C VAL A 355 -2.66 27.89 34.69
N ILE A 356 -1.47 27.67 34.12
CA ILE A 356 -1.28 27.66 32.67
C ILE A 356 -1.15 26.20 32.23
N ALA A 357 -2.11 25.75 31.43
CA ALA A 357 -2.11 24.38 30.93
C ALA A 357 -1.23 24.29 29.68
N ASP A 358 -0.10 23.58 29.79
CA ASP A 358 0.89 23.51 28.73
C ASP A 358 1.00 22.06 28.25
N GLY A 359 0.88 21.87 26.95
CA GLY A 359 1.10 20.55 26.36
C GLY A 359 -0.16 19.71 26.32
N GLY A 360 -0.19 18.81 25.34
CA GLY A 360 -1.26 17.86 25.19
C GLY A 360 -2.43 18.32 24.33
N LEU A 361 -2.55 19.63 24.08
CA LEU A 361 -3.68 20.14 23.33
C LEU A 361 -3.56 19.80 21.85
N GLN A 362 -4.67 19.36 21.25
CA GLN A 362 -4.72 19.10 19.82
C GLN A 362 -5.96 19.66 19.14
N TYR A 363 -6.98 20.11 19.90
CA TYR A 363 -8.19 20.66 19.32
C TYR A 363 -8.67 21.81 20.19
N SER A 364 -9.70 22.50 19.71
CA SER A 364 -10.31 23.56 20.52
C SER A 364 -11.11 22.99 21.69
N GLY A 365 -11.67 21.78 21.52
CA GLY A 365 -12.32 21.12 22.63
C GLY A 365 -11.37 20.82 23.77
N ASP A 366 -10.12 20.50 23.43
CA ASP A 366 -9.10 20.33 24.47
C ASP A 366 -8.87 21.62 25.24
N ILE A 367 -8.85 22.75 24.54
CA ILE A 367 -8.71 24.05 25.21
C ILE A 367 -9.90 24.29 26.13
N ALA A 368 -11.11 23.98 25.65
CA ALA A 368 -12.29 24.16 26.48
C ALA A 368 -12.24 23.30 27.73
N LYS A 369 -11.81 22.04 27.58
CA LYS A 369 -11.69 21.15 28.73
C LYS A 369 -10.62 21.64 29.70
N ALA A 370 -9.48 22.11 29.18
CA ALA A 370 -8.42 22.58 30.05
C ALA A 370 -8.86 23.82 30.84
N LEU A 371 -9.60 24.73 30.20
CA LEU A 371 -10.09 25.88 30.92
C LEU A 371 -11.21 25.51 31.89
N ALA A 372 -11.97 24.46 31.58
CA ALA A 372 -13.01 24.00 32.49
C ALA A 372 -12.45 23.21 33.66
N ALA A 373 -11.26 22.61 33.49
CA ALA A 373 -10.63 21.87 34.56
C ALA A 373 -10.07 22.77 35.65
N GLY A 374 -10.02 24.08 35.41
CA GLY A 374 -9.49 25.03 36.37
C GLY A 374 -8.35 25.89 35.87
N ALA A 375 -7.75 25.56 34.73
CA ALA A 375 -6.69 26.39 34.19
C ALA A 375 -7.26 27.70 33.66
N SER A 376 -6.49 28.79 33.83
CA SER A 376 -6.93 30.09 33.37
C SER A 376 -6.41 30.46 32.00
N THR A 377 -5.37 29.78 31.51
CA THR A 377 -4.78 30.09 30.22
C THR A 377 -4.16 28.82 29.65
N ALA A 378 -4.28 28.66 28.34
CA ALA A 378 -3.73 27.50 27.64
C ALA A 378 -2.52 27.92 26.82
N MET A 379 -1.48 27.09 26.85
CA MET A 379 -0.26 27.29 26.10
C MET A 379 -0.25 26.29 24.95
N LEU A 380 -0.11 26.79 23.71
CA LEU A 380 -0.52 26.03 22.55
C LEU A 380 0.58 25.16 21.96
N GLY A 381 1.67 25.76 21.50
CA GLY A 381 2.81 24.97 21.06
C GLY A 381 2.70 24.44 19.64
N SER A 382 2.42 23.14 19.53
CA SER A 382 2.48 22.46 18.24
C SER A 382 1.42 22.96 17.26
N LEU A 383 0.33 23.53 17.75
CA LEU A 383 -0.70 24.05 16.86
C LEU A 383 -0.22 25.27 16.09
N LEU A 384 0.88 25.91 16.51
CA LEU A 384 1.40 27.11 15.88
C LEU A 384 2.80 26.92 15.33
N ALA A 385 3.25 25.67 15.20
CA ALA A 385 4.63 25.43 14.77
C ALA A 385 4.83 25.78 13.30
N GLY A 386 3.90 25.41 12.44
CA GLY A 386 4.05 25.62 11.02
C GLY A 386 3.25 26.78 10.45
N THR A 387 2.77 27.67 11.31
CA THR A 387 1.98 28.79 10.84
C THR A 387 2.87 29.83 10.16
N ALA A 388 2.23 30.87 9.62
CA ALA A 388 2.96 31.87 8.84
C ALA A 388 3.92 32.66 9.72
N GLU A 389 3.49 33.05 10.91
CA GLU A 389 4.28 33.94 11.76
C GLU A 389 5.41 33.23 12.49
N SER A 390 5.45 31.90 12.48
CA SER A 390 6.54 31.19 13.11
C SER A 390 7.82 31.39 12.29
N PRO A 391 8.98 31.32 12.93
CA PRO A 391 10.24 31.54 12.20
C PRO A 391 10.46 30.48 11.14
N GLY A 392 11.27 30.85 10.14
CA GLY A 392 11.58 29.95 9.05
C GLY A 392 11.06 30.44 7.72
N GLU A 393 11.78 30.10 6.65
CA GLU A 393 11.38 30.52 5.30
C GLU A 393 10.41 29.51 4.72
N LEU A 394 9.41 30.00 3.99
CA LEU A 394 8.43 29.15 3.33
C LEU A 394 9.00 28.63 2.02
N ILE A 395 9.26 27.33 1.94
CA ILE A 395 9.90 26.72 0.80
C ILE A 395 9.02 25.61 0.25
N PHE A 396 9.30 25.19 -0.97
CA PHE A 396 8.54 24.14 -1.65
C PHE A 396 9.43 22.92 -1.85
N VAL A 397 8.99 21.78 -1.33
CA VAL A 397 9.68 20.50 -1.52
C VAL A 397 8.63 19.48 -1.90
N ASN A 398 8.87 18.77 -3.01
CA ASN A 398 8.01 17.67 -3.47
C ASN A 398 6.58 18.14 -3.70
N GLY A 399 6.41 19.39 -4.12
CA GLY A 399 5.09 19.93 -4.36
C GLY A 399 4.33 20.31 -3.11
N LYS A 400 4.99 20.34 -1.95
CA LYS A 400 4.36 20.66 -0.68
C LYS A 400 5.16 21.73 0.04
N GLN A 401 4.48 22.62 0.73
CA GLN A 401 5.16 23.68 1.47
C GLN A 401 5.75 23.15 2.77
N PHE A 402 6.93 23.66 3.11
CA PHE A 402 7.59 23.39 4.38
C PHE A 402 8.26 24.67 4.85
N LYS A 403 8.80 24.63 6.06
CA LYS A 403 9.57 25.73 6.60
C LYS A 403 11.03 25.33 6.74
N SER A 404 11.92 26.26 6.42
CA SER A 404 13.35 26.02 6.36
C SER A 404 14.07 26.93 7.35
N TYR A 405 15.07 26.37 8.03
CA TYR A 405 15.86 27.12 8.99
C TYR A 405 17.35 27.08 8.63
N TYR A 428 24.15 24.99 22.23
CA TYR A 428 24.89 25.39 23.42
C TYR A 428 23.96 25.97 24.48
N PHE A 429 22.77 26.39 24.05
CA PHE A 429 21.80 27.03 24.94
C PHE A 429 20.72 26.07 25.42
N GLN A 430 20.76 24.81 25.00
CA GLN A 430 19.83 23.79 25.48
C GLN A 430 20.41 23.05 26.68
N ASP A 431 20.68 23.82 27.73
CA ASP A 431 21.40 23.32 28.90
C ASP A 431 20.49 22.60 29.91
N ASP A 432 19.23 22.35 29.56
CA ASP A 432 18.33 21.66 30.47
C ASP A 432 18.70 20.17 30.49
N VAL A 433 18.96 19.65 31.69
CA VAL A 433 19.37 18.24 31.81
C VAL A 433 18.20 17.31 31.56
N LEU A 434 17.00 17.69 31.99
CA LEU A 434 15.83 16.83 31.91
C LEU A 434 14.94 17.13 30.71
N SER A 435 15.40 17.97 29.78
CA SER A 435 14.58 18.29 28.62
C SER A 435 14.44 17.06 27.71
N GLU A 436 13.37 17.09 26.92
CA GLU A 436 13.11 15.98 25.99
C GLU A 436 14.21 15.83 24.95
N ASP A 437 14.89 16.94 24.62
CA ASP A 437 15.96 16.90 23.63
C ASP A 437 17.10 15.98 24.06
N LYS A 438 17.45 16.01 25.35
CA LYS A 438 18.51 15.15 25.87
C LYS A 438 18.11 13.68 25.90
N LEU A 439 16.84 13.35 25.68
CA LEU A 439 16.37 11.97 25.75
C LEU A 439 16.27 11.31 24.38
N VAL A 440 15.86 12.05 23.36
CA VAL A 440 15.69 11.49 22.02
C VAL A 440 17.05 11.22 21.38
N VAL A 448 9.53 22.01 9.45
CA VAL A 448 8.14 21.77 9.80
C VAL A 448 7.23 22.09 8.62
N PRO A 449 6.10 21.37 8.51
CA PRO A 449 5.16 21.64 7.42
C PRO A 449 4.44 22.97 7.57
N PHE A 450 3.62 23.32 6.58
CA PHE A 450 2.89 24.58 6.58
C PHE A 450 1.50 24.38 7.20
N ARG A 451 0.99 25.46 7.83
CA ARG A 451 -0.31 25.40 8.46
C ARG A 451 -1.22 26.53 7.99
N GLY A 452 -0.65 27.64 7.54
CA GLY A 452 -1.44 28.78 7.15
C GLY A 452 -1.31 29.95 8.09
N PRO A 453 -2.08 31.01 7.84
CA PRO A 453 -2.01 32.19 8.70
C PRO A 453 -2.50 31.90 10.11
N LEU A 454 -1.99 32.69 11.05
CA LEU A 454 -2.32 32.51 12.46
C LEU A 454 -3.70 33.04 12.80
N GLY A 455 -4.20 34.03 12.06
CA GLY A 455 -5.51 34.58 12.35
C GLY A 455 -6.62 33.55 12.25
N THR A 456 -6.55 32.68 11.25
CA THR A 456 -7.56 31.62 11.11
C THR A 456 -7.47 30.61 12.24
N VAL A 457 -6.25 30.27 12.67
CA VAL A 457 -6.10 29.34 13.79
C VAL A 457 -6.72 29.92 15.06
N ILE A 458 -6.42 31.19 15.35
CA ILE A 458 -6.99 31.81 16.54
C ILE A 458 -8.50 31.94 16.42
N HIS A 459 -8.99 32.26 15.23
CA HIS A 459 -10.44 32.33 15.04
C HIS A 459 -11.11 30.99 15.30
N GLN A 460 -10.53 29.91 14.79
CA GLN A 460 -11.10 28.58 15.01
C GLN A 460 -11.09 28.20 16.49
N LEU A 461 -9.96 28.43 17.16
CA LEU A 461 -9.86 28.08 18.57
C LEU A 461 -10.85 28.91 19.41
N THR A 462 -10.96 30.20 19.13
CA THR A 462 -11.87 31.05 19.87
C THR A 462 -13.32 30.68 19.59
N GLY A 463 -13.63 30.28 18.35
CA GLY A 463 -14.96 29.83 18.04
C GLY A 463 -15.33 28.56 18.79
N GLY A 464 -14.39 27.61 18.87
CA GLY A 464 -14.63 26.42 19.67
C GLY A 464 -14.84 26.72 21.14
N LEU A 465 -14.01 27.60 21.69
CA LEU A 465 -14.17 27.99 23.09
C LEU A 465 -15.51 28.69 23.33
N ARG A 466 -15.92 29.56 22.39
CA ARG A 466 -17.20 30.25 22.52
C ARG A 466 -18.36 29.28 22.43
N ALA A 467 -18.27 28.29 21.54
CA ALA A 467 -19.31 27.27 21.47
C ALA A 467 -19.40 26.48 22.76
N ALA A 468 -18.25 26.14 23.36
CA ALA A 468 -18.26 25.45 24.64
C ALA A 468 -18.90 26.30 25.73
N MET A 469 -18.57 27.60 25.75
CA MET A 469 -19.15 28.50 26.75
C MET A 469 -20.66 28.62 26.56
N GLY A 470 -21.12 28.64 25.31
CA GLY A 470 -22.55 28.67 25.05
C GLY A 470 -23.24 27.39 25.50
N TYR A 471 -22.60 26.24 25.27
CA TYR A 471 -23.20 24.97 25.68
C TYR A 471 -23.28 24.85 27.19
N THR A 472 -22.22 25.24 27.90
CA THR A 472 -22.19 25.08 29.35
C THR A 472 -22.86 26.22 30.10
N GLY A 473 -23.26 27.28 29.41
CA GLY A 473 -23.94 28.38 30.08
C GLY A 473 -23.04 29.30 30.87
N SER A 474 -21.76 29.40 30.48
CA SER A 474 -20.79 30.22 31.18
C SER A 474 -20.59 31.53 30.43
N ALA A 475 -20.90 32.65 31.08
CA ALA A 475 -20.69 33.95 30.49
C ALA A 475 -19.25 34.43 30.60
N THR A 476 -18.47 33.82 31.49
CA THR A 476 -17.07 34.20 31.70
C THR A 476 -16.25 32.93 31.87
N ILE A 477 -14.93 33.07 31.68
CA ILE A 477 -14.03 31.95 31.92
C ILE A 477 -14.08 31.52 33.38
N GLU A 478 -14.22 32.50 34.29
CA GLU A 478 -14.35 32.17 35.71
C GLU A 478 -15.60 31.36 35.99
N GLN A 479 -16.62 31.46 35.13
CA GLN A 479 -17.79 30.60 35.24
C GLN A 479 -17.61 29.29 34.51
N LEU A 480 -16.80 29.28 33.43
CA LEU A 480 -16.50 28.03 32.74
C LEU A 480 -15.67 27.11 33.62
N GLN A 481 -14.90 27.66 34.55
CA GLN A 481 -14.09 26.85 35.44
C GLN A 481 -14.91 26.08 36.46
N GLN A 482 -16.22 26.35 36.55
CA GLN A 482 -17.11 25.63 37.44
C GLN A 482 -17.96 24.58 36.71
N ALA A 483 -17.62 24.27 35.47
CA ALA A 483 -18.37 23.27 34.72
C ALA A 483 -18.06 21.87 35.22
N GLN A 484 -18.92 20.92 34.84
CA GLN A 484 -18.81 19.53 35.25
C GLN A 484 -18.43 18.66 34.07
N PHE A 485 -17.75 17.56 34.35
CA PHE A 485 -17.34 16.61 33.33
C PHE A 485 -18.16 15.33 33.42
N VAL A 486 -18.23 14.64 32.28
CA VAL A 486 -18.74 13.27 32.21
C VAL A 486 -17.64 12.40 31.62
N GLN A 487 -17.29 11.33 32.34
CA GLN A 487 -16.21 10.45 31.93
C GLN A 487 -16.74 9.38 31.00
N ILE A 488 -16.14 9.28 29.82
CA ILE A 488 -16.56 8.32 28.79
C ILE A 488 -15.70 7.07 28.89
N THR A 489 -16.25 5.96 28.43
CA THR A 489 -15.57 4.68 28.48
C THR A 489 -14.72 4.49 27.22
N ALA A 490 -14.16 3.29 27.05
CA ALA A 490 -13.31 3.02 25.89
C ALA A 490 -14.10 3.07 24.59
N ALA A 491 -15.35 2.61 24.61
CA ALA A 491 -16.15 2.56 23.40
C ALA A 491 -16.52 3.94 22.86
N GLY A 492 -16.34 4.99 23.64
CA GLY A 492 -16.61 6.33 23.17
C GLY A 492 -15.53 6.95 22.33
N LEU A 493 -14.42 6.23 22.12
CA LEU A 493 -13.32 6.73 21.32
C LEU A 493 -13.24 6.09 19.94
N LYS A 494 -13.81 4.90 19.76
CA LYS A 494 -13.72 4.17 18.51
C LYS A 494 -14.43 4.91 17.38
N VAL B 12 -23.98 -10.97 47.68
CA VAL B 12 -23.26 -12.23 47.50
C VAL B 12 -22.89 -12.50 46.03
N PRO B 13 -23.81 -12.31 45.08
CA PRO B 13 -23.44 -12.48 43.67
C PRO B 13 -22.31 -11.53 43.27
N VAL B 14 -21.31 -12.09 42.60
CA VAL B 14 -20.14 -11.31 42.18
C VAL B 14 -20.54 -10.44 40.99
N PRO B 15 -20.02 -9.21 40.88
CA PRO B 15 -20.32 -8.39 39.69
C PRO B 15 -19.92 -9.05 38.38
N THR B 16 -18.84 -9.83 38.37
CA THR B 16 -18.37 -10.50 37.16
C THR B 16 -18.88 -11.93 37.04
N GLY B 17 -19.92 -12.29 37.78
CA GLY B 17 -20.52 -13.60 37.65
C GLY B 17 -20.09 -14.55 38.76
N GLY B 18 -20.96 -15.51 39.05
CA GLY B 18 -20.68 -16.52 40.04
C GLY B 18 -21.04 -16.09 41.45
N ASP B 19 -20.71 -16.98 42.40
CA ASP B 19 -20.93 -16.71 43.81
C ASP B 19 -19.63 -16.70 44.62
N ASP B 20 -18.49 -16.95 43.98
CA ASP B 20 -17.21 -16.96 44.68
C ASP B 20 -16.49 -15.65 44.39
N PRO B 21 -16.26 -14.79 45.39
CA PRO B 21 -15.57 -13.53 45.13
C PRO B 21 -14.09 -13.68 44.81
N THR B 22 -13.51 -14.86 45.05
CA THR B 22 -12.09 -15.07 44.81
C THR B 22 -11.80 -15.81 43.52
N LYS B 23 -12.80 -15.98 42.64
CA LYS B 23 -12.55 -16.61 41.36
C LYS B 23 -11.65 -15.75 40.49
N VAL B 24 -11.97 -14.46 40.37
CA VAL B 24 -11.12 -13.49 39.70
C VAL B 24 -10.25 -12.87 40.80
N ALA B 25 -8.99 -13.31 40.87
CA ALA B 25 -8.16 -12.99 42.03
C ALA B 25 -7.84 -11.50 42.10
N MET B 26 -7.37 -10.92 41.00
CA MET B 26 -6.92 -9.54 41.04
C MET B 26 -6.95 -8.94 39.65
N LEU B 27 -6.87 -7.61 39.59
CA LEU B 27 -6.73 -6.88 38.34
C LEU B 27 -5.26 -6.63 38.07
N GLY B 28 -4.75 -7.21 36.99
CA GLY B 28 -3.33 -7.16 36.70
C GLY B 28 -2.96 -5.96 35.84
N LEU B 29 -1.86 -5.31 36.21
CA LEU B 29 -1.36 -4.13 35.51
C LEU B 29 -0.10 -4.50 34.74
N THR B 30 -0.03 -4.05 33.49
CA THR B 30 1.16 -4.21 32.67
C THR B 30 1.98 -2.93 32.69
N PHE B 31 3.06 -2.91 31.90
CA PHE B 31 3.92 -1.73 31.85
C PHE B 31 3.23 -0.55 31.18
N ASP B 32 2.29 -0.80 30.27
CA ASP B 32 1.62 0.28 29.56
C ASP B 32 0.51 0.92 30.39
N ASP B 33 0.16 0.35 31.53
CA ASP B 33 -0.93 0.86 32.34
C ASP B 33 -0.51 1.86 33.41
N VAL B 34 0.79 2.04 33.63
CA VAL B 34 1.27 2.90 34.70
C VAL B 34 2.36 3.82 34.17
N LEU B 35 2.51 4.97 34.82
CA LEU B 35 3.58 5.90 34.58
C LEU B 35 4.16 6.34 35.91
N LEU B 36 5.40 6.83 35.88
CA LEU B 36 6.05 7.30 37.09
C LEU B 36 5.70 8.76 37.34
N LEU B 37 5.18 9.05 38.52
CA LEU B 37 4.81 10.42 38.88
C LEU B 37 6.05 11.22 39.22
N PRO B 38 6.18 12.45 38.71
CA PRO B 38 7.29 13.31 39.14
C PRO B 38 7.16 13.66 40.62
N ALA B 39 8.31 13.82 41.27
CA ALA B 39 8.35 14.13 42.69
C ALA B 39 9.44 15.17 42.93
N ALA B 40 9.64 15.53 44.19
CA ALA B 40 10.69 16.47 44.55
C ALA B 40 12.04 15.90 44.17
N SER B 41 12.85 16.69 43.47
CA SER B 41 14.09 16.20 42.90
C SER B 41 15.25 17.13 43.21
N ASP B 42 16.40 16.52 43.54
CA ASP B 42 17.65 17.24 43.68
C ASP B 42 18.79 16.44 43.04
N VAL B 43 18.47 15.55 42.12
CA VAL B 43 19.42 14.63 41.50
C VAL B 43 19.57 15.02 40.04
N VAL B 44 20.80 15.29 39.62
CA VAL B 44 21.10 15.47 38.20
C VAL B 44 21.35 14.09 37.61
N PRO B 45 20.83 13.80 36.42
CA PRO B 45 20.99 12.44 35.87
C PRO B 45 22.43 12.00 35.72
N ALA B 46 23.36 12.93 35.50
CA ALA B 46 24.76 12.56 35.34
C ALA B 46 25.37 11.95 36.58
N THR B 47 24.83 12.23 37.77
CA THR B 47 25.36 11.69 39.01
C THR B 47 24.43 10.70 39.68
N ALA B 48 23.46 10.14 38.94
CA ALA B 48 22.60 9.12 39.51
C ALA B 48 23.38 7.84 39.72
N ASP B 49 23.13 7.18 40.85
CA ASP B 49 23.83 5.95 41.22
C ASP B 49 22.98 4.76 40.79
N THR B 50 23.32 4.19 39.64
CA THR B 50 22.58 3.06 39.09
C THR B 50 23.08 1.72 39.60
N SER B 51 23.77 1.68 40.74
CA SER B 51 24.23 0.42 41.31
C SER B 51 23.06 -0.30 41.98
N SER B 52 23.02 -1.62 41.83
CA SER B 52 21.92 -2.40 42.34
C SER B 52 22.39 -3.80 42.71
N GLN B 53 21.63 -4.46 43.57
CA GLN B 53 21.94 -5.83 43.98
C GLN B 53 21.42 -6.81 42.94
N LEU B 54 22.28 -7.70 42.48
CA LEU B 54 21.81 -8.83 41.68
C LEU B 54 21.42 -10.00 42.57
N THR B 55 22.29 -10.37 43.50
CA THR B 55 21.97 -11.32 44.56
C THR B 55 22.30 -10.67 45.90
N LYS B 56 22.21 -11.43 47.00
CA LYS B 56 22.51 -10.88 48.30
C LYS B 56 23.99 -10.65 48.52
N ARG B 57 24.85 -11.20 47.67
CA ARG B 57 26.29 -11.06 47.80
C ARG B 57 26.95 -10.44 46.57
N ILE B 58 26.20 -10.17 45.51
CA ILE B 58 26.73 -9.58 44.28
C ILE B 58 26.01 -8.26 44.03
N ARG B 59 26.77 -7.20 43.79
CA ARG B 59 26.23 -5.89 43.45
C ARG B 59 26.76 -5.47 42.10
N LEU B 60 25.85 -5.15 41.18
CA LEU B 60 26.20 -4.68 39.86
C LEU B 60 26.25 -3.16 39.84
N ARG B 61 26.98 -2.62 38.86
CA ARG B 61 27.02 -1.18 38.66
C ARG B 61 25.99 -0.71 37.64
N VAL B 62 25.45 -1.62 36.83
CA VAL B 62 24.36 -1.34 35.91
C VAL B 62 23.37 -2.50 36.03
N PRO B 63 22.12 -2.26 36.42
CA PRO B 63 21.19 -3.36 36.73
C PRO B 63 20.57 -3.98 35.48
N LEU B 64 21.43 -4.56 34.63
CA LEU B 64 20.98 -5.23 33.42
C LEU B 64 21.66 -6.58 33.30
N VAL B 65 20.90 -7.61 32.93
CA VAL B 65 21.39 -8.97 32.80
C VAL B 65 20.80 -9.57 31.53
N SER B 66 21.61 -10.31 30.78
CA SER B 66 21.12 -11.01 29.60
C SER B 66 20.35 -12.26 30.01
N SER B 67 19.50 -12.74 29.10
CA SER B 67 18.40 -13.63 29.48
C SER B 67 18.72 -15.10 29.30
N ALA B 68 19.98 -15.47 29.07
CA ALA B 68 20.38 -16.88 28.99
C ALA B 68 19.61 -17.64 27.90
N MET B 69 19.38 -16.98 26.77
CA MET B 69 18.77 -17.64 25.62
C MET B 69 19.85 -17.96 24.58
N ASP B 70 19.61 -19.01 23.80
CA ASP B 70 20.60 -19.46 22.83
C ASP B 70 20.86 -18.43 21.74
N THR B 71 19.96 -17.47 21.54
CA THR B 71 20.15 -16.41 20.57
C THR B 71 20.64 -15.11 21.18
N VAL B 72 20.90 -15.09 22.49
CA VAL B 72 21.29 -13.85 23.16
C VAL B 72 22.69 -13.96 23.76
N THR B 73 22.87 -14.90 24.69
CA THR B 73 24.06 -14.91 25.54
C THR B 73 24.95 -16.10 25.22
N GLU B 74 26.18 -15.82 24.81
CA GLU B 74 27.28 -16.78 24.82
C GLU B 74 28.51 -16.06 25.33
N SER B 75 29.68 -16.68 25.14
CA SER B 75 30.92 -16.18 25.75
C SER B 75 31.16 -14.71 25.41
N ARG B 76 31.03 -14.35 24.13
CA ARG B 76 31.27 -12.96 23.73
C ARG B 76 30.26 -12.03 24.37
N MET B 77 28.98 -12.41 24.33
CA MET B 77 27.95 -11.58 24.94
C MET B 77 28.15 -11.45 26.44
N ALA B 78 28.53 -12.56 27.10
CA ALA B 78 28.77 -12.51 28.54
C ALA B 78 29.92 -11.58 28.87
N ILE B 79 31.01 -11.65 28.10
CA ILE B 79 32.16 -10.78 28.35
C ILE B 79 31.77 -9.31 28.14
N ALA B 80 31.05 -9.03 27.05
CA ALA B 80 30.64 -7.66 26.77
C ALA B 80 29.73 -7.12 27.87
N MET B 81 28.79 -7.95 28.33
CA MET B 81 27.88 -7.52 29.39
C MET B 81 28.63 -7.30 30.71
N ALA B 82 29.60 -8.16 31.02
CA ALA B 82 30.33 -8.01 32.27
C ALA B 82 31.25 -6.80 32.24
N ARG B 83 31.78 -6.45 31.06
CA ARG B 83 32.61 -5.26 30.97
C ARG B 83 31.79 -3.97 30.94
N ALA B 84 30.49 -4.07 30.65
CA ALA B 84 29.61 -2.91 30.60
C ALA B 84 29.06 -2.52 31.96
N GLY B 85 29.34 -3.29 33.00
CA GLY B 85 28.84 -3.02 34.33
C GLY B 85 27.77 -3.97 34.82
N GLY B 86 27.30 -4.88 33.96
CA GLY B 86 26.31 -5.85 34.36
C GLY B 86 26.84 -7.27 34.38
N MET B 87 26.02 -8.23 33.98
CA MET B 87 26.42 -9.63 33.96
C MET B 87 25.63 -10.35 32.88
N GLY B 88 26.26 -11.36 32.28
CA GLY B 88 25.60 -12.24 31.33
C GLY B 88 25.45 -13.63 31.91
N VAL B 89 24.38 -14.32 31.52
CA VAL B 89 24.10 -15.67 31.98
C VAL B 89 24.11 -16.59 30.77
N LEU B 90 25.02 -17.56 30.78
CA LEU B 90 25.17 -18.44 29.64
C LEU B 90 24.00 -19.42 29.55
N HIS B 91 23.51 -19.63 28.32
CA HIS B 91 22.39 -20.52 28.11
C HIS B 91 22.81 -21.98 28.20
N ARG B 92 21.84 -22.85 28.46
CA ARG B 92 22.09 -24.26 28.69
C ARG B 92 21.63 -25.15 27.53
N ASN B 93 21.46 -24.57 26.34
CA ASN B 93 21.11 -25.37 25.16
C ASN B 93 22.36 -25.85 24.44
N LEU B 94 23.23 -26.52 25.19
CA LEU B 94 24.52 -26.97 24.70
C LEU B 94 24.87 -28.27 25.40
N PRO B 95 25.87 -28.99 24.91
CA PRO B 95 26.48 -30.04 25.73
C PRO B 95 27.19 -29.45 26.94
N VAL B 96 27.25 -30.24 28.01
CA VAL B 96 27.81 -29.75 29.27
C VAL B 96 29.25 -29.28 29.08
N ALA B 97 30.02 -30.04 28.28
CA ALA B 97 31.41 -29.67 28.04
C ALA B 97 31.52 -28.31 27.36
N GLU B 98 30.66 -28.05 26.37
CA GLU B 98 30.71 -26.77 25.68
C GLU B 98 30.36 -25.61 26.62
N GLN B 99 29.34 -25.79 27.46
CA GLN B 99 28.96 -24.74 28.39
C GLN B 99 30.07 -24.48 29.40
N ALA B 100 30.69 -25.54 29.92
CA ALA B 100 31.81 -25.36 30.83
C ALA B 100 32.99 -24.67 30.15
N GLY B 101 33.27 -25.02 28.90
CA GLY B 101 34.32 -24.35 28.17
C GLY B 101 34.03 -22.87 27.95
N GLN B 102 32.77 -22.53 27.68
CA GLN B 102 32.40 -21.13 27.54
C GLN B 102 32.51 -20.38 28.87
N VAL B 103 32.16 -21.05 29.97
CA VAL B 103 32.36 -20.46 31.29
C VAL B 103 33.84 -20.15 31.51
N GLU B 104 34.71 -21.11 31.18
CA GLU B 104 36.14 -20.89 31.34
C GLU B 104 36.63 -19.77 30.43
N THR B 105 36.12 -19.72 29.20
CA THR B 105 36.49 -18.64 28.28
C THR B 105 36.13 -17.27 28.84
N VAL B 106 34.93 -17.14 29.42
CA VAL B 106 34.56 -15.88 30.05
C VAL B 106 35.47 -15.58 31.24
N LYS B 107 35.76 -16.60 32.05
CA LYS B 107 36.57 -16.36 33.25
C LYS B 107 38.02 -16.04 32.90
N ARG B 108 38.55 -16.63 31.82
CA ARG B 108 39.95 -16.47 31.46
C ARG B 108 40.14 -15.13 30.74
N SER B 109 40.01 -14.05 31.51
CA SER B 109 40.20 -12.70 30.98
C SER B 109 40.36 -11.69 32.11
N THR B 223 43.01 -0.65 32.67
CA THR B 223 41.60 -1.02 32.57
C THR B 223 40.73 0.21 32.32
N GLU B 224 41.35 1.28 31.81
CA GLU B 224 40.62 2.51 31.54
C GLU B 224 39.53 2.32 30.50
N GLN B 225 39.67 1.33 29.62
CA GLN B 225 38.63 1.08 28.62
C GLN B 225 37.32 0.62 29.26
N PHE B 226 37.41 -0.25 30.28
CA PHE B 226 36.24 -0.80 30.95
C PHE B 226 36.38 -0.64 32.46
N PRO B 227 36.21 0.58 32.97
CA PRO B 227 36.33 0.79 34.43
C PRO B 227 35.22 0.14 35.23
N LEU B 228 34.07 -0.15 34.62
CA LEU B 228 32.88 -0.59 35.34
C LEU B 228 32.72 -2.10 35.36
N SER B 229 33.73 -2.85 34.92
CA SER B 229 33.60 -4.30 34.83
C SER B 229 33.27 -4.91 36.19
N THR B 230 32.33 -5.84 36.20
CA THR B 230 31.99 -6.57 37.41
C THR B 230 33.01 -7.67 37.65
N LYS B 231 33.60 -7.69 38.84
CA LYS B 231 34.74 -8.55 39.11
C LYS B 231 34.57 -9.25 40.45
N ASP B 232 35.13 -10.46 40.53
CA ASP B 232 35.13 -11.24 41.77
C ASP B 232 36.31 -10.80 42.64
N SER B 233 36.59 -11.59 43.68
CA SER B 233 37.67 -11.24 44.60
C SER B 233 39.03 -11.25 43.91
N ASP B 234 39.25 -12.23 43.02
CA ASP B 234 40.53 -12.32 42.31
C ASP B 234 40.66 -11.32 41.17
N GLY B 235 39.59 -10.60 40.83
CA GLY B 235 39.63 -9.64 39.75
C GLY B 235 39.18 -10.15 38.41
N ARG B 236 38.72 -11.40 38.32
CA ARG B 236 38.18 -11.92 37.07
C ARG B 236 36.72 -11.50 36.90
N LEU B 237 36.24 -11.60 35.68
CA LEU B 237 34.87 -11.23 35.38
C LEU B 237 33.90 -12.23 36.00
N LEU B 238 32.68 -11.76 36.24
CA LEU B 238 31.60 -12.61 36.73
C LEU B 238 30.75 -13.09 35.56
N VAL B 239 30.32 -14.36 35.64
CA VAL B 239 29.47 -14.97 34.63
C VAL B 239 28.39 -15.78 35.34
N GLY B 240 27.30 -16.03 34.62
CA GLY B 240 26.24 -16.86 35.11
C GLY B 240 25.92 -17.97 34.13
N ALA B 241 25.30 -19.03 34.66
CA ALA B 241 24.94 -20.18 33.87
C ALA B 241 23.60 -20.72 34.34
N ALA B 242 22.79 -21.19 33.40
CA ALA B 242 21.47 -21.73 33.71
C ALA B 242 21.51 -23.25 33.73
N VAL B 243 20.74 -23.84 34.63
CA VAL B 243 20.60 -25.29 34.75
C VAL B 243 19.12 -25.63 34.79
N GLY B 244 18.81 -26.87 34.44
CA GLY B 244 17.44 -27.36 34.44
C GLY B 244 17.10 -28.08 35.73
N VAL B 245 16.31 -29.14 35.60
CA VAL B 245 15.93 -29.98 36.72
C VAL B 245 16.18 -31.44 36.36
N GLY B 246 16.81 -32.18 37.26
CA GLY B 246 17.10 -33.59 37.06
C GLY B 246 18.54 -33.92 37.41
N ASP B 247 18.89 -35.18 37.18
CA ASP B 247 20.25 -35.63 37.47
C ASP B 247 21.24 -35.09 36.44
N ASP B 248 20.81 -34.99 35.18
CA ASP B 248 21.61 -34.30 34.18
C ASP B 248 21.85 -32.86 34.57
N ALA B 249 20.83 -32.19 35.10
CA ALA B 249 21.01 -30.84 35.61
C ALA B 249 21.99 -30.82 36.77
N TRP B 250 21.96 -31.85 37.62
CA TRP B 250 22.90 -31.88 38.75
C TRP B 250 24.34 -32.02 38.29
N THR B 251 24.58 -32.94 37.34
CA THR B 251 25.95 -33.09 36.85
C THR B 251 26.40 -31.85 36.08
N ARG B 252 25.49 -31.20 35.36
CA ARG B 252 25.84 -29.95 34.69
C ARG B 252 26.19 -28.87 35.70
N ALA B 253 25.42 -28.79 36.79
CA ALA B 253 25.70 -27.80 37.82
C ALA B 253 27.05 -28.05 38.48
N MET B 254 27.37 -29.31 38.76
CA MET B 254 28.68 -29.62 39.35
C MET B 254 29.80 -29.27 38.39
N THR B 255 29.63 -29.58 37.11
CA THR B 255 30.65 -29.22 36.12
C THR B 255 30.84 -27.71 36.02
N LEU B 256 29.73 -26.96 36.04
CA LEU B 256 29.83 -25.50 35.97
C LEU B 256 30.50 -24.92 37.21
N VAL B 257 30.17 -25.45 38.39
CA VAL B 257 30.81 -24.98 39.61
C VAL B 257 32.29 -25.28 39.58
N ASP B 258 32.68 -26.47 39.12
CA ASP B 258 34.10 -26.79 38.99
C ASP B 258 34.79 -25.92 37.94
N ALA B 259 34.04 -25.31 37.03
CA ALA B 259 34.61 -24.45 36.01
C ALA B 259 34.72 -23.00 36.44
N GLY B 260 34.29 -22.67 37.66
CA GLY B 260 34.44 -21.32 38.17
C GLY B 260 33.26 -20.39 37.95
N VAL B 261 32.07 -20.94 37.68
CA VAL B 261 30.90 -20.08 37.53
C VAL B 261 30.55 -19.44 38.86
N ASP B 262 29.88 -18.29 38.80
CA ASP B 262 29.55 -17.53 39.99
C ASP B 262 28.08 -17.57 40.37
N VAL B 263 27.18 -17.62 39.39
CA VAL B 263 25.74 -17.66 39.65
C VAL B 263 25.14 -18.83 38.88
N LEU B 264 24.29 -19.60 39.54
CA LEU B 264 23.54 -20.68 38.91
C LEU B 264 22.07 -20.28 38.83
N ILE B 265 21.47 -20.49 37.67
CA ILE B 265 20.06 -20.19 37.45
C ILE B 265 19.31 -21.49 37.24
N VAL B 266 18.30 -21.74 38.07
CA VAL B 266 17.41 -22.87 37.84
C VAL B 266 16.34 -22.41 36.86
N ASP B 267 16.64 -22.50 35.57
CA ASP B 267 15.84 -21.87 34.53
C ASP B 267 14.68 -22.77 34.16
N THR B 268 13.52 -22.53 34.77
CA THR B 268 12.31 -23.27 34.48
C THR B 268 11.19 -22.30 34.12
N ALA B 269 10.21 -22.80 33.37
CA ALA B 269 9.08 -21.96 32.99
C ALA B 269 8.12 -21.73 34.15
N HIS B 270 8.05 -22.67 35.10
CA HIS B 270 7.13 -22.57 36.23
C HIS B 270 7.87 -23.13 37.44
N ALA B 271 8.19 -22.25 38.39
CA ALA B 271 9.08 -22.59 39.49
C ALA B 271 8.36 -22.93 40.78
N HIS B 272 7.04 -23.10 40.75
CA HIS B 272 6.32 -23.51 41.95
C HIS B 272 6.25 -25.02 42.10
N ASN B 273 6.89 -25.77 41.21
CA ASN B 273 6.91 -27.22 41.31
C ASN B 273 7.81 -27.66 42.45
N ARG B 274 7.57 -28.87 42.95
CA ARG B 274 8.37 -29.39 44.05
C ARG B 274 9.78 -29.76 43.58
N GLY B 275 9.91 -30.20 42.32
CA GLY B 275 11.22 -30.54 41.81
C GLY B 275 12.15 -29.35 41.76
N VAL B 276 11.64 -28.19 41.36
CA VAL B 276 12.46 -26.98 41.29
C VAL B 276 12.92 -26.59 42.69
N LEU B 277 12.02 -26.64 43.67
CA LEU B 277 12.39 -26.30 45.04
C LEU B 277 13.43 -27.28 45.58
N ASP B 278 13.27 -28.57 45.29
CA ASP B 278 14.25 -29.56 45.74
C ASP B 278 15.61 -29.32 45.09
N MET B 279 15.64 -28.98 43.80
CA MET B 279 16.89 -28.69 43.13
C MET B 279 17.56 -27.46 43.73
N VAL B 280 16.78 -26.41 44.02
CA VAL B 280 17.34 -25.21 44.61
C VAL B 280 17.90 -25.51 45.99
N SER B 281 17.18 -26.29 46.79
CA SER B 281 17.67 -26.64 48.13
C SER B 281 18.95 -27.46 48.04
N ARG B 282 19.01 -28.43 47.12
CA ARG B 282 20.22 -29.24 46.97
C ARG B 282 21.40 -28.37 46.56
N LEU B 283 21.20 -27.46 45.60
CA LEU B 283 22.29 -26.60 45.17
C LEU B 283 22.75 -25.69 46.30
N LYS B 284 21.81 -25.12 47.05
CA LYS B 284 22.17 -24.22 48.15
C LYS B 284 22.88 -24.97 49.26
N GLN B 285 22.56 -26.25 49.45
CA GLN B 285 23.23 -27.05 50.46
C GLN B 285 24.64 -27.44 50.01
N ALA B 286 24.82 -27.78 48.73
CA ALA B 286 26.10 -28.29 48.27
C ALA B 286 27.11 -27.17 48.02
N VAL B 287 26.73 -26.15 47.24
CA VAL B 287 27.67 -25.12 46.81
C VAL B 287 27.21 -23.75 47.30
N GLY B 288 26.60 -23.72 48.49
CA GLY B 288 26.07 -22.47 49.01
C GLY B 288 27.12 -21.39 49.21
N GLU B 289 28.30 -21.76 49.68
CA GLU B 289 29.32 -20.75 49.98
C GLU B 289 29.96 -20.18 48.72
N ARG B 290 30.30 -21.03 47.75
CA ARG B 290 31.06 -20.56 46.59
C ARG B 290 30.18 -19.74 45.65
N VAL B 291 28.97 -20.22 45.35
CA VAL B 291 28.13 -19.62 44.31
C VAL B 291 26.75 -19.35 44.88
N ASP B 292 26.02 -18.48 44.19
CA ASP B 292 24.65 -18.13 44.53
C ASP B 292 23.67 -18.88 43.64
N VAL B 293 22.49 -19.16 44.19
CA VAL B 293 21.45 -19.92 43.49
C VAL B 293 20.24 -19.01 43.31
N VAL B 294 19.70 -18.99 42.10
CA VAL B 294 18.56 -18.15 41.74
C VAL B 294 17.42 -19.04 41.29
N GLY B 295 16.21 -18.75 41.77
CA GLY B 295 15.06 -19.55 41.43
C GLY B 295 14.46 -19.19 40.09
N GLY B 296 13.64 -20.11 39.57
CA GLY B 296 13.05 -19.94 38.26
C GLY B 296 11.95 -18.89 38.25
N ASN B 297 11.25 -18.84 37.12
CA ASN B 297 10.22 -17.83 36.91
C ASN B 297 9.01 -18.07 37.80
N VAL B 298 8.53 -17.00 38.43
CA VAL B 298 7.33 -17.04 39.27
C VAL B 298 6.48 -15.82 38.93
N ALA B 299 5.19 -15.92 39.28
CA ALA B 299 4.27 -14.82 39.03
C ALA B 299 3.29 -14.58 40.17
N THR B 300 3.52 -15.17 41.36
CA THR B 300 2.62 -14.99 42.49
C THR B 300 3.45 -14.80 43.76
N ARG B 301 2.78 -14.34 44.81
CA ARG B 301 3.45 -14.16 46.10
C ARG B 301 3.78 -15.50 46.73
N ALA B 302 2.90 -16.49 46.60
CA ALA B 302 3.13 -17.79 47.23
C ALA B 302 4.35 -18.49 46.65
N ALA B 303 4.51 -18.43 45.32
CA ALA B 303 5.67 -19.03 44.69
C ALA B 303 6.96 -18.35 45.12
N ALA B 304 6.94 -17.02 45.22
CA ALA B 304 8.10 -16.29 45.70
C ALA B 304 8.45 -16.68 47.13
N ALA B 305 7.44 -16.80 47.99
CA ALA B 305 7.69 -17.21 49.37
C ALA B 305 8.27 -18.61 49.42
N ALA B 306 7.75 -19.52 48.60
CA ALA B 306 8.29 -20.88 48.56
C ALA B 306 9.74 -20.89 48.11
N LEU B 307 10.07 -20.11 47.09
CA LEU B 307 11.46 -20.03 46.64
C LEU B 307 12.35 -19.44 47.71
N VAL B 308 11.89 -18.41 48.41
CA VAL B 308 12.69 -17.80 49.46
C VAL B 308 12.95 -18.79 50.58
N GLU B 309 11.93 -19.56 50.95
CA GLU B 309 12.12 -20.60 51.96
C GLU B 309 13.08 -21.68 51.48
N ALA B 310 13.04 -22.00 50.18
CA ALA B 310 13.96 -22.99 49.64
C ALA B 310 15.41 -22.52 49.71
N GLY B 311 15.65 -21.23 49.84
CA GLY B 311 16.98 -20.70 50.01
C GLY B 311 17.60 -20.01 48.81
N ALA B 312 16.82 -19.51 47.87
CA ALA B 312 17.37 -18.83 46.71
C ALA B 312 17.88 -17.45 47.08
N ASP B 313 18.99 -17.05 46.48
CA ASP B 313 19.55 -15.71 46.71
C ASP B 313 18.90 -14.64 45.84
N ALA B 314 18.06 -15.02 44.89
CA ALA B 314 17.32 -14.08 44.07
C ALA B 314 16.15 -14.80 43.44
N VAL B 315 15.12 -14.03 43.09
CA VAL B 315 13.89 -14.56 42.52
C VAL B 315 13.67 -13.92 41.16
N LYS B 316 13.51 -14.76 40.14
CA LYS B 316 13.23 -14.30 38.79
C LYS B 316 11.72 -14.34 38.56
N VAL B 317 11.18 -13.25 38.01
CA VAL B 317 9.75 -13.01 37.99
C VAL B 317 9.25 -12.92 36.56
N GLY B 318 8.17 -13.63 36.26
CA GLY B 318 7.47 -13.49 35.01
C GLY B 318 7.11 -14.83 34.37
N VAL B 319 5.82 -15.04 34.12
CA VAL B 319 5.30 -16.23 33.48
C VAL B 319 4.39 -15.76 32.36
N GLY B 320 4.88 -15.82 31.12
CA GLY B 320 4.18 -15.26 30.00
C GLY B 320 3.89 -13.78 30.15
N PRO B 321 4.94 -12.96 30.28
CA PRO B 321 4.72 -11.52 30.48
C PRO B 321 4.41 -10.76 29.20
N GLY B 322 4.62 -11.35 28.03
CA GLY B 322 4.33 -10.66 26.80
C GLY B 322 2.84 -10.48 26.58
N SER B 323 2.51 -9.47 25.77
CA SER B 323 1.11 -9.17 25.49
C SER B 323 0.45 -10.29 24.69
N ILE B 324 1.13 -10.77 23.65
CA ILE B 324 0.61 -11.85 22.81
C ILE B 324 1.50 -13.08 22.91
N CYS B 325 2.13 -13.27 24.07
CA CYS B 325 3.02 -14.40 24.28
C CYS B 325 2.31 -15.73 23.99
N THR B 326 3.09 -16.71 23.55
CA THR B 326 2.52 -18.00 23.18
C THR B 326 1.89 -18.70 24.38
N THR B 327 2.41 -18.45 25.58
CA THR B 327 1.81 -19.03 26.78
C THR B 327 0.38 -18.54 26.97
N ARG B 328 0.14 -17.24 26.74
CA ARG B 328 -1.20 -16.70 26.91
C ARG B 328 -2.17 -17.26 25.88
N VAL B 329 -1.70 -17.54 24.67
CA VAL B 329 -2.59 -17.94 23.57
C VAL B 329 -2.86 -19.43 23.59
N VAL B 330 -1.81 -20.25 23.71
CA VAL B 330 -1.97 -21.70 23.64
C VAL B 330 -2.47 -22.25 24.96
N ALA B 331 -1.81 -21.86 26.06
CA ALA B 331 -2.15 -22.38 27.37
C ALA B 331 -3.15 -21.52 28.13
N GLY B 332 -3.30 -20.25 27.76
CA GLY B 332 -4.20 -19.37 28.48
C GLY B 332 -3.73 -18.98 29.85
N VAL B 333 -2.43 -19.09 30.12
CA VAL B 333 -1.85 -18.83 31.43
C VAL B 333 -0.93 -17.62 31.31
N GLY B 334 -0.97 -16.74 32.31
CA GLY B 334 -0.10 -15.58 32.32
C GLY B 334 -0.43 -14.69 33.49
N ALA B 335 0.40 -13.66 33.66
CA ALA B 335 0.23 -12.69 34.72
C ALA B 335 0.90 -11.39 34.29
N PRO B 336 0.20 -10.26 34.39
CA PRO B 336 0.81 -8.98 34.03
C PRO B 336 2.03 -8.68 34.90
N GLN B 337 3.02 -8.03 34.29
CA GLN B 337 4.35 -7.98 34.89
C GLN B 337 4.41 -7.06 36.09
N ILE B 338 3.73 -5.91 36.05
CA ILE B 338 3.79 -4.97 37.18
C ILE B 338 3.17 -5.59 38.43
N THR B 339 1.99 -6.20 38.28
CA THR B 339 1.35 -6.85 39.41
C THR B 339 2.18 -8.02 39.92
N ALA B 340 2.76 -8.80 39.01
CA ALA B 340 3.58 -9.93 39.41
C ALA B 340 4.81 -9.48 40.19
N ILE B 341 5.45 -8.39 39.74
CA ILE B 341 6.60 -7.87 40.47
C ILE B 341 6.18 -7.35 41.83
N LEU B 342 5.07 -6.62 41.91
CA LEU B 342 4.63 -6.11 43.20
C LEU B 342 4.30 -7.24 44.17
N GLU B 343 3.78 -8.36 43.65
CA GLU B 343 3.44 -9.47 44.52
C GLU B 343 4.68 -10.24 44.96
N ALA B 344 5.65 -10.41 44.06
CA ALA B 344 6.85 -11.14 44.45
C ALA B 344 7.68 -10.30 45.41
N VAL B 345 7.70 -8.98 45.21
CA VAL B 345 8.42 -8.10 46.12
C VAL B 345 7.76 -8.11 47.49
N ALA B 346 6.44 -8.22 47.53
CA ALA B 346 5.76 -8.25 48.83
C ALA B 346 6.21 -9.42 49.68
N ALA B 347 6.73 -10.50 49.08
CA ALA B 347 7.23 -11.64 49.82
C ALA B 347 8.74 -11.67 49.94
N CYS B 348 9.47 -11.06 49.00
CA CYS B 348 10.92 -11.12 48.99
C CYS B 348 11.57 -9.98 49.77
N LYS B 349 10.94 -8.80 49.79
CA LYS B 349 11.55 -7.64 50.42
C LYS B 349 11.81 -7.84 51.92
N PRO B 350 10.89 -8.38 52.72
CA PRO B 350 11.19 -8.52 54.16
C PRO B 350 12.42 -9.37 54.45
N TYR B 351 12.72 -10.36 53.61
CA TYR B 351 13.86 -11.23 53.83
C TYR B 351 15.12 -10.78 53.10
N GLY B 352 15.08 -9.64 52.42
CA GLY B 352 16.26 -9.14 51.74
C GLY B 352 16.66 -9.87 50.48
N VAL B 353 15.75 -10.58 49.84
CA VAL B 353 16.03 -11.36 48.64
C VAL B 353 15.71 -10.47 47.43
N PRO B 354 16.67 -10.21 46.54
CA PRO B 354 16.37 -9.39 45.36
C PRO B 354 15.41 -10.07 44.41
N VAL B 355 14.70 -9.25 43.64
CA VAL B 355 13.72 -9.70 42.66
C VAL B 355 14.19 -9.27 41.27
N ILE B 356 14.21 -10.21 40.33
CA ILE B 356 14.66 -9.97 38.97
C ILE B 356 13.44 -9.97 38.05
N ALA B 357 13.25 -8.86 37.33
CA ALA B 357 12.16 -8.74 36.36
C ALA B 357 12.59 -9.38 35.04
N ASP B 358 11.82 -10.38 34.60
CA ASP B 358 12.16 -11.15 33.41
C ASP B 358 11.04 -11.05 32.38
N GLY B 359 11.39 -10.61 31.18
CA GLY B 359 10.43 -10.54 30.09
C GLY B 359 9.52 -9.32 30.18
N GLY B 360 8.98 -8.95 29.02
CA GLY B 360 8.04 -7.86 28.90
C GLY B 360 8.62 -6.48 28.73
N LEU B 361 9.94 -6.33 28.74
CA LEU B 361 10.54 -5.02 28.58
C LEU B 361 10.71 -4.70 27.10
N GLN B 362 10.36 -3.48 26.71
CA GLN B 362 10.51 -3.05 25.33
C GLN B 362 11.29 -1.75 25.21
N TYR B 363 11.25 -0.93 26.26
CA TYR B 363 11.94 0.35 26.26
C TYR B 363 12.61 0.58 27.60
N SER B 364 13.45 1.62 27.65
CA SER B 364 14.08 2.00 28.91
C SER B 364 13.05 2.45 29.94
N GLY B 365 11.93 2.99 29.47
CA GLY B 365 10.85 3.33 30.38
C GLY B 365 10.30 2.11 31.10
N ASP B 366 10.17 0.99 30.39
CA ASP B 366 9.75 -0.25 31.03
C ASP B 366 10.74 -0.70 32.09
N ILE B 367 12.04 -0.54 31.80
CA ILE B 367 13.07 -0.89 32.79
C ILE B 367 12.92 -0.01 34.03
N ALA B 368 12.71 1.29 33.83
CA ALA B 368 12.53 2.18 34.97
C ALA B 368 11.28 1.82 35.78
N LYS B 369 10.19 1.48 35.09
CA LYS B 369 8.97 1.09 35.79
C LYS B 369 9.16 -0.19 36.58
N ALA B 370 9.84 -1.17 35.99
CA ALA B 370 10.07 -2.44 36.69
C ALA B 370 10.95 -2.21 37.92
N LEU B 371 11.99 -1.38 37.79
CA LEU B 371 12.83 -1.10 38.95
C LEU B 371 12.08 -0.27 40.00
N ALA B 372 11.09 0.51 39.57
CA ALA B 372 10.31 1.31 40.51
C ALA B 372 9.30 0.46 41.27
N ALA B 373 8.78 -0.60 40.63
CA ALA B 373 7.79 -1.45 41.28
C ALA B 373 8.39 -2.28 42.41
N GLY B 374 9.72 -2.38 42.48
CA GLY B 374 10.36 -3.14 43.53
C GLY B 374 11.44 -4.09 43.07
N ALA B 375 11.57 -4.27 41.76
CA ALA B 375 12.62 -5.13 41.24
C ALA B 375 13.99 -4.48 41.43
N SER B 376 15.01 -5.33 41.56
CA SER B 376 16.37 -4.84 41.75
C SER B 376 17.23 -4.96 40.50
N THR B 377 16.84 -5.81 39.55
CA THR B 377 17.61 -6.00 38.33
C THR B 377 16.65 -6.46 37.24
N ALA B 378 16.88 -6.00 36.01
CA ALA B 378 16.05 -6.35 34.87
C ALA B 378 16.81 -7.25 33.93
N MET B 379 16.15 -8.29 33.44
CA MET B 379 16.73 -9.23 32.50
C MET B 379 16.25 -8.87 31.10
N LEU B 380 17.20 -8.57 30.20
CA LEU B 380 16.86 -7.88 28.95
C LEU B 380 16.28 -8.83 27.90
N GLY B 381 17.08 -9.79 27.45
CA GLY B 381 16.59 -10.72 26.45
C GLY B 381 16.48 -10.14 25.05
N SER B 382 15.25 -9.88 24.60
CA SER B 382 15.01 -9.52 23.21
C SER B 382 15.66 -8.19 22.83
N LEU B 383 15.98 -7.34 23.82
CA LEU B 383 16.64 -6.09 23.51
C LEU B 383 18.11 -6.29 23.13
N LEU B 384 18.68 -7.44 23.45
CA LEU B 384 20.07 -7.75 23.14
C LEU B 384 20.20 -8.88 22.13
N ALA B 385 19.11 -9.29 21.48
CA ALA B 385 19.15 -10.44 20.59
C ALA B 385 19.88 -10.13 19.30
N GLY B 386 19.66 -8.94 18.73
CA GLY B 386 20.22 -8.61 17.43
C GLY B 386 21.48 -7.76 17.47
N THR B 387 22.16 -7.71 18.61
CA THR B 387 23.37 -6.91 18.72
C THR B 387 24.55 -7.62 18.06
N ALA B 388 25.73 -7.01 18.17
CA ALA B 388 26.93 -7.56 17.55
C ALA B 388 27.45 -8.77 18.31
N GLU B 389 27.35 -8.76 19.64
CA GLU B 389 27.95 -9.81 20.45
C GLU B 389 27.08 -11.05 20.58
N SER B 390 25.82 -10.99 20.16
CA SER B 390 24.96 -12.14 20.24
C SER B 390 25.39 -13.20 19.22
N PRO B 391 25.13 -14.48 19.50
CA PRO B 391 25.50 -15.52 18.56
C PRO B 391 24.76 -15.39 17.24
N GLY B 392 25.37 -15.94 16.19
CA GLY B 392 24.83 -15.81 14.85
C GLY B 392 25.75 -14.99 13.96
N GLU B 393 26.04 -15.49 12.77
CA GLU B 393 27.00 -14.81 11.90
C GLU B 393 26.30 -13.71 11.10
N LEU B 394 27.00 -12.60 10.90
CA LEU B 394 26.42 -11.44 10.24
C LEU B 394 26.52 -11.60 8.73
N ILE B 395 25.39 -11.46 8.04
CA ILE B 395 25.31 -11.60 6.59
C ILE B 395 24.33 -10.56 6.04
N PHE B 396 24.29 -10.49 4.70
CA PHE B 396 23.42 -9.59 3.97
C PHE B 396 22.38 -10.42 3.23
N VAL B 397 21.10 -10.07 3.40
CA VAL B 397 19.99 -10.69 2.68
C VAL B 397 19.11 -9.56 2.16
N ASN B 398 18.92 -9.53 0.84
CA ASN B 398 18.07 -8.53 0.18
C ASN B 398 18.52 -7.10 0.52
N GLY B 399 19.83 -6.90 0.65
CA GLY B 399 20.34 -5.60 1.00
C GLY B 399 20.15 -5.21 2.45
N LYS B 400 19.80 -6.15 3.32
CA LYS B 400 19.52 -5.87 4.71
C LYS B 400 20.39 -6.76 5.59
N GLN B 401 20.78 -6.22 6.74
CA GLN B 401 21.68 -6.94 7.64
C GLN B 401 20.90 -7.96 8.44
N PHE B 402 21.49 -9.14 8.64
CA PHE B 402 20.84 -10.19 9.39
C PHE B 402 21.87 -11.07 10.07
N LYS B 403 21.41 -11.87 11.02
CA LYS B 403 22.22 -12.86 11.70
C LYS B 403 21.77 -14.26 11.30
N SER B 404 22.71 -15.19 11.33
CA SER B 404 22.49 -16.55 10.85
C SER B 404 22.83 -17.55 11.94
N TYR B 405 21.96 -18.56 12.07
CA TYR B 405 22.16 -19.65 13.01
C TYR B 405 22.23 -20.98 12.29
N TYR B 428 17.51 -31.59 22.11
CA TYR B 428 17.60 -32.75 23.01
C TYR B 428 17.79 -32.27 24.44
N PHE B 429 18.41 -31.10 24.60
CA PHE B 429 18.67 -30.51 25.90
C PHE B 429 17.49 -29.71 26.43
N GLN B 430 16.54 -29.36 25.56
CA GLN B 430 15.35 -28.60 25.96
C GLN B 430 14.34 -29.57 26.58
N ASP B 431 14.57 -29.87 27.86
CA ASP B 431 13.72 -30.81 28.58
C ASP B 431 12.56 -30.13 29.30
N ASP B 432 12.44 -28.81 29.21
CA ASP B 432 11.39 -28.07 29.90
C ASP B 432 10.06 -28.37 29.24
N VAL B 433 9.19 -29.10 29.94
CA VAL B 433 7.91 -29.51 29.37
C VAL B 433 6.97 -28.31 29.21
N LEU B 434 7.03 -27.36 30.15
CA LEU B 434 6.12 -26.22 30.14
C LEU B 434 6.69 -25.00 29.43
N SER B 435 7.88 -25.11 28.82
CA SER B 435 8.44 -23.98 28.09
C SER B 435 7.64 -23.71 26.81
N GLU B 436 7.76 -22.49 26.31
CA GLU B 436 7.03 -22.09 25.11
C GLU B 436 7.41 -22.97 23.91
N ASP B 437 8.63 -23.49 23.90
CA ASP B 437 9.08 -24.33 22.78
C ASP B 437 8.21 -25.57 22.63
N LYS B 438 7.86 -26.21 23.76
CA LYS B 438 6.97 -27.36 23.73
C LYS B 438 5.55 -26.99 23.35
N LEU B 439 5.20 -25.71 23.40
CA LEU B 439 3.84 -25.29 23.11
C LEU B 439 3.63 -24.91 21.65
N VAL B 440 4.66 -24.35 21.00
CA VAL B 440 4.55 -23.95 19.61
C VAL B 440 4.67 -25.17 18.71
N VAL B 448 17.90 -13.24 12.87
CA VAL B 448 17.37 -12.04 13.50
C VAL B 448 18.00 -10.80 12.87
N PRO B 449 17.28 -9.67 12.89
CA PRO B 449 17.85 -8.44 12.34
C PRO B 449 19.04 -7.93 13.13
N PHE B 450 19.66 -6.86 12.66
CA PHE B 450 20.84 -6.28 13.31
C PHE B 450 20.43 -5.11 14.19
N ARG B 451 21.18 -4.90 15.28
CA ARG B 451 20.91 -3.81 16.19
C ARG B 451 22.13 -2.93 16.47
N GLY B 452 23.34 -3.37 16.13
CA GLY B 452 24.52 -2.58 16.36
C GLY B 452 25.27 -3.02 17.60
N PRO B 453 26.33 -2.28 17.95
CA PRO B 453 27.12 -2.63 19.12
C PRO B 453 26.33 -2.51 20.41
N LEU B 454 26.65 -3.37 21.37
CA LEU B 454 25.94 -3.39 22.64
C LEU B 454 26.20 -2.13 23.46
N GLY B 455 27.32 -1.46 23.23
CA GLY B 455 27.64 -0.28 24.01
C GLY B 455 26.59 0.81 23.89
N THR B 456 26.16 1.10 22.66
CA THR B 456 25.15 2.13 22.46
C THR B 456 23.81 1.74 23.08
N VAL B 457 23.44 0.45 22.98
CA VAL B 457 22.18 0.00 23.58
C VAL B 457 22.21 0.18 25.09
N ILE B 458 23.29 -0.26 25.73
CA ILE B 458 23.40 -0.12 27.17
C ILE B 458 23.46 1.35 27.56
N HIS B 459 24.13 2.17 26.76
CA HIS B 459 24.20 3.61 27.05
C HIS B 459 22.82 4.25 26.99
N GLN B 460 22.02 3.90 25.97
CA GLN B 460 20.68 4.46 25.87
C GLN B 460 19.80 4.00 27.03
N LEU B 461 19.87 2.71 27.39
CA LEU B 461 19.07 2.22 28.50
C LEU B 461 19.47 2.91 29.81
N THR B 462 20.76 3.06 30.05
CA THR B 462 21.21 3.73 31.26
C THR B 462 20.83 5.21 31.26
N GLY B 463 20.83 5.84 30.07
CA GLY B 463 20.38 7.22 30.00
C GLY B 463 18.92 7.39 30.34
N GLY B 464 18.08 6.48 29.83
CA GLY B 464 16.67 6.51 30.20
C GLY B 464 16.45 6.26 31.69
N LEU B 465 17.20 5.30 32.25
CA LEU B 465 17.09 5.05 33.69
C LEU B 465 17.53 6.26 34.49
N ARG B 466 18.59 6.94 34.07
CA ARG B 466 19.05 8.14 34.77
C ARG B 466 18.03 9.26 34.66
N ALA B 467 17.39 9.39 33.51
CA ALA B 467 16.34 10.40 33.37
C ALA B 467 15.18 10.11 34.33
N ALA B 468 14.78 8.84 34.43
CA ALA B 468 13.72 8.49 35.37
C ALA B 468 14.13 8.78 36.80
N MET B 469 15.38 8.46 37.15
CA MET B 469 15.88 8.74 38.49
C MET B 469 15.88 10.23 38.79
N GLY B 470 16.27 11.04 37.81
CA GLY B 470 16.25 12.48 38.00
C GLY B 470 14.86 13.05 38.15
N TYR B 471 13.90 12.51 37.40
CA TYR B 471 12.52 13.00 37.51
C TYR B 471 11.93 12.67 38.88
N THR B 472 12.10 11.44 39.34
CA THR B 472 11.51 11.03 40.61
C THR B 472 12.34 11.41 41.83
N GLY B 473 13.45 12.12 41.63
CA GLY B 473 14.28 12.51 42.76
C GLY B 473 14.90 11.35 43.50
N SER B 474 15.37 10.33 42.78
CA SER B 474 15.92 9.12 43.37
C SER B 474 17.43 9.14 43.19
N ALA B 475 18.17 9.24 44.30
CA ALA B 475 19.62 9.22 44.24
C ALA B 475 20.17 7.82 43.98
N THR B 476 19.46 6.79 44.43
CA THR B 476 19.89 5.41 44.24
C THR B 476 18.70 4.56 43.81
N ILE B 477 18.98 3.33 43.41
CA ILE B 477 17.92 2.39 43.03
C ILE B 477 17.03 2.08 44.23
N GLU B 478 17.64 1.99 45.43
CA GLU B 478 16.85 1.74 46.63
C GLU B 478 15.82 2.84 46.85
N GLN B 479 16.17 4.09 46.53
CA GLN B 479 15.22 5.17 46.61
C GLN B 479 14.24 5.16 45.44
N LEU B 480 14.68 4.66 44.27
CA LEU B 480 13.78 4.54 43.14
C LEU B 480 12.67 3.52 43.40
N GLN B 481 12.96 2.50 44.20
CA GLN B 481 11.95 1.48 44.49
C GLN B 481 10.82 1.98 45.35
N GLN B 482 10.92 3.20 45.91
CA GLN B 482 9.84 3.80 46.67
C GLN B 482 8.98 4.74 45.84
N ALA B 483 9.23 4.84 44.54
CA ALA B 483 8.47 5.74 43.69
C ALA B 483 7.01 5.28 43.56
N GLN B 484 6.16 6.21 43.16
CA GLN B 484 4.73 5.96 43.04
C GLN B 484 4.31 5.98 41.57
N PHE B 485 3.23 5.27 41.27
CA PHE B 485 2.70 5.19 39.93
C PHE B 485 1.40 5.98 39.79
N VAL B 486 1.13 6.37 38.56
CA VAL B 486 -0.17 6.90 38.15
C VAL B 486 -0.73 5.97 37.08
N GLN B 487 -1.99 5.58 37.24
CA GLN B 487 -2.63 4.60 36.36
C GLN B 487 -3.40 5.34 35.27
N ILE B 488 -3.04 5.08 34.01
CA ILE B 488 -3.63 5.75 32.87
C ILE B 488 -4.72 4.88 32.28
N THR B 489 -5.72 5.52 31.68
CA THR B 489 -6.84 4.82 31.08
C THR B 489 -6.47 4.39 29.65
N ALA B 490 -7.46 3.86 28.92
CA ALA B 490 -7.21 3.37 27.58
C ALA B 490 -6.84 4.49 26.62
N ALA B 491 -7.30 5.72 26.88
CA ALA B 491 -7.03 6.83 25.99
C ALA B 491 -5.58 7.29 26.04
N GLY B 492 -4.80 6.81 27.00
CA GLY B 492 -3.40 7.18 27.16
C GLY B 492 -2.44 6.44 26.27
N LEU B 493 -2.91 5.52 25.45
CA LEU B 493 -2.07 4.72 24.59
C LEU B 493 -2.20 5.05 23.11
N LYS B 494 -3.24 5.75 22.71
CA LYS B 494 -3.46 6.08 21.30
C LYS B 494 -2.38 7.01 20.78
N VAL C 12 -28.19 8.15 45.80
CA VAL C 12 -29.35 7.68 45.05
C VAL C 12 -29.09 7.65 43.53
N PRO C 13 -28.57 8.73 42.94
CA PRO C 13 -28.27 8.69 41.50
C PRO C 13 -27.20 7.65 41.19
N VAL C 14 -27.54 6.72 40.32
CA VAL C 14 -26.59 5.69 39.88
C VAL C 14 -25.53 6.35 39.00
N PRO C 15 -24.25 6.01 39.16
CA PRO C 15 -23.22 6.66 38.31
C PRO C 15 -23.42 6.43 36.83
N THR C 16 -24.07 5.35 36.43
CA THR C 16 -24.34 5.08 35.02
C THR C 16 -25.66 5.67 34.53
N GLY C 17 -26.37 6.37 35.39
CA GLY C 17 -27.61 7.01 35.00
C GLY C 17 -28.83 6.31 35.58
N GLY C 18 -29.86 7.09 35.84
CA GLY C 18 -31.11 6.56 36.35
C GLY C 18 -31.10 6.39 37.86
N ASP C 19 -32.18 5.76 38.35
CA ASP C 19 -32.34 5.47 39.77
C ASP C 19 -32.38 4.00 40.10
N ASP C 20 -32.57 3.12 39.11
CA ASP C 20 -32.63 1.68 39.36
C ASP C 20 -31.22 1.12 39.28
N PRO C 21 -30.69 0.57 40.38
CA PRO C 21 -29.34 -0.05 40.31
C PRO C 21 -29.29 -1.36 39.57
N THR C 22 -30.44 -1.97 39.27
CA THR C 22 -30.48 -3.25 38.56
C THR C 22 -30.70 -3.09 37.06
N LYS C 23 -30.76 -1.85 36.55
CA LYS C 23 -30.89 -1.66 35.11
C LYS C 23 -29.68 -2.23 34.39
N VAL C 24 -28.47 -1.83 34.82
CA VAL C 24 -27.24 -2.46 34.37
C VAL C 24 -26.94 -3.58 35.38
N ALA C 25 -27.19 -4.82 34.97
CA ALA C 25 -27.16 -5.93 35.92
C ALA C 25 -25.74 -6.23 36.39
N MET C 26 -24.85 -6.53 35.46
CA MET C 26 -23.50 -6.97 35.83
C MET C 26 -22.52 -6.56 34.75
N LEU C 27 -21.23 -6.58 35.12
CA LEU C 27 -20.15 -6.39 34.17
C LEU C 27 -19.70 -7.76 33.69
N GLY C 28 -19.73 -7.96 32.36
CA GLY C 28 -19.50 -9.27 31.78
C GLY C 28 -18.08 -9.41 31.27
N LEU C 29 -17.47 -10.55 31.58
CA LEU C 29 -16.11 -10.85 31.17
C LEU C 29 -16.14 -11.84 30.00
N THR C 30 -15.36 -11.55 28.97
CA THR C 30 -15.14 -12.48 27.88
C THR C 30 -13.85 -13.26 28.12
N PHE C 31 -13.43 -14.05 27.11
CA PHE C 31 -12.23 -14.85 27.27
C PHE C 31 -10.97 -14.00 27.32
N ASP C 32 -10.92 -12.89 26.58
CA ASP C 32 -9.72 -12.08 26.51
C ASP C 32 -9.53 -11.21 27.74
N ASP C 33 -10.51 -11.11 28.62
CA ASP C 33 -10.42 -10.29 29.81
C ASP C 33 -9.75 -11.00 30.99
N VAL C 34 -9.50 -12.31 30.89
CA VAL C 34 -8.96 -13.07 32.00
C VAL C 34 -7.82 -13.95 31.51
N LEU C 35 -6.94 -14.28 32.46
CA LEU C 35 -5.87 -15.25 32.23
C LEU C 35 -5.80 -16.18 33.44
N LEU C 36 -5.27 -17.38 33.21
CA LEU C 36 -5.12 -18.34 34.30
C LEU C 36 -3.87 -18.04 35.10
N LEU C 37 -4.00 -18.09 36.43
CA LEU C 37 -2.87 -17.81 37.30
C LEU C 37 -2.12 -19.09 37.64
N PRO C 38 -0.80 -19.10 37.57
CA PRO C 38 -0.04 -20.27 38.00
C PRO C 38 -0.22 -20.53 39.48
N ALA C 39 -0.21 -21.81 39.86
CA ALA C 39 -0.39 -22.20 41.25
C ALA C 39 0.62 -23.31 41.55
N ALA C 40 0.52 -23.86 42.76
CA ALA C 40 1.35 -24.99 43.14
C ALA C 40 1.06 -26.18 42.23
N SER C 41 2.12 -26.77 41.67
CA SER C 41 1.96 -27.79 40.65
C SER C 41 2.93 -28.93 40.89
N ASP C 42 2.40 -30.15 40.90
CA ASP C 42 3.22 -31.36 40.82
C ASP C 42 2.83 -32.21 39.61
N VAL C 43 2.22 -31.58 38.61
CA VAL C 43 1.63 -32.27 37.47
C VAL C 43 2.46 -31.93 36.23
N VAL C 44 2.83 -32.96 35.47
CA VAL C 44 3.49 -32.75 34.19
C VAL C 44 2.42 -32.85 33.10
N PRO C 45 2.57 -32.15 31.98
CA PRO C 45 1.52 -32.17 30.95
C PRO C 45 1.18 -33.56 30.44
N ALA C 46 2.16 -34.46 30.33
CA ALA C 46 1.90 -35.75 29.69
C ALA C 46 1.08 -36.69 30.55
N THR C 47 0.94 -36.43 31.85
CA THR C 47 0.18 -37.29 32.74
C THR C 47 -1.13 -36.64 33.21
N ALA C 48 -1.53 -35.52 32.64
CA ALA C 48 -2.80 -34.91 33.00
C ALA C 48 -3.95 -35.78 32.52
N ASP C 49 -4.99 -35.89 33.35
CA ASP C 49 -6.15 -36.71 33.04
C ASP C 49 -7.26 -35.78 32.54
N THR C 50 -7.47 -35.76 31.23
CA THR C 50 -8.45 -34.88 30.61
C THR C 50 -9.84 -35.49 30.53
N SER C 51 -10.14 -36.49 31.34
CA SER C 51 -11.47 -37.07 31.34
C SER C 51 -12.47 -36.09 31.93
N SER C 52 -13.65 -36.01 31.31
CA SER C 52 -14.65 -35.05 31.75
C SER C 52 -16.05 -35.58 31.46
N GLN C 53 -17.00 -35.21 32.31
CA GLN C 53 -18.39 -35.60 32.15
C GLN C 53 -19.04 -34.78 31.05
N LEU C 54 -19.67 -35.45 30.10
CA LEU C 54 -20.50 -34.76 29.12
C LEU C 54 -21.92 -34.56 29.64
N THR C 55 -22.56 -35.64 30.09
CA THR C 55 -23.83 -35.58 30.80
C THR C 55 -23.68 -36.29 32.13
N LYS C 56 -24.79 -36.50 32.83
CA LYS C 56 -24.71 -37.17 34.14
C LYS C 56 -24.41 -38.66 34.01
N ARG C 57 -24.47 -39.23 32.81
CA ARG C 57 -24.19 -40.63 32.59
C ARG C 57 -23.05 -40.91 31.62
N ILE C 58 -22.69 -39.94 30.76
CA ILE C 58 -21.72 -40.15 29.69
C ILE C 58 -20.45 -39.38 30.04
N ARG C 59 -19.32 -40.09 30.04
CA ARG C 59 -18.02 -39.50 30.36
C ARG C 59 -17.10 -39.66 29.15
N LEU C 60 -16.65 -38.53 28.60
CA LEU C 60 -15.72 -38.55 27.48
C LEU C 60 -14.28 -38.67 27.99
N ARG C 61 -13.35 -38.87 27.06
CA ARG C 61 -11.94 -38.85 27.38
C ARG C 61 -11.25 -37.56 26.99
N VAL C 62 -11.75 -36.89 25.95
CA VAL C 62 -11.28 -35.56 25.56
C VAL C 62 -12.50 -34.65 25.56
N PRO C 63 -12.55 -33.64 26.44
CA PRO C 63 -13.79 -32.85 26.57
C PRO C 63 -14.01 -31.89 25.42
N LEU C 64 -14.22 -32.42 24.22
CA LEU C 64 -14.49 -31.62 23.03
C LEU C 64 -15.66 -32.24 22.27
N VAL C 65 -16.54 -31.38 21.76
CA VAL C 65 -17.73 -31.78 21.02
C VAL C 65 -17.90 -30.88 19.82
N SER C 66 -18.29 -31.47 18.68
CA SER C 66 -18.59 -30.68 17.50
C SER C 66 -19.92 -29.97 17.67
N SER C 67 -20.11 -28.90 16.90
CA SER C 67 -21.12 -27.89 17.21
C SER C 67 -22.45 -28.11 16.51
N ALA C 68 -22.69 -29.28 15.93
CA ALA C 68 -23.99 -29.62 15.36
C ALA C 68 -24.45 -28.61 14.31
N MET C 69 -23.52 -28.17 13.46
CA MET C 69 -23.86 -27.28 12.37
C MET C 69 -23.82 -28.04 11.05
N ASP C 70 -24.54 -27.50 10.06
CA ASP C 70 -24.62 -28.16 8.76
C ASP C 70 -23.27 -28.22 8.05
N THR C 71 -22.34 -27.34 8.41
CA THR C 71 -21.00 -27.33 7.81
C THR C 71 -19.93 -27.86 8.75
N VAL C 72 -20.31 -28.53 9.84
CA VAL C 72 -19.37 -29.03 10.82
C VAL C 72 -19.49 -30.54 11.03
N THR C 73 -20.70 -31.01 11.33
CA THR C 73 -20.88 -32.39 11.80
C THR C 73 -21.78 -33.17 10.87
N GLU C 74 -21.23 -34.22 10.25
CA GLU C 74 -22.01 -35.28 9.62
C GLU C 74 -21.48 -36.62 10.12
N SER C 75 -21.89 -37.71 9.46
CA SER C 75 -21.55 -39.04 9.96
C SER C 75 -20.04 -39.25 10.03
N ARG C 76 -19.31 -38.83 9.00
CA ARG C 76 -17.86 -38.97 9.01
C ARG C 76 -17.24 -38.17 10.15
N MET C 77 -17.68 -36.92 10.32
CA MET C 77 -17.17 -36.09 11.41
C MET C 77 -17.52 -36.70 12.77
N ALA C 78 -18.73 -37.24 12.90
CA ALA C 78 -19.12 -37.86 14.17
C ALA C 78 -18.24 -39.05 14.49
N ILE C 79 -17.96 -39.90 13.50
CA ILE C 79 -17.09 -41.05 13.72
C ILE C 79 -15.69 -40.60 14.10
N ALA C 80 -15.15 -39.62 13.38
CA ALA C 80 -13.79 -39.14 13.68
C ALA C 80 -13.71 -38.55 15.08
N MET C 81 -14.73 -37.79 15.48
CA MET C 81 -14.74 -37.19 16.80
C MET C 81 -14.86 -38.25 17.88
N ALA C 82 -15.68 -39.28 17.66
CA ALA C 82 -15.80 -40.33 18.66
C ALA C 82 -14.50 -41.14 18.74
N ARG C 83 -13.79 -41.27 17.62
CA ARG C 83 -12.53 -42.01 17.63
C ARG C 83 -11.44 -41.23 18.36
N ALA C 84 -11.45 -39.90 18.23
CA ALA C 84 -10.43 -39.10 18.90
C ALA C 84 -10.63 -39.03 20.40
N GLY C 85 -11.81 -39.39 20.90
CA GLY C 85 -12.11 -39.35 22.32
C GLY C 85 -13.25 -38.42 22.69
N GLY C 86 -13.71 -37.58 21.77
CA GLY C 86 -14.83 -36.69 22.01
C GLY C 86 -16.15 -37.29 21.55
N MET C 87 -16.97 -36.48 20.90
CA MET C 87 -18.25 -36.92 20.38
C MET C 87 -18.78 -35.86 19.43
N GLY C 88 -19.39 -36.30 18.33
CA GLY C 88 -20.05 -35.42 17.40
C GLY C 88 -21.54 -35.40 17.63
N VAL C 89 -22.16 -34.26 17.35
CA VAL C 89 -23.60 -34.08 17.46
C VAL C 89 -24.13 -33.74 16.07
N LEU C 90 -25.00 -34.60 15.55
CA LEU C 90 -25.46 -34.44 14.18
C LEU C 90 -26.45 -33.27 14.08
N HIS C 91 -26.26 -32.42 13.08
CA HIS C 91 -27.15 -31.30 12.86
C HIS C 91 -28.50 -31.79 12.35
N ARG C 92 -29.52 -30.94 12.54
CA ARG C 92 -30.89 -31.30 12.23
C ARG C 92 -31.43 -30.56 11.01
N ASN C 93 -30.56 -30.00 10.17
CA ASN C 93 -30.99 -29.40 8.92
C ASN C 93 -31.08 -30.45 7.81
N LEU C 94 -31.79 -31.54 8.08
CA LEU C 94 -31.92 -32.64 7.14
C LEU C 94 -33.26 -33.30 7.37
N PRO C 95 -33.76 -34.06 6.39
CA PRO C 95 -34.96 -34.86 6.62
C PRO C 95 -34.70 -35.93 7.69
N VAL C 96 -35.77 -36.33 8.38
CA VAL C 96 -35.64 -37.24 9.51
C VAL C 96 -34.98 -38.54 9.07
N ALA C 97 -35.35 -39.05 7.90
CA ALA C 97 -34.78 -40.31 7.43
C ALA C 97 -33.27 -40.21 7.24
N GLU C 98 -32.80 -39.08 6.68
CA GLU C 98 -31.37 -38.91 6.48
C GLU C 98 -30.62 -38.84 7.80
N GLN C 99 -31.18 -38.14 8.79
CA GLN C 99 -30.53 -38.05 10.09
C GLN C 99 -30.48 -39.41 10.77
N ALA C 100 -31.57 -40.19 10.68
CA ALA C 100 -31.56 -41.54 11.23
C ALA C 100 -30.54 -42.41 10.52
N GLY C 101 -30.43 -42.28 9.19
CA GLY C 101 -29.43 -43.03 8.45
C GLY C 101 -28.02 -42.67 8.86
N GLN C 102 -27.76 -41.38 9.11
CA GLN C 102 -26.44 -40.97 9.59
C GLN C 102 -26.16 -41.51 10.98
N VAL C 103 -27.17 -41.51 11.86
CA VAL C 103 -27.00 -42.11 13.18
C VAL C 103 -26.64 -43.59 13.04
N GLU C 104 -27.34 -44.29 12.16
CA GLU C 104 -27.06 -45.72 11.94
C GLU C 104 -25.65 -45.92 11.38
N THR C 105 -25.24 -45.06 10.45
CA THR C 105 -23.90 -45.15 9.88
C THR C 105 -22.84 -44.96 10.94
N VAL C 106 -23.03 -43.99 11.84
CA VAL C 106 -22.06 -43.78 12.92
C VAL C 106 -22.05 -44.97 13.87
N LYS C 107 -23.23 -45.48 14.22
CA LYS C 107 -23.30 -46.61 15.15
C LYS C 107 -22.67 -47.87 14.56
N ARG C 108 -22.78 -48.06 13.24
CA ARG C 108 -22.26 -49.24 12.57
C ARG C 108 -20.80 -49.00 12.20
N SER C 109 -19.90 -49.43 13.08
CA SER C 109 -18.47 -49.29 12.82
C SER C 109 -17.66 -50.28 13.67
N THR C 223 -6.81 -52.38 18.05
CA THR C 223 -7.59 -51.20 18.43
C THR C 223 -6.68 -50.04 18.80
N GLU C 224 -5.38 -50.22 18.57
CA GLU C 224 -4.39 -49.19 18.90
C GLU C 224 -4.47 -47.98 17.98
N GLN C 225 -5.22 -48.06 16.87
CA GLN C 225 -5.40 -46.90 16.03
C GLN C 225 -6.13 -45.78 16.76
N PHE C 226 -7.19 -46.14 17.50
CA PHE C 226 -8.00 -45.17 18.23
C PHE C 226 -8.25 -45.67 19.64
N PRO C 227 -7.22 -45.68 20.50
CA PRO C 227 -7.40 -46.20 21.86
C PRO C 227 -8.38 -45.40 22.71
N LEU C 228 -8.61 -44.13 22.40
CA LEU C 228 -9.41 -43.25 23.22
C LEU C 228 -10.89 -43.22 22.82
N SER C 229 -11.29 -44.07 21.88
CA SER C 229 -12.65 -44.02 21.34
C SER C 229 -13.68 -44.17 22.46
N THR C 230 -14.72 -43.35 22.39
CA THR C 230 -15.83 -43.41 23.33
C THR C 230 -16.92 -44.32 22.77
N LYS C 231 -17.32 -45.31 23.55
CA LYS C 231 -18.22 -46.35 23.07
C LYS C 231 -19.29 -46.62 24.12
N ASP C 232 -20.40 -47.20 23.67
CA ASP C 232 -21.51 -47.54 24.55
C ASP C 232 -21.22 -48.87 25.25
N SER C 233 -22.23 -49.42 25.92
CA SER C 233 -22.07 -50.72 26.57
C SER C 233 -21.95 -51.85 25.56
N ASP C 234 -22.37 -51.63 24.32
CA ASP C 234 -22.29 -52.64 23.27
C ASP C 234 -21.01 -52.55 22.45
N GLY C 235 -20.09 -51.66 22.81
CA GLY C 235 -18.87 -51.50 22.05
C GLY C 235 -18.98 -50.64 20.82
N ARG C 236 -20.13 -50.02 20.57
CA ARG C 236 -20.33 -49.14 19.43
C ARG C 236 -20.11 -47.69 19.82
N LEU C 237 -19.66 -46.89 18.85
CA LEU C 237 -19.35 -45.49 19.11
C LEU C 237 -20.62 -44.72 19.48
N LEU C 238 -20.44 -43.67 20.28
CA LEU C 238 -21.53 -42.78 20.65
C LEU C 238 -21.71 -41.69 19.60
N VAL C 239 -22.93 -41.17 19.54
CA VAL C 239 -23.25 -40.07 18.63
C VAL C 239 -24.43 -39.30 19.22
N GLY C 240 -24.48 -38.01 18.92
CA GLY C 240 -25.55 -37.16 19.39
C GLY C 240 -26.34 -36.59 18.22
N ALA C 241 -27.61 -36.28 18.49
CA ALA C 241 -28.51 -35.78 17.46
C ALA C 241 -29.24 -34.56 17.99
N ALA C 242 -29.39 -33.56 17.14
CA ALA C 242 -30.09 -32.33 17.50
C ALA C 242 -31.55 -32.40 17.10
N VAL C 243 -32.43 -31.92 17.98
CA VAL C 243 -33.85 -31.85 17.73
C VAL C 243 -34.33 -30.44 18.03
N GLY C 244 -35.39 -30.03 17.37
CA GLY C 244 -35.97 -28.71 17.55
C GLY C 244 -37.14 -28.71 18.51
N VAL C 245 -38.15 -27.89 18.20
CA VAL C 245 -39.38 -27.82 18.98
C VAL C 245 -40.55 -27.95 18.04
N GLY C 246 -41.49 -28.83 18.36
CA GLY C 246 -42.67 -29.04 17.54
C GLY C 246 -43.02 -30.50 17.33
N ASP C 247 -44.15 -30.76 16.67
CA ASP C 247 -44.55 -32.13 16.40
C ASP C 247 -43.56 -32.83 15.47
N ASP C 248 -43.08 -32.12 14.45
CA ASP C 248 -42.01 -32.64 13.61
C ASP C 248 -40.77 -32.94 14.44
N ALA C 249 -40.45 -32.06 15.39
CA ALA C 249 -39.33 -32.31 16.29
C ALA C 249 -39.57 -33.55 17.14
N TRP C 250 -40.80 -33.75 17.61
CA TRP C 250 -41.10 -34.94 18.41
C TRP C 250 -40.93 -36.21 17.59
N THR C 251 -41.45 -36.24 16.37
CA THR C 251 -41.31 -37.45 15.55
C THR C 251 -39.85 -37.67 15.16
N ARG C 252 -39.09 -36.58 14.92
CA ARG C 252 -37.67 -36.71 14.65
C ARG C 252 -36.94 -37.31 15.85
N ALA C 253 -37.27 -36.83 17.06
CA ALA C 253 -36.62 -37.35 18.25
C ALA C 253 -36.93 -38.83 18.46
N MET C 254 -38.19 -39.21 18.26
CA MET C 254 -38.54 -40.62 18.43
C MET C 254 -37.86 -41.50 17.39
N THR C 255 -37.81 -41.04 16.14
CA THR C 255 -37.11 -41.80 15.10
C THR C 255 -35.62 -41.93 15.41
N LEU C 256 -35.00 -40.86 15.90
CA LEU C 256 -33.59 -40.91 16.25
C LEU C 256 -33.34 -41.85 17.42
N VAL C 257 -34.24 -41.86 18.41
CA VAL C 257 -34.11 -42.80 19.52
C VAL C 257 -34.21 -44.24 19.01
N ASP C 258 -35.16 -44.49 18.10
CA ASP C 258 -35.30 -45.82 17.53
C ASP C 258 -34.04 -46.26 16.78
N ALA C 259 -33.42 -45.34 16.04
CA ALA C 259 -32.25 -45.68 15.25
C ALA C 259 -30.97 -45.82 16.07
N GLY C 260 -31.06 -45.76 17.39
CA GLY C 260 -29.89 -45.97 18.22
C GLY C 260 -29.08 -44.72 18.55
N VAL C 261 -29.74 -43.64 18.94
CA VAL C 261 -29.04 -42.42 19.34
C VAL C 261 -28.78 -42.48 20.84
N ASP C 262 -27.75 -41.76 21.28
CA ASP C 262 -27.33 -41.76 22.67
C ASP C 262 -27.60 -40.44 23.39
N VAL C 263 -27.43 -39.31 22.71
CA VAL C 263 -27.65 -37.99 23.30
C VAL C 263 -28.58 -37.21 22.38
N LEU C 264 -29.60 -36.58 22.96
CA LEU C 264 -30.52 -35.72 22.24
C LEU C 264 -30.30 -34.29 22.68
N ILE C 265 -30.03 -33.40 21.73
CA ILE C 265 -29.80 -31.99 22.00
C ILE C 265 -30.99 -31.20 21.49
N VAL C 266 -31.67 -30.50 22.39
CA VAL C 266 -32.76 -29.62 22.00
C VAL C 266 -32.17 -28.29 21.55
N ASP C 267 -31.84 -28.19 20.27
CA ASP C 267 -31.06 -27.08 19.73
C ASP C 267 -31.99 -25.91 19.42
N THR C 268 -31.97 -24.89 20.29
CA THR C 268 -32.71 -23.66 20.06
C THR C 268 -31.81 -22.48 20.38
N ALA C 269 -32.08 -21.35 19.73
CA ALA C 269 -31.28 -20.15 19.97
C ALA C 269 -31.51 -19.57 21.35
N HIS C 270 -32.68 -19.80 21.95
CA HIS C 270 -33.02 -19.22 23.24
C HIS C 270 -33.84 -20.27 24.00
N ALA C 271 -33.22 -20.91 24.99
CA ALA C 271 -33.82 -22.05 25.66
C ALA C 271 -34.63 -21.69 26.88
N HIS C 272 -34.79 -20.40 27.20
CA HIS C 272 -35.66 -20.03 28.30
C HIS C 272 -37.12 -19.97 27.89
N ASN C 273 -37.43 -20.24 26.62
CA ASN C 273 -38.81 -20.33 26.18
C ASN C 273 -39.51 -21.50 26.84
N ARG C 274 -40.81 -21.33 27.09
CA ARG C 274 -41.57 -22.37 27.77
C ARG C 274 -41.70 -23.62 26.90
N GLY C 275 -41.79 -23.44 25.58
CA GLY C 275 -41.88 -24.58 24.70
C GLY C 275 -40.66 -25.50 24.79
N VAL C 276 -39.48 -24.90 24.88
CA VAL C 276 -38.25 -25.70 24.99
C VAL C 276 -38.24 -26.49 26.29
N LEU C 277 -38.64 -25.85 27.39
CA LEU C 277 -38.69 -26.54 28.67
C LEU C 277 -39.70 -27.69 28.64
N ASP C 278 -40.87 -27.45 28.03
CA ASP C 278 -41.87 -28.51 27.94
C ASP C 278 -41.38 -29.66 27.08
N MET C 279 -40.68 -29.36 25.97
CA MET C 279 -40.13 -30.41 25.14
C MET C 279 -39.09 -31.23 25.89
N VAL C 280 -38.22 -30.55 26.66
CA VAL C 280 -37.21 -31.25 27.43
C VAL C 280 -37.86 -32.15 28.47
N SER C 281 -38.89 -31.64 29.16
CA SER C 281 -39.58 -32.44 30.16
C SER C 281 -40.25 -33.65 29.52
N ARG C 282 -40.89 -33.46 28.36
CA ARG C 282 -41.53 -34.57 27.68
C ARG C 282 -40.52 -35.64 27.29
N LEU C 283 -39.38 -35.22 26.72
CA LEU C 283 -38.37 -36.19 26.31
C LEU C 283 -37.80 -36.94 27.52
N LYS C 284 -37.56 -36.22 28.62
CA LYS C 284 -37.03 -36.85 29.82
C LYS C 284 -38.02 -37.86 30.40
N GLN C 285 -39.31 -37.50 30.41
CA GLN C 285 -40.31 -38.41 30.96
C GLN C 285 -40.55 -39.61 30.05
N ALA C 286 -40.34 -39.44 28.74
CA ALA C 286 -40.65 -40.50 27.79
C ALA C 286 -39.47 -41.47 27.62
N VAL C 287 -38.31 -40.96 27.20
CA VAL C 287 -37.19 -41.82 26.87
C VAL C 287 -35.99 -41.51 27.77
N GLY C 288 -36.27 -41.08 29.00
CA GLY C 288 -35.20 -40.72 29.92
C GLY C 288 -34.36 -41.88 30.38
N GLU C 289 -34.88 -43.11 30.30
CA GLU C 289 -34.10 -44.27 30.73
C GLU C 289 -33.03 -44.65 29.71
N ARG C 290 -33.27 -44.39 28.43
CA ARG C 290 -32.38 -44.84 27.36
C ARG C 290 -31.38 -43.79 26.93
N VAL C 291 -31.80 -42.52 26.80
CA VAL C 291 -30.99 -41.48 26.19
C VAL C 291 -30.82 -40.33 27.17
N ASP C 292 -29.96 -39.38 26.77
CA ASP C 292 -29.67 -38.20 27.55
C ASP C 292 -30.27 -36.97 26.86
N VAL C 293 -30.88 -36.10 27.65
CA VAL C 293 -31.53 -34.89 27.14
C VAL C 293 -30.72 -33.69 27.59
N VAL C 294 -30.33 -32.86 26.62
CA VAL C 294 -29.50 -31.67 26.87
C VAL C 294 -30.29 -30.44 26.44
N GLY C 295 -30.34 -29.43 27.32
CA GLY C 295 -31.05 -28.21 27.01
C GLY C 295 -30.32 -27.32 26.05
N GLY C 296 -31.05 -26.35 25.50
CA GLY C 296 -30.50 -25.44 24.53
C GLY C 296 -29.66 -24.35 25.18
N ASN C 297 -29.31 -23.36 24.35
CA ASN C 297 -28.42 -22.29 24.79
C ASN C 297 -29.08 -21.42 25.85
N VAL C 298 -28.33 -21.10 26.90
CA VAL C 298 -28.77 -20.19 27.94
C VAL C 298 -27.64 -19.21 28.23
N ALA C 299 -27.97 -18.14 28.96
CA ALA C 299 -26.99 -17.12 29.28
C ALA C 299 -27.08 -16.59 30.71
N THR C 300 -27.97 -17.11 31.54
CA THR C 300 -28.17 -16.59 32.89
C THR C 300 -28.33 -17.73 33.87
N ARG C 301 -28.28 -17.38 35.16
CA ARG C 301 -28.50 -18.38 36.21
C ARG C 301 -29.95 -18.86 36.23
N ALA C 302 -30.90 -17.95 35.98
CA ALA C 302 -32.31 -18.31 36.02
C ALA C 302 -32.65 -19.35 34.95
N ALA C 303 -32.13 -19.15 33.73
CA ALA C 303 -32.39 -20.11 32.66
C ALA C 303 -31.77 -21.47 32.98
N ALA C 304 -30.56 -21.49 33.55
CA ALA C 304 -29.95 -22.74 33.93
C ALA C 304 -30.76 -23.46 35.00
N ALA C 305 -31.25 -22.71 35.99
CA ALA C 305 -32.10 -23.30 37.03
C ALA C 305 -33.38 -23.86 36.43
N ALA C 306 -33.98 -23.13 35.47
CA ALA C 306 -35.19 -23.61 34.82
C ALA C 306 -34.93 -24.91 34.06
N LEU C 307 -33.82 -24.98 33.33
CA LEU C 307 -33.49 -26.20 32.61
C LEU C 307 -33.22 -27.36 33.57
N VAL C 308 -32.57 -27.08 34.69
CA VAL C 308 -32.31 -28.13 35.68
C VAL C 308 -33.62 -28.65 36.27
N GLU C 309 -34.52 -27.72 36.61
CA GLU C 309 -35.82 -28.14 37.15
C GLU C 309 -36.62 -28.92 36.13
N ALA C 310 -36.53 -28.55 34.85
CA ALA C 310 -37.22 -29.29 33.81
C ALA C 310 -36.69 -30.70 33.63
N GLY C 311 -35.50 -30.99 34.15
CA GLY C 311 -34.95 -32.33 34.11
C GLY C 311 -33.86 -32.57 33.09
N ALA C 312 -33.16 -31.54 32.64
CA ALA C 312 -32.09 -31.72 31.67
C ALA C 312 -30.90 -32.40 32.33
N ASP C 313 -30.22 -33.26 31.57
CA ASP C 313 -29.01 -33.90 32.04
C ASP C 313 -27.75 -33.09 31.72
N ALA C 314 -27.87 -32.02 30.94
CA ALA C 314 -26.76 -31.14 30.67
C ALA C 314 -27.32 -29.80 30.23
N VAL C 315 -26.54 -28.74 30.43
CA VAL C 315 -26.94 -27.38 30.09
C VAL C 315 -25.92 -26.81 29.12
N LYS C 316 -26.38 -26.34 27.97
CA LYS C 316 -25.54 -25.72 26.97
C LYS C 316 -25.63 -24.22 27.10
N VAL C 317 -24.48 -23.54 27.08
CA VAL C 317 -24.38 -22.15 27.50
C VAL C 317 -23.87 -21.30 26.33
N GLY C 318 -24.51 -20.15 26.13
CA GLY C 318 -24.02 -19.14 25.22
C GLY C 318 -25.08 -18.57 24.31
N VAL C 319 -25.25 -17.25 24.36
CA VAL C 319 -26.16 -16.52 23.48
C VAL C 319 -25.36 -15.35 22.91
N GLY C 320 -25.05 -15.40 21.62
CA GLY C 320 -24.19 -14.43 21.00
C GLY C 320 -22.85 -14.31 21.70
N PRO C 321 -22.15 -15.43 21.88
CA PRO C 321 -20.91 -15.39 22.68
C PRO C 321 -19.72 -14.77 21.96
N GLY C 322 -19.83 -14.55 20.65
CA GLY C 322 -18.74 -13.92 19.94
C GLY C 322 -18.71 -12.41 20.13
N SER C 323 -17.55 -11.82 19.83
CA SER C 323 -17.40 -10.38 19.98
C SER C 323 -18.24 -9.61 18.98
N ILE C 324 -18.31 -10.09 17.74
CA ILE C 324 -19.02 -9.39 16.68
C ILE C 324 -20.14 -10.26 16.12
N CYS C 325 -20.71 -11.12 16.97
CA CYS C 325 -21.77 -12.03 16.53
C CYS C 325 -22.94 -11.25 15.94
N THR C 326 -23.64 -11.88 14.99
CA THR C 326 -24.74 -11.21 14.30
C THR C 326 -25.86 -10.87 15.27
N THR C 327 -26.03 -11.65 16.34
CA THR C 327 -27.05 -11.34 17.34
C THR C 327 -26.77 -10.00 18.00
N ARG C 328 -25.49 -9.71 18.29
CA ARG C 328 -25.13 -8.44 18.92
C ARG C 328 -25.40 -7.26 18.01
N VAL C 329 -25.02 -7.37 16.74
CA VAL C 329 -25.19 -6.25 15.81
C VAL C 329 -26.65 -6.03 15.48
N VAL C 330 -27.38 -7.12 15.20
CA VAL C 330 -28.74 -6.99 14.71
C VAL C 330 -29.73 -6.81 15.86
N ALA C 331 -29.69 -7.72 16.83
CA ALA C 331 -30.66 -7.71 17.93
C ALA C 331 -30.17 -6.98 19.17
N GLY C 332 -28.88 -6.73 19.30
CA GLY C 332 -28.36 -6.11 20.50
C GLY C 332 -28.45 -6.98 21.74
N VAL C 333 -28.40 -8.29 21.57
CA VAL C 333 -28.59 -9.24 22.66
C VAL C 333 -27.37 -10.14 22.74
N GLY C 334 -26.89 -10.39 23.96
CA GLY C 334 -25.78 -11.29 24.16
C GLY C 334 -25.34 -11.28 25.60
N ALA C 335 -24.36 -12.13 25.88
CA ALA C 335 -23.79 -12.23 27.20
C ALA C 335 -22.34 -12.68 27.05
N PRO C 336 -21.39 -12.00 27.71
CA PRO C 336 -20.00 -12.47 27.65
C PRO C 336 -19.86 -13.88 28.21
N GLN C 337 -19.00 -14.66 27.58
CA GLN C 337 -19.02 -16.10 27.78
C GLN C 337 -18.54 -16.51 29.18
N ILE C 338 -17.50 -15.86 29.70
CA ILE C 338 -16.99 -16.25 31.02
C ILE C 338 -18.04 -15.99 32.10
N THR C 339 -18.67 -14.81 32.06
CA THR C 339 -19.70 -14.49 33.04
C THR C 339 -20.90 -15.42 32.91
N ALA C 340 -21.30 -15.72 31.67
CA ALA C 340 -22.42 -16.63 31.45
C ALA C 340 -22.12 -18.01 32.00
N ILE C 341 -20.91 -18.51 31.77
CA ILE C 341 -20.54 -19.82 32.29
C ILE C 341 -20.52 -19.82 33.81
N LEU C 342 -19.97 -18.75 34.42
CA LEU C 342 -19.94 -18.69 35.88
C LEU C 342 -21.35 -18.64 36.46
N GLU C 343 -22.27 -17.95 35.77
CA GLU C 343 -23.63 -17.86 36.27
C GLU C 343 -24.36 -19.19 36.12
N ALA C 344 -24.19 -19.86 34.98
CA ALA C 344 -24.89 -21.13 34.80
C ALA C 344 -24.31 -22.20 35.71
N VAL C 345 -23.00 -22.16 35.95
CA VAL C 345 -22.38 -23.12 36.87
C VAL C 345 -22.86 -22.89 38.28
N ALA C 346 -23.08 -21.63 38.68
CA ALA C 346 -23.55 -21.35 40.02
C ALA C 346 -24.93 -21.93 40.28
N ALA C 347 -25.65 -22.32 39.24
CA ALA C 347 -26.95 -22.97 39.38
C ALA C 347 -26.87 -24.47 39.14
N CYS C 348 -25.99 -24.92 38.26
CA CYS C 348 -25.94 -26.33 37.88
C CYS C 348 -25.05 -27.17 38.80
N LYS C 349 -24.06 -26.55 39.46
CA LYS C 349 -23.10 -27.33 40.25
C LYS C 349 -23.74 -28.08 41.41
N PRO C 350 -24.64 -27.50 42.22
CA PRO C 350 -25.21 -28.27 43.34
C PRO C 350 -25.97 -29.51 42.89
N TYR C 351 -26.52 -29.52 41.69
CA TYR C 351 -27.25 -30.67 41.18
C TYR C 351 -26.38 -31.59 40.31
N GLY C 352 -25.09 -31.27 40.18
CA GLY C 352 -24.20 -32.11 39.39
C GLY C 352 -24.48 -32.14 37.90
N VAL C 353 -25.27 -31.21 37.39
CA VAL C 353 -25.60 -31.18 35.97
C VAL C 353 -24.42 -30.56 35.21
N PRO C 354 -23.82 -31.27 34.26
CA PRO C 354 -22.70 -30.72 33.51
C PRO C 354 -23.12 -29.49 32.69
N VAL C 355 -22.16 -28.60 32.48
CA VAL C 355 -22.36 -27.38 31.69
C VAL C 355 -21.40 -27.42 30.51
N ILE C 356 -21.93 -27.16 29.32
CA ILE C 356 -21.15 -27.20 28.09
C ILE C 356 -20.97 -25.77 27.59
N ALA C 357 -19.73 -25.36 27.38
CA ALA C 357 -19.43 -24.05 26.83
C ALA C 357 -19.54 -24.11 25.32
N ASP C 358 -20.47 -23.33 24.76
CA ASP C 358 -20.79 -23.40 23.33
C ASP C 358 -20.51 -22.05 22.69
N GLY C 359 -19.53 -22.01 21.79
CA GLY C 359 -19.28 -20.82 21.00
C GLY C 359 -18.28 -19.88 21.63
N GLY C 360 -17.60 -19.12 20.78
CA GLY C 360 -16.65 -18.11 21.21
C GLY C 360 -15.22 -18.58 21.36
N LEU C 361 -14.95 -19.87 21.22
CA LEU C 361 -13.59 -20.38 21.39
C LEU C 361 -12.78 -20.13 20.12
N GLN C 362 -11.57 -19.58 20.30
CA GLN C 362 -10.66 -19.34 19.20
C GLN C 362 -9.32 -20.03 19.33
N TYR C 363 -8.90 -20.37 20.55
CA TYR C 363 -7.63 -21.04 20.78
C TYR C 363 -7.79 -22.06 21.90
N SER C 364 -6.75 -22.87 22.10
CA SER C 364 -6.77 -23.84 23.19
C SER C 364 -6.76 -23.15 24.54
N GLY C 365 -6.16 -21.97 24.63
CA GLY C 365 -6.24 -21.19 25.86
C GLY C 365 -7.67 -20.84 26.22
N ASP C 366 -8.50 -20.54 25.22
CA ASP C 366 -9.90 -20.26 25.48
C ASP C 366 -10.63 -21.51 25.99
N ILE C 367 -10.27 -22.69 25.48
CA ILE C 367 -10.84 -23.93 25.99
C ILE C 367 -10.43 -24.14 27.45
N ALA C 368 -9.17 -23.86 27.76
CA ALA C 368 -8.71 -23.97 29.14
C ALA C 368 -9.45 -23.00 30.05
N LYS C 369 -9.66 -21.77 29.60
CA LYS C 369 -10.40 -20.79 30.39
C LYS C 369 -11.84 -21.23 30.59
N ALA C 370 -12.48 -21.76 29.54
CA ALA C 370 -13.87 -22.21 29.66
C ALA C 370 -13.98 -23.36 30.65
N LEU C 371 -13.05 -24.31 30.60
CA LEU C 371 -13.09 -25.42 31.56
C LEU C 371 -12.77 -24.95 32.97
N ALA C 372 -11.91 -23.94 33.11
CA ALA C 372 -11.56 -23.44 34.44
C ALA C 372 -12.69 -22.62 35.04
N ALA C 373 -13.54 -22.02 34.20
CA ALA C 373 -14.65 -21.22 34.72
C ALA C 373 -15.75 -22.09 35.31
N GLY C 374 -15.76 -23.39 35.03
CA GLY C 374 -16.77 -24.26 35.59
C GLY C 374 -17.38 -25.24 34.60
N ALA C 375 -17.19 -24.98 33.30
CA ALA C 375 -17.76 -25.88 32.30
C ALA C 375 -17.02 -27.21 32.31
N SER C 376 -17.73 -28.25 31.85
CA SER C 376 -17.16 -29.60 31.81
C SER C 376 -16.81 -30.05 30.40
N THR C 377 -17.32 -29.38 29.37
CA THR C 377 -17.07 -29.75 27.99
C THR C 377 -17.12 -28.50 27.15
N ALA C 378 -16.35 -28.48 26.06
CA ALA C 378 -16.27 -27.33 25.18
C ALA C 378 -16.72 -27.72 23.78
N MET C 379 -17.69 -26.97 23.25
CA MET C 379 -18.21 -27.19 21.91
C MET C 379 -17.46 -26.28 20.94
N LEU C 380 -16.85 -26.87 19.91
CA LEU C 380 -15.79 -26.17 19.18
C LEU C 380 -16.31 -25.34 18.02
N GLY C 381 -16.95 -25.98 17.03
CA GLY C 381 -17.55 -25.23 15.94
C GLY C 381 -16.57 -24.81 14.86
N SER C 382 -16.24 -23.52 14.83
CA SER C 382 -15.44 -22.96 13.76
C SER C 382 -14.03 -23.54 13.74
N LEU C 383 -13.54 -24.03 14.88
CA LEU C 383 -12.22 -24.66 14.91
C LEU C 383 -12.19 -25.95 14.10
N LEU C 384 -13.35 -26.56 13.86
CA LEU C 384 -13.44 -27.81 13.11
C LEU C 384 -14.09 -27.62 11.74
N ALA C 385 -14.37 -26.38 11.35
CA ALA C 385 -15.06 -26.14 10.08
C ALA C 385 -14.18 -26.50 8.90
N GLY C 386 -12.89 -26.17 8.96
CA GLY C 386 -11.98 -26.39 7.86
C GLY C 386 -11.30 -27.74 7.83
N THR C 387 -11.68 -28.66 8.71
CA THR C 387 -11.04 -29.96 8.75
C THR C 387 -11.54 -30.85 7.61
N ALA C 388 -10.80 -31.93 7.36
CA ALA C 388 -11.12 -32.81 6.24
C ALA C 388 -12.45 -33.51 6.44
N GLU C 389 -12.75 -33.94 7.68
CA GLU C 389 -13.96 -34.69 7.94
C GLU C 389 -15.22 -33.84 7.89
N SER C 390 -15.10 -32.53 7.81
CA SER C 390 -16.27 -31.68 7.71
C SER C 390 -16.91 -31.84 6.33
N PRO C 391 -18.22 -31.59 6.22
CA PRO C 391 -18.88 -31.73 4.93
C PRO C 391 -18.40 -30.70 3.93
N GLY C 392 -18.56 -31.04 2.64
CA GLY C 392 -18.15 -30.16 1.57
C GLY C 392 -16.95 -30.68 0.79
N GLU C 393 -17.08 -30.74 -0.53
CA GLU C 393 -16.00 -31.26 -1.35
C GLU C 393 -14.81 -30.30 -1.33
N LEU C 394 -13.61 -30.86 -1.22
CA LEU C 394 -12.40 -30.05 -1.23
C LEU C 394 -12.10 -29.62 -2.66
N ILE C 395 -11.99 -28.31 -2.88
CA ILE C 395 -11.73 -27.77 -4.21
C ILE C 395 -10.61 -26.74 -4.13
N PHE C 396 -10.00 -26.49 -5.28
CA PHE C 396 -8.95 -25.50 -5.44
C PHE C 396 -9.50 -24.33 -6.23
N VAL C 397 -9.50 -23.15 -5.63
CA VAL C 397 -9.98 -21.92 -6.26
C VAL C 397 -8.85 -20.89 -6.19
N ASN C 398 -8.40 -20.43 -7.35
CA ASN C 398 -7.39 -19.36 -7.45
C ASN C 398 -6.15 -19.70 -6.64
N GLY C 399 -5.75 -20.97 -6.65
CA GLY C 399 -4.58 -21.39 -5.92
C GLY C 399 -4.75 -21.52 -4.43
N LYS C 400 -5.97 -21.64 -3.93
CA LYS C 400 -6.23 -21.80 -2.51
C LYS C 400 -7.22 -22.93 -2.30
N GLN C 401 -7.18 -23.52 -1.11
CA GLN C 401 -8.05 -24.66 -0.80
C GLN C 401 -9.31 -24.18 -0.08
N PHE C 402 -10.46 -24.66 -0.54
CA PHE C 402 -11.75 -24.31 0.06
C PHE C 402 -12.67 -25.52 -0.04
N LYS C 403 -13.85 -25.40 0.57
CA LYS C 403 -14.85 -26.46 0.56
C LYS C 403 -16.12 -25.98 -0.13
N SER C 404 -16.71 -26.86 -0.92
CA SER C 404 -17.84 -26.53 -1.78
C SER C 404 -19.06 -27.36 -1.38
N TYR C 405 -20.24 -26.74 -1.47
CA TYR C 405 -21.49 -27.43 -1.20
C TYR C 405 -22.44 -27.31 -2.38
N TYR C 428 -35.91 -25.50 4.87
CA TYR C 428 -37.20 -25.91 5.43
C TYR C 428 -37.06 -26.28 6.89
N PHE C 429 -35.98 -26.99 7.21
CA PHE C 429 -35.76 -27.51 8.56
C PHE C 429 -35.07 -26.52 9.48
N GLN C 430 -34.60 -25.39 8.95
CA GLN C 430 -34.09 -24.30 9.78
C GLN C 430 -35.25 -23.44 10.26
N ASP C 431 -36.03 -24.03 11.16
CA ASP C 431 -37.28 -23.43 11.63
C ASP C 431 -37.10 -22.58 12.88
N ASP C 432 -35.86 -22.39 13.33
CA ASP C 432 -35.61 -21.60 14.53
C ASP C 432 -36.01 -20.15 14.27
N VAL C 433 -36.88 -19.62 15.13
CA VAL C 433 -37.38 -18.26 14.95
C VAL C 433 -36.31 -17.22 15.29
N LEU C 434 -35.43 -17.52 16.24
CA LEU C 434 -34.44 -16.56 16.71
C LEU C 434 -33.04 -16.85 16.20
N SER C 435 -32.89 -17.74 15.22
CA SER C 435 -31.58 -18.05 14.68
C SER C 435 -31.03 -16.88 13.88
N GLU C 436 -29.70 -16.87 13.70
CA GLU C 436 -29.07 -15.83 12.90
C GLU C 436 -29.63 -15.82 11.48
N ASP C 437 -29.92 -17.00 10.93
CA ASP C 437 -30.49 -17.08 9.58
C ASP C 437 -31.78 -16.28 9.49
N LYS C 438 -32.64 -16.38 10.50
CA LYS C 438 -33.85 -15.56 10.53
C LYS C 438 -33.53 -14.09 10.75
N LEU C 439 -32.33 -13.76 11.23
CA LEU C 439 -31.94 -12.39 11.52
C LEU C 439 -31.14 -11.75 10.39
N VAL C 440 -30.27 -12.51 9.73
CA VAL C 440 -29.45 -11.98 8.66
C VAL C 440 -30.19 -12.07 7.33
N VAL C 448 -16.12 -22.43 2.63
CA VAL C 448 -15.37 -22.41 3.89
C VAL C 448 -13.95 -22.94 3.65
N PRO C 449 -12.98 -22.39 4.41
CA PRO C 449 -11.58 -22.74 4.15
C PRO C 449 -11.20 -24.16 4.52
N PHE C 450 -9.92 -24.49 4.37
CA PHE C 450 -9.37 -25.79 4.73
C PHE C 450 -8.36 -25.62 5.87
N ARG C 451 -8.30 -26.63 6.74
CA ARG C 451 -7.41 -26.55 7.90
C ARG C 451 -6.63 -27.84 8.16
N GLY C 452 -6.76 -28.87 7.33
CA GLY C 452 -6.01 -30.08 7.50
C GLY C 452 -6.81 -31.18 8.15
N PRO C 453 -6.14 -32.26 8.57
CA PRO C 453 -6.84 -33.35 9.24
C PRO C 453 -7.30 -32.97 10.63
N LEU C 454 -8.33 -33.68 11.10
CA LEU C 454 -8.90 -33.40 12.42
C LEU C 454 -7.99 -33.87 13.55
N GLY C 455 -7.24 -34.96 13.32
CA GLY C 455 -6.41 -35.51 14.38
C GLY C 455 -5.38 -34.54 14.90
N THR C 456 -4.70 -33.82 14.00
CA THR C 456 -3.70 -32.85 14.44
C THR C 456 -4.34 -31.66 15.16
N VAL C 457 -5.53 -31.25 14.74
CA VAL C 457 -6.23 -30.17 15.43
C VAL C 457 -6.56 -30.57 16.85
N ILE C 458 -7.13 -31.78 17.01
CA ILE C 458 -7.48 -32.24 18.36
C ILE C 458 -6.23 -32.44 19.20
N HIS C 459 -5.14 -32.91 18.57
CA HIS C 459 -3.89 -33.09 19.30
C HIS C 459 -3.35 -31.75 19.80
N GLN C 460 -3.40 -30.72 18.96
CA GLN C 460 -2.91 -29.41 19.39
C GLN C 460 -3.78 -28.82 20.50
N LEU C 461 -5.10 -28.96 20.38
CA LEU C 461 -5.99 -28.47 21.44
C LEU C 461 -5.74 -29.20 22.74
N THR C 462 -5.56 -30.52 22.69
CA THR C 462 -5.31 -31.28 23.90
C THR C 462 -3.95 -30.94 24.50
N GLY C 463 -2.96 -30.66 23.65
CA GLY C 463 -1.66 -30.23 24.16
C GLY C 463 -1.73 -28.90 24.87
N GLY C 464 -2.47 -27.95 24.29
CA GLY C 464 -2.69 -26.68 24.98
C GLY C 464 -3.39 -26.85 26.31
N LEU C 465 -4.44 -27.68 26.34
CA LEU C 465 -5.15 -27.93 27.58
C LEU C 465 -4.25 -28.59 28.62
N ARG C 466 -3.39 -29.52 28.18
CA ARG C 466 -2.48 -30.18 29.10
C ARG C 466 -1.45 -29.21 29.65
N ALA C 467 -0.96 -28.29 28.80
CA ALA C 467 -0.05 -27.26 29.28
C ALA C 467 -0.71 -26.38 30.33
N ALA C 468 -1.97 -26.00 30.10
CA ALA C 468 -2.71 -25.21 31.08
C ALA C 468 -2.89 -25.99 32.39
N MET C 469 -3.20 -27.28 32.30
CA MET C 469 -3.35 -28.10 33.49
C MET C 469 -2.04 -28.20 34.26
N GLY C 470 -0.92 -28.33 33.55
CA GLY C 470 0.36 -28.34 34.22
C GLY C 470 0.68 -27.02 34.90
N TYR C 471 0.37 -25.90 34.23
CA TYR C 471 0.64 -24.59 34.81
C TYR C 471 -0.20 -24.35 36.06
N THR C 472 -1.48 -24.75 36.04
CA THR C 472 -2.36 -24.50 37.18
C THR C 472 -2.26 -25.58 38.25
N GLY C 473 -1.44 -26.62 38.05
CA GLY C 473 -1.33 -27.68 39.03
C GLY C 473 -2.59 -28.51 39.20
N SER C 474 -3.30 -28.79 38.11
CA SER C 474 -4.54 -29.54 38.15
C SER C 474 -4.29 -30.90 37.49
N ALA C 475 -4.49 -31.98 38.27
CA ALA C 475 -4.34 -33.31 37.73
C ALA C 475 -5.53 -33.73 36.88
N THR C 476 -6.73 -33.26 37.22
CA THR C 476 -7.95 -33.62 36.50
C THR C 476 -8.72 -32.35 36.16
N ILE C 477 -9.70 -32.50 35.27
CA ILE C 477 -10.56 -31.37 34.89
C ILE C 477 -11.35 -30.88 36.10
N GLU C 478 -11.75 -31.79 36.98
CA GLU C 478 -12.45 -31.39 38.20
C GLU C 478 -11.55 -30.56 39.10
N GLN C 479 -10.23 -30.67 38.95
CA GLN C 479 -9.30 -29.80 39.65
C GLN C 479 -9.00 -28.53 38.87
N LEU C 480 -9.07 -28.61 37.53
CA LEU C 480 -8.93 -27.43 36.71
C LEU C 480 -10.07 -26.46 36.92
N GLN C 481 -11.25 -26.97 37.29
CA GLN C 481 -12.42 -26.13 37.51
C GLN C 481 -12.30 -25.25 38.75
N GLN C 482 -11.29 -25.47 39.59
CA GLN C 482 -11.06 -24.65 40.77
C GLN C 482 -9.96 -23.61 40.55
N ALA C 483 -9.46 -23.48 39.32
CA ALA C 483 -8.41 -22.51 39.04
C ALA C 483 -8.96 -21.08 39.17
N GLN C 484 -8.03 -20.14 39.36
CA GLN C 484 -8.38 -18.74 39.54
C GLN C 484 -8.00 -17.94 38.30
N PHE C 485 -8.63 -16.77 38.17
CA PHE C 485 -8.40 -15.88 37.05
C PHE C 485 -7.77 -14.58 37.52
N VAL C 486 -6.98 -13.98 36.63
CA VAL C 486 -6.49 -12.61 36.78
C VAL C 486 -7.11 -11.80 35.66
N GLN C 487 -7.67 -10.64 36.00
CA GLN C 487 -8.34 -9.79 35.03
C GLN C 487 -7.37 -8.74 34.51
N ILE C 488 -7.21 -8.68 33.19
CA ILE C 488 -6.26 -7.78 32.56
C ILE C 488 -7.00 -6.58 31.99
N THR C 489 -6.29 -5.47 31.88
CA THR C 489 -6.83 -4.22 31.38
C THR C 489 -6.72 -4.17 29.85
N ALA C 490 -7.21 -3.07 29.27
CA ALA C 490 -7.19 -2.93 27.82
C ALA C 490 -5.77 -2.82 27.26
N ALA C 491 -4.80 -2.47 28.10
CA ALA C 491 -3.42 -2.34 27.64
C ALA C 491 -2.77 -3.70 27.38
N GLY C 492 -3.30 -4.77 27.99
CA GLY C 492 -2.74 -6.10 27.81
C GLY C 492 -3.08 -6.75 26.49
N LEU C 493 -4.11 -6.26 25.80
CA LEU C 493 -4.52 -6.85 24.53
C LEU C 493 -3.66 -6.39 23.35
N LYS C 494 -2.83 -5.37 23.54
CA LYS C 494 -2.06 -4.81 22.44
C LYS C 494 -1.00 -5.79 21.95
N VAL D 12 -10.54 12.79 51.64
CA VAL D 12 -10.95 14.03 50.98
C VAL D 12 -10.53 14.08 49.49
N PRO D 13 -9.27 13.76 49.16
CA PRO D 13 -8.87 13.79 47.74
C PRO D 13 -9.69 12.82 46.91
N VAL D 14 -9.99 13.23 45.68
CA VAL D 14 -10.74 12.42 44.72
C VAL D 14 -9.75 11.56 43.95
N PRO D 15 -10.08 10.30 43.64
CA PRO D 15 -9.13 9.46 42.91
C PRO D 15 -8.71 10.01 41.55
N THR D 16 -9.58 10.75 40.87
CA THR D 16 -9.25 11.29 39.57
C THR D 16 -8.66 12.70 39.64
N GLY D 17 -8.49 13.26 40.84
CA GLY D 17 -7.90 14.57 40.98
C GLY D 17 -8.82 15.60 41.62
N GLY D 18 -8.24 16.54 42.36
CA GLY D 18 -9.02 17.58 42.99
C GLY D 18 -9.62 17.15 44.31
N ASP D 19 -10.36 18.07 44.91
CA ASP D 19 -11.08 17.81 46.15
C ASP D 19 -12.58 17.81 45.98
N ASP D 20 -13.09 17.98 44.75
CA ASP D 20 -14.52 17.98 44.51
C ASP D 20 -14.93 16.63 43.94
N PRO D 21 -15.72 15.83 44.65
CA PRO D 21 -16.15 14.53 44.10
C PRO D 21 -17.16 14.64 42.98
N THR D 22 -17.78 15.81 42.78
CA THR D 22 -18.78 15.98 41.74
C THR D 22 -18.24 16.70 40.50
N LYS D 23 -16.93 16.93 40.43
CA LYS D 23 -16.36 17.54 39.23
C LYS D 23 -16.57 16.63 38.02
N VAL D 24 -16.33 15.33 38.19
CA VAL D 24 -16.71 14.32 37.21
C VAL D 24 -18.04 13.75 37.70
N ALA D 25 -19.14 14.28 37.15
CA ALA D 25 -20.45 14.01 37.72
C ALA D 25 -20.81 12.53 37.65
N MET D 26 -20.58 11.90 36.50
CA MET D 26 -21.02 10.52 36.31
C MET D 26 -20.20 9.87 35.23
N LEU D 27 -20.30 8.55 35.15
CA LEU D 27 -19.74 7.76 34.06
C LEU D 27 -20.81 7.54 33.00
N GLY D 28 -20.44 7.73 31.74
CA GLY D 28 -21.38 7.69 30.63
C GLY D 28 -21.22 6.44 29.79
N LEU D 29 -22.35 5.82 29.45
CA LEU D 29 -22.38 4.60 28.66
C LEU D 29 -22.95 4.90 27.28
N THR D 30 -22.30 4.36 26.26
CA THR D 30 -22.79 4.46 24.89
C THR D 30 -23.47 3.14 24.51
N PHE D 31 -23.87 3.03 23.24
CA PHE D 31 -24.56 1.81 22.79
C PHE D 31 -23.62 0.62 22.73
N ASP D 32 -22.32 0.84 22.52
CA ASP D 32 -21.38 -0.26 22.42
C ASP D 32 -21.00 -0.83 23.79
N ASP D 33 -21.27 -0.10 24.88
CA ASP D 33 -20.87 -0.54 26.21
C ASP D 33 -21.85 -1.52 26.83
N VAL D 34 -23.03 -1.72 26.24
CA VAL D 34 -24.07 -2.53 26.87
C VAL D 34 -24.63 -3.51 25.85
N LEU D 35 -25.21 -4.59 26.39
CA LEU D 35 -25.95 -5.56 25.60
C LEU D 35 -27.21 -5.95 26.37
N LEU D 36 -28.21 -6.41 25.63
CA LEU D 36 -29.46 -6.82 26.25
C LEU D 36 -29.36 -8.25 26.77
N LEU D 37 -29.73 -8.44 28.02
CA LEU D 37 -29.68 -9.77 28.63
C LEU D 37 -30.93 -10.57 28.26
N PRO D 38 -30.79 -11.82 27.85
CA PRO D 38 -31.97 -12.66 27.63
C PRO D 38 -32.70 -12.89 28.95
N ALA D 39 -34.02 -13.08 28.84
CA ALA D 39 -34.86 -13.30 30.00
C ALA D 39 -35.93 -14.33 29.65
N ALA D 40 -36.77 -14.65 30.63
CA ALA D 40 -37.86 -15.59 30.41
C ALA D 40 -38.77 -15.08 29.30
N SER D 41 -38.97 -15.89 28.28
CA SER D 41 -39.63 -15.47 27.06
C SER D 41 -40.69 -16.48 26.65
N ASP D 42 -41.84 -15.97 26.21
CA ASP D 42 -42.86 -16.79 25.56
C ASP D 42 -43.46 -16.05 24.37
N VAL D 43 -42.66 -15.18 23.74
CA VAL D 43 -43.13 -14.32 22.66
C VAL D 43 -42.35 -14.68 21.40
N VAL D 44 -43.06 -15.11 20.37
CA VAL D 44 -42.44 -15.35 19.07
C VAL D 44 -42.26 -13.99 18.39
N PRO D 45 -41.24 -13.81 17.57
CA PRO D 45 -41.01 -12.49 16.95
C PRO D 45 -42.17 -11.98 16.11
N ALA D 46 -42.89 -12.88 15.42
CA ALA D 46 -43.90 -12.44 14.47
C ALA D 46 -45.17 -11.91 15.14
N THR D 47 -45.35 -12.11 16.44
CA THR D 47 -46.53 -11.63 17.15
C THR D 47 -46.19 -10.52 18.15
N ALA D 48 -44.98 -10.00 18.13
CA ALA D 48 -44.62 -8.91 19.04
C ALA D 48 -45.26 -7.61 18.59
N ASP D 49 -45.70 -6.81 19.55
CA ASP D 49 -46.32 -5.52 19.26
C ASP D 49 -45.25 -4.44 19.32
N THR D 50 -44.99 -3.79 18.19
CA THR D 50 -43.99 -2.74 18.11
C THR D 50 -44.60 -1.34 18.20
N SER D 51 -45.89 -1.22 18.54
CA SER D 51 -46.50 0.09 18.65
C SER D 51 -46.00 0.80 19.89
N SER D 52 -45.81 2.11 19.77
CA SER D 52 -45.30 2.90 20.89
C SER D 52 -45.73 4.34 20.74
N GLN D 53 -45.89 5.01 21.89
CA GLN D 53 -46.30 6.41 21.89
C GLN D 53 -45.20 7.30 21.30
N LEU D 54 -45.58 8.17 20.38
CA LEU D 54 -44.68 9.23 19.94
C LEU D 54 -44.80 10.46 20.84
N THR D 55 -46.04 10.87 21.13
CA THR D 55 -46.32 11.90 22.11
C THR D 55 -47.36 11.37 23.09
N LYS D 56 -47.87 12.23 23.98
CA LYS D 56 -48.91 11.80 24.90
C LYS D 56 -50.25 11.57 24.20
N ARG D 57 -50.38 11.97 22.93
CA ARG D 57 -51.63 11.86 22.20
C ARG D 57 -51.52 11.11 20.88
N ILE D 58 -50.32 10.90 20.35
CA ILE D 58 -50.11 10.25 19.06
C ILE D 58 -49.33 8.96 19.29
N ARG D 59 -49.89 7.84 18.85
CA ARG D 59 -49.27 6.53 19.00
C ARG D 59 -48.92 5.99 17.61
N LEU D 60 -47.64 5.68 17.42
CA LEU D 60 -47.17 5.11 16.16
C LEU D 60 -47.18 3.59 16.25
N ARG D 61 -47.33 2.95 15.09
CA ARG D 61 -47.26 1.49 15.01
C ARG D 61 -45.84 0.99 14.82
N VAL D 62 -44.95 1.82 14.26
CA VAL D 62 -43.53 1.51 14.18
C VAL D 62 -42.79 2.68 14.81
N PRO D 63 -41.96 2.47 15.83
CA PRO D 63 -41.37 3.58 16.59
C PRO D 63 -40.11 4.15 15.93
N LEU D 64 -40.26 4.66 14.71
CA LEU D 64 -39.16 5.29 14.00
C LEU D 64 -39.62 6.62 13.42
N VAL D 65 -38.74 7.62 13.46
CA VAL D 65 -39.03 8.97 12.98
C VAL D 65 -37.81 9.48 12.24
N SER D 66 -38.04 10.16 11.12
CA SER D 66 -36.93 10.76 10.38
C SER D 66 -36.44 12.02 11.10
N SER D 67 -35.24 12.47 10.74
CA SER D 67 -34.47 13.36 11.59
C SER D 67 -34.53 14.82 11.17
N ALA D 68 -35.48 15.20 10.32
CA ALA D 68 -35.74 16.61 9.99
C ALA D 68 -34.49 17.33 9.50
N MET D 69 -33.78 16.72 8.55
CA MET D 69 -32.61 17.34 7.95
C MET D 69 -32.84 17.54 6.46
N ASP D 70 -32.18 18.57 5.91
CA ASP D 70 -32.33 18.90 4.50
C ASP D 70 -31.83 17.81 3.57
N THR D 71 -30.97 16.92 4.05
CA THR D 71 -30.51 15.78 3.27
C THR D 71 -31.25 14.50 3.61
N VAL D 72 -32.29 14.56 4.44
CA VAL D 72 -32.97 13.37 4.89
C VAL D 72 -34.46 13.41 4.56
N THR D 73 -35.18 14.41 5.08
CA THR D 73 -36.64 14.39 5.08
C THR D 73 -37.20 15.53 4.24
N GLU D 74 -38.04 15.17 3.26
CA GLU D 74 -38.90 16.10 2.56
C GLU D 74 -40.28 15.45 2.42
N SER D 75 -41.14 16.04 1.59
CA SER D 75 -42.51 15.56 1.46
C SER D 75 -42.56 14.10 1.01
N ARG D 76 -41.72 13.72 0.05
CA ARG D 76 -41.66 12.33 -0.38
C ARG D 76 -41.24 11.42 0.76
N MET D 77 -40.17 11.80 1.47
CA MET D 77 -39.71 11.00 2.60
C MET D 77 -40.75 10.93 3.70
N ALA D 78 -41.41 12.06 3.98
CA ALA D 78 -42.44 12.08 5.02
C ALA D 78 -43.60 11.15 4.66
N ILE D 79 -44.04 11.19 3.39
CA ILE D 79 -45.13 10.33 2.96
C ILE D 79 -44.72 8.86 3.08
N ALA D 80 -43.51 8.53 2.63
CA ALA D 80 -43.06 7.14 2.72
C ALA D 80 -42.97 6.68 4.17
N MET D 81 -42.45 7.52 5.06
CA MET D 81 -42.34 7.16 6.46
C MET D 81 -43.71 6.97 7.10
N ALA D 82 -44.66 7.86 6.78
CA ALA D 82 -46.00 7.73 7.34
C ALA D 82 -46.68 6.47 6.84
N ARG D 83 -46.45 6.11 5.57
CA ARG D 83 -47.01 4.87 5.05
C ARG D 83 -46.39 3.65 5.72
N ALA D 84 -45.09 3.69 5.99
CA ALA D 84 -44.40 2.54 6.55
C ALA D 84 -44.77 2.26 8.00
N GLY D 85 -45.42 3.20 8.68
CA GLY D 85 -45.81 3.03 10.07
C GLY D 85 -45.25 4.05 11.03
N GLY D 86 -44.28 4.85 10.62
CA GLY D 86 -43.70 5.89 11.45
C GLY D 86 -44.22 7.26 11.10
N MET D 87 -43.33 8.25 11.21
CA MET D 87 -43.68 9.63 10.88
C MET D 87 -42.41 10.35 10.46
N GLY D 88 -42.55 11.27 9.51
CA GLY D 88 -41.45 12.11 9.08
C GLY D 88 -41.63 13.53 9.60
N VAL D 89 -40.51 14.20 9.87
CA VAL D 89 -40.50 15.57 10.34
C VAL D 89 -39.81 16.41 9.27
N LEU D 90 -40.54 17.39 8.74
CA LEU D 90 -40.01 18.19 7.64
C LEU D 90 -38.99 19.21 8.16
N HIS D 91 -37.85 19.29 7.47
CA HIS D 91 -36.79 20.18 7.90
C HIS D 91 -37.15 21.63 7.61
N ARG D 92 -36.50 22.54 8.34
CA ARG D 92 -36.83 23.95 8.30
C ARG D 92 -35.77 24.80 7.60
N ASN D 93 -34.89 24.17 6.82
CA ASN D 93 -33.97 24.93 5.98
C ASN D 93 -34.66 25.36 4.69
N LEU D 94 -35.83 25.97 4.81
CA LEU D 94 -36.67 26.31 3.68
C LEU D 94 -37.38 27.62 3.99
N PRO D 95 -37.85 28.33 2.97
CA PRO D 95 -38.80 29.42 3.21
C PRO D 95 -40.09 28.88 3.79
N VAL D 96 -40.77 29.72 4.57
CA VAL D 96 -41.97 29.28 5.28
C VAL D 96 -43.02 28.77 4.31
N ALA D 97 -43.17 29.45 3.17
CA ALA D 97 -44.16 29.03 2.18
C ALA D 97 -43.86 27.64 1.63
N GLU D 98 -42.59 27.35 1.36
CA GLU D 98 -42.23 26.03 0.85
C GLU D 98 -42.50 24.94 1.86
N GLN D 99 -42.17 25.18 3.13
CA GLN D 99 -42.42 24.17 4.16
C GLN D 99 -43.92 23.95 4.36
N ALA D 100 -44.71 25.03 4.34
CA ALA D 100 -46.16 24.88 4.43
C ALA D 100 -46.71 24.12 3.23
N GLY D 101 -46.18 24.38 2.03
CA GLY D 101 -46.61 23.63 0.87
C GLY D 101 -46.27 22.16 0.95
N GLN D 102 -45.10 21.84 1.51
CA GLN D 102 -44.75 20.44 1.72
C GLN D 102 -45.66 19.78 2.74
N VAL D 103 -46.01 20.49 3.81
CA VAL D 103 -46.97 19.95 4.77
C VAL D 103 -48.30 19.68 4.10
N GLU D 104 -48.77 20.62 3.27
CA GLU D 104 -50.02 20.43 2.57
C GLU D 104 -49.95 19.23 1.62
N THR D 105 -48.82 19.09 0.91
CA THR D 105 -48.64 17.96 0.01
C THR D 105 -48.70 16.63 0.76
N VAL D 106 -48.05 16.55 1.92
CA VAL D 106 -48.10 15.33 2.71
C VAL D 106 -49.52 15.06 3.19
N LYS D 107 -50.22 16.11 3.66
CA LYS D 107 -51.59 15.92 4.14
C LYS D 107 -52.52 15.52 3.00
N ARG D 108 -52.34 16.11 1.81
CA ARG D 108 -53.22 15.85 0.67
C ARG D 108 -52.82 14.53 0.03
N SER D 109 -53.32 13.44 0.61
CA SER D 109 -53.06 12.11 0.08
C SER D 109 -54.08 11.10 0.62
N THR D 223 -56.86 -0.67 1.24
CA THR D 223 -55.52 -0.24 1.59
C THR D 223 -54.69 -1.39 2.15
N GLU D 224 -54.50 -2.43 1.34
CA GLU D 224 -53.72 -3.59 1.75
C GLU D 224 -52.23 -3.43 1.44
N GLN D 225 -51.84 -2.40 0.70
CA GLN D 225 -50.41 -2.16 0.45
C GLN D 225 -49.72 -1.55 1.67
N PHE D 226 -50.42 -0.68 2.41
CA PHE D 226 -49.86 -0.02 3.58
C PHE D 226 -50.83 -0.16 4.76
N PRO D 227 -50.95 -1.36 5.32
CA PRO D 227 -51.84 -1.55 6.47
C PRO D 227 -51.42 -0.76 7.70
N LEU D 228 -50.12 -0.50 7.88
CA LEU D 228 -49.57 0.10 9.08
C LEU D 228 -49.58 1.62 9.04
N SER D 229 -50.31 2.23 8.10
CA SER D 229 -50.26 3.68 7.94
C SER D 229 -50.74 4.39 9.21
N THR D 230 -50.07 5.49 9.53
CA THR D 230 -50.44 6.33 10.66
C THR D 230 -51.26 7.51 10.15
N LYS D 231 -52.46 7.68 10.70
CA LYS D 231 -53.42 8.65 10.18
C LYS D 231 -54.02 9.44 11.33
N ASP D 232 -54.60 10.59 10.98
CA ASP D 232 -55.26 11.47 11.94
C ASP D 232 -56.74 11.12 12.04
N SER D 233 -57.51 11.98 12.71
CA SER D 233 -58.94 11.78 12.82
C SER D 233 -59.64 11.84 11.47
N ASP D 234 -59.15 12.69 10.57
CA ASP D 234 -59.74 12.85 9.25
C ASP D 234 -59.28 11.80 8.25
N GLY D 235 -58.41 10.88 8.66
CA GLY D 235 -57.91 9.86 7.77
C GLY D 235 -56.75 10.26 6.87
N ARG D 236 -56.16 11.43 7.11
CA ARG D 236 -54.98 11.85 6.36
C ARG D 236 -53.71 11.43 7.08
N LEU D 237 -52.60 11.45 6.35
CA LEU D 237 -51.32 11.04 6.92
C LEU D 237 -50.83 12.07 7.94
N LEU D 238 -50.06 11.60 8.90
CA LEU D 238 -49.46 12.47 9.91
C LEU D 238 -48.10 12.97 9.44
N VAL D 239 -47.79 14.20 9.84
CA VAL D 239 -46.53 14.84 9.46
C VAL D 239 -46.19 15.89 10.51
N GLY D 240 -44.89 16.05 10.75
CA GLY D 240 -44.42 17.06 11.67
C GLY D 240 -43.46 18.03 11.00
N ALA D 241 -43.30 19.21 11.58
CA ALA D 241 -42.41 20.22 11.03
C ALA D 241 -41.57 20.81 12.14
N ALA D 242 -40.30 21.06 11.84
CA ALA D 242 -39.38 21.63 12.81
C ALA D 242 -39.37 23.15 12.70
N VAL D 243 -39.30 23.82 13.86
CA VAL D 243 -39.24 25.27 13.93
C VAL D 243 -38.04 25.64 14.79
N GLY D 244 -37.56 26.86 14.61
CA GLY D 244 -36.42 27.38 15.35
C GLY D 244 -36.84 28.17 16.56
N VAL D 245 -36.04 29.19 16.88
CA VAL D 245 -36.31 30.09 18.00
C VAL D 245 -36.26 31.52 17.50
N GLY D 246 -37.27 32.31 17.84
CA GLY D 246 -37.35 33.69 17.44
C GLY D 246 -38.74 34.04 16.93
N ASP D 247 -38.87 35.30 16.48
CA ASP D 247 -40.15 35.77 15.97
C ASP D 247 -40.45 35.16 14.61
N ASP D 248 -39.44 35.06 13.75
CA ASP D 248 -39.60 34.34 12.49
C ASP D 248 -39.99 32.88 12.75
N ALA D 249 -39.45 32.28 13.81
CA ALA D 249 -39.87 30.95 14.20
C ALA D 249 -41.34 30.92 14.59
N TRP D 250 -41.81 31.96 15.29
CA TRP D 250 -43.23 32.01 15.67
C TRP D 250 -44.13 32.11 14.45
N THR D 251 -43.79 33.00 13.51
CA THR D 251 -44.64 33.13 12.32
C THR D 251 -44.59 31.87 11.46
N ARG D 252 -43.42 31.23 11.39
CA ARG D 252 -43.33 29.96 10.67
C ARG D 252 -44.19 28.89 11.32
N ALA D 253 -44.16 28.82 12.65
CA ALA D 253 -44.96 27.83 13.37
C ALA D 253 -46.44 28.06 13.15
N MET D 254 -46.88 29.33 13.20
CA MET D 254 -48.29 29.61 12.98
C MET D 254 -48.71 29.29 11.55
N THR D 255 -47.86 29.61 10.57
CA THR D 255 -48.17 29.29 9.19
C THR D 255 -48.25 27.78 8.98
N LEU D 256 -47.37 27.03 9.62
CA LEU D 256 -47.40 25.57 9.49
C LEU D 256 -48.61 24.98 10.20
N VAL D 257 -49.04 25.58 11.32
CA VAL D 257 -50.27 25.14 11.98
C VAL D 257 -51.46 25.36 11.07
N ASP D 258 -51.51 26.52 10.40
CA ASP D 258 -52.57 26.77 9.43
C ASP D 258 -52.47 25.82 8.23
N ALA D 259 -51.30 25.25 7.98
CA ALA D 259 -51.12 24.31 6.87
C ALA D 259 -51.65 22.92 7.20
N GLY D 260 -52.03 22.65 8.45
CA GLY D 260 -52.51 21.35 8.84
C GLY D 260 -51.49 20.44 9.48
N VAL D 261 -50.36 20.97 9.95
CA VAL D 261 -49.35 20.13 10.58
C VAL D 261 -49.90 19.53 11.87
N ASP D 262 -49.28 18.44 12.31
CA ASP D 262 -49.75 17.71 13.48
C ASP D 262 -48.81 17.79 14.66
N VAL D 263 -47.50 17.82 14.44
CA VAL D 263 -46.51 17.88 15.51
C VAL D 263 -45.55 19.03 15.22
N LEU D 264 -45.29 19.86 16.22
CA LEU D 264 -44.35 20.95 16.13
C LEU D 264 -43.10 20.60 16.91
N ILE D 265 -41.96 20.55 16.22
CA ILE D 265 -40.67 20.24 16.84
C ILE D 265 -39.90 21.54 16.99
N VAL D 266 -39.54 21.87 18.22
CA VAL D 266 -38.67 23.02 18.48
C VAL D 266 -37.22 22.54 18.33
N ASP D 267 -36.72 22.56 17.11
CA ASP D 267 -35.44 21.93 16.78
C ASP D 267 -34.31 22.89 17.13
N THR D 268 -33.59 22.60 18.21
CA THR D 268 -32.42 23.36 18.63
C THR D 268 -31.28 22.39 18.93
N ALA D 269 -30.09 22.95 19.15
CA ALA D 269 -28.94 22.15 19.51
C ALA D 269 -28.79 22.02 21.02
N HIS D 270 -29.35 22.94 21.79
CA HIS D 270 -29.22 22.93 23.25
C HIS D 270 -30.53 23.51 23.79
N ALA D 271 -31.40 22.65 24.31
CA ALA D 271 -32.75 23.03 24.66
C ALA D 271 -32.92 23.45 26.11
N HIS D 272 -31.84 23.57 26.86
CA HIS D 272 -31.93 24.11 28.21
C HIS D 272 -31.84 25.63 28.24
N ASN D 273 -31.73 26.26 27.08
CA ASN D 273 -31.77 27.71 27.00
C ASN D 273 -33.15 28.23 27.38
N ARG D 274 -33.17 29.42 27.99
CA ARG D 274 -34.43 29.99 28.46
C ARG D 274 -35.36 30.31 27.30
N GLY D 275 -34.80 30.80 26.19
CA GLY D 275 -35.64 31.15 25.05
C GLY D 275 -36.38 29.97 24.47
N VAL D 276 -35.73 28.79 24.45
CA VAL D 276 -36.40 27.59 23.95
C VAL D 276 -37.57 27.22 24.83
N LEU D 277 -37.39 27.28 26.15
CA LEU D 277 -38.48 26.98 27.06
C LEU D 277 -39.63 27.98 26.91
N ASP D 278 -39.30 29.26 26.75
CA ASP D 278 -40.34 30.26 26.56
C ASP D 278 -41.11 30.03 25.27
N MET D 279 -40.40 29.69 24.18
CA MET D 279 -41.07 29.37 22.93
C MET D 279 -41.96 28.16 23.06
N VAL D 280 -41.49 27.13 23.80
CA VAL D 280 -42.31 25.93 24.00
C VAL D 280 -43.58 26.29 24.76
N SER D 281 -43.45 27.10 25.82
CA SER D 281 -44.62 27.50 26.59
C SER D 281 -45.60 28.30 25.74
N ARG D 282 -45.09 29.24 24.93
CA ARG D 282 -45.96 30.02 24.08
C ARG D 282 -46.71 29.14 23.07
N LEU D 283 -45.99 28.23 22.42
CA LEU D 283 -46.63 27.35 21.45
C LEU D 283 -47.66 26.44 22.13
N LYS D 284 -47.33 25.93 23.32
CA LYS D 284 -48.28 25.08 24.04
C LYS D 284 -49.54 25.84 24.41
N GLN D 285 -49.39 27.09 24.84
CA GLN D 285 -50.57 27.87 25.19
C GLN D 285 -51.39 28.25 23.97
N ALA D 286 -50.72 28.50 22.83
CA ALA D 286 -51.44 28.98 21.66
C ALA D 286 -52.14 27.85 20.90
N VAL D 287 -51.41 26.80 20.55
CA VAL D 287 -51.95 25.74 19.70
C VAL D 287 -51.94 24.40 20.41
N GLY D 288 -52.12 24.44 21.74
CA GLY D 288 -52.08 23.20 22.51
C GLY D 288 -53.18 22.22 22.16
N GLU D 289 -54.40 22.72 21.95
CA GLU D 289 -55.53 21.83 21.71
C GLU D 289 -55.51 21.21 20.31
N ARG D 290 -54.68 21.73 19.40
CA ARG D 290 -54.68 21.27 18.02
C ARG D 290 -53.49 20.37 17.71
N VAL D 291 -52.27 20.83 17.99
CA VAL D 291 -51.06 20.10 17.65
C VAL D 291 -50.24 19.88 18.92
N ASP D 292 -49.28 18.97 18.83
CA ASP D 292 -48.39 18.64 19.93
C ASP D 292 -47.06 19.35 19.76
N VAL D 293 -46.43 19.65 20.89
CA VAL D 293 -45.16 20.38 20.92
C VAL D 293 -44.10 19.47 21.51
N VAL D 294 -42.96 19.36 20.81
CA VAL D 294 -41.85 18.51 21.23
C VAL D 294 -40.65 19.39 21.53
N GLY D 295 -40.04 19.17 22.70
CA GLY D 295 -38.90 19.97 23.09
C GLY D 295 -37.64 19.59 22.34
N GLY D 296 -36.68 20.49 22.37
CA GLY D 296 -35.43 20.29 21.65
C GLY D 296 -34.56 19.22 22.27
N ASN D 297 -33.31 19.20 21.83
CA ASN D 297 -32.36 18.19 22.27
C ASN D 297 -31.86 18.49 23.68
N VAL D 298 -31.88 17.46 24.54
CA VAL D 298 -31.36 17.56 25.90
C VAL D 298 -30.50 16.34 26.18
N ALA D 299 -29.66 16.46 27.21
CA ALA D 299 -28.78 15.35 27.59
C ALA D 299 -28.69 15.14 29.10
N THR D 300 -29.50 15.83 29.90
CA THR D 300 -29.43 15.71 31.34
C THR D 300 -30.84 15.61 31.91
N ARG D 301 -30.92 15.16 33.17
CA ARG D 301 -32.21 15.06 33.83
C ARG D 301 -32.81 16.44 34.10
N ALA D 302 -31.96 17.41 34.48
CA ALA D 302 -32.46 18.75 34.79
C ALA D 302 -33.09 19.40 33.56
N ALA D 303 -32.46 19.24 32.39
CA ALA D 303 -33.02 19.82 31.17
C ALA D 303 -34.36 19.20 30.82
N ALA D 304 -34.48 17.87 30.96
CA ALA D 304 -35.75 17.22 30.69
C ALA D 304 -36.82 17.66 31.68
N ALA D 305 -36.45 17.83 32.95
CA ALA D 305 -37.40 18.33 33.94
C ALA D 305 -37.85 19.74 33.59
N ALA D 306 -36.93 20.59 33.15
CA ALA D 306 -37.30 21.95 32.74
C ALA D 306 -38.24 21.92 31.54
N LEU D 307 -37.96 21.04 30.57
CA LEU D 307 -38.85 20.94 29.42
C LEU D 307 -40.24 20.47 29.83
N VAL D 308 -40.32 19.49 30.73
CA VAL D 308 -41.62 19.02 31.21
C VAL D 308 -42.35 20.14 31.93
N GLU D 309 -41.64 20.90 32.76
CA GLU D 309 -42.25 22.03 33.45
C GLU D 309 -42.74 23.09 32.47
N ALA D 310 -42.06 23.24 31.34
CA ALA D 310 -42.50 24.20 30.32
C ALA D 310 -43.80 23.76 29.65
N GLY D 311 -44.11 22.47 29.66
CA GLY D 311 -45.31 21.96 29.08
C GLY D 311 -45.16 21.13 27.81
N ALA D 312 -43.96 20.66 27.51
CA ALA D 312 -43.75 19.86 26.30
C ALA D 312 -44.46 18.52 26.41
N ASP D 313 -44.92 18.02 25.26
CA ASP D 313 -45.58 16.73 25.20
C ASP D 313 -44.61 15.57 24.97
N ALA D 314 -43.43 15.85 24.41
CA ALA D 314 -42.40 14.84 24.22
C ALA D 314 -41.04 15.52 24.28
N VAL D 315 -40.04 14.78 24.74
CA VAL D 315 -38.70 15.31 24.95
C VAL D 315 -37.73 14.55 24.05
N LYS D 316 -36.98 15.29 23.24
CA LYS D 316 -35.97 14.70 22.36
C LYS D 316 -34.62 14.74 23.07
N VAL D 317 -33.85 13.67 22.92
CA VAL D 317 -32.67 13.44 23.74
C VAL D 317 -31.46 13.24 22.84
N GLY D 318 -30.36 13.90 23.19
CA GLY D 318 -29.08 13.71 22.53
C GLY D 318 -28.36 15.01 22.21
N VAL D 319 -27.13 15.15 22.71
CA VAL D 319 -26.28 16.29 22.44
C VAL D 319 -24.90 15.75 22.12
N GLY D 320 -24.58 15.64 20.83
CA GLY D 320 -23.35 15.03 20.39
C GLY D 320 -23.24 13.58 20.83
N PRO D 321 -24.08 12.70 20.28
CA PRO D 321 -24.04 11.29 20.67
C PRO D 321 -23.01 10.47 19.89
N GLY D 322 -22.56 10.99 18.76
CA GLY D 322 -21.59 10.25 17.96
C GLY D 322 -20.20 10.27 18.57
N SER D 323 -19.42 9.24 18.23
CA SER D 323 -18.06 9.14 18.73
C SER D 323 -17.18 10.26 18.20
N ILE D 324 -17.34 10.62 16.94
CA ILE D 324 -16.51 11.65 16.31
C ILE D 324 -17.38 12.85 15.91
N CYS D 325 -18.45 13.09 16.66
CA CYS D 325 -19.32 14.23 16.37
C CYS D 325 -18.52 15.53 16.44
N THR D 326 -18.86 16.47 15.56
CA THR D 326 -18.11 17.72 15.50
C THR D 326 -18.22 18.53 16.79
N THR D 327 -19.32 18.35 17.53
CA THR D 327 -19.46 19.04 18.80
C THR D 327 -18.41 18.58 19.80
N ARG D 328 -18.13 17.28 19.84
CA ARG D 328 -17.10 16.78 20.74
C ARG D 328 -15.71 17.29 20.36
N VAL D 329 -15.39 17.27 19.08
CA VAL D 329 -14.05 17.65 18.65
C VAL D 329 -13.83 19.15 18.81
N VAL D 330 -14.81 19.95 18.43
CA VAL D 330 -14.64 21.40 18.42
C VAL D 330 -14.96 22.03 19.77
N ALA D 331 -16.15 21.73 20.31
CA ALA D 331 -16.60 22.36 21.55
C ALA D 331 -16.25 21.54 22.79
N GLY D 332 -15.93 20.27 22.64
CA GLY D 332 -15.67 19.43 23.79
C GLY D 332 -16.88 19.11 24.63
N VAL D 333 -18.07 19.30 24.08
CA VAL D 333 -19.32 19.10 24.80
C VAL D 333 -20.01 17.86 24.24
N GLY D 334 -20.53 17.03 25.11
CA GLY D 334 -21.24 15.84 24.67
C GLY D 334 -21.75 15.04 25.85
N ALA D 335 -22.44 13.97 25.52
CA ALA D 335 -22.98 13.05 26.52
C ALA D 335 -23.25 11.70 25.88
N PRO D 336 -22.77 10.61 26.47
CA PRO D 336 -23.08 9.28 25.91
C PRO D 336 -24.58 9.03 25.92
N GLN D 337 -25.05 8.32 24.89
CA GLN D 337 -26.47 8.29 24.60
C GLN D 337 -27.26 7.45 25.60
N ILE D 338 -26.72 6.30 26.02
CA ILE D 338 -27.45 5.44 26.95
C ILE D 338 -27.67 6.16 28.27
N THR D 339 -26.62 6.80 28.80
CA THR D 339 -26.76 7.51 30.06
C THR D 339 -27.68 8.72 29.93
N ALA D 340 -27.60 9.43 28.80
CA ALA D 340 -28.49 10.56 28.57
C ALA D 340 -29.95 10.12 28.52
N ILE D 341 -30.22 9.01 27.84
CA ILE D 341 -31.60 8.51 27.77
C ILE D 341 -32.08 8.07 29.14
N LEU D 342 -31.22 7.38 29.91
CA LEU D 342 -31.63 6.95 31.25
C LEU D 342 -31.91 8.14 32.15
N GLU D 343 -31.12 9.21 32.03
CA GLU D 343 -31.34 10.39 32.85
C GLU D 343 -32.60 11.14 32.44
N ALA D 344 -32.82 11.30 31.15
CA ALA D 344 -34.00 12.02 30.71
C ALA D 344 -35.27 11.24 31.01
N VAL D 345 -35.22 9.91 30.87
CA VAL D 345 -36.36 9.08 31.19
C VAL D 345 -36.66 9.14 32.68
N ALA D 346 -35.61 9.23 33.51
CA ALA D 346 -35.83 9.30 34.96
C ALA D 346 -36.66 10.51 35.35
N ALA D 347 -36.70 11.55 34.51
CA ALA D 347 -37.51 12.73 34.75
C ALA D 347 -38.84 12.69 34.00
N CYS D 348 -38.84 12.19 32.77
CA CYS D 348 -40.04 12.22 31.94
C CYS D 348 -41.04 11.14 32.32
N LYS D 349 -40.57 9.97 32.76
CA LYS D 349 -41.48 8.87 33.07
C LYS D 349 -42.50 9.20 34.16
N PRO D 350 -42.14 9.82 35.29
CA PRO D 350 -43.16 10.09 36.32
C PRO D 350 -44.31 10.95 35.85
N TYR D 351 -44.14 11.71 34.77
CA TYR D 351 -45.20 12.57 34.25
C TYR D 351 -45.83 12.04 32.97
N GLY D 352 -45.46 10.84 32.55
CA GLY D 352 -46.05 10.27 31.36
C GLY D 352 -45.62 10.88 30.05
N VAL D 353 -44.49 11.59 30.02
CA VAL D 353 -44.02 12.27 28.81
C VAL D 353 -43.07 11.32 28.08
N PRO D 354 -43.32 11.01 26.81
CA PRO D 354 -42.42 10.12 26.07
C PRO D 354 -41.05 10.74 25.83
N VAL D 355 -40.08 9.89 25.55
CA VAL D 355 -38.69 10.29 25.31
C VAL D 355 -38.28 9.76 23.95
N ILE D 356 -37.69 10.64 23.14
CA ILE D 356 -37.26 10.30 21.79
C ILE D 356 -35.73 10.30 21.75
N ALA D 357 -35.14 9.23 21.23
CA ALA D 357 -33.70 9.12 21.08
C ALA D 357 -33.29 9.60 19.70
N ASP D 358 -32.33 10.52 19.65
CA ASP D 358 -31.92 11.15 18.40
C ASP D 358 -30.40 11.07 18.26
N GLY D 359 -29.95 10.37 17.23
CA GLY D 359 -28.52 10.32 16.93
C GLY D 359 -27.82 9.16 17.60
N GLY D 360 -26.72 8.74 16.96
CA GLY D 360 -25.89 7.67 17.48
C GLY D 360 -26.31 6.27 17.10
N LEU D 361 -27.42 6.11 16.38
CA LEU D 361 -27.91 4.79 15.99
C LEU D 361 -27.29 4.38 14.66
N GLN D 362 -26.77 3.15 14.61
CA GLN D 362 -26.18 2.62 13.39
C GLN D 362 -26.70 1.25 12.99
N TYR D 363 -27.37 0.52 13.88
CA TYR D 363 -27.93 -0.78 13.58
C TYR D 363 -29.28 -0.93 14.26
N SER D 364 -29.96 -2.04 13.96
CA SER D 364 -31.21 -2.33 14.65
C SER D 364 -30.99 -2.62 16.13
N GLY D 365 -29.85 -3.22 16.47
CA GLY D 365 -29.53 -3.45 17.86
C GLY D 365 -29.42 -2.15 18.65
N ASP D 366 -28.90 -1.10 18.02
CA ASP D 366 -28.87 0.20 18.66
C ASP D 366 -30.27 0.73 18.92
N ILE D 367 -31.19 0.51 17.98
CA ILE D 367 -32.58 0.91 18.18
C ILE D 367 -33.18 0.14 19.36
N ALA D 368 -32.92 -1.16 19.43
CA ALA D 368 -33.44 -1.97 20.53
C ALA D 368 -32.88 -1.49 21.87
N LYS D 369 -31.58 -1.19 21.91
CA LYS D 369 -30.98 -0.71 23.15
C LYS D 369 -31.55 0.65 23.55
N ALA D 370 -31.76 1.54 22.58
CA ALA D 370 -32.34 2.84 22.89
C ALA D 370 -33.75 2.70 23.44
N LEU D 371 -34.56 1.82 22.83
CA LEU D 371 -35.91 1.62 23.33
C LEU D 371 -35.92 0.95 24.70
N ALA D 372 -34.94 0.08 24.97
CA ALA D 372 -34.90 -0.62 26.25
C ALA D 372 -34.42 0.26 27.39
N ALA D 373 -33.70 1.34 27.09
CA ALA D 373 -33.25 2.27 28.11
C ALA D 373 -34.36 3.15 28.64
N GLY D 374 -35.53 3.13 28.00
CA GLY D 374 -36.67 3.93 28.42
C GLY D 374 -37.24 4.81 27.33
N ALA D 375 -36.56 5.00 26.21
CA ALA D 375 -37.09 5.80 25.13
C ALA D 375 -38.28 5.11 24.48
N SER D 376 -39.20 5.93 23.96
CA SER D 376 -40.40 5.40 23.31
C SER D 376 -40.34 5.45 21.80
N THR D 377 -39.39 6.20 21.23
CA THR D 377 -39.28 6.34 19.79
C THR D 377 -37.84 6.67 19.45
N ALA D 378 -37.36 6.14 18.33
CA ALA D 378 -36.00 6.36 17.85
C ALA D 378 -36.03 7.22 16.59
N MET D 379 -35.16 8.22 16.55
CA MET D 379 -35.01 9.09 15.39
C MET D 379 -33.78 8.64 14.61
N LEU D 380 -33.99 8.21 13.37
CA LEU D 380 -32.96 7.46 12.64
C LEU D 380 -31.88 8.37 12.08
N GLY D 381 -32.24 9.25 11.15
CA GLY D 381 -31.26 10.13 10.55
C GLY D 381 -30.41 9.49 9.48
N SER D 382 -29.15 9.20 9.81
CA SER D 382 -28.22 8.68 8.81
C SER D 382 -28.66 7.33 8.27
N LEU D 383 -29.42 6.55 9.06
CA LEU D 383 -29.90 5.27 8.59
C LEU D 383 -30.95 5.42 7.48
N LEU D 384 -31.51 6.61 7.32
CA LEU D 384 -32.48 6.89 6.26
C LEU D 384 -31.94 7.86 5.21
N ALA D 385 -30.68 8.31 5.36
CA ALA D 385 -30.16 9.33 4.46
C ALA D 385 -29.97 8.80 3.04
N GLY D 386 -29.47 7.57 2.91
CA GLY D 386 -29.11 7.03 1.62
C GLY D 386 -30.24 6.37 0.85
N THR D 387 -31.47 6.44 1.35
CA THR D 387 -32.58 5.81 0.65
C THR D 387 -33.04 6.66 -0.52
N ALA D 388 -33.85 6.07 -1.39
CA ALA D 388 -34.33 6.77 -2.58
C ALA D 388 -35.34 7.86 -2.22
N GLU D 389 -36.10 7.67 -1.15
CA GLU D 389 -37.11 8.64 -0.75
C GLU D 389 -36.49 9.91 -0.18
N SER D 390 -35.21 9.90 0.16
CA SER D 390 -34.54 11.11 0.59
C SER D 390 -34.31 12.03 -0.60
N PRO D 391 -34.19 13.34 -0.36
CA PRO D 391 -33.96 14.27 -1.47
C PRO D 391 -32.59 14.04 -2.11
N GLY D 392 -32.48 14.51 -3.35
CA GLY D 392 -31.26 14.37 -4.12
C GLY D 392 -31.48 13.42 -5.29
N GLU D 393 -30.93 13.79 -6.45
CA GLU D 393 -31.09 12.98 -7.65
C GLU D 393 -30.01 11.91 -7.69
N LEU D 394 -30.39 10.71 -8.13
CA LEU D 394 -29.49 9.57 -8.12
C LEU D 394 -28.78 9.44 -9.47
N ILE D 395 -27.45 9.44 -9.44
CA ILE D 395 -26.63 9.28 -10.63
C ILE D 395 -25.53 8.27 -10.32
N PHE D 396 -24.76 7.93 -11.34
CA PHE D 396 -23.68 6.96 -11.22
C PHE D 396 -22.35 7.67 -11.42
N VAL D 397 -21.48 7.61 -10.42
CA VAL D 397 -20.15 8.20 -10.50
C VAL D 397 -19.13 7.15 -10.07
N ASN D 398 -18.09 6.97 -10.90
CA ASN D 398 -16.99 6.04 -10.60
C ASN D 398 -17.51 4.64 -10.27
N GLY D 399 -18.56 4.22 -10.97
CA GLY D 399 -19.12 2.90 -10.78
C GLY D 399 -19.96 2.72 -9.54
N LYS D 400 -20.26 3.79 -8.81
CA LYS D 400 -21.06 3.71 -7.60
C LYS D 400 -22.18 4.73 -7.66
N GLN D 401 -23.29 4.40 -7.01
CA GLN D 401 -24.45 5.28 -7.01
C GLN D 401 -24.27 6.39 -5.98
N PHE D 402 -24.70 7.60 -6.35
CA PHE D 402 -24.61 8.73 -5.45
C PHE D 402 -25.78 9.67 -5.69
N LYS D 403 -26.04 10.51 -4.68
CA LYS D 403 -27.13 11.48 -4.74
C LYS D 403 -26.56 12.90 -4.83
N SER D 404 -27.29 13.76 -5.54
CA SER D 404 -26.84 15.10 -5.85
C SER D 404 -27.89 16.11 -5.38
N TYR D 405 -27.41 17.26 -4.93
CA TYR D 405 -28.28 18.35 -4.50
C TYR D 405 -27.98 19.62 -5.29
N TYR D 428 -29.60 31.30 5.35
CA TYR D 428 -30.21 32.41 6.06
C TYR D 428 -31.01 31.90 7.26
N PHE D 429 -31.73 30.80 7.06
CA PHE D 429 -32.62 30.27 8.09
C PHE D 429 -31.90 29.43 9.13
N GLN D 430 -30.62 29.10 8.90
CA GLN D 430 -29.83 28.34 9.86
C GLN D 430 -29.37 29.29 10.98
N ASP D 431 -30.34 29.66 11.82
CA ASP D 431 -30.11 30.59 12.91
C ASP D 431 -29.75 29.90 14.23
N ASP D 432 -29.72 28.58 14.26
CA ASP D 432 -29.35 27.85 15.47
C ASP D 432 -27.89 28.14 15.81
N VAL D 433 -27.66 28.91 16.88
CA VAL D 433 -26.33 29.40 17.19
C VAL D 433 -25.36 28.25 17.48
N LEU D 434 -25.86 27.16 18.07
CA LEU D 434 -25.03 26.03 18.42
C LEU D 434 -25.12 24.88 17.42
N SER D 435 -25.66 25.12 16.24
CA SER D 435 -25.75 24.08 15.23
C SER D 435 -24.36 23.65 14.77
N GLU D 436 -24.27 22.42 14.29
CA GLU D 436 -22.98 21.86 13.87
C GLU D 436 -22.41 22.61 12.67
N ASP D 437 -23.26 23.09 11.76
CA ASP D 437 -22.77 23.83 10.60
C ASP D 437 -22.10 25.14 10.98
N LYS D 438 -22.39 25.68 12.17
CA LYS D 438 -21.64 26.82 12.67
C LYS D 438 -20.27 26.45 13.19
N LEU D 439 -19.95 25.16 13.29
CA LEU D 439 -18.66 24.70 13.80
C LEU D 439 -17.74 24.21 12.69
N VAL D 440 -18.25 23.38 11.78
CA VAL D 440 -17.45 22.87 10.68
C VAL D 440 -17.43 23.86 9.53
N VAL D 448 -24.31 11.98 -1.62
CA VAL D 448 -24.42 10.94 -0.59
C VAL D 448 -24.74 9.60 -1.24
N PRO D 449 -24.25 8.51 -0.64
CA PRO D 449 -24.41 7.19 -1.24
C PRO D 449 -25.87 6.74 -1.28
N PHE D 450 -26.14 5.78 -2.15
CA PHE D 450 -27.47 5.21 -2.33
C PHE D 450 -27.59 3.91 -1.54
N ARG D 451 -28.79 3.67 -1.00
CA ARG D 451 -29.03 2.48 -0.19
C ARG D 451 -30.32 1.74 -0.53
N GLY D 452 -31.10 2.23 -1.49
CA GLY D 452 -32.26 1.50 -1.94
C GLY D 452 -33.57 2.03 -1.38
N PRO D 453 -34.62 1.21 -1.47
CA PRO D 453 -35.95 1.65 -1.00
C PRO D 453 -36.02 1.74 0.51
N LEU D 454 -36.96 2.55 0.98
CA LEU D 454 -37.15 2.74 2.41
C LEU D 454 -37.85 1.56 3.07
N GLY D 455 -38.75 0.89 2.34
CA GLY D 455 -39.52 -0.20 2.93
C GLY D 455 -38.64 -1.34 3.40
N THR D 456 -37.62 -1.71 2.62
CA THR D 456 -36.73 -2.78 3.03
C THR D 456 -35.90 -2.38 4.26
N VAL D 457 -35.47 -1.12 4.33
CA VAL D 457 -34.71 -0.67 5.50
C VAL D 457 -35.59 -0.73 6.75
N ILE D 458 -36.84 -0.26 6.63
CA ILE D 458 -37.73 -0.30 7.78
C ILE D 458 -38.05 -1.74 8.16
N HIS D 459 -38.19 -2.63 7.18
CA HIS D 459 -38.42 -4.03 7.46
C HIS D 459 -37.24 -4.64 8.21
N GLN D 460 -36.01 -4.32 7.80
CA GLN D 460 -34.84 -4.85 8.47
C GLN D 460 -34.75 -4.37 9.91
N LEU D 461 -34.97 -3.07 10.12
CA LEU D 461 -34.90 -2.53 11.47
C LEU D 461 -36.00 -3.11 12.36
N THR D 462 -37.21 -3.26 11.82
CA THR D 462 -38.31 -3.82 12.60
C THR D 462 -38.06 -5.30 12.89
N GLY D 463 -37.43 -6.03 11.96
CA GLY D 463 -37.09 -7.41 12.23
C GLY D 463 -36.06 -7.53 13.34
N GLY D 464 -35.05 -6.66 13.33
CA GLY D 464 -34.09 -6.65 14.42
C GLY D 464 -34.73 -6.32 15.76
N LEU D 465 -35.62 -5.33 15.78
CA LEU D 465 -36.33 -4.99 17.00
C LEU D 465 -37.20 -6.13 17.48
N ARG D 466 -37.87 -6.82 16.55
CA ARG D 466 -38.71 -7.96 16.92
C ARG D 466 -37.87 -9.11 17.46
N ALA D 467 -36.70 -9.33 16.89
CA ALA D 467 -35.80 -10.35 17.42
C ALA D 467 -35.36 -10.01 18.84
N ALA D 468 -35.04 -8.74 19.09
CA ALA D 468 -34.67 -8.32 20.44
C ALA D 468 -35.83 -8.51 21.41
N MET D 469 -37.05 -8.17 20.98
CA MET D 469 -38.23 -8.36 21.82
C MET D 469 -38.45 -9.82 22.14
N GLY D 470 -38.27 -10.70 21.15
CA GLY D 470 -38.40 -12.12 21.40
C GLY D 470 -37.35 -12.64 22.36
N TYR D 471 -36.11 -12.16 22.21
CA TYR D 471 -35.03 -12.59 23.10
C TYR D 471 -35.28 -12.14 24.54
N THR D 472 -35.76 -10.91 24.72
CA THR D 472 -35.98 -10.38 26.06
C THR D 472 -37.34 -10.76 26.64
N GLY D 473 -38.18 -11.47 25.90
CA GLY D 473 -39.49 -11.85 26.40
C GLY D 473 -40.43 -10.69 26.63
N SER D 474 -40.43 -9.70 25.75
CA SER D 474 -41.26 -8.52 25.88
C SER D 474 -42.36 -8.55 24.83
N ALA D 475 -43.60 -8.68 25.27
CA ALA D 475 -44.73 -8.70 24.35
C ALA D 475 -45.00 -7.32 23.76
N THR D 476 -44.77 -6.26 24.53
CA THR D 476 -45.00 -4.89 24.08
C THR D 476 -43.76 -4.05 24.36
N ILE D 477 -43.75 -2.85 23.77
CA ILE D 477 -42.65 -1.91 24.00
C ILE D 477 -42.59 -1.51 25.47
N GLU D 478 -43.76 -1.37 26.11
CA GLU D 478 -43.79 -1.05 27.52
C GLU D 478 -43.16 -2.13 28.38
N GLN D 479 -43.09 -3.36 27.86
CA GLN D 479 -42.37 -4.43 28.54
C GLN D 479 -40.90 -4.46 28.16
N LEU D 480 -40.57 -4.04 26.94
CA LEU D 480 -39.17 -3.97 26.53
C LEU D 480 -38.42 -2.88 27.30
N GLN D 481 -39.11 -1.80 27.66
CA GLN D 481 -38.46 -0.70 28.36
C GLN D 481 -38.01 -1.07 29.76
N GLN D 482 -38.44 -2.22 30.29
CA GLN D 482 -38.01 -2.69 31.59
C GLN D 482 -36.89 -3.71 31.51
N ALA D 483 -36.35 -3.95 30.32
CA ALA D 483 -35.30 -4.93 30.14
C ALA D 483 -34.01 -4.46 30.82
N GLN D 484 -33.13 -5.42 31.12
CA GLN D 484 -31.89 -5.18 31.82
C GLN D 484 -30.71 -5.24 30.85
N PHE D 485 -29.63 -4.55 31.22
CA PHE D 485 -28.42 -4.50 30.42
C PHE D 485 -27.28 -5.24 31.12
N VAL D 486 -26.34 -5.72 30.32
CA VAL D 486 -25.06 -6.23 30.79
C VAL D 486 -23.96 -5.38 30.17
N GLN D 487 -23.05 -4.89 31.00
CA GLN D 487 -22.01 -3.99 30.52
C GLN D 487 -20.77 -4.78 30.15
N ILE D 488 -20.28 -4.57 28.93
CA ILE D 488 -19.14 -5.32 28.40
C ILE D 488 -17.91 -4.43 28.44
N THR D 489 -16.76 -5.08 28.59
CA THR D 489 -15.48 -4.38 28.62
C THR D 489 -14.99 -4.12 27.19
N ALA D 490 -13.84 -3.44 27.08
CA ALA D 490 -13.29 -3.11 25.78
C ALA D 490 -12.81 -4.35 25.01
N ALA D 491 -12.59 -5.46 25.70
CA ALA D 491 -12.15 -6.68 25.03
C ALA D 491 -13.22 -7.26 24.12
N GLY D 492 -14.49 -6.98 24.38
CA GLY D 492 -15.57 -7.48 23.57
C GLY D 492 -15.84 -6.69 22.30
N LEU D 493 -15.09 -5.61 22.06
CA LEU D 493 -15.29 -4.78 20.89
C LEU D 493 -14.30 -5.07 19.76
N LYS D 494 -13.18 -5.73 20.07
CA LYS D 494 -12.15 -5.99 19.08
C LYS D 494 -12.62 -7.05 18.08
N VAL E 12 7.97 -4.95 -53.68
CA VAL E 12 6.77 -4.15 -53.89
C VAL E 12 6.00 -3.90 -52.58
N PRO E 13 5.70 -4.94 -51.79
CA PRO E 13 4.95 -4.70 -50.54
C PRO E 13 5.73 -3.82 -49.57
N VAL E 14 5.00 -2.96 -48.88
CA VAL E 14 5.59 -2.14 -47.82
C VAL E 14 5.84 -3.02 -46.60
N PRO E 15 6.97 -2.85 -45.89
CA PRO E 15 7.22 -3.71 -44.73
C PRO E 15 6.15 -3.63 -43.65
N THR E 16 5.47 -2.50 -43.50
CA THR E 16 4.43 -2.35 -42.50
C THR E 16 3.05 -2.69 -43.04
N GLY E 17 2.95 -3.18 -44.27
CA GLY E 17 1.66 -3.58 -44.80
C GLY E 17 1.17 -2.67 -45.91
N GLY E 18 0.52 -3.27 -46.91
CA GLY E 18 -0.03 -2.52 -48.01
C GLY E 18 0.94 -2.28 -49.15
N ASP E 19 0.42 -1.65 -50.20
CA ASP E 19 1.20 -1.32 -51.38
C ASP E 19 1.59 0.15 -51.45
N ASP E 20 0.97 1.02 -50.65
CA ASP E 20 1.24 2.44 -50.69
C ASP E 20 2.34 2.77 -49.69
N PRO E 21 3.53 3.18 -50.14
CA PRO E 21 4.60 3.52 -49.18
C PRO E 21 4.31 4.77 -48.36
N THR E 22 3.38 5.61 -48.79
CA THR E 22 3.09 6.86 -48.10
C THR E 22 1.92 6.75 -47.13
N LYS E 23 1.37 5.56 -46.93
CA LYS E 23 0.28 5.41 -45.97
C LYS E 23 0.74 5.76 -44.57
N VAL E 24 1.92 5.30 -44.17
CA VAL E 24 2.57 5.71 -42.94
C VAL E 24 3.59 6.78 -43.32
N ALA E 25 3.24 8.04 -43.10
CA ALA E 25 4.00 9.15 -43.66
C ALA E 25 5.43 9.17 -43.12
N MET E 26 5.58 9.15 -41.80
CA MET E 26 6.91 9.26 -41.21
C MET E 26 6.87 8.77 -39.77
N LEU E 27 8.05 8.51 -39.22
CA LEU E 27 8.21 8.16 -37.82
C LEU E 27 8.32 9.44 -37.00
N GLY E 28 7.49 9.56 -35.96
CA GLY E 28 7.40 10.77 -35.17
C GLY E 28 8.19 10.65 -33.88
N LEU E 29 8.94 11.70 -33.56
CA LEU E 29 9.77 11.76 -32.36
C LEU E 29 9.15 12.72 -31.35
N THR E 30 9.10 12.30 -30.10
CA THR E 30 8.65 13.15 -29.01
C THR E 30 9.86 13.69 -28.24
N PHE E 31 9.58 14.42 -27.15
CA PHE E 31 10.66 15.01 -26.38
C PHE E 31 11.53 13.97 -25.70
N ASP E 32 10.97 12.81 -25.36
CA ASP E 32 11.73 11.78 -24.68
C ASP E 32 12.60 10.96 -25.62
N ASP E 33 12.42 11.11 -26.93
CA ASP E 33 13.18 10.34 -27.91
C ASP E 33 14.54 10.93 -28.25
N VAL E 34 14.81 12.17 -27.83
CA VAL E 34 16.03 12.85 -28.25
C VAL E 34 16.71 13.47 -27.04
N LEU E 35 18.02 13.66 -27.16
CA LEU E 35 18.81 14.41 -26.20
C LEU E 35 19.73 15.37 -26.94
N LEU E 36 20.09 16.46 -26.28
CA LEU E 36 20.99 17.44 -26.89
C LEU E 36 22.43 16.97 -26.74
N LEU E 37 23.15 16.93 -27.86
CA LEU E 37 24.55 16.52 -27.85
C LEU E 37 25.43 17.67 -27.39
N PRO E 38 26.38 17.43 -26.49
CA PRO E 38 27.34 18.48 -26.15
C PRO E 38 28.23 18.82 -27.32
N ALA E 39 28.65 20.09 -27.38
CA ALA E 39 29.47 20.59 -28.48
C ALA E 39 30.53 21.53 -27.91
N ALA E 40 31.33 22.09 -28.82
CA ALA E 40 32.36 23.04 -28.42
C ALA E 40 31.72 24.27 -27.78
N SER E 41 32.11 24.57 -26.54
CA SER E 41 31.45 25.62 -25.78
C SER E 41 32.48 26.59 -25.22
N ASP E 42 32.18 27.88 -25.34
CA ASP E 42 32.93 28.95 -24.69
C ASP E 42 32.00 29.84 -23.89
N VAL E 43 30.81 29.34 -23.55
CA VAL E 43 29.74 30.11 -22.95
C VAL E 43 29.51 29.60 -21.54
N VAL E 44 29.37 30.52 -20.59
CA VAL E 44 28.98 30.16 -19.23
C VAL E 44 27.48 30.43 -19.10
N PRO E 45 26.75 29.66 -18.30
CA PRO E 45 25.30 29.85 -18.22
C PRO E 45 24.87 31.25 -17.82
N ALA E 46 25.63 31.92 -16.95
CA ALA E 46 25.21 33.21 -16.44
C ALA E 46 25.22 34.32 -17.49
N THR E 47 26.00 34.15 -18.56
CA THR E 47 26.11 35.19 -19.59
C THR E 47 25.40 34.82 -20.89
N ALA E 48 24.70 33.69 -20.94
CA ALA E 48 23.96 33.34 -22.15
C ALA E 48 22.81 34.30 -22.38
N ASP E 49 22.57 34.65 -23.64
CA ASP E 49 21.52 35.60 -24.01
C ASP E 49 20.29 34.79 -24.44
N THR E 50 19.31 34.71 -23.55
CA THR E 50 18.08 33.95 -23.81
C THR E 50 17.00 34.78 -24.51
N SER E 51 17.39 35.84 -25.20
CA SER E 51 16.41 36.65 -25.91
C SER E 51 15.99 35.95 -27.20
N SER E 52 14.70 36.09 -27.54
CA SER E 52 14.15 35.37 -28.68
C SER E 52 13.03 36.18 -29.30
N GLN E 53 12.74 35.89 -30.57
CA GLN E 53 11.68 36.57 -31.31
C GLN E 53 10.35 35.87 -31.04
N LEU E 54 9.36 36.63 -30.56
CA LEU E 54 8.01 36.09 -30.49
C LEU E 54 7.33 36.16 -31.85
N THR E 55 7.35 37.34 -32.47
CA THR E 55 6.84 37.55 -33.81
C THR E 55 7.91 38.20 -34.66
N LYS E 56 7.55 38.62 -35.88
CA LYS E 56 8.53 39.27 -36.76
C LYS E 56 8.89 40.68 -36.29
N ARG E 57 8.18 41.23 -35.30
CA ARG E 57 8.41 42.59 -34.86
C ARG E 57 8.59 42.73 -33.35
N ILE E 58 8.48 41.65 -32.59
CA ILE E 58 8.56 41.69 -31.13
C ILE E 58 9.66 40.72 -30.67
N ARG E 59 10.54 41.21 -29.80
CA ARG E 59 11.59 40.40 -29.22
C ARG E 59 11.41 40.36 -27.70
N LEU E 60 11.36 39.16 -27.14
CA LEU E 60 11.25 38.97 -25.70
C LEU E 60 12.63 38.74 -25.09
N ARG E 61 12.71 38.94 -23.78
CA ARG E 61 13.93 38.66 -23.03
C ARG E 61 13.97 37.23 -22.50
N VAL E 62 12.81 36.59 -22.33
CA VAL E 62 12.73 35.20 -21.90
C VAL E 62 11.74 34.52 -22.84
N PRO E 63 12.14 33.45 -23.53
CA PRO E 63 11.27 32.83 -24.55
C PRO E 63 10.17 31.96 -23.96
N LEU E 64 9.34 32.55 -23.10
CA LEU E 64 8.23 31.84 -22.48
C LEU E 64 6.97 32.67 -22.58
N VAL E 65 5.86 32.01 -22.91
CA VAL E 65 4.57 32.67 -23.09
C VAL E 65 3.48 31.81 -22.43
N SER E 66 2.52 32.46 -21.78
CA SER E 66 1.41 31.75 -21.18
C SER E 66 0.48 31.19 -22.25
N SER E 67 -0.38 30.25 -21.85
CA SER E 67 -1.06 29.39 -22.80
C SER E 67 -2.50 29.79 -23.09
N ALA E 68 -2.94 30.97 -22.64
CA ALA E 68 -4.26 31.50 -22.98
C ALA E 68 -5.38 30.55 -22.57
N MET E 69 -5.20 29.85 -21.45
CA MET E 69 -6.27 29.03 -20.89
C MET E 69 -6.94 29.77 -19.75
N ASP E 70 -8.20 29.40 -19.48
CA ASP E 70 -8.97 30.08 -18.45
C ASP E 70 -8.47 29.76 -17.05
N THR E 71 -7.67 28.71 -16.88
CA THR E 71 -7.10 28.36 -15.59
C THR E 71 -5.64 28.77 -15.45
N VAL E 72 -5.09 29.48 -16.42
CA VAL E 72 -3.67 29.85 -16.42
C VAL E 72 -3.50 31.36 -16.49
N THR E 73 -4.07 32.01 -17.49
CA THR E 73 -3.78 33.40 -17.79
C THR E 73 -4.99 34.29 -17.54
N GLU E 74 -4.80 35.29 -16.69
CA GLU E 74 -5.70 36.44 -16.58
C GLU E 74 -4.82 37.69 -16.44
N SER E 75 -5.44 38.80 -16.03
CA SER E 75 -4.71 40.07 -15.99
C SER E 75 -3.51 40.00 -15.06
N ARG E 76 -3.69 39.42 -13.86
CA ARG E 76 -2.57 39.30 -12.93
C ARG E 76 -1.47 38.42 -13.50
N MET E 77 -1.84 37.28 -14.07
CA MET E 77 -0.85 36.40 -14.69
C MET E 77 -0.16 37.08 -15.86
N ALA E 78 -0.92 37.82 -16.67
CA ALA E 78 -0.32 38.51 -17.80
C ALA E 78 0.70 39.55 -17.34
N ILE E 79 0.37 40.32 -16.30
CA ILE E 79 1.31 41.30 -15.77
C ILE E 79 2.55 40.62 -15.23
N ALA E 80 2.36 39.54 -14.46
CA ALA E 80 3.50 38.84 -13.87
C ALA E 80 4.41 38.26 -14.94
N MET E 81 3.82 37.73 -16.01
CA MET E 81 4.62 37.16 -17.09
C MET E 81 5.34 38.26 -17.88
N ALA E 82 4.66 39.38 -18.12
CA ALA E 82 5.29 40.47 -18.87
C ALA E 82 6.43 41.09 -18.09
N ARG E 83 6.32 41.16 -16.76
CA ARG E 83 7.40 41.73 -15.96
C ARG E 83 8.58 40.78 -15.83
N ALA E 84 8.37 39.48 -16.05
CA ALA E 84 9.45 38.50 -15.95
C ALA E 84 10.28 38.40 -17.22
N GLY E 85 9.87 39.07 -18.30
CA GLY E 85 10.58 39.01 -19.57
C GLY E 85 9.83 38.31 -20.68
N GLY E 86 8.77 37.57 -20.36
CA GLY E 86 7.97 36.89 -21.36
C GLY E 86 6.76 37.70 -21.76
N MET E 87 5.63 37.01 -21.94
CA MET E 87 4.38 37.65 -22.28
C MET E 87 3.23 36.73 -21.90
N GLY E 88 2.13 37.32 -21.48
CA GLY E 88 0.90 36.59 -21.18
C GLY E 88 -0.13 36.81 -22.28
N VAL E 89 -0.87 35.76 -22.59
CA VAL E 89 -1.93 35.82 -23.61
C VAL E 89 -3.25 35.54 -22.90
N LEU E 90 -4.13 36.54 -22.87
CA LEU E 90 -5.38 36.41 -22.14
C LEU E 90 -6.31 35.43 -22.86
N HIS E 91 -7.00 34.61 -22.06
CA HIS E 91 -7.93 33.63 -22.61
C HIS E 91 -9.23 34.30 -23.05
N ARG E 92 -10.05 33.54 -23.79
CA ARG E 92 -11.26 34.07 -24.40
C ARG E 92 -12.52 33.36 -23.92
N ASN E 93 -12.45 32.62 -22.81
CA ASN E 93 -13.67 32.08 -22.21
C ASN E 93 -14.36 33.13 -21.36
N LEU E 94 -14.57 34.31 -21.93
CA LEU E 94 -15.09 35.48 -21.22
C LEU E 94 -15.99 36.25 -22.15
N PRO E 95 -16.85 37.11 -21.61
CA PRO E 95 -17.50 38.12 -22.46
C PRO E 95 -16.47 39.07 -23.04
N VAL E 96 -16.83 39.68 -24.18
CA VAL E 96 -15.90 40.57 -24.86
C VAL E 96 -15.50 41.73 -23.95
N ALA E 97 -16.47 42.29 -23.22
CA ALA E 97 -16.17 43.40 -22.33
C ALA E 97 -15.19 42.99 -21.23
N GLU E 98 -15.36 41.79 -20.68
CA GLU E 98 -14.46 41.33 -19.62
C GLU E 98 -13.03 41.18 -20.14
N GLN E 99 -12.87 40.59 -21.33
CA GLN E 99 -11.53 40.41 -21.89
C GLN E 99 -10.90 41.76 -22.22
N ALA E 100 -11.69 42.70 -22.75
CA ALA E 100 -11.17 44.04 -23.02
C ALA E 100 -10.76 44.74 -21.73
N GLY E 101 -11.55 44.59 -20.67
CA GLY E 101 -11.18 45.15 -19.38
C GLY E 101 -9.91 44.55 -18.82
N GLN E 102 -9.72 43.25 -19.01
CA GLN E 102 -8.47 42.62 -18.61
C GLN E 102 -7.29 43.14 -19.42
N VAL E 103 -7.49 43.36 -20.72
CA VAL E 103 -6.44 43.97 -21.55
C VAL E 103 -6.08 45.34 -21.01
N GLU E 104 -7.10 46.15 -20.69
CA GLU E 104 -6.84 47.48 -20.16
C GLU E 104 -6.11 47.42 -18.82
N THR E 105 -6.52 46.49 -17.95
CA THR E 105 -5.86 46.33 -16.66
C THR E 105 -4.38 45.97 -16.83
N VAL E 106 -4.08 45.08 -17.77
CA VAL E 106 -2.68 44.74 -18.04
C VAL E 106 -1.93 45.96 -18.57
N LYS E 107 -2.54 46.69 -19.51
CA LYS E 107 -1.86 47.83 -20.11
C LYS E 107 -1.63 48.95 -19.08
N ARG E 108 -2.62 49.20 -18.21
CA ARG E 108 -2.55 50.30 -17.25
C ARG E 108 -1.66 49.88 -16.08
N SER E 109 -0.35 49.94 -16.31
CA SER E 109 0.63 49.63 -15.27
C SER E 109 2.01 50.16 -15.63
N THR E 223 12.11 51.08 -11.07
CA THR E 223 12.02 50.04 -12.09
C THR E 223 13.14 49.02 -11.95
N GLU E 224 13.93 49.15 -10.88
CA GLU E 224 14.98 48.18 -10.59
C GLU E 224 14.41 46.84 -10.17
N GLN E 225 13.13 46.78 -9.78
CA GLN E 225 12.54 45.51 -9.38
C GLN E 225 12.29 44.61 -10.59
N PHE E 226 11.86 45.18 -11.71
CA PHE E 226 11.56 44.42 -12.92
C PHE E 226 12.23 45.07 -14.13
N PRO E 227 13.56 45.01 -14.21
CA PRO E 227 14.24 45.56 -15.40
C PRO E 227 13.93 44.78 -16.66
N LEU E 228 13.63 43.49 -16.54
CA LEU E 228 13.46 42.60 -17.70
C LEU E 228 12.08 42.75 -18.36
N SER E 229 11.32 43.78 -18.00
CA SER E 229 9.97 43.93 -18.54
C SER E 229 9.99 44.11 -20.04
N THR E 230 8.97 43.59 -20.71
CA THR E 230 8.79 43.77 -22.14
C THR E 230 7.76 44.88 -22.35
N LYS E 231 8.16 45.93 -23.06
CA LYS E 231 7.35 47.13 -23.15
C LYS E 231 7.41 47.67 -24.58
N ASP E 232 6.33 48.34 -24.98
CA ASP E 232 6.26 48.98 -26.28
C ASP E 232 6.97 50.34 -26.21
N SER E 233 6.80 51.16 -27.26
CA SER E 233 7.42 52.47 -27.29
C SER E 233 6.89 53.36 -26.17
N ASP E 234 5.60 53.27 -25.85
CA ASP E 234 5.00 54.11 -24.82
C ASP E 234 5.40 53.68 -23.41
N GLY E 235 6.10 52.57 -23.25
CA GLY E 235 6.48 52.10 -21.94
C GLY E 235 5.44 51.27 -21.22
N ARG E 236 4.39 50.85 -21.90
CA ARG E 236 3.37 49.99 -21.31
C ARG E 236 3.68 48.53 -21.57
N LEU E 237 3.20 47.67 -20.68
CA LEU E 237 3.47 46.25 -20.80
C LEU E 237 2.80 45.66 -22.03
N LEU E 238 3.45 44.66 -22.61
CA LEU E 238 2.90 43.97 -23.77
C LEU E 238 1.92 42.90 -23.32
N VAL E 239 0.85 42.72 -24.10
CA VAL E 239 -0.15 41.70 -23.79
C VAL E 239 -0.78 41.24 -25.10
N GLY E 240 -1.16 39.96 -25.12
CA GLY E 240 -1.88 39.40 -26.25
C GLY E 240 -3.22 38.82 -25.85
N ALA E 241 -4.11 38.64 -26.81
CA ALA E 241 -5.44 38.10 -26.55
C ALA E 241 -5.80 37.10 -27.62
N ALA E 242 -6.66 36.15 -27.27
CA ALA E 242 -7.07 35.09 -28.18
C ALA E 242 -8.46 35.36 -28.70
N VAL E 243 -8.63 35.21 -30.02
CA VAL E 243 -9.93 35.37 -30.68
C VAL E 243 -10.21 34.12 -31.50
N GLY E 244 -11.48 33.74 -31.55
CA GLY E 244 -11.87 32.55 -32.29
C GLY E 244 -12.11 32.80 -33.76
N VAL E 245 -13.14 32.16 -34.33
CA VAL E 245 -13.49 32.32 -35.74
C VAL E 245 -14.96 32.66 -35.83
N GLY E 246 -15.29 33.70 -36.60
CA GLY E 246 -16.66 34.10 -36.80
C GLY E 246 -16.89 35.59 -36.69
N ASP E 247 -18.16 36.02 -36.81
CA ASP E 247 -18.47 37.45 -36.72
C ASP E 247 -18.32 37.95 -35.29
N ASP E 248 -18.76 37.16 -34.32
CA ASP E 248 -18.51 37.51 -32.92
C ASP E 248 -17.02 37.56 -32.63
N ALA E 249 -16.25 36.64 -33.21
CA ALA E 249 -14.80 36.72 -33.10
C ALA E 249 -14.26 38.00 -33.73
N TRP E 250 -14.84 38.42 -34.85
CA TRP E 250 -14.39 39.66 -35.49
C TRP E 250 -14.64 40.87 -34.61
N THR E 251 -15.86 40.98 -34.05
CA THR E 251 -16.13 42.13 -33.21
C THR E 251 -15.32 42.09 -31.92
N ARG E 252 -15.08 40.90 -31.38
CA ARG E 252 -14.22 40.76 -30.20
C ARG E 252 -12.80 41.21 -30.52
N ALA E 253 -12.28 40.81 -31.68
CA ALA E 253 -10.94 41.21 -32.08
C ALA E 253 -10.84 42.72 -32.25
N MET E 254 -11.85 43.33 -32.86
CA MET E 254 -11.82 44.79 -33.05
C MET E 254 -11.89 45.50 -31.70
N THR E 255 -12.72 45.01 -30.79
CA THR E 255 -12.79 45.61 -29.45
C THR E 255 -11.47 45.48 -28.72
N LEU E 256 -10.82 44.32 -28.81
CA LEU E 256 -9.54 44.13 -28.14
C LEU E 256 -8.46 45.01 -28.75
N VAL E 257 -8.48 45.19 -30.07
CA VAL E 257 -7.51 46.06 -30.72
C VAL E 257 -7.71 47.51 -30.26
N ASP E 258 -8.95 47.97 -30.24
CA ASP E 258 -9.22 49.32 -29.75
C ASP E 258 -8.91 49.47 -28.27
N ALA E 259 -8.92 48.36 -27.51
CA ALA E 259 -8.58 48.39 -26.09
C ALA E 259 -7.08 48.51 -25.84
N GLY E 260 -6.26 48.37 -26.86
CA GLY E 260 -4.81 48.48 -26.71
C GLY E 260 -4.03 47.19 -26.75
N VAL E 261 -4.60 46.11 -27.32
CA VAL E 261 -3.86 44.85 -27.39
C VAL E 261 -2.72 44.99 -28.40
N ASP E 262 -1.77 44.06 -28.31
CA ASP E 262 -0.58 44.10 -29.15
C ASP E 262 -0.44 42.88 -30.05
N VAL E 263 -0.81 41.69 -29.59
CA VAL E 263 -0.75 40.47 -30.38
C VAL E 263 -2.11 39.79 -30.34
N LEU E 264 -2.58 39.34 -31.50
CA LEU E 264 -3.84 38.63 -31.63
C LEU E 264 -3.56 37.17 -31.97
N ILE E 265 -4.01 36.26 -31.11
CA ILE E 265 -3.83 34.83 -31.31
C ILE E 265 -5.15 34.27 -31.82
N VAL E 266 -5.12 33.62 -32.99
CA VAL E 266 -6.30 32.97 -33.53
C VAL E 266 -6.33 31.57 -32.93
N ASP E 267 -6.94 31.46 -31.75
CA ASP E 267 -6.92 30.21 -30.98
C ASP E 267 -7.90 29.23 -31.61
N THR E 268 -7.37 28.26 -32.35
CA THR E 268 -8.15 27.19 -32.93
C THR E 268 -7.46 25.85 -32.68
N ALA E 269 -8.26 24.80 -32.53
CA ALA E 269 -7.71 23.48 -32.32
C ALA E 269 -7.14 22.87 -33.60
N HIS E 270 -7.56 23.37 -34.76
CA HIS E 270 -7.08 22.87 -36.05
C HIS E 270 -7.10 24.04 -37.00
N ALA E 271 -5.91 24.57 -37.33
CA ALA E 271 -5.78 25.83 -38.05
C ALA E 271 -5.59 25.65 -39.55
N HIS E 272 -5.70 24.42 -40.07
CA HIS E 272 -5.65 24.21 -41.50
C HIS E 272 -7.01 24.39 -42.15
N ASN E 273 -8.01 24.84 -41.40
CA ASN E 273 -9.33 25.12 -41.96
C ASN E 273 -9.29 26.39 -42.80
N ARG E 274 -10.19 26.48 -43.78
CA ARG E 274 -10.23 27.64 -44.65
C ARG E 274 -10.74 28.87 -43.90
N GLY E 275 -11.69 28.68 -42.98
CA GLY E 275 -12.20 29.80 -42.22
C GLY E 275 -11.13 30.47 -41.36
N VAL E 276 -10.26 29.66 -40.75
CA VAL E 276 -9.19 30.22 -39.93
C VAL E 276 -8.24 31.05 -40.77
N LEU E 277 -7.86 30.53 -41.95
CA LEU E 277 -6.97 31.27 -42.83
C LEU E 277 -7.63 32.56 -43.31
N ASP E 278 -8.91 32.50 -43.64
CA ASP E 278 -9.63 33.71 -44.05
C ASP E 278 -9.64 34.75 -42.93
N MET E 279 -9.91 34.31 -41.69
CA MET E 279 -9.90 35.25 -40.57
C MET E 279 -8.53 35.84 -40.35
N VAL E 280 -7.48 35.02 -40.47
CA VAL E 280 -6.12 35.51 -40.28
C VAL E 280 -5.79 36.56 -41.33
N SER E 281 -6.13 36.29 -42.59
CA SER E 281 -5.88 37.25 -43.65
C SER E 281 -6.65 38.54 -43.44
N ARG E 282 -7.93 38.43 -43.03
CA ARG E 282 -8.74 39.60 -42.78
C ARG E 282 -8.14 40.47 -41.67
N LEU E 283 -7.74 39.83 -40.57
CA LEU E 283 -7.13 40.57 -39.47
C LEU E 283 -5.82 41.22 -39.90
N LYS E 284 -4.98 40.48 -40.63
CA LYS E 284 -3.69 41.03 -41.06
C LYS E 284 -3.86 42.19 -42.03
N GLN E 285 -4.95 42.19 -42.80
CA GLN E 285 -5.17 43.26 -43.76
C GLN E 285 -5.87 44.46 -43.13
N ALA E 286 -6.67 44.25 -42.10
CA ALA E 286 -7.43 45.34 -41.48
C ALA E 286 -6.62 46.09 -40.43
N VAL E 287 -6.05 45.38 -39.48
CA VAL E 287 -5.33 45.99 -38.36
C VAL E 287 -3.89 45.51 -38.36
N GLY E 288 -3.34 45.29 -39.55
CA GLY E 288 -2.00 44.74 -39.64
C GLY E 288 -0.93 45.65 -39.08
N GLU E 289 -1.08 46.96 -39.27
CA GLU E 289 -0.06 47.90 -38.80
C GLU E 289 -0.11 48.06 -37.28
N ARG E 290 -1.30 48.03 -36.69
CA ARG E 290 -1.42 48.24 -35.25
C ARG E 290 -0.93 47.02 -34.47
N VAL E 291 -1.36 45.83 -34.88
CA VAL E 291 -1.14 44.61 -34.10
C VAL E 291 -0.58 43.51 -34.99
N ASP E 292 -0.04 42.48 -34.34
CA ASP E 292 0.48 41.30 -35.01
C ASP E 292 -0.54 40.16 -34.92
N VAL E 293 -0.50 39.27 -35.89
CA VAL E 293 -1.42 38.14 -35.97
C VAL E 293 -0.61 36.84 -35.88
N VAL E 294 -1.12 35.90 -35.08
CA VAL E 294 -0.47 34.61 -34.88
C VAL E 294 -1.45 33.51 -35.27
N GLY E 295 -0.99 32.57 -36.10
CA GLY E 295 -1.85 31.50 -36.55
C GLY E 295 -2.09 30.45 -35.48
N GLY E 296 -3.15 29.67 -35.68
CA GLY E 296 -3.55 28.66 -34.72
C GLY E 296 -2.66 27.43 -34.76
N ASN E 297 -3.10 26.41 -34.03
CA ASN E 297 -2.30 25.20 -33.87
C ASN E 297 -2.25 24.40 -35.18
N VAL E 298 -1.03 24.16 -35.65
CA VAL E 298 -0.78 23.29 -36.80
C VAL E 298 0.31 22.29 -36.42
N ALA E 299 0.38 21.21 -37.20
CA ALA E 299 1.37 20.17 -36.92
C ALA E 299 2.04 19.60 -38.17
N THR E 300 1.85 20.21 -39.34
CA THR E 300 2.46 19.72 -40.57
C THR E 300 3.16 20.86 -41.28
N ARG E 301 3.96 20.50 -42.29
CA ARG E 301 4.64 21.52 -43.10
C ARG E 301 3.65 22.25 -44.00
N ALA E 302 2.69 21.52 -44.57
CA ALA E 302 1.72 22.14 -45.48
C ALA E 302 0.84 23.15 -44.74
N ALA E 303 0.40 22.81 -43.53
CA ALA E 303 -0.41 23.74 -42.76
C ALA E 303 0.37 24.98 -42.38
N ALA E 304 1.64 24.82 -41.99
CA ALA E 304 2.47 25.97 -41.68
C ALA E 304 2.68 26.85 -42.91
N ALA E 305 2.88 26.22 -44.07
CA ALA E 305 3.02 26.99 -45.31
C ALA E 305 1.73 27.75 -45.63
N ALA E 306 0.58 27.13 -45.42
CA ALA E 306 -0.69 27.80 -45.64
C ALA E 306 -0.85 29.00 -44.70
N LEU E 307 -0.47 28.82 -43.43
CA LEU E 307 -0.56 29.94 -42.49
C LEU E 307 0.39 31.07 -42.88
N VAL E 308 1.59 30.72 -43.34
CA VAL E 308 2.55 31.75 -43.77
C VAL E 308 2.00 32.51 -44.98
N GLU E 309 1.41 31.78 -45.93
CA GLU E 309 0.82 32.43 -47.09
C GLU E 309 -0.35 33.32 -46.69
N ALA E 310 -1.12 32.91 -45.68
CA ALA E 310 -2.24 33.72 -45.22
C ALA E 310 -1.79 35.07 -44.64
N GLY E 311 -0.52 35.19 -44.27
CA GLY E 311 0.02 36.43 -43.75
C GLY E 311 0.33 36.46 -42.27
N ALA E 312 0.31 35.32 -41.59
CA ALA E 312 0.57 35.28 -40.17
C ALA E 312 2.00 35.69 -39.86
N ASP E 313 2.17 36.37 -38.72
CA ASP E 313 3.50 36.77 -38.27
C ASP E 313 4.17 35.71 -37.40
N ALA E 314 3.40 34.77 -36.85
CA ALA E 314 3.97 33.67 -36.08
C ALA E 314 3.03 32.48 -36.20
N VAL E 315 3.58 31.30 -36.00
CA VAL E 315 2.86 30.04 -36.16
C VAL E 315 2.95 29.26 -34.86
N LYS E 316 1.79 28.89 -34.31
CA LYS E 316 1.70 28.11 -33.10
C LYS E 316 1.56 26.64 -33.47
N VAL E 317 2.39 25.78 -32.87
CA VAL E 317 2.56 24.41 -33.32
C VAL E 317 2.10 23.46 -32.22
N GLY E 318 1.31 22.46 -32.61
CA GLY E 318 0.96 21.37 -31.74
C GLY E 318 -0.49 20.96 -31.84
N VAL E 319 -0.73 19.67 -32.13
CA VAL E 319 -2.07 19.10 -32.20
C VAL E 319 -2.02 17.78 -31.45
N GLY E 320 -2.62 17.74 -30.26
CA GLY E 320 -2.52 16.58 -29.39
C GLY E 320 -1.09 16.16 -29.15
N PRO E 321 -0.31 17.01 -28.46
CA PRO E 321 1.11 16.69 -28.25
C PRO E 321 1.37 15.80 -27.06
N GLY E 322 0.44 15.71 -26.10
CA GLY E 322 0.66 14.86 -24.95
C GLY E 322 0.56 13.39 -25.30
N SER E 323 1.22 12.58 -24.47
CA SER E 323 1.25 11.14 -24.70
C SER E 323 -0.14 10.52 -24.60
N ILE E 324 -0.92 10.94 -23.60
CA ILE E 324 -2.26 10.40 -23.39
C ILE E 324 -3.29 11.50 -23.45
N CYS E 325 -3.03 12.52 -24.26
CA CYS E 325 -3.98 13.61 -24.44
C CYS E 325 -5.32 13.07 -24.94
N THR E 326 -6.39 13.82 -24.65
CA THR E 326 -7.73 13.36 -25.00
C THR E 326 -7.93 13.32 -26.51
N THR E 327 -7.20 14.16 -27.26
CA THR E 327 -7.33 14.15 -28.71
C THR E 327 -6.85 12.83 -29.30
N ARG E 328 -5.79 12.25 -28.73
CA ARG E 328 -5.28 10.98 -29.22
C ARG E 328 -6.23 9.84 -28.87
N VAL E 329 -6.80 9.85 -27.66
CA VAL E 329 -7.63 8.74 -27.21
C VAL E 329 -8.98 8.77 -27.93
N VAL E 330 -9.64 9.93 -27.93
CA VAL E 330 -11.01 9.99 -28.46
C VAL E 330 -11.01 10.02 -29.98
N ALA E 331 -10.28 10.95 -30.58
CA ALA E 331 -10.31 11.13 -32.03
C ALA E 331 -9.26 10.29 -32.75
N GLY E 332 -8.22 9.83 -32.06
CA GLY E 332 -7.16 9.11 -32.74
C GLY E 332 -6.26 9.96 -33.59
N VAL E 333 -6.20 11.26 -33.32
CA VAL E 333 -5.44 12.21 -34.13
C VAL E 333 -4.37 12.84 -33.24
N GLY E 334 -3.15 12.93 -33.76
CA GLY E 334 -2.07 13.53 -33.01
C GLY E 334 -0.83 13.65 -33.87
N ALA E 335 0.20 14.24 -33.27
CA ALA E 335 1.48 14.41 -33.93
C ALA E 335 2.56 14.60 -32.88
N PRO E 336 3.63 13.80 -32.90
CA PRO E 336 4.73 14.02 -31.95
C PRO E 336 5.33 15.40 -32.13
N GLN E 337 5.71 16.00 -31.00
CA GLN E 337 5.99 17.44 -30.99
C GLN E 337 7.31 17.78 -31.67
N ILE E 338 8.35 16.97 -31.47
CA ILE E 338 9.65 17.30 -32.09
C ILE E 338 9.55 17.26 -33.60
N THR E 339 8.92 16.23 -34.15
CA THR E 339 8.76 16.12 -35.60
C THR E 339 7.87 17.23 -36.13
N ALA E 340 6.80 17.56 -35.40
CA ALA E 340 5.91 18.64 -35.83
C ALA E 340 6.64 19.97 -35.86
N ILE E 341 7.47 20.25 -34.84
CA ILE E 341 8.23 21.49 -34.83
C ILE E 341 9.23 21.51 -35.98
N LEU E 342 9.92 20.39 -36.22
CA LEU E 342 10.90 20.37 -37.31
C LEU E 342 10.22 20.58 -38.67
N GLU E 343 9.00 20.07 -38.83
CA GLU E 343 8.29 20.25 -40.08
C GLU E 343 7.80 21.68 -40.23
N ALA E 344 7.24 22.25 -39.16
CA ALA E 344 6.75 23.62 -39.27
C ALA E 344 7.90 24.60 -39.49
N VAL E 345 9.04 24.34 -38.85
CA VAL E 345 10.22 25.19 -39.05
C VAL E 345 10.70 25.08 -40.49
N ALA E 346 10.61 23.87 -41.07
CA ALA E 346 11.05 23.72 -42.45
C ALA E 346 10.26 24.59 -43.42
N ALA E 347 9.06 25.04 -43.02
CA ALA E 347 8.24 25.92 -43.84
C ALA E 347 8.30 27.37 -43.41
N CYS E 348 8.53 27.63 -42.13
CA CYS E 348 8.51 29.00 -41.59
C CYS E 348 9.87 29.68 -41.65
N LYS E 349 10.95 28.92 -41.60
CA LYS E 349 12.29 29.52 -41.50
C LYS E 349 12.66 30.36 -42.72
N PRO E 350 12.48 29.92 -43.97
CA PRO E 350 12.88 30.75 -45.10
C PRO E 350 12.18 32.10 -45.16
N TYR E 351 10.98 32.21 -44.63
CA TYR E 351 10.23 33.46 -44.67
C TYR E 351 10.42 34.32 -43.43
N GLY E 352 11.24 33.89 -42.48
CA GLY E 352 11.48 34.65 -41.28
C GLY E 352 10.38 34.60 -40.25
N VAL E 353 9.40 33.71 -40.41
CA VAL E 353 8.28 33.62 -39.48
C VAL E 353 8.68 32.76 -38.29
N PRO E 354 8.59 33.27 -37.07
CA PRO E 354 8.92 32.46 -35.90
C PRO E 354 7.91 31.34 -35.69
N VAL E 355 8.35 30.33 -34.94
CA VAL E 355 7.53 29.17 -34.60
C VAL E 355 7.41 29.09 -33.09
N ILE E 356 6.19 28.89 -32.60
CA ILE E 356 5.92 28.80 -31.17
C ILE E 356 5.64 27.34 -30.84
N ALA E 357 6.45 26.76 -29.96
CA ALA E 357 6.24 25.39 -29.50
C ALA E 357 5.20 25.38 -28.39
N ASP E 358 4.06 24.74 -28.64
CA ASP E 358 2.93 24.76 -27.74
C ASP E 358 2.54 23.33 -27.37
N GLY E 359 2.42 23.07 -26.09
CA GLY E 359 1.92 21.78 -25.63
C GLY E 359 3.00 20.73 -25.50
N GLY E 360 2.80 19.83 -24.54
CA GLY E 360 3.67 18.69 -24.34
C GLY E 360 4.87 18.94 -23.44
N LEU E 361 5.20 20.19 -23.14
CA LEU E 361 6.36 20.48 -22.32
C LEU E 361 6.13 20.05 -20.88
N GLN E 362 7.15 19.46 -20.27
CA GLN E 362 7.06 18.99 -18.89
C GLN E 362 8.23 19.44 -18.01
N TYR E 363 9.40 19.74 -18.58
CA TYR E 363 10.56 20.16 -17.80
C TYR E 363 11.31 21.22 -18.59
N SER E 364 12.33 21.80 -17.94
CA SER E 364 13.18 22.76 -18.63
C SER E 364 13.97 22.12 -19.76
N GLY E 365 14.32 20.84 -19.61
CA GLY E 365 14.95 20.13 -20.71
C GLY E 365 14.07 20.06 -21.94
N ASP E 366 12.77 19.86 -21.75
CA ASP E 366 11.84 19.87 -22.87
C ASP E 366 11.80 21.24 -23.54
N ILE E 367 11.85 22.31 -22.76
CA ILE E 367 11.89 23.66 -23.33
C ILE E 367 13.16 23.84 -24.16
N ALA E 368 14.30 23.40 -23.64
CA ALA E 368 15.54 23.50 -24.38
C ALA E 368 15.48 22.69 -25.66
N LYS E 369 14.88 21.49 -25.61
CA LYS E 369 14.76 20.67 -26.81
C LYS E 369 13.85 21.34 -27.84
N ALA E 370 12.74 21.93 -27.39
CA ALA E 370 11.84 22.60 -28.31
C ALA E 370 12.52 23.79 -28.98
N LEU E 371 13.28 24.57 -28.20
CA LEU E 371 14.00 25.69 -28.78
C LEU E 371 15.12 25.22 -29.72
N ALA E 372 15.73 24.07 -29.42
CA ALA E 372 16.80 23.55 -30.27
C ALA E 372 16.28 22.94 -31.56
N ALA E 373 15.01 22.55 -31.61
CA ALA E 373 14.42 21.98 -32.81
C ALA E 373 14.10 23.04 -33.85
N GLY E 374 14.11 24.31 -33.49
CA GLY E 374 13.81 25.38 -34.43
C GLY E 374 12.78 26.37 -33.93
N ALA E 375 12.04 26.01 -32.89
CA ALA E 375 11.05 26.93 -32.33
C ALA E 375 11.76 28.12 -31.69
N SER E 376 11.07 29.27 -31.74
CA SER E 376 11.62 30.49 -31.17
C SER E 376 11.04 30.84 -29.79
N THR E 377 9.89 30.27 -29.45
CA THR E 377 9.26 30.54 -28.16
C THR E 377 8.52 29.28 -27.71
N ALA E 378 8.34 29.17 -26.39
CA ALA E 378 7.63 28.04 -25.80
C ALA E 378 6.42 28.55 -25.04
N MET E 379 5.28 27.92 -25.28
CA MET E 379 4.03 28.25 -24.60
C MET E 379 3.83 27.24 -23.45
N LEU E 380 3.83 27.75 -22.22
CA LEU E 380 4.08 26.88 -21.07
C LEU E 380 2.83 26.09 -20.66
N GLY E 381 1.79 26.78 -20.23
CA GLY E 381 0.55 26.10 -19.90
C GLY E 381 0.52 25.46 -18.53
N SER E 382 0.60 24.12 -18.50
CA SER E 382 0.40 23.38 -17.27
C SER E 382 1.45 23.70 -16.21
N LEU E 383 2.63 24.16 -16.63
CA LEU E 383 3.65 24.56 -15.67
C LEU E 383 3.19 25.73 -14.84
N LEU E 384 2.44 26.66 -15.44
CA LEU E 384 1.99 27.87 -14.77
C LEU E 384 0.56 27.77 -14.26
N ALA E 385 -0.09 26.62 -14.42
CA ALA E 385 -1.51 26.50 -14.07
C ALA E 385 -1.73 26.68 -12.58
N GLY E 386 -0.87 26.06 -11.76
CA GLY E 386 -1.04 26.06 -10.31
C GLY E 386 -0.28 27.12 -9.56
N THR E 387 0.30 28.11 -10.24
CA THR E 387 1.05 29.15 -9.56
C THR E 387 0.10 30.15 -8.88
N ALA E 388 0.68 31.00 -8.03
CA ALA E 388 -0.12 31.97 -7.29
C ALA E 388 -0.78 32.97 -8.23
N GLU E 389 -0.05 33.45 -9.24
CA GLU E 389 -0.56 34.48 -10.12
C GLU E 389 -1.64 33.97 -11.07
N SER E 390 -1.83 32.66 -11.16
CA SER E 390 -2.90 32.11 -11.98
C SER E 390 -4.25 32.42 -11.35
N PRO E 391 -5.33 32.42 -12.16
CA PRO E 391 -6.66 32.70 -11.61
C PRO E 391 -7.09 31.60 -10.65
N GLY E 392 -8.03 31.96 -9.79
CA GLY E 392 -8.56 31.05 -8.79
C GLY E 392 -8.43 31.61 -7.39
N GLU E 393 -9.11 30.95 -6.46
CA GLU E 393 -9.10 31.34 -5.07
C GLU E 393 -8.36 30.29 -4.25
N LEU E 394 -7.49 30.75 -3.35
CA LEU E 394 -6.62 29.86 -2.60
C LEU E 394 -7.35 29.37 -1.35
N ILE E 395 -7.45 28.05 -1.20
CA ILE E 395 -8.16 27.44 -0.09
C ILE E 395 -7.34 26.27 0.44
N PHE E 396 -7.75 25.74 1.58
CA PHE E 396 -7.11 24.60 2.22
C PHE E 396 -8.07 23.42 2.24
N VAL E 397 -7.64 22.28 1.69
CA VAL E 397 -8.43 21.06 1.71
C VAL E 397 -7.52 19.93 2.19
N ASN E 398 -7.93 19.27 3.28
CA ASN E 398 -7.19 18.14 3.85
C ASN E 398 -5.74 18.51 4.13
N GLY E 399 -5.52 19.72 4.63
CA GLY E 399 -4.17 20.16 4.92
C GLY E 399 -3.31 20.49 3.72
N LYS E 400 -3.90 20.59 2.53
CA LYS E 400 -3.16 20.90 1.32
C LYS E 400 -3.79 22.09 0.61
N GLN E 401 -2.95 22.98 0.11
CA GLN E 401 -3.44 24.17 -0.57
C GLN E 401 -3.95 23.82 -1.96
N PHE E 402 -5.00 24.52 -2.38
CA PHE E 402 -5.60 24.30 -3.69
C PHE E 402 -6.14 25.63 -4.20
N LYS E 403 -6.34 25.69 -5.51
CA LYS E 403 -7.02 26.81 -6.15
C LYS E 403 -8.37 26.35 -6.68
N SER E 404 -9.41 27.12 -6.34
CA SER E 404 -10.78 26.77 -6.65
C SER E 404 -11.40 27.82 -7.55
N TYR E 405 -12.35 27.39 -8.38
CA TYR E 405 -13.03 28.29 -9.29
C TYR E 405 -14.54 28.25 -9.06
N TYR E 428 -20.11 28.80 -22.80
CA TYR E 428 -20.82 29.22 -24.00
C TYR E 428 -19.86 29.75 -25.05
N PHE E 429 -18.79 30.41 -24.60
CA PHE E 429 -17.86 31.09 -25.49
C PHE E 429 -16.84 30.13 -26.09
N GLN E 430 -16.83 28.87 -25.67
CA GLN E 430 -15.98 27.84 -26.27
C GLN E 430 -16.71 27.21 -27.45
N ASP E 431 -16.81 27.98 -28.53
CA ASP E 431 -17.55 27.58 -29.72
C ASP E 431 -16.73 26.70 -30.66
N ASP E 432 -15.48 26.39 -30.31
CA ASP E 432 -14.63 25.58 -31.17
C ASP E 432 -15.17 24.15 -31.23
N VAL E 433 -15.47 23.70 -32.44
CA VAL E 433 -16.06 22.37 -32.63
C VAL E 433 -15.04 21.27 -32.33
N LEU E 434 -13.79 21.46 -32.74
CA LEU E 434 -12.75 20.45 -32.56
C LEU E 434 -11.96 20.62 -31.28
N SER E 435 -12.37 21.52 -30.39
CA SER E 435 -11.68 21.69 -29.13
C SER E 435 -11.76 20.42 -28.30
N GLU E 436 -10.76 20.22 -27.42
CA GLU E 436 -10.71 18.99 -26.63
C GLU E 436 -11.92 18.87 -25.72
N ASP E 437 -12.37 19.98 -25.13
CA ASP E 437 -13.51 19.93 -24.22
C ASP E 437 -14.82 19.64 -24.93
N LYS E 438 -14.84 19.70 -26.26
CA LYS E 438 -15.98 19.24 -27.03
C LYS E 438 -16.00 17.74 -27.25
N LEU E 439 -14.94 17.04 -26.83
CA LEU E 439 -14.81 15.60 -27.04
C LEU E 439 -15.12 14.80 -25.79
N VAL E 440 -14.62 15.22 -24.63
CA VAL E 440 -14.83 14.50 -23.39
C VAL E 440 -16.11 14.97 -22.70
N VAL E 448 -7.12 23.44 -8.49
CA VAL E 448 -5.83 22.96 -8.96
C VAL E 448 -4.78 23.10 -7.87
N PRO E 449 -3.84 22.17 -7.82
CA PRO E 449 -2.82 22.21 -6.75
C PRO E 449 -1.95 23.44 -6.84
N PHE E 450 -1.50 23.90 -5.67
CA PHE E 450 -0.65 25.08 -5.59
C PHE E 450 0.77 24.76 -6.01
N ARG E 451 1.40 25.70 -6.72
CA ARG E 451 2.77 25.53 -7.18
C ARG E 451 3.70 26.64 -6.70
N GLY E 452 3.19 27.65 -6.00
CA GLY E 452 4.03 28.71 -5.48
C GLY E 452 4.09 29.91 -6.39
N PRO E 453 4.99 30.84 -6.08
CA PRO E 453 5.13 32.04 -6.90
C PRO E 453 5.69 31.72 -8.28
N LEU E 454 5.33 32.55 -9.25
CA LEU E 454 5.75 32.32 -10.63
C LEU E 454 7.22 32.63 -10.83
N GLY E 455 7.77 33.54 -10.02
CA GLY E 455 9.17 33.92 -10.20
C GLY E 455 10.13 32.75 -10.05
N THR E 456 9.89 31.89 -9.05
CA THR E 456 10.75 30.72 -8.87
C THR E 456 10.63 29.75 -10.05
N VAL E 457 9.42 29.57 -10.57
CA VAL E 457 9.23 28.69 -11.73
C VAL E 457 9.99 29.21 -12.93
N ILE E 458 9.86 30.51 -13.21
CA ILE E 458 10.56 31.10 -14.34
C ILE E 458 12.07 31.04 -14.13
N HIS E 459 12.52 31.25 -12.89
CA HIS E 459 13.94 31.16 -12.60
C HIS E 459 14.47 29.75 -12.87
N GLN E 460 13.73 28.73 -12.44
CA GLN E 460 14.16 27.35 -12.67
C GLN E 460 14.21 27.03 -14.16
N LEU E 461 13.17 27.43 -14.90
CA LEU E 461 13.14 27.16 -16.33
C LEU E 461 14.29 27.86 -17.05
N THR E 462 14.53 29.13 -16.70
CA THR E 462 15.61 29.87 -17.35
C THR E 462 16.97 29.31 -16.96
N GLY E 463 17.11 28.81 -15.73
CA GLY E 463 18.36 28.18 -15.35
C GLY E 463 18.62 26.90 -16.12
N GLY E 464 17.59 26.08 -16.32
CA GLY E 464 17.75 24.90 -17.15
C GLY E 464 18.10 25.23 -18.59
N LEU E 465 17.44 26.24 -19.15
CA LEU E 465 17.75 26.66 -20.51
C LEU E 465 19.18 27.19 -20.61
N ARG E 466 19.62 27.95 -19.61
CA ARG E 466 20.99 28.47 -19.59
C ARG E 466 22.00 27.34 -19.50
N ALA E 467 21.71 26.32 -18.69
CA ALA E 467 22.59 25.16 -18.61
C ALA E 467 22.67 24.44 -19.95
N ALA E 468 21.53 24.30 -20.64
CA ALA E 468 21.56 23.67 -21.96
C ALA E 468 22.37 24.49 -22.95
N MET E 469 22.22 25.81 -22.91
CA MET E 469 23.00 26.68 -23.79
C MET E 469 24.49 26.56 -23.50
N GLY E 470 24.85 26.48 -22.22
CA GLY E 470 26.25 26.30 -21.87
C GLY E 470 26.81 24.98 -22.33
N TYR E 471 26.01 23.91 -22.21
CA TYR E 471 26.46 22.60 -22.65
C TYR E 471 26.63 22.55 -24.17
N THR E 472 25.70 23.13 -24.92
CA THR E 472 25.74 23.04 -26.38
C THR E 472 26.58 24.13 -27.02
N GLY E 473 27.18 25.02 -26.24
CA GLY E 473 27.98 26.10 -26.79
C GLY E 473 27.19 27.11 -27.59
N SER E 474 26.02 27.51 -27.10
CA SER E 474 25.15 28.44 -27.81
C SER E 474 25.08 29.75 -27.01
N ALA E 475 25.59 30.83 -27.61
CA ALA E 475 25.55 32.13 -26.97
C ALA E 475 24.21 32.82 -27.13
N THR E 476 23.44 32.48 -28.17
CA THR E 476 22.13 33.04 -28.41
C THR E 476 21.16 31.92 -28.76
N ILE E 477 19.87 32.24 -28.70
CA ILE E 477 18.84 31.28 -29.10
C ILE E 477 19.01 30.90 -30.57
N GLU E 478 19.39 31.87 -31.41
CA GLU E 478 19.60 31.59 -32.82
C GLU E 478 20.75 30.61 -33.04
N GLN E 479 21.68 30.51 -32.08
CA GLN E 479 22.73 29.50 -32.15
C GLN E 479 22.32 28.20 -31.50
N LEU E 480 21.38 28.25 -30.55
CA LEU E 480 20.83 27.02 -29.98
C LEU E 480 19.95 26.30 -30.99
N GLN E 481 19.34 27.03 -31.92
CA GLN E 481 18.48 26.43 -32.91
C GLN E 481 19.25 25.58 -33.92
N GLN E 482 20.58 25.64 -33.93
CA GLN E 482 21.40 24.81 -34.79
C GLN E 482 21.99 23.61 -34.04
N ALA E 483 21.58 23.37 -32.81
CA ALA E 483 22.09 22.25 -32.04
C ALA E 483 21.60 20.93 -32.63
N GLN E 484 22.35 19.87 -32.34
CA GLN E 484 22.07 18.55 -32.88
C GLN E 484 21.48 17.65 -31.80
N PHE E 485 20.76 16.62 -32.24
CA PHE E 485 20.13 15.67 -31.35
C PHE E 485 20.77 14.30 -31.50
N VAL E 486 20.66 13.52 -30.43
CA VAL E 486 20.97 12.09 -30.44
C VAL E 486 19.70 11.34 -30.03
N GLN E 487 19.30 10.37 -30.84
CA GLN E 487 18.09 9.60 -30.58
C GLN E 487 18.41 8.44 -29.65
N ILE E 488 17.61 8.28 -28.61
CA ILE E 488 17.80 7.25 -27.60
C ILE E 488 16.72 6.20 -27.75
N THR E 489 17.05 4.97 -27.39
CA THR E 489 16.14 3.84 -27.53
C THR E 489 15.23 3.75 -26.30
N ALA E 490 14.44 2.68 -26.23
CA ALA E 490 13.52 2.51 -25.11
C ALA E 490 14.26 2.25 -23.80
N ALA E 491 15.46 1.69 -23.86
CA ALA E 491 16.22 1.40 -22.66
C ALA E 491 16.69 2.66 -21.94
N GLY E 492 16.76 3.79 -22.65
CA GLY E 492 17.19 5.05 -22.07
C GLY E 492 16.15 5.79 -21.28
N LEU E 493 14.91 5.29 -21.25
CA LEU E 493 13.84 5.96 -20.52
C LEU E 493 13.50 5.30 -19.19
N LYS E 494 13.93 4.06 -18.98
CA LYS E 494 13.66 3.36 -17.73
C LYS E 494 14.25 4.08 -16.52
N VAL F 12 13.72 13.65 -50.25
CA VAL F 12 14.26 14.84 -49.60
C VAL F 12 13.82 14.94 -48.13
N PRO F 13 12.54 14.73 -47.82
CA PRO F 13 12.14 14.71 -46.41
C PRO F 13 12.87 13.63 -45.63
N VAL F 14 13.27 13.96 -44.40
CA VAL F 14 13.92 13.03 -43.49
C VAL F 14 12.83 12.19 -42.85
N PRO F 15 13.06 10.90 -42.60
CA PRO F 15 12.00 10.08 -41.98
C PRO F 15 11.57 10.56 -40.61
N THR F 16 12.41 11.31 -39.89
CA THR F 16 12.06 11.82 -38.58
C THR F 16 11.69 13.30 -38.61
N GLY F 17 11.47 13.87 -39.79
CA GLY F 17 11.06 15.26 -39.87
C GLY F 17 12.20 16.18 -40.27
N GLY F 18 11.85 17.29 -40.91
CA GLY F 18 12.83 18.26 -41.34
C GLY F 18 13.49 17.89 -42.65
N ASP F 19 14.50 18.69 -43.01
CA ASP F 19 15.25 18.49 -44.24
C ASP F 19 16.70 18.13 -44.01
N ASP F 20 17.29 18.55 -42.89
CA ASP F 20 18.68 18.27 -42.62
C ASP F 20 18.83 16.83 -42.13
N PRO F 21 19.56 15.97 -42.83
CA PRO F 21 19.76 14.60 -42.34
C PRO F 21 20.67 14.50 -41.13
N THR F 22 21.39 15.56 -40.79
CA THR F 22 22.30 15.55 -39.65
C THR F 22 21.70 16.20 -38.41
N LYS F 23 20.41 16.59 -38.45
CA LYS F 23 19.79 17.17 -37.26
C LYS F 23 19.74 16.16 -36.14
N VAL F 24 19.34 14.93 -36.43
CA VAL F 24 19.45 13.80 -35.52
C VAL F 24 20.72 13.06 -35.90
N ALA F 25 21.79 13.28 -35.12
CA ALA F 25 23.12 12.83 -35.55
C ALA F 25 23.21 11.31 -35.60
N MET F 26 22.80 10.63 -34.54
CA MET F 26 22.95 9.19 -34.48
C MET F 26 21.99 8.62 -33.45
N LEU F 27 21.79 7.31 -33.52
CA LEU F 27 21.05 6.57 -32.50
C LEU F 27 22.02 6.14 -31.41
N GLY F 28 21.67 6.41 -30.16
CA GLY F 28 22.55 6.17 -29.02
C GLY F 28 22.19 4.88 -28.30
N LEU F 29 23.20 4.03 -28.11
CA LEU F 29 23.06 2.77 -27.40
C LEU F 29 23.54 2.92 -25.98
N THR F 30 22.75 2.44 -25.03
CA THR F 30 23.13 2.41 -23.63
C THR F 30 23.58 1.00 -23.26
N PHE F 31 23.87 0.79 -21.97
CA PHE F 31 24.35 -0.51 -21.53
C PHE F 31 23.27 -1.58 -21.63
N ASP F 32 21.99 -1.20 -21.57
CA ASP F 32 20.91 -2.17 -21.62
C ASP F 32 20.57 -2.61 -23.03
N ASP F 33 21.06 -1.90 -24.04
CA ASP F 33 20.72 -2.20 -25.43
C ASP F 33 21.61 -3.25 -26.06
N VAL F 34 22.70 -3.62 -25.43
CA VAL F 34 23.67 -4.52 -26.03
C VAL F 34 24.01 -5.65 -25.05
N LEU F 35 24.41 -6.79 -25.61
CA LEU F 35 24.93 -7.92 -24.86
C LEU F 35 26.18 -8.44 -25.55
N LEU F 36 27.06 -9.06 -24.77
CA LEU F 36 28.27 -9.64 -25.34
C LEU F 36 27.97 -11.00 -25.95
N LEU F 37 28.40 -11.18 -27.20
CA LEU F 37 28.19 -12.46 -27.87
C LEU F 37 29.28 -13.45 -27.49
N PRO F 38 28.92 -14.70 -27.23
CA PRO F 38 29.96 -15.71 -26.98
C PRO F 38 30.79 -15.97 -28.22
N ALA F 39 32.05 -16.34 -28.00
CA ALA F 39 32.98 -16.63 -29.08
C ALA F 39 33.81 -17.85 -28.71
N ALA F 40 34.70 -18.23 -29.61
CA ALA F 40 35.61 -19.34 -29.35
C ALA F 40 36.48 -19.02 -28.14
N SER F 41 36.44 -19.88 -27.13
CA SER F 41 37.09 -19.60 -25.85
C SER F 41 37.96 -20.76 -25.42
N ASP F 42 39.16 -20.42 -24.94
CA ASP F 42 40.06 -21.38 -24.29
C ASP F 42 40.54 -20.85 -22.95
N VAL F 43 39.84 -19.88 -22.38
CA VAL F 43 40.26 -19.17 -21.18
C VAL F 43 39.32 -19.55 -20.05
N VAL F 44 39.90 -19.98 -18.93
CA VAL F 44 39.11 -20.21 -17.72
C VAL F 44 39.08 -18.90 -16.93
N PRO F 45 38.00 -18.61 -16.19
CA PRO F 45 37.93 -17.33 -15.47
C PRO F 45 39.06 -17.11 -14.48
N ALA F 46 39.62 -18.17 -13.91
CA ALA F 46 40.62 -18.01 -12.86
C ALA F 46 41.98 -17.56 -13.40
N THR F 47 42.27 -17.82 -14.67
CA THR F 47 43.55 -17.41 -15.26
C THR F 47 43.41 -16.21 -16.19
N ALA F 48 42.27 -15.52 -16.18
CA ALA F 48 42.12 -14.33 -17.00
C ALA F 48 43.02 -13.22 -16.50
N ASP F 49 43.66 -12.51 -17.44
CA ASP F 49 44.57 -11.42 -17.10
C ASP F 49 43.77 -10.12 -17.16
N THR F 50 43.41 -9.59 -16.00
CA THR F 50 42.58 -8.40 -15.93
C THR F 50 43.41 -7.11 -15.82
N SER F 51 44.69 -7.17 -16.12
CA SER F 51 45.51 -5.95 -16.08
C SER F 51 45.12 -5.03 -17.22
N SER F 52 45.16 -3.72 -16.95
CA SER F 52 44.72 -2.74 -17.93
C SER F 52 45.49 -1.44 -17.74
N GLN F 53 45.52 -0.64 -18.81
CA GLN F 53 46.19 0.65 -18.77
C GLN F 53 45.27 1.70 -18.16
N LEU F 54 45.77 2.43 -17.16
CA LEU F 54 45.04 3.61 -16.68
C LEU F 54 45.44 4.84 -17.47
N THR F 55 46.74 5.06 -17.65
CA THR F 55 47.26 6.09 -18.54
C THR F 55 48.30 5.48 -19.45
N LYS F 56 48.96 6.29 -20.27
CA LYS F 56 50.00 5.76 -21.15
C LYS F 56 51.22 5.26 -20.39
N ARG F 57 51.40 5.69 -19.14
CA ARG F 57 52.57 5.31 -18.35
C ARG F 57 52.23 4.53 -17.09
N ILE F 58 50.96 4.29 -16.81
CA ILE F 58 50.54 3.58 -15.60
C ILE F 58 49.64 2.41 -16.00
N ARG F 59 49.92 1.24 -15.43
CA ARG F 59 49.14 0.04 -15.65
C ARG F 59 48.63 -0.50 -14.32
N LEU F 60 47.37 -0.91 -14.29
CA LEU F 60 46.76 -1.42 -13.07
C LEU F 60 46.65 -2.95 -13.13
N ARG F 61 46.20 -3.52 -12.03
CA ARG F 61 45.92 -4.95 -11.95
C ARG F 61 44.43 -5.26 -11.95
N VAL F 62 43.60 -4.34 -11.44
CA VAL F 62 42.16 -4.45 -11.50
C VAL F 62 41.65 -3.15 -12.10
N PRO F 63 41.04 -3.16 -13.29
CA PRO F 63 40.69 -1.90 -13.97
C PRO F 63 39.48 -1.19 -13.37
N LEU F 64 39.63 -0.74 -12.12
CA LEU F 64 38.57 -0.04 -11.43
C LEU F 64 39.15 1.16 -10.69
N VAL F 65 38.46 2.29 -10.75
CA VAL F 65 38.91 3.53 -10.14
C VAL F 65 37.71 4.19 -9.46
N SER F 66 37.95 4.74 -8.26
CA SER F 66 36.91 5.49 -7.57
C SER F 66 36.76 6.87 -8.20
N SER F 67 35.56 7.45 -8.08
CA SER F 67 35.12 8.51 -8.97
C SER F 67 35.28 9.91 -8.39
N ALA F 68 36.23 10.11 -7.48
CA ALA F 68 36.61 11.45 -7.01
C ALA F 68 35.41 12.24 -6.48
N MET F 69 34.47 11.56 -5.84
CA MET F 69 33.33 12.24 -5.23
C MET F 69 33.53 12.39 -3.73
N ASP F 70 32.91 13.42 -3.17
CA ASP F 70 33.05 13.71 -1.74
C ASP F 70 32.44 12.63 -0.86
N THR F 71 31.52 11.84 -1.38
CA THR F 71 30.93 10.73 -0.64
C THR F 71 31.59 9.39 -0.94
N VAL F 72 32.64 9.38 -1.76
CA VAL F 72 33.23 8.12 -2.19
C VAL F 72 34.69 8.02 -1.76
N THR F 73 35.54 8.95 -2.22
CA THR F 73 36.98 8.78 -2.12
C THR F 73 37.59 9.78 -1.15
N GLU F 74 38.20 9.26 -0.08
CA GLU F 74 39.14 10.01 0.75
C GLU F 74 40.36 9.13 1.00
N SER F 75 41.20 9.51 1.95
CA SER F 75 42.47 8.81 2.15
C SER F 75 42.29 7.33 2.41
N ARG F 76 41.34 6.97 3.27
CA ARG F 76 41.08 5.56 3.54
C ARG F 76 40.61 4.83 2.30
N MET F 77 39.67 5.44 1.56
CA MET F 77 39.17 4.82 0.34
C MET F 77 40.28 4.69 -0.70
N ALA F 78 41.12 5.71 -0.84
CA ALA F 78 42.22 5.64 -1.79
C ALA F 78 43.20 4.53 -1.43
N ILE F 79 43.53 4.40 -0.15
CA ILE F 79 44.44 3.34 0.29
C ILE F 79 43.83 1.97 0.01
N ALA F 80 42.55 1.80 0.35
CA ALA F 80 41.90 0.51 0.14
C ALA F 80 41.81 0.17 -1.34
N MET F 81 41.53 1.16 -2.18
CA MET F 81 41.40 0.91 -3.61
C MET F 81 42.74 0.61 -4.24
N ALA F 82 43.81 1.27 -3.78
CA ALA F 82 45.14 0.97 -4.30
C ALA F 82 45.63 -0.39 -3.84
N ARG F 83 45.26 -0.80 -2.62
CA ARG F 83 45.66 -2.11 -2.12
C ARG F 83 44.87 -3.24 -2.80
N ALA F 84 43.70 -2.94 -3.35
CA ALA F 84 42.89 -3.93 -4.03
C ALA F 84 43.32 -4.17 -5.47
N GLY F 85 44.25 -3.38 -5.99
CA GLY F 85 44.72 -3.50 -7.35
C GLY F 85 44.33 -2.37 -8.27
N GLY F 86 43.47 -1.46 -7.84
CA GLY F 86 43.06 -0.32 -8.64
C GLY F 86 43.74 0.95 -8.21
N MET F 87 42.96 2.03 -8.13
CA MET F 87 43.46 3.31 -7.68
C MET F 87 42.28 4.19 -7.28
N GLY F 88 42.50 5.06 -6.31
CA GLY F 88 41.51 6.03 -5.88
C GLY F 88 41.93 7.44 -6.29
N VAL F 89 40.95 8.27 -6.58
CA VAL F 89 41.17 9.66 -6.98
C VAL F 89 40.54 10.55 -5.93
N LEU F 90 41.36 11.31 -5.20
CA LEU F 90 40.85 12.13 -4.12
C LEU F 90 40.02 13.28 -4.65
N HIS F 91 38.87 13.53 -4.02
CA HIS F 91 37.98 14.59 -4.45
C HIS F 91 38.55 15.94 -4.06
N ARG F 92 37.96 17.00 -4.63
CA ARG F 92 38.47 18.36 -4.48
C ARG F 92 37.46 19.30 -3.83
N ASN F 93 36.44 18.77 -3.16
CA ASN F 93 35.55 19.61 -2.38
C ASN F 93 36.15 19.86 -1.00
N LEU F 94 37.40 20.30 -0.96
CA LEU F 94 38.14 20.48 0.28
C LEU F 94 39.10 21.65 0.10
N PRO F 95 39.56 22.25 1.19
CA PRO F 95 40.67 23.20 1.08
C PRO F 95 41.92 22.53 0.56
N VAL F 96 42.76 23.31 -0.12
CA VAL F 96 43.97 22.76 -0.74
C VAL F 96 44.83 22.06 0.30
N ALA F 97 44.92 22.63 1.50
CA ALA F 97 45.71 22.01 2.56
C ALA F 97 45.17 20.63 2.92
N GLU F 98 43.85 20.49 3.02
CA GLU F 98 43.27 19.19 3.35
C GLU F 98 43.54 18.17 2.25
N GLN F 99 43.40 18.58 0.99
CA GLN F 99 43.63 17.65 -0.11
C GLN F 99 45.09 17.21 -0.17
N ALA F 100 46.02 18.14 0.02
CA ALA F 100 47.43 17.78 0.04
C ALA F 100 47.75 16.88 1.24
N GLY F 101 47.13 17.15 2.39
CA GLY F 101 47.32 16.29 3.54
C GLY F 101 46.83 14.88 3.31
N GLN F 102 45.68 14.74 2.65
CA GLN F 102 45.18 13.41 2.31
C GLN F 102 46.07 12.71 1.31
N VAL F 103 46.60 13.45 0.33
CA VAL F 103 47.59 12.87 -0.58
C VAL F 103 48.78 12.33 0.19
N GLU F 104 49.31 13.13 1.12
CA GLU F 104 50.46 12.70 1.92
C GLU F 104 50.12 11.50 2.77
N THR F 105 48.92 11.48 3.35
CA THR F 105 48.49 10.33 4.15
C THR F 105 48.43 9.07 3.32
N VAL F 106 47.93 9.16 2.09
CA VAL F 106 47.93 8.00 1.19
C VAL F 106 49.35 7.57 0.88
N LYS F 107 50.24 8.53 0.62
CA LYS F 107 51.63 8.17 0.29
C LYS F 107 52.33 7.55 1.49
N ARG F 108 52.02 7.99 2.71
CA ARG F 108 52.66 7.48 3.92
C ARG F 108 51.97 6.19 4.33
N SER F 109 52.42 5.08 3.77
CA SER F 109 51.86 3.78 4.10
C SER F 109 52.85 2.66 3.78
N THR F 223 53.64 -8.37 2.70
CA THR F 223 52.99 -8.05 1.43
C THR F 223 51.98 -9.12 1.05
N GLU F 224 51.96 -10.21 1.81
CA GLU F 224 51.04 -11.30 1.52
C GLU F 224 49.58 -10.90 1.69
N GLN F 225 49.30 -9.83 2.44
CA GLN F 225 47.93 -9.35 2.56
C GLN F 225 47.48 -8.63 1.30
N PHE F 226 48.36 -7.84 0.69
CA PHE F 226 48.03 -7.03 -0.48
C PHE F 226 49.09 -7.23 -1.57
N PRO F 227 49.10 -8.39 -2.22
CA PRO F 227 50.07 -8.61 -3.30
C PRO F 227 49.80 -7.77 -4.53
N LEU F 228 48.53 -7.47 -4.83
CA LEU F 228 48.15 -6.76 -6.04
C LEU F 228 48.28 -5.24 -5.92
N SER F 229 48.99 -4.75 -4.90
CA SER F 229 49.08 -3.31 -4.68
C SER F 229 49.70 -2.61 -5.88
N THR F 230 49.13 -1.46 -6.23
CA THR F 230 49.69 -0.60 -7.28
C THR F 230 50.65 0.39 -6.63
N LYS F 231 51.89 0.39 -7.11
CA LYS F 231 52.95 1.18 -6.49
C LYS F 231 53.80 1.85 -7.55
N ASP F 232 54.43 2.95 -7.14
CA ASP F 232 55.39 3.66 -8.00
C ASP F 232 56.77 3.01 -7.86
N SER F 233 57.79 3.68 -8.39
CA SER F 233 59.14 3.13 -8.35
C SER F 233 59.65 2.99 -6.92
N ASP F 234 59.20 3.83 -6.01
CA ASP F 234 59.66 3.81 -4.62
C ASP F 234 58.89 2.83 -3.75
N GLY F 235 57.90 2.13 -4.30
CA GLY F 235 57.11 1.22 -3.50
C GLY F 235 55.97 1.85 -2.73
N ARG F 236 55.63 3.09 -3.03
CA ARG F 236 54.54 3.80 -2.36
C ARG F 236 53.25 3.67 -3.17
N LEU F 237 52.13 3.60 -2.45
CA LEU F 237 50.84 3.42 -3.10
C LEU F 237 50.51 4.61 -4.00
N LEU F 238 49.90 4.32 -5.14
CA LEU F 238 49.53 5.35 -6.09
C LEU F 238 48.22 6.03 -5.68
N VAL F 239 48.11 7.30 -6.01
CA VAL F 239 46.92 8.09 -5.69
C VAL F 239 46.76 9.17 -6.74
N GLY F 240 45.51 9.54 -7.01
CA GLY F 240 45.21 10.61 -7.93
C GLY F 240 44.42 11.71 -7.26
N ALA F 241 44.44 12.91 -7.84
CA ALA F 241 43.74 14.05 -7.27
C ALA F 241 43.07 14.83 -8.40
N ALA F 242 41.89 15.36 -8.11
CA ALA F 242 41.13 16.14 -9.09
C ALA F 242 41.33 17.62 -8.84
N VAL F 243 41.50 18.37 -9.94
CA VAL F 243 41.64 19.82 -9.89
C VAL F 243 40.56 20.44 -10.77
N GLY F 244 40.43 21.76 -10.67
CA GLY F 244 39.44 22.47 -11.46
C GLY F 244 40.06 23.24 -12.61
N VAL F 245 39.55 24.43 -12.87
CA VAL F 245 40.08 25.31 -13.92
C VAL F 245 40.21 26.72 -13.34
N GLY F 246 41.35 27.34 -13.58
CA GLY F 246 41.63 28.70 -13.13
C GLY F 246 42.95 28.79 -12.41
N ASP F 247 43.23 30.01 -11.92
CA ASP F 247 44.48 30.25 -11.21
C ASP F 247 44.50 29.52 -9.86
N ASP F 248 43.37 29.55 -9.14
CA ASP F 248 43.26 28.77 -7.92
C ASP F 248 43.44 27.28 -8.21
N ALA F 249 42.88 26.81 -9.33
CA ALA F 249 43.13 25.44 -9.76
C ALA F 249 44.62 25.20 -10.01
N TRP F 250 45.31 26.18 -10.60
CA TRP F 250 46.74 26.02 -10.84
C TRP F 250 47.52 25.90 -9.55
N THR F 251 47.22 26.75 -8.57
CA THR F 251 47.96 26.67 -7.30
C THR F 251 47.62 25.39 -6.55
N ARG F 252 46.37 24.93 -6.64
CA ARG F 252 46.01 23.64 -6.05
C ARG F 252 46.77 22.50 -6.72
N ALA F 253 46.88 22.54 -8.05
CA ALA F 253 47.59 21.50 -8.77
C ALA F 253 49.06 21.48 -8.40
N MET F 254 49.68 22.66 -8.29
CA MET F 254 51.09 22.72 -7.91
C MET F 254 51.29 22.21 -6.49
N THR F 255 50.39 22.56 -5.57
CA THR F 255 50.48 22.04 -4.21
C THR F 255 50.36 20.53 -4.18
N LEU F 256 49.43 19.97 -4.96
CA LEU F 256 49.26 18.52 -5.01
C LEU F 256 50.49 17.85 -5.60
N VAL F 257 51.07 18.42 -6.65
CA VAL F 257 52.27 17.85 -7.26
C VAL F 257 53.42 17.87 -6.26
N ASP F 258 53.52 18.96 -5.48
CA ASP F 258 54.55 19.02 -4.45
C ASP F 258 54.38 17.91 -3.41
N ALA F 259 53.13 17.61 -3.05
CA ALA F 259 52.87 16.59 -2.05
C ALA F 259 53.05 15.17 -2.56
N GLY F 260 53.48 14.99 -3.81
CA GLY F 260 53.76 13.67 -4.33
C GLY F 260 52.62 12.97 -5.02
N VAL F 261 51.60 13.70 -5.47
CA VAL F 261 50.49 13.08 -6.19
C VAL F 261 51.02 12.47 -7.49
N ASP F 262 50.32 11.45 -7.98
CA ASP F 262 50.76 10.70 -9.15
C ASP F 262 49.97 11.00 -10.41
N VAL F 263 48.66 11.18 -10.31
CA VAL F 263 47.81 11.47 -11.45
C VAL F 263 46.97 12.70 -11.14
N LEU F 264 46.94 13.65 -12.06
CA LEU F 264 46.10 14.84 -11.93
C LEU F 264 44.91 14.71 -12.86
N ILE F 265 43.72 14.93 -12.32
CA ILE F 265 42.47 14.87 -13.09
C ILE F 265 41.94 16.28 -13.23
N VAL F 266 41.81 16.76 -14.46
CA VAL F 266 41.17 18.06 -14.73
C VAL F 266 39.68 17.76 -14.84
N ASP F 267 39.02 17.70 -13.69
CA ASP F 267 37.67 17.20 -13.59
C ASP F 267 36.68 18.33 -13.85
N THR F 268 36.01 18.28 -14.99
CA THR F 268 34.98 19.26 -15.34
C THR F 268 33.75 18.52 -15.86
N ALA F 269 32.58 19.16 -15.70
CA ALA F 269 31.35 18.57 -16.20
C ALA F 269 31.31 18.55 -17.71
N HIS F 270 31.89 19.54 -18.37
CA HIS F 270 31.91 19.63 -19.83
C HIS F 270 33.32 20.04 -20.23
N ALA F 271 34.11 19.06 -20.68
CA ALA F 271 35.54 19.25 -20.89
C ALA F 271 35.91 19.72 -22.29
N HIS F 272 34.93 19.92 -23.17
CA HIS F 272 35.22 20.44 -24.50
C HIS F 272 35.37 21.95 -24.52
N ASN F 273 35.45 22.59 -23.35
CA ASN F 273 35.71 24.02 -23.26
C ASN F 273 37.16 24.31 -23.67
N ARG F 274 37.41 25.57 -24.00
CA ARG F 274 38.77 25.97 -24.39
C ARG F 274 39.65 26.17 -23.16
N GLY F 275 39.09 26.72 -22.08
CA GLY F 275 39.88 26.90 -20.87
C GLY F 275 40.36 25.59 -20.28
N VAL F 276 39.52 24.55 -20.36
CA VAL F 276 39.93 23.24 -19.87
C VAL F 276 41.11 22.71 -20.68
N LEU F 277 41.05 22.88 -22.00
CA LEU F 277 42.17 22.44 -22.84
C LEU F 277 43.44 23.23 -22.53
N ASP F 278 43.30 24.53 -22.29
CA ASP F 278 44.47 25.34 -21.91
C ASP F 278 45.06 24.86 -20.60
N MET F 279 44.22 24.55 -19.61
CA MET F 279 44.70 24.04 -18.34
C MET F 279 45.41 22.70 -18.52
N VAL F 280 44.84 21.82 -19.34
CA VAL F 280 45.45 20.51 -19.57
C VAL F 280 46.80 20.67 -20.25
N SER F 281 46.89 21.55 -21.24
CA SER F 281 48.17 21.78 -21.93
C SER F 281 49.21 22.36 -20.98
N ARG F 282 48.82 23.31 -20.14
CA ARG F 282 49.75 23.89 -19.19
C ARG F 282 50.27 22.84 -18.23
N LEU F 283 49.37 22.01 -17.69
CA LEU F 283 49.80 20.96 -16.77
C LEU F 283 50.72 19.96 -17.47
N LYS F 284 50.38 19.56 -18.68
CA LYS F 284 51.20 18.59 -19.39
C LYS F 284 52.58 19.15 -19.70
N GLN F 285 52.68 20.43 -20.01
CA GLN F 285 53.98 21.03 -20.30
C GLN F 285 54.80 21.27 -19.05
N ALA F 286 54.15 21.59 -17.93
CA ALA F 286 54.90 21.92 -16.71
C ALA F 286 55.39 20.67 -15.98
N VAL F 287 54.48 19.73 -15.70
CA VAL F 287 54.80 18.57 -14.88
C VAL F 287 54.63 17.28 -15.69
N GLY F 288 54.97 17.34 -16.98
CA GLY F 288 54.83 16.16 -17.82
C GLY F 288 55.65 14.98 -17.35
N GLU F 289 56.89 15.22 -16.93
CA GLU F 289 57.73 14.13 -16.44
C GLU F 289 57.33 13.67 -15.05
N ARG F 290 56.77 14.56 -14.22
CA ARG F 290 56.43 14.20 -12.85
C ARG F 290 55.16 13.37 -12.78
N VAL F 291 54.05 13.91 -13.30
CA VAL F 291 52.74 13.29 -13.15
C VAL F 291 52.09 13.18 -14.53
N ASP F 292 50.98 12.45 -14.57
CA ASP F 292 50.18 12.28 -15.78
C ASP F 292 48.88 13.06 -15.65
N VAL F 293 48.42 13.63 -16.77
CA VAL F 293 47.23 14.48 -16.81
C VAL F 293 46.12 13.74 -17.52
N VAL F 294 44.92 13.80 -16.97
CA VAL F 294 43.74 13.14 -17.52
C VAL F 294 42.67 14.19 -17.77
N GLY F 295 42.11 14.20 -18.98
CA GLY F 295 41.11 15.18 -19.34
C GLY F 295 39.76 14.89 -18.69
N GLY F 296 38.93 15.93 -18.66
CA GLY F 296 37.62 15.83 -18.04
C GLY F 296 36.64 14.96 -18.81
N ASN F 297 35.34 15.12 -18.51
CA ASN F 297 34.32 14.27 -19.09
C ASN F 297 33.94 14.76 -20.48
N VAL F 298 33.96 13.84 -21.45
CA VAL F 298 33.56 14.12 -22.82
C VAL F 298 32.57 13.05 -23.26
N ALA F 299 31.86 13.34 -24.36
CA ALA F 299 30.87 12.42 -24.87
C ALA F 299 30.89 12.25 -26.39
N THR F 300 31.76 12.95 -27.11
CA THR F 300 31.78 12.89 -28.56
C THR F 300 33.19 12.62 -29.06
N ARG F 301 33.31 12.37 -30.37
CA ARG F 301 34.60 12.11 -30.97
C ARG F 301 35.45 13.38 -31.04
N ALA F 302 34.82 14.51 -31.36
CA ALA F 302 35.56 15.76 -31.50
C ALA F 302 36.19 16.18 -30.17
N ALA F 303 35.44 16.04 -29.08
CA ALA F 303 35.97 16.40 -27.76
C ALA F 303 37.14 15.49 -27.38
N ALA F 304 37.02 14.19 -27.66
CA ALA F 304 38.12 13.28 -27.36
C ALA F 304 39.35 13.62 -28.18
N ALA F 305 39.18 13.95 -29.46
CA ALA F 305 40.31 14.34 -30.29
C ALA F 305 40.94 15.62 -29.78
N ALA F 306 40.12 16.58 -29.34
CA ALA F 306 40.65 17.83 -28.81
C ALA F 306 41.46 17.59 -27.54
N LEU F 307 40.97 16.71 -26.66
CA LEU F 307 41.73 16.39 -25.45
C LEU F 307 43.03 15.66 -25.79
N VAL F 308 42.98 14.77 -26.79
CA VAL F 308 44.20 14.07 -27.21
C VAL F 308 45.23 15.07 -27.73
N GLU F 309 44.79 16.03 -28.55
CA GLU F 309 45.70 17.05 -29.05
C GLU F 309 46.23 17.94 -27.94
N ALA F 310 45.40 18.22 -26.92
CA ALA F 310 45.83 19.08 -25.83
C ALA F 310 46.95 18.47 -25.00
N GLY F 311 47.20 17.17 -25.15
CA GLY F 311 48.28 16.52 -24.43
C GLY F 311 47.87 15.62 -23.28
N ALA F 312 46.58 15.33 -23.14
CA ALA F 312 46.12 14.48 -22.04
C ALA F 312 46.63 13.06 -22.22
N ASP F 313 46.95 12.41 -21.10
CA ASP F 313 47.40 11.03 -21.12
C ASP F 313 46.25 10.03 -21.09
N ALA F 314 45.08 10.45 -20.63
CA ALA F 314 43.90 9.60 -20.63
C ALA F 314 42.67 10.49 -20.80
N VAL F 315 41.57 9.88 -21.24
CA VAL F 315 40.33 10.60 -21.51
C VAL F 315 39.22 9.96 -20.71
N LYS F 316 38.45 10.78 -20.00
CA LYS F 316 37.33 10.34 -19.20
C LYS F 316 36.05 10.65 -19.96
N VAL F 317 35.16 9.66 -20.06
CA VAL F 317 34.03 9.71 -20.98
C VAL F 317 32.73 9.66 -20.19
N GLY F 318 31.79 10.54 -20.55
CA GLY F 318 30.45 10.49 -20.03
C GLY F 318 29.87 11.84 -19.67
N VAL F 319 28.71 12.15 -20.24
CA VAL F 319 27.98 13.39 -19.95
C VAL F 319 26.50 13.03 -19.80
N GLY F 320 26.03 13.01 -18.55
CA GLY F 320 24.69 12.57 -18.27
C GLY F 320 24.43 11.15 -18.74
N PRO F 321 25.26 10.20 -18.32
CA PRO F 321 25.13 8.83 -18.82
C PRO F 321 23.99 8.03 -18.19
N GLY F 322 23.38 8.55 -17.12
CA GLY F 322 22.30 7.83 -16.49
C GLY F 322 20.97 8.01 -17.20
N SER F 323 20.08 7.04 -16.98
CA SER F 323 18.77 7.07 -17.64
C SER F 323 17.92 8.24 -17.15
N ILE F 324 17.99 8.53 -15.85
CA ILE F 324 17.19 9.62 -15.28
C ILE F 324 18.11 10.66 -14.64
N CYS F 325 19.31 10.82 -15.20
CA CYS F 325 20.25 11.81 -14.68
C CYS F 325 19.63 13.20 -14.66
N THR F 326 20.05 14.01 -13.70
CA THR F 326 19.51 15.36 -13.58
C THR F 326 19.90 16.24 -14.76
N THR F 327 21.05 15.95 -15.39
CA THR F 327 21.45 16.70 -16.58
C THR F 327 20.45 16.52 -17.71
N ARG F 328 19.92 15.31 -17.86
CA ARG F 328 18.94 15.05 -18.90
C ARG F 328 17.61 15.72 -18.59
N VAL F 329 17.16 15.65 -17.34
CA VAL F 329 15.84 16.17 -16.99
C VAL F 329 15.84 17.70 -17.02
N VAL F 330 16.86 18.32 -16.45
CA VAL F 330 16.86 19.78 -16.31
C VAL F 330 17.37 20.46 -17.60
N ALA F 331 18.53 20.04 -18.08
CA ALA F 331 19.14 20.69 -19.24
C ALA F 331 18.78 20.04 -20.56
N GLY F 332 18.34 18.79 -20.56
CA GLY F 332 18.06 18.10 -21.80
C GLY F 332 19.27 17.62 -22.55
N VAL F 333 20.43 17.59 -21.91
CA VAL F 333 21.70 17.22 -22.54
C VAL F 333 22.12 15.86 -22.01
N GLY F 334 22.61 15.01 -22.90
CA GLY F 334 23.09 13.71 -22.49
C GLY F 334 23.62 12.94 -23.67
N ALA F 335 24.16 11.77 -23.37
CA ALA F 335 24.70 10.88 -24.39
C ALA F 335 24.73 9.45 -23.86
N PRO F 336 24.11 8.51 -24.58
CA PRO F 336 24.20 7.10 -24.16
C PRO F 336 25.65 6.63 -24.10
N GLN F 337 25.95 5.82 -23.09
CA GLN F 337 27.34 5.57 -22.73
C GLN F 337 28.06 4.69 -23.75
N ILE F 338 27.39 3.67 -24.29
CA ILE F 338 28.05 2.78 -25.24
C ILE F 338 28.47 3.54 -26.49
N THR F 339 27.55 4.34 -27.04
CA THR F 339 27.87 5.12 -28.24
C THR F 339 28.95 6.16 -27.94
N ALA F 340 28.88 6.79 -26.76
CA ALA F 340 29.89 7.77 -26.39
C ALA F 340 31.27 7.13 -26.29
N ILE F 341 31.34 5.95 -25.68
CA ILE F 341 32.62 5.25 -25.57
C ILE F 341 33.14 4.86 -26.94
N LEU F 342 32.27 4.35 -27.81
CA LEU F 342 32.71 3.96 -29.16
C LEU F 342 33.23 5.17 -29.93
N GLU F 343 32.60 6.34 -29.73
CA GLU F 343 33.03 7.53 -30.44
C GLU F 343 34.34 8.05 -29.87
N ALA F 344 34.50 8.04 -28.55
CA ALA F 344 35.75 8.54 -28.00
C ALA F 344 36.90 7.60 -28.30
N VAL F 345 36.61 6.29 -28.37
CA VAL F 345 37.65 5.33 -28.70
C VAL F 345 38.09 5.51 -30.14
N ALA F 346 37.15 5.85 -31.03
CA ALA F 346 37.52 6.05 -32.43
C ALA F 346 38.50 7.20 -32.60
N ALA F 347 38.59 8.10 -31.62
CA ALA F 347 39.53 9.20 -31.65
C ALA F 347 40.78 8.95 -30.83
N CYS F 348 40.67 8.16 -29.76
CA CYS F 348 41.79 7.94 -28.84
C CYS F 348 42.66 6.75 -29.22
N LYS F 349 42.07 5.70 -29.80
CA LYS F 349 42.83 4.50 -30.12
C LYS F 349 44.00 4.75 -31.08
N PRO F 350 43.87 5.54 -32.15
CA PRO F 350 45.02 5.72 -33.06
C PRO F 350 46.24 6.33 -32.38
N TYR F 351 46.09 7.04 -31.27
CA TYR F 351 47.21 7.64 -30.56
C TYR F 351 47.61 6.85 -29.31
N GLY F 352 46.92 5.75 -29.01
CA GLY F 352 47.24 4.96 -27.84
C GLY F 352 46.78 5.52 -26.52
N VAL F 353 45.95 6.56 -26.53
CA VAL F 353 45.48 7.19 -25.30
C VAL F 353 44.38 6.32 -24.69
N PRO F 354 44.53 5.87 -23.45
CA PRO F 354 43.47 5.08 -22.82
C PRO F 354 42.20 5.88 -22.61
N VAL F 355 41.08 5.17 -22.62
CA VAL F 355 39.75 5.77 -22.40
C VAL F 355 39.20 5.23 -21.09
N ILE F 356 38.70 6.13 -20.25
CA ILE F 356 38.15 5.78 -18.95
C ILE F 356 36.63 5.96 -19.01
N ALA F 357 35.90 4.89 -18.72
CA ALA F 357 34.44 4.96 -18.67
C ALA F 357 33.99 5.50 -17.32
N ASP F 358 33.15 6.53 -17.33
CA ASP F 358 32.74 7.23 -16.12
C ASP F 358 31.23 7.41 -16.13
N GLY F 359 30.56 6.78 -15.17
CA GLY F 359 29.13 6.97 -15.01
C GLY F 359 28.31 5.96 -15.79
N GLY F 360 27.11 5.69 -15.27
CA GLY F 360 26.17 4.79 -15.91
C GLY F 360 26.32 3.33 -15.52
N LEU F 361 27.35 2.97 -14.78
CA LEU F 361 27.56 1.58 -14.41
C LEU F 361 26.64 1.18 -13.26
N GLN F 362 26.03 0.00 -13.38
CA GLN F 362 25.15 -0.52 -12.35
C GLN F 362 25.44 -1.96 -11.94
N TYR F 363 26.11 -2.75 -12.77
CA TYR F 363 26.45 -4.12 -12.45
C TYR F 363 27.85 -4.43 -12.97
N SER F 364 28.33 -5.64 -12.70
CA SER F 364 29.59 -6.08 -13.28
C SER F 364 29.45 -6.29 -14.78
N GLY F 365 28.25 -6.66 -15.23
CA GLY F 365 28.01 -6.76 -16.66
C GLY F 365 28.21 -5.45 -17.39
N ASP F 366 27.80 -4.35 -16.76
CA ASP F 366 28.04 -3.04 -17.35
C ASP F 366 29.52 -2.73 -17.44
N ILE F 367 30.29 -3.15 -16.44
CA ILE F 367 31.75 -2.98 -16.50
C ILE F 367 32.33 -3.77 -17.66
N ALA F 368 31.88 -5.01 -17.82
CA ALA F 368 32.36 -5.84 -18.93
C ALA F 368 32.00 -5.23 -20.26
N LYS F 369 30.79 -4.70 -20.39
CA LYS F 369 30.36 -4.08 -21.64
C LYS F 369 31.18 -2.82 -21.92
N ALA F 370 31.44 -2.01 -20.90
CA ALA F 370 32.24 -0.81 -21.09
C ALA F 370 33.66 -1.15 -21.52
N LEU F 371 34.26 -2.17 -20.91
CA LEU F 371 35.61 -2.57 -21.30
C LEU F 371 35.63 -3.20 -22.69
N ALA F 372 34.54 -3.85 -23.09
CA ALA F 372 34.48 -4.44 -24.43
C ALA F 372 34.21 -3.40 -25.50
N ALA F 373 33.55 -2.29 -25.15
CA ALA F 373 33.29 -1.23 -26.11
C ALA F 373 34.54 -0.46 -26.48
N GLY F 374 35.60 -0.56 -25.67
CA GLY F 374 36.83 0.13 -25.99
C GLY F 374 37.49 0.83 -24.83
N ALA F 375 36.76 1.03 -23.74
CA ALA F 375 37.34 1.67 -22.57
C ALA F 375 38.39 0.76 -21.93
N SER F 376 39.42 1.38 -21.36
CA SER F 376 40.50 0.65 -20.72
C SER F 376 40.36 0.58 -19.21
N THR F 377 39.48 1.39 -18.62
CA THR F 377 39.29 1.40 -17.17
C THR F 377 37.89 1.92 -16.89
N ALA F 378 37.25 1.34 -15.88
CA ALA F 378 35.91 1.74 -15.47
C ALA F 378 35.99 2.49 -14.15
N MET F 379 35.32 3.65 -14.08
CA MET F 379 35.27 4.47 -12.89
C MET F 379 33.96 4.20 -12.16
N LEU F 380 34.04 3.71 -10.93
CA LEU F 380 32.88 3.07 -10.29
C LEU F 380 31.89 4.09 -9.74
N GLY F 381 32.32 4.89 -8.76
CA GLY F 381 31.45 5.92 -8.23
C GLY F 381 30.41 5.43 -7.24
N SER F 382 29.14 5.41 -7.67
CA SER F 382 28.04 5.11 -6.77
C SER F 382 28.11 3.70 -6.22
N LEU F 383 28.80 2.78 -6.90
CA LEU F 383 28.94 1.42 -6.41
C LEU F 383 29.81 1.36 -5.16
N LEU F 384 30.53 2.43 -4.84
CA LEU F 384 31.41 2.49 -3.68
C LEU F 384 30.99 3.53 -2.66
N ALA F 385 29.88 4.25 -2.90
CA ALA F 385 29.50 5.35 -2.01
C ALA F 385 29.12 4.86 -0.63
N GLY F 386 28.36 3.77 -0.54
CA GLY F 386 27.87 3.28 0.72
C GLY F 386 28.75 2.27 1.43
N THR F 387 29.95 2.03 0.92
CA THR F 387 30.84 1.05 1.52
C THR F 387 31.51 1.62 2.77
N ALA F 388 32.17 0.73 3.53
CA ALA F 388 32.77 1.14 4.80
C ALA F 388 33.88 2.15 4.59
N GLU F 389 34.72 1.95 3.58
CA GLU F 389 35.88 2.81 3.37
C GLU F 389 35.50 4.20 2.89
N SER F 390 34.27 4.40 2.44
CA SER F 390 33.84 5.73 2.02
C SER F 390 33.65 6.64 3.22
N PRO F 391 33.82 7.94 3.06
CA PRO F 391 33.66 8.86 4.19
C PRO F 391 32.25 8.88 4.73
N GLY F 392 32.14 9.11 6.03
CA GLY F 392 30.86 9.13 6.72
C GLY F 392 30.87 8.17 7.90
N GLU F 393 30.11 8.52 8.94
CA GLU F 393 30.04 7.71 10.14
C GLU F 393 28.83 6.77 10.05
N LEU F 394 28.99 5.57 10.59
CA LEU F 394 27.95 4.55 10.54
C LEU F 394 27.01 4.72 11.72
N ILE F 395 25.71 4.91 11.44
CA ILE F 395 24.70 5.13 12.47
C ILE F 395 23.51 4.22 12.17
N PHE F 396 22.64 4.09 13.16
CA PHE F 396 21.45 3.24 13.05
C PHE F 396 20.19 4.10 13.11
N VAL F 397 19.36 4.03 12.08
CA VAL F 397 18.09 4.72 12.02
C VAL F 397 17.02 3.73 11.59
N ASN F 398 15.94 3.64 12.37
CA ASN F 398 14.78 2.82 12.04
C ASN F 398 15.16 1.37 11.76
N GLY F 399 16.21 0.88 12.43
CA GLY F 399 16.63 -0.49 12.28
C GLY F 399 17.54 -0.79 11.11
N LYS F 400 18.02 0.24 10.39
CA LYS F 400 18.95 0.05 9.29
C LYS F 400 20.10 1.03 9.43
N GLN F 401 21.27 0.64 8.92
CA GLN F 401 22.42 1.53 9.00
C GLN F 401 22.40 2.57 7.88
N PHE F 402 22.91 3.75 8.23
CA PHE F 402 23.07 4.86 7.30
C PHE F 402 24.41 5.51 7.59
N LYS F 403 24.91 6.28 6.63
CA LYS F 403 26.15 7.02 6.81
C LYS F 403 25.83 8.51 6.95
N SER F 404 26.44 9.13 7.94
CA SER F 404 26.12 10.49 8.36
C SER F 404 27.36 11.37 8.25
N TYR F 405 27.13 12.65 7.98
CA TYR F 405 28.22 13.61 7.82
C TYR F 405 28.13 14.71 8.87
N TYR F 428 32.30 26.10 -1.13
CA TYR F 428 33.12 27.14 -1.74
C TYR F 428 33.92 26.57 -2.89
N PHE F 429 34.37 25.33 -2.73
CA PHE F 429 35.22 24.66 -3.71
C PHE F 429 34.43 23.91 -4.77
N GLN F 430 33.11 23.81 -4.62
CA GLN F 430 32.25 23.25 -5.66
C GLN F 430 31.79 24.38 -6.58
N ASP F 431 32.74 24.86 -7.38
CA ASP F 431 32.54 26.02 -8.23
C ASP F 431 32.36 25.66 -9.70
N ASP F 432 32.08 24.39 -10.00
CA ASP F 432 31.86 23.99 -11.39
C ASP F 432 30.53 24.56 -11.88
N VAL F 433 30.60 25.37 -12.95
CA VAL F 433 29.43 26.10 -13.41
C VAL F 433 28.37 25.15 -13.96
N LEU F 434 28.79 24.06 -14.61
CA LEU F 434 27.86 23.11 -15.22
C LEU F 434 27.69 21.83 -14.42
N SER F 435 28.15 21.80 -13.17
CA SER F 435 27.99 20.60 -12.36
C SER F 435 26.51 20.33 -12.09
N GLU F 436 26.19 19.05 -11.88
CA GLU F 436 24.80 18.67 -11.63
C GLU F 436 24.28 19.29 -10.34
N ASP F 437 25.18 19.60 -9.40
CA ASP F 437 24.77 20.28 -8.16
C ASP F 437 24.14 21.63 -8.44
N LYS F 438 24.63 22.34 -9.45
CA LYS F 438 24.08 23.65 -9.80
C LYS F 438 22.65 23.56 -10.31
N LEU F 439 22.19 22.39 -10.70
CA LEU F 439 20.88 22.22 -11.33
C LEU F 439 19.82 21.71 -10.36
N VAL F 440 20.19 20.81 -9.46
CA VAL F 440 19.24 20.25 -8.50
C VAL F 440 19.08 21.18 -7.30
N VAL F 448 23.06 8.50 2.86
CA VAL F 448 23.53 7.39 2.05
C VAL F 448 23.55 6.09 2.86
N PRO F 449 22.90 5.05 2.34
CA PRO F 449 22.82 3.78 3.06
C PRO F 449 24.15 3.04 3.12
N PHE F 450 24.18 1.93 3.84
CA PHE F 450 25.38 1.13 4.02
C PHE F 450 25.43 -0.01 3.00
N ARG F 451 26.65 -0.36 2.58
CA ARG F 451 26.85 -1.40 1.58
C ARG F 451 27.80 -2.50 2.01
N GLY F 452 28.47 -2.38 3.15
CA GLY F 452 29.40 -3.41 3.59
C GLY F 452 30.82 -3.13 3.16
N PRO F 453 31.71 -4.10 3.39
CA PRO F 453 33.13 -3.89 3.06
C PRO F 453 33.34 -3.76 1.55
N LEU F 454 34.41 -3.04 1.21
CA LEU F 454 34.73 -2.82 -0.21
C LEU F 454 35.28 -4.10 -0.85
N GLY F 455 35.93 -4.95 -0.07
CA GLY F 455 36.54 -6.15 -0.63
C GLY F 455 35.56 -7.05 -1.33
N THR F 456 34.38 -7.26 -0.72
CA THR F 456 33.36 -8.10 -1.36
C THR F 456 32.87 -7.49 -2.66
N VAL F 457 32.67 -6.17 -2.68
CA VAL F 457 32.20 -5.50 -3.91
C VAL F 457 33.22 -5.66 -5.02
N ILE F 458 34.49 -5.40 -4.72
CA ILE F 458 35.52 -5.50 -5.75
C ILE F 458 35.69 -6.95 -6.21
N HIS F 459 35.57 -7.90 -5.28
CA HIS F 459 35.66 -9.31 -5.65
C HIS F 459 34.52 -9.71 -6.58
N GLN F 460 33.31 -9.22 -6.30
CA GLN F 460 32.17 -9.56 -7.14
C GLN F 460 32.32 -8.95 -8.54
N LEU F 461 32.75 -7.68 -8.61
CA LEU F 461 32.97 -7.06 -9.90
C LEU F 461 34.03 -7.79 -10.70
N THR F 462 35.13 -8.16 -10.04
CA THR F 462 36.19 -8.89 -10.73
C THR F 462 35.72 -10.26 -11.19
N GLY F 463 34.91 -10.94 -10.37
CA GLY F 463 34.37 -12.22 -10.79
C GLY F 463 33.47 -12.10 -12.01
N GLY F 464 32.62 -11.07 -12.04
CA GLY F 464 31.80 -10.85 -13.23
C GLY F 464 32.63 -10.56 -14.47
N LEU F 465 33.65 -9.71 -14.32
CA LEU F 465 34.53 -9.43 -15.46
C LEU F 465 35.25 -10.68 -15.94
N ARG F 466 35.69 -11.52 -15.00
CA ARG F 466 36.38 -12.75 -15.36
C ARG F 466 35.43 -13.71 -16.07
N ALA F 467 34.17 -13.79 -15.63
CA ALA F 467 33.20 -14.62 -16.32
C ALA F 467 32.96 -14.12 -17.74
N ALA F 468 32.88 -12.80 -17.92
CA ALA F 468 32.72 -12.25 -19.26
C ALA F 468 33.92 -12.58 -20.13
N MET F 469 35.13 -12.45 -19.59
CA MET F 469 36.33 -12.78 -20.34
C MET F 469 36.36 -14.25 -20.72
N GLY F 470 35.91 -15.13 -19.82
CA GLY F 470 35.84 -16.54 -20.14
C GLY F 470 34.83 -16.82 -21.24
N TYR F 471 33.69 -16.15 -21.20
CA TYR F 471 32.67 -16.36 -22.23
C TYR F 471 33.12 -15.87 -23.59
N THR F 472 33.82 -14.73 -23.63
CA THR F 472 34.22 -14.14 -24.90
C THR F 472 35.55 -14.64 -25.42
N GLY F 473 36.22 -15.55 -24.70
CA GLY F 473 37.51 -16.04 -25.13
C GLY F 473 38.61 -15.00 -25.15
N SER F 474 38.63 -14.11 -24.16
CA SER F 474 39.60 -13.03 -24.07
C SER F 474 40.59 -13.33 -22.96
N ALA F 475 41.85 -13.57 -23.32
CA ALA F 475 42.88 -13.79 -22.32
C ALA F 475 43.27 -12.51 -21.60
N THR F 476 43.22 -11.38 -22.30
CA THR F 476 43.59 -10.08 -21.74
C THR F 476 42.53 -9.05 -22.10
N ILE F 477 42.58 -7.92 -21.37
CA ILE F 477 41.63 -6.83 -21.63
C ILE F 477 41.80 -6.30 -23.03
N GLU F 478 43.03 -6.26 -23.54
CA GLU F 478 43.27 -5.80 -24.90
C GLU F 478 42.59 -6.69 -25.93
N GLN F 479 42.30 -7.95 -25.58
CA GLN F 479 41.52 -8.82 -26.43
C GLN F 479 40.03 -8.70 -26.15
N LEU F 480 39.65 -8.40 -24.90
CA LEU F 480 38.25 -8.14 -24.59
C LEU F 480 37.73 -6.92 -25.33
N GLN F 481 38.62 -5.96 -25.64
CA GLN F 481 38.22 -4.78 -26.37
C GLN F 481 37.90 -5.05 -27.83
N GLN F 482 38.15 -6.27 -28.31
CA GLN F 482 37.80 -6.67 -29.66
C GLN F 482 36.55 -7.54 -29.72
N ALA F 483 35.80 -7.63 -28.62
CA ALA F 483 34.58 -8.43 -28.59
C ALA F 483 33.50 -7.77 -29.44
N GLN F 484 32.45 -8.55 -29.71
CA GLN F 484 31.34 -8.11 -30.55
C GLN F 484 30.06 -8.05 -29.72
N PHE F 485 29.17 -7.14 -30.09
CA PHE F 485 27.90 -6.96 -29.41
C PHE F 485 26.75 -7.51 -30.24
N VAL F 486 25.67 -7.86 -29.54
CA VAL F 486 24.38 -8.14 -30.14
C VAL F 486 23.38 -7.16 -29.54
N GLN F 487 22.58 -6.54 -30.40
CA GLN F 487 21.61 -5.54 -29.97
C GLN F 487 20.27 -6.18 -29.71
N ILE F 488 19.72 -5.94 -28.52
CA ILE F 488 18.45 -6.52 -28.11
C ILE F 488 17.36 -5.46 -28.22
N THR F 489 16.13 -5.91 -28.39
CA THR F 489 14.99 -5.02 -28.57
C THR F 489 14.41 -4.64 -27.21
N ALA F 490 13.26 -3.97 -27.22
CA ALA F 490 12.61 -3.56 -25.98
C ALA F 490 12.08 -4.74 -25.19
N ALA F 491 11.63 -5.79 -25.88
CA ALA F 491 11.09 -6.96 -25.19
C ALA F 491 12.15 -7.70 -24.36
N GLY F 492 13.42 -7.50 -24.66
CA GLY F 492 14.47 -8.15 -23.90
C GLY F 492 14.80 -7.48 -22.59
N LEU F 493 14.13 -6.37 -22.28
CA LEU F 493 14.37 -5.63 -21.05
C LEU F 493 13.32 -5.90 -19.98
N LYS F 494 12.12 -6.31 -20.36
CA LYS F 494 11.02 -6.48 -19.42
C LYS F 494 11.27 -7.67 -18.51
N VAL G 12 31.22 6.32 -43.81
CA VAL G 12 32.20 5.66 -42.96
C VAL G 12 31.71 5.50 -41.51
N PRO G 13 31.18 6.55 -40.87
CA PRO G 13 30.70 6.40 -39.51
C PRO G 13 29.51 5.44 -39.43
N VAL G 14 29.45 4.69 -38.35
CA VAL G 14 28.35 3.76 -38.09
C VAL G 14 27.24 4.52 -37.39
N PRO G 15 25.96 4.28 -37.73
CA PRO G 15 24.88 5.03 -37.08
C PRO G 15 24.77 4.79 -35.58
N THR G 16 25.36 3.70 -35.07
CA THR G 16 25.35 3.42 -33.64
C THR G 16 26.67 3.78 -32.96
N GLY G 17 27.58 4.41 -33.67
CA GLY G 17 28.85 4.82 -33.07
C GLY G 17 30.02 4.03 -33.61
N GLY G 18 31.16 4.71 -33.78
CA GLY G 18 32.37 4.07 -34.25
C GLY G 18 32.43 3.99 -35.76
N ASP G 19 33.58 3.49 -36.24
CA ASP G 19 33.79 3.26 -37.67
C ASP G 19 33.82 1.78 -38.03
N ASP G 20 33.54 0.89 -37.08
CA ASP G 20 33.53 -0.54 -37.34
C ASP G 20 32.10 -1.02 -37.46
N PRO G 21 31.67 -1.49 -38.64
CA PRO G 21 30.28 -1.93 -38.79
C PRO G 21 29.98 -3.27 -38.13
N THR G 22 30.99 -4.05 -37.78
CA THR G 22 30.78 -5.37 -37.21
C THR G 22 30.87 -5.39 -35.69
N LYS G 23 31.02 -4.23 -35.04
CA LYS G 23 31.06 -4.20 -33.59
C LYS G 23 29.73 -4.65 -33.00
N VAL G 24 28.63 -4.14 -33.53
CA VAL G 24 27.29 -4.60 -33.19
C VAL G 24 26.89 -5.59 -34.29
N ALA G 25 26.98 -6.88 -33.98
CA ALA G 25 26.88 -7.90 -35.03
C ALA G 25 25.49 -7.95 -35.64
N MET G 26 24.45 -8.02 -34.82
CA MET G 26 23.10 -8.23 -35.31
C MET G 26 22.10 -7.76 -34.28
N LEU G 27 20.84 -7.68 -34.70
CA LEU G 27 19.73 -7.38 -33.81
C LEU G 27 19.08 -8.70 -33.39
N GLY G 28 18.96 -8.89 -32.08
CA GLY G 28 18.52 -10.16 -31.52
C GLY G 28 17.04 -10.14 -31.18
N LEU G 29 16.32 -11.14 -31.68
CA LEU G 29 14.89 -11.29 -31.43
C LEU G 29 14.67 -12.34 -30.36
N THR G 30 13.84 -12.01 -29.38
CA THR G 30 13.43 -12.95 -28.35
C THR G 30 12.08 -13.56 -28.69
N PHE G 31 11.53 -14.36 -27.78
CA PHE G 31 10.25 -15.00 -28.05
C PHE G 31 9.10 -14.01 -28.07
N ASP G 32 9.24 -12.87 -27.40
CA ASP G 32 8.16 -11.90 -27.34
C ASP G 32 8.14 -10.95 -28.52
N ASP G 33 9.15 -11.00 -29.38
CA ASP G 33 9.24 -10.09 -30.52
C ASP G 33 8.51 -10.58 -31.76
N VAL G 34 8.13 -11.85 -31.80
CA VAL G 34 7.58 -12.43 -33.03
C VAL G 34 6.29 -13.19 -32.70
N LEU G 35 5.45 -13.33 -33.73
CA LEU G 35 4.26 -14.15 -33.69
C LEU G 35 4.18 -14.97 -34.98
N LEU G 36 3.49 -16.10 -34.91
CA LEU G 36 3.34 -16.95 -36.07
C LEU G 36 2.20 -16.46 -36.95
N LEU G 37 2.45 -16.39 -38.25
CA LEU G 37 1.44 -15.92 -39.20
C LEU G 37 0.56 -17.09 -39.65
N PRO G 38 -0.76 -16.94 -39.68
CA PRO G 38 -1.62 -17.99 -40.23
C PRO G 38 -1.38 -18.15 -41.72
N ALA G 39 -1.59 -19.39 -42.20
CA ALA G 39 -1.39 -19.71 -43.60
C ALA G 39 -2.51 -20.65 -44.05
N ALA G 40 -2.43 -21.08 -45.30
CA ALA G 40 -3.40 -22.03 -45.83
C ALA G 40 -3.34 -23.33 -45.05
N SER G 41 -4.47 -23.73 -44.47
CA SER G 41 -4.51 -24.84 -43.54
C SER G 41 -5.67 -25.77 -43.84
N ASP G 42 -5.39 -27.07 -43.81
CA ASP G 42 -6.43 -28.09 -43.80
C ASP G 42 -6.29 -29.00 -42.59
N VAL G 43 -5.41 -28.65 -41.66
CA VAL G 43 -5.07 -29.50 -40.52
C VAL G 43 -5.99 -29.16 -39.36
N VAL G 44 -6.62 -30.18 -38.79
CA VAL G 44 -7.35 -30.03 -37.54
C VAL G 44 -6.37 -30.31 -36.41
N PRO G 45 -6.51 -29.66 -35.25
CA PRO G 45 -5.52 -29.84 -34.19
C PRO G 45 -5.35 -31.27 -33.72
N ALA G 46 -6.42 -32.08 -33.77
CA ALA G 46 -6.35 -33.42 -33.20
C ALA G 46 -5.59 -34.41 -34.06
N THR G 47 -5.37 -34.11 -35.34
CA THR G 47 -4.67 -35.02 -36.24
C THR G 47 -3.27 -34.54 -36.61
N ALA G 48 -2.77 -33.50 -35.97
CA ALA G 48 -1.42 -33.04 -36.24
C ALA G 48 -0.39 -34.04 -35.72
N ASP G 49 0.64 -34.29 -36.51
CA ASP G 49 1.67 -35.27 -36.17
C ASP G 49 2.81 -34.54 -35.48
N THR G 50 2.86 -34.62 -34.15
CA THR G 50 3.86 -33.92 -33.38
C THR G 50 5.19 -34.68 -33.26
N SER G 51 5.34 -35.79 -33.98
CA SER G 51 6.57 -36.55 -33.92
C SER G 51 7.74 -35.73 -34.43
N SER G 52 8.88 -35.82 -33.75
CA SER G 52 10.06 -35.06 -34.12
C SER G 52 11.31 -35.84 -33.77
N GLN G 53 12.41 -35.48 -34.41
CA GLN G 53 13.69 -36.12 -34.17
C GLN G 53 14.38 -35.48 -32.97
N LEU G 54 14.82 -36.30 -32.03
CA LEU G 54 15.66 -35.81 -30.94
C LEU G 54 17.13 -35.77 -31.34
N THR G 55 17.65 -36.89 -31.83
CA THR G 55 18.97 -36.97 -32.44
C THR G 55 18.81 -37.55 -33.84
N LYS G 56 19.94 -37.84 -34.48
CA LYS G 56 19.89 -38.39 -35.84
C LYS G 56 19.38 -39.81 -35.89
N ARG G 57 19.25 -40.48 -34.74
CA ARG G 57 18.78 -41.86 -34.70
C ARG G 57 17.60 -42.10 -33.78
N ILE G 58 17.21 -41.11 -32.97
CA ILE G 58 16.14 -41.26 -31.98
C ILE G 58 15.00 -40.31 -32.35
N ARG G 59 13.79 -40.85 -32.41
CA ARG G 59 12.60 -40.06 -32.72
C ARG G 59 11.64 -40.12 -31.55
N LEU G 60 11.13 -38.95 -31.16
CA LEU G 60 10.15 -38.83 -30.10
C LEU G 60 8.76 -38.61 -30.70
N ARG G 61 7.74 -38.68 -29.84
CA ARG G 61 6.38 -38.38 -30.23
C ARG G 61 5.94 -36.99 -29.78
N VAL G 62 6.25 -36.62 -28.54
CA VAL G 62 6.07 -35.28 -28.03
C VAL G 62 7.45 -34.64 -27.92
N PRO G 63 7.78 -33.63 -28.73
CA PRO G 63 9.15 -33.11 -28.78
C PRO G 63 9.49 -32.24 -27.58
N LEU G 64 9.45 -32.83 -26.38
CA LEU G 64 9.78 -32.13 -25.15
C LEU G 64 10.78 -32.96 -24.35
N VAL G 65 11.67 -32.27 -23.64
CA VAL G 65 12.73 -32.89 -22.85
C VAL G 65 12.91 -32.10 -21.57
N SER G 66 13.19 -32.80 -20.47
CA SER G 66 13.45 -32.14 -19.20
C SER G 66 14.90 -31.65 -19.16
N SER G 67 15.18 -30.73 -18.23
CA SER G 67 16.32 -29.84 -18.37
C SER G 67 17.53 -30.24 -17.53
N ALA G 68 17.64 -31.50 -17.12
CA ALA G 68 18.85 -32.02 -16.49
C ALA G 68 19.27 -31.21 -15.27
N MET G 69 18.30 -30.74 -14.49
CA MET G 69 18.58 -29.98 -13.27
C MET G 69 18.19 -30.79 -12.05
N ASP G 70 18.97 -30.62 -10.98
CA ASP G 70 18.74 -31.36 -9.75
C ASP G 70 17.39 -31.05 -9.10
N THR G 71 16.78 -29.93 -9.48
CA THR G 71 15.43 -29.60 -9.02
C THR G 71 14.36 -30.00 -10.03
N VAL G 72 14.74 -30.59 -11.15
CA VAL G 72 13.79 -30.92 -12.21
C VAL G 72 13.75 -32.42 -12.48
N THR G 73 14.88 -33.00 -12.88
CA THR G 73 14.89 -34.35 -13.44
C THR G 73 15.59 -35.31 -12.50
N GLU G 74 14.87 -36.34 -12.05
CA GLU G 74 15.44 -37.52 -11.44
C GLU G 74 14.81 -38.75 -12.06
N SER G 75 15.04 -39.93 -11.49
CA SER G 75 14.55 -41.17 -12.09
C SER G 75 13.03 -41.16 -12.25
N ARG G 76 12.31 -40.68 -11.24
CA ARG G 76 10.86 -40.57 -11.34
C ARG G 76 10.46 -39.63 -12.46
N MET G 77 11.09 -38.45 -12.52
CA MET G 77 10.79 -37.49 -13.57
C MET G 77 11.16 -38.03 -14.94
N ALA G 78 12.30 -38.73 -15.04
CA ALA G 78 12.69 -39.32 -16.31
C ALA G 78 11.68 -40.35 -16.79
N ILE G 79 11.21 -41.21 -15.87
CA ILE G 79 10.22 -42.21 -16.24
C ILE G 79 8.93 -41.55 -16.69
N ALA G 80 8.48 -40.54 -15.94
CA ALA G 80 7.24 -39.85 -16.30
C ALA G 80 7.36 -39.18 -17.67
N MET G 81 8.49 -38.51 -17.93
CA MET G 81 8.68 -37.85 -19.21
C MET G 81 8.76 -38.84 -20.35
N ALA G 82 9.42 -39.98 -20.13
CA ALA G 82 9.54 -40.97 -21.19
C ALA G 82 8.22 -41.67 -21.46
N ARG G 83 7.36 -41.78 -20.45
CA ARG G 83 6.05 -42.40 -20.66
C ARG G 83 5.10 -41.47 -21.43
N ALA G 84 5.31 -40.17 -21.35
CA ALA G 84 4.43 -39.20 -21.99
C ALA G 84 4.75 -38.98 -23.46
N GLY G 85 5.82 -39.58 -23.98
CA GLY G 85 6.22 -39.41 -25.36
C GLY G 85 7.52 -38.66 -25.56
N GLY G 86 8.10 -38.11 -24.50
CA GLY G 86 9.35 -37.39 -24.61
C GLY G 86 10.51 -38.16 -24.01
N MET G 87 11.38 -37.46 -23.29
CA MET G 87 12.52 -38.09 -22.65
C MET G 87 13.07 -37.15 -21.59
N GLY G 88 13.52 -37.71 -20.48
CA GLY G 88 14.17 -36.95 -19.43
C GLY G 88 15.68 -37.14 -19.49
N VAL G 89 16.41 -36.11 -19.05
CA VAL G 89 17.86 -36.15 -19.00
C VAL G 89 18.27 -36.05 -17.53
N LEU G 90 18.89 -37.10 -17.01
CA LEU G 90 19.27 -37.14 -15.61
C LEU G 90 20.44 -36.19 -15.35
N HIS G 91 20.33 -35.41 -14.29
CA HIS G 91 21.35 -34.43 -13.97
C HIS G 91 22.61 -35.12 -13.42
N ARG G 92 23.67 -34.33 -13.28
CA ARG G 92 24.97 -34.85 -12.88
C ARG G 92 25.48 -34.24 -11.58
N ASN G 93 24.62 -33.60 -10.80
CA ASN G 93 24.98 -33.15 -9.46
C ASN G 93 24.85 -34.28 -8.45
N LEU G 94 25.45 -35.43 -8.75
CA LEU G 94 25.34 -36.61 -7.91
C LEU G 94 26.62 -37.43 -8.08
N PRO G 95 26.93 -38.30 -7.12
CA PRO G 95 28.01 -39.26 -7.33
C PRO G 95 27.69 -40.20 -8.47
N VAL G 96 28.75 -40.69 -9.13
CA VAL G 96 28.59 -41.49 -10.34
C VAL G 96 27.75 -42.73 -10.07
N ALA G 97 27.95 -43.34 -8.89
CA ALA G 97 27.18 -44.53 -8.54
C ALA G 97 25.69 -44.23 -8.47
N GLU G 98 25.32 -43.09 -7.86
CA GLU G 98 23.90 -42.73 -7.77
C GLU G 98 23.30 -42.48 -9.15
N GLN G 99 24.05 -41.81 -10.03
CA GLN G 99 23.53 -41.54 -11.37
C GLN G 99 23.35 -42.83 -12.16
N ALA G 100 24.31 -43.75 -12.06
CA ALA G 100 24.16 -45.04 -12.73
C ALA G 100 22.99 -45.83 -12.15
N GLY G 101 22.80 -45.77 -10.83
CA GLY G 101 21.65 -46.42 -10.23
C GLY G 101 20.34 -45.84 -10.71
N GLN G 102 20.28 -44.52 -10.87
CA GLN G 102 19.09 -43.89 -11.42
C GLN G 102 18.84 -44.32 -12.85
N VAL G 103 19.90 -44.41 -13.66
CA VAL G 103 19.76 -44.89 -15.03
C VAL G 103 19.19 -46.30 -15.04
N GLU G 104 19.74 -47.18 -14.20
CA GLU G 104 19.27 -48.56 -14.15
C GLU G 104 17.83 -48.63 -13.65
N THR G 105 17.47 -47.77 -12.69
CA THR G 105 16.09 -47.71 -12.22
C THR G 105 15.14 -47.30 -13.34
N VAL G 106 15.53 -46.33 -14.15
CA VAL G 106 14.69 -45.91 -15.27
C VAL G 106 14.56 -47.05 -16.28
N LYS G 107 15.67 -47.74 -16.58
CA LYS G 107 15.62 -48.78 -17.60
C LYS G 107 14.84 -50.01 -17.13
N ARG G 108 14.82 -50.29 -15.82
CA ARG G 108 14.17 -51.48 -15.30
C ARG G 108 12.70 -51.17 -15.04
N SER G 109 11.90 -51.30 -16.09
CA SER G 109 10.46 -51.10 -15.98
C SER G 109 9.72 -51.78 -17.13
N THR G 223 -0.58 -51.90 -21.55
CA THR G 223 0.25 -50.80 -22.02
C THR G 223 -0.62 -49.67 -22.56
N GLU G 224 -1.94 -49.82 -22.45
CA GLU G 224 -2.87 -48.80 -22.91
C GLU G 224 -2.84 -47.55 -22.03
N GLN G 225 -2.20 -47.61 -20.86
CA GLN G 225 -2.05 -46.41 -20.04
C GLN G 225 -1.19 -45.36 -20.72
N PHE G 226 -0.11 -45.79 -21.37
CA PHE G 226 0.85 -44.88 -22.01
C PHE G 226 1.15 -45.39 -23.42
N PRO G 227 0.28 -45.08 -24.39
CA PRO G 227 0.51 -45.53 -25.76
C PRO G 227 1.70 -44.87 -26.44
N LEU G 228 2.10 -43.68 -26.00
CA LEU G 228 3.09 -42.88 -26.70
C LEU G 228 4.51 -43.03 -26.15
N SER G 229 4.71 -43.96 -25.21
CA SER G 229 6.00 -44.09 -24.53
C SER G 229 7.13 -44.32 -25.51
N THR G 230 8.21 -43.56 -25.34
CA THR G 230 9.42 -43.76 -26.13
C THR G 230 10.22 -44.93 -25.58
N LYS G 231 10.64 -45.82 -26.48
CA LYS G 231 11.29 -47.06 -26.07
C LYS G 231 12.45 -47.37 -27.01
N ASP G 232 13.35 -48.23 -26.54
CA ASP G 232 14.47 -48.70 -27.35
C ASP G 232 14.06 -49.96 -28.10
N SER G 233 15.02 -50.59 -28.78
CA SER G 233 14.73 -51.81 -29.53
C SER G 233 14.30 -52.95 -28.62
N ASP G 234 14.75 -52.96 -27.37
CA ASP G 234 14.42 -54.02 -26.43
C ASP G 234 13.11 -53.79 -25.70
N GLY G 235 12.43 -52.67 -25.94
CA GLY G 235 11.19 -52.36 -25.28
C GLY G 235 11.33 -51.61 -23.96
N ARG G 236 12.55 -51.33 -23.52
CA ARG G 236 12.76 -50.54 -22.31
C ARG G 236 12.64 -49.05 -22.62
N LEU G 237 12.38 -48.27 -21.57
CA LEU G 237 12.23 -46.84 -21.74
C LEU G 237 13.58 -46.19 -22.09
N LEU G 238 13.50 -45.03 -22.73
CA LEU G 238 14.69 -44.25 -23.05
C LEU G 238 14.97 -43.22 -21.97
N VAL G 239 16.26 -42.95 -21.75
CA VAL G 239 16.69 -41.99 -20.75
C VAL G 239 17.96 -41.33 -21.23
N GLY G 240 18.23 -40.13 -20.73
CA GLY G 240 19.46 -39.43 -21.03
C GLY G 240 20.17 -39.02 -19.75
N ALA G 241 21.48 -38.81 -19.88
CA ALA G 241 22.31 -38.46 -18.74
C ALA G 241 23.28 -37.35 -19.13
N ALA G 242 23.46 -36.40 -18.22
CA ALA G 242 24.40 -35.31 -18.43
C ALA G 242 25.78 -35.67 -17.89
N VAL G 243 26.81 -35.23 -18.59
CA VAL G 243 28.19 -35.43 -18.18
C VAL G 243 28.91 -34.07 -18.19
N GLY G 244 30.18 -34.10 -17.82
CA GLY G 244 30.97 -32.87 -17.79
C GLY G 244 32.21 -32.93 -18.65
N VAL G 245 33.30 -32.36 -18.15
CA VAL G 245 34.59 -32.35 -18.86
C VAL G 245 35.68 -32.75 -17.88
N GLY G 246 36.53 -33.68 -18.28
CA GLY G 246 37.65 -34.13 -17.47
C GLY G 246 37.70 -35.65 -17.39
N ASP G 247 38.78 -36.12 -16.76
CA ASP G 247 38.98 -37.55 -16.60
C ASP G 247 37.87 -38.18 -15.75
N ASP G 248 37.50 -37.50 -14.66
CA ASP G 248 36.37 -37.97 -13.86
C ASP G 248 35.08 -37.95 -14.67
N ALA G 249 34.89 -36.93 -15.49
CA ALA G 249 33.74 -36.91 -16.39
C ALA G 249 33.80 -38.06 -17.38
N TRP G 250 35.01 -38.41 -17.85
CA TRP G 250 35.13 -39.52 -18.78
C TRP G 250 34.77 -40.84 -18.14
N THR G 251 35.25 -41.10 -16.91
CA THR G 251 34.88 -42.36 -16.26
C THR G 251 33.41 -42.37 -15.89
N ARG G 252 32.83 -41.21 -15.55
CA ARG G 252 31.39 -41.15 -15.32
C ARG G 252 30.62 -41.50 -16.58
N ALA G 253 31.06 -40.96 -17.73
CA ALA G 253 30.39 -41.26 -18.99
C ALA G 253 30.49 -42.74 -19.34
N MET G 254 31.66 -43.33 -19.15
CA MET G 254 31.81 -44.75 -19.43
C MET G 254 30.94 -45.59 -18.50
N THR G 255 30.87 -45.23 -17.23
CA THR G 255 30.02 -45.95 -16.29
C THR G 255 28.55 -45.84 -16.68
N LEU G 256 28.12 -44.64 -17.11
CA LEU G 256 26.74 -44.46 -17.53
C LEU G 256 26.43 -45.25 -18.80
N VAL G 257 27.38 -45.32 -19.74
CA VAL G 257 27.19 -46.13 -20.93
C VAL G 257 27.06 -47.59 -20.56
N ASP G 258 27.89 -48.06 -19.62
CA ASP G 258 27.77 -49.44 -19.14
C ASP G 258 26.41 -49.69 -18.52
N ALA G 259 25.85 -48.69 -17.84
CA ALA G 259 24.54 -48.81 -17.21
C ALA G 259 23.40 -48.85 -18.22
N GLY G 260 23.69 -48.77 -19.52
CA GLY G 260 22.64 -48.82 -20.52
C GLY G 260 21.96 -47.53 -20.86
N VAL G 261 22.61 -46.38 -20.61
CA VAL G 261 22.02 -45.11 -20.96
C VAL G 261 21.95 -44.97 -22.49
N ASP G 262 21.09 -44.06 -22.95
CA ASP G 262 20.85 -43.89 -24.37
C ASP G 262 21.47 -42.63 -24.96
N VAL G 263 21.33 -41.49 -24.29
CA VAL G 263 21.84 -40.22 -24.78
C VAL G 263 22.75 -39.62 -23.72
N LEU G 264 23.93 -39.19 -24.14
CA LEU G 264 24.87 -38.49 -23.27
C LEU G 264 24.90 -37.01 -23.64
N ILE G 265 24.72 -36.15 -22.64
CA ILE G 265 24.72 -34.70 -22.83
C ILE G 265 25.96 -34.14 -22.19
N VAL G 266 26.79 -33.45 -22.97
CA VAL G 266 27.94 -32.75 -22.43
C VAL G 266 27.46 -31.41 -21.90
N ASP G 267 27.08 -31.37 -20.63
CA ASP G 267 26.39 -30.21 -20.06
C ASP G 267 27.42 -29.17 -19.65
N THR G 268 27.59 -28.15 -20.50
CA THR G 268 28.47 -27.02 -20.20
C THR G 268 27.73 -25.73 -20.49
N ALA G 269 28.15 -24.66 -19.82
CA ALA G 269 27.54 -23.35 -20.04
C ALA G 269 28.06 -22.66 -21.29
N HIS G 270 29.20 -23.10 -21.81
CA HIS G 270 29.77 -22.50 -23.02
C HIS G 270 30.50 -23.61 -23.76
N ALA G 271 29.89 -24.12 -24.83
CA ALA G 271 30.36 -25.31 -25.50
C ALA G 271 31.33 -25.02 -26.64
N HIS G 272 31.68 -23.76 -26.88
CA HIS G 272 32.67 -23.46 -27.89
C HIS G 272 34.10 -23.64 -27.41
N ASN G 273 34.27 -24.25 -26.23
CA ASN G 273 35.59 -24.53 -25.68
C ASN G 273 36.25 -25.69 -26.42
N ARG G 274 37.57 -25.73 -26.36
CA ARG G 274 38.30 -26.84 -26.96
C ARG G 274 38.06 -28.13 -26.19
N GLY G 275 38.00 -28.05 -24.86
CA GLY G 275 37.80 -29.24 -24.05
C GLY G 275 36.46 -29.92 -24.33
N VAL G 276 35.41 -29.12 -24.53
CA VAL G 276 34.09 -29.68 -24.82
C VAL G 276 34.11 -30.41 -26.16
N LEU G 277 34.74 -29.82 -27.17
CA LEU G 277 34.83 -30.47 -28.47
C LEU G 277 35.64 -31.77 -28.38
N ASP G 278 36.74 -31.74 -27.63
CA ASP G 278 37.54 -32.96 -27.49
C ASP G 278 36.78 -34.05 -26.74
N MET G 279 36.01 -33.67 -25.70
CA MET G 279 35.18 -34.63 -25.00
C MET G 279 34.13 -35.23 -25.93
N VAL G 280 33.49 -34.39 -26.75
CA VAL G 280 32.48 -34.88 -27.68
C VAL G 280 33.10 -35.85 -28.67
N SER G 281 34.28 -35.51 -29.21
CA SER G 281 34.93 -36.38 -30.17
C SER G 281 35.33 -37.71 -29.54
N ARG G 282 35.87 -37.68 -28.31
CA ARG G 282 36.25 -38.91 -27.64
C ARG G 282 35.03 -39.79 -27.37
N LEU G 283 33.93 -39.18 -26.91
CA LEU G 283 32.72 -39.96 -26.65
C LEU G 283 32.17 -40.56 -27.94
N LYS G 284 32.15 -39.79 -29.02
CA LYS G 284 31.63 -40.29 -30.29
C LYS G 284 32.51 -41.39 -30.86
N GLN G 285 33.82 -41.32 -30.62
CA GLN G 285 34.72 -42.38 -31.09
C GLN G 285 34.55 -43.65 -30.26
N ALA G 286 34.46 -43.52 -28.93
CA ALA G 286 34.47 -44.70 -28.08
C ALA G 286 33.11 -45.39 -28.04
N VAL G 287 32.06 -44.66 -27.70
CA VAL G 287 30.73 -45.25 -27.50
C VAL G 287 29.76 -44.72 -28.53
N GLY G 288 30.27 -44.40 -29.72
CA GLY G 288 29.43 -43.82 -30.75
C GLY G 288 28.35 -44.75 -31.25
N GLU G 289 28.69 -46.02 -31.45
CA GLU G 289 27.71 -46.95 -32.02
C GLU G 289 26.67 -47.42 -31.01
N ARG G 290 26.88 -47.19 -29.72
CA ARG G 290 25.93 -47.60 -28.70
C ARG G 290 25.01 -46.47 -28.27
N VAL G 291 25.55 -45.29 -28.01
CA VAL G 291 24.80 -44.15 -27.50
C VAL G 291 25.06 -42.94 -28.40
N ASP G 292 24.23 -41.93 -28.24
CA ASP G 292 24.36 -40.67 -28.96
C ASP G 292 24.96 -39.59 -28.08
N VAL G 293 25.64 -38.64 -28.72
CA VAL G 293 26.31 -37.55 -28.03
C VAL G 293 25.67 -36.24 -28.45
N VAL G 294 25.32 -35.40 -27.48
CA VAL G 294 24.72 -34.10 -27.73
C VAL G 294 25.64 -33.03 -27.14
N GLY G 295 26.02 -32.06 -27.98
CA GLY G 295 26.92 -31.02 -27.54
C GLY G 295 26.26 -30.02 -26.62
N GLY G 296 27.09 -29.31 -25.87
CA GLY G 296 26.61 -28.35 -24.90
C GLY G 296 25.91 -27.16 -25.54
N ASN G 297 25.63 -26.17 -24.71
CA ASN G 297 24.88 -25.00 -25.15
C ASN G 297 25.75 -24.09 -26.02
N VAL G 298 25.19 -23.67 -27.16
CA VAL G 298 25.83 -22.72 -28.04
C VAL G 298 24.82 -21.63 -28.39
N ALA G 299 25.34 -20.51 -28.90
CA ALA G 299 24.48 -19.38 -29.25
C ALA G 299 24.87 -18.72 -30.57
N THR G 300 25.83 -19.29 -31.31
CA THR G 300 26.29 -18.70 -32.57
C THR G 300 26.38 -19.77 -33.63
N ARG G 301 26.43 -19.32 -34.89
CA ARG G 301 26.56 -20.26 -36.00
C ARG G 301 27.90 -20.96 -35.99
N ALA G 302 28.97 -20.23 -35.66
CA ALA G 302 30.31 -20.81 -35.67
C ALA G 302 30.43 -21.94 -34.66
N ALA G 303 29.89 -21.74 -33.45
CA ALA G 303 29.95 -22.79 -32.44
C ALA G 303 29.15 -24.03 -32.86
N ALA G 304 27.98 -23.83 -33.47
CA ALA G 304 27.21 -24.95 -33.96
C ALA G 304 27.96 -25.71 -35.05
N ALA G 305 28.60 -24.98 -35.97
CA ALA G 305 29.38 -25.64 -37.01
C ALA G 305 30.56 -26.40 -36.43
N ALA G 306 31.20 -25.84 -35.40
CA ALA G 306 32.30 -26.55 -34.74
C ALA G 306 31.81 -27.83 -34.08
N LEU G 307 30.65 -27.77 -33.40
CA LEU G 307 30.11 -28.98 -32.77
C LEU G 307 29.71 -30.01 -33.81
N VAL G 308 29.20 -29.58 -34.97
CA VAL G 308 28.84 -30.51 -36.03
C VAL G 308 30.09 -31.17 -36.59
N GLU G 309 31.15 -30.39 -36.80
CA GLU G 309 32.41 -30.95 -37.30
C GLU G 309 33.00 -31.92 -36.29
N ALA G 310 32.84 -31.63 -34.99
CA ALA G 310 33.31 -32.57 -33.96
C ALA G 310 32.58 -33.90 -34.05
N GLY G 311 31.31 -33.89 -34.42
CA GLY G 311 30.58 -35.13 -34.59
C GLY G 311 29.41 -35.34 -33.65
N ALA G 312 28.81 -34.25 -33.17
CA ALA G 312 27.66 -34.38 -32.29
C ALA G 312 26.43 -34.83 -33.08
N ASP G 313 25.58 -35.61 -32.41
CA ASP G 313 24.33 -36.04 -33.02
C ASP G 313 23.22 -35.00 -32.87
N ALA G 314 23.37 -34.06 -31.94
CA ALA G 314 22.40 -32.98 -31.79
C ALA G 314 23.12 -31.80 -31.15
N VAL G 315 22.59 -30.60 -31.42
CA VAL G 315 23.16 -29.37 -30.90
C VAL G 315 22.13 -28.70 -29.99
N LYS G 316 22.54 -28.39 -28.78
CA LYS G 316 21.68 -27.72 -27.80
C LYS G 316 22.01 -26.24 -27.78
N VAL G 317 20.97 -25.40 -27.79
CA VAL G 317 21.11 -23.98 -28.09
C VAL G 317 20.62 -23.16 -26.90
N GLY G 318 21.39 -22.11 -26.57
CA GLY G 318 20.98 -21.13 -25.59
C GLY G 318 22.07 -20.78 -24.61
N VAL G 319 22.41 -19.50 -24.53
CA VAL G 319 23.40 -18.98 -23.60
C VAL G 319 22.80 -17.73 -22.96
N GLY G 320 22.36 -17.86 -21.71
CA GLY G 320 21.69 -16.78 -21.03
C GLY G 320 20.45 -16.29 -21.75
N PRO G 321 19.52 -17.20 -22.07
CA PRO G 321 18.36 -16.80 -22.88
C PRO G 321 17.30 -16.03 -22.11
N GLY G 322 17.32 -16.07 -20.78
CA GLY G 322 16.31 -15.37 -20.02
C GLY G 322 16.46 -13.86 -20.13
N SER G 323 15.33 -13.16 -19.95
CA SER G 323 15.32 -11.71 -20.07
C SER G 323 16.20 -11.06 -19.01
N ILE G 324 16.15 -11.56 -17.79
CA ILE G 324 16.95 -11.02 -16.69
C ILE G 324 17.87 -12.09 -16.12
N CYS G 325 18.30 -13.02 -16.97
CA CYS G 325 19.13 -14.13 -16.51
C CYS G 325 20.39 -13.61 -15.83
N THR G 326 20.90 -14.40 -14.88
CA THR G 326 22.04 -13.96 -14.08
C THR G 326 23.29 -13.80 -14.95
N THR G 327 23.40 -14.56 -16.03
CA THR G 327 24.53 -14.39 -16.93
C THR G 327 24.54 -13.00 -17.57
N ARG G 328 23.35 -12.50 -17.92
CA ARG G 328 23.26 -11.17 -18.51
C ARG G 328 23.59 -10.07 -17.50
N VAL G 329 23.06 -10.20 -16.27
CA VAL G 329 23.26 -9.15 -15.28
C VAL G 329 24.71 -9.14 -14.79
N VAL G 330 25.27 -10.31 -14.50
CA VAL G 330 26.59 -10.37 -13.88
C VAL G 330 27.69 -10.29 -14.94
N ALA G 331 27.60 -11.12 -15.97
CA ALA G 331 28.66 -11.20 -16.98
C ALA G 331 28.39 -10.35 -18.21
N GLY G 332 27.16 -9.92 -18.44
CA GLY G 332 26.86 -9.16 -19.63
C GLY G 332 26.86 -9.97 -20.91
N VAL G 333 26.72 -11.28 -20.82
CA VAL G 333 26.80 -12.18 -21.95
C VAL G 333 25.44 -12.82 -22.17
N GLY G 334 25.01 -12.90 -23.42
CA GLY G 334 23.75 -13.54 -23.73
C GLY G 334 23.46 -13.41 -25.21
N ALA G 335 22.40 -14.10 -25.62
CA ALA G 335 21.95 -14.07 -27.00
C ALA G 335 20.45 -14.33 -26.99
N PRO G 336 19.65 -13.46 -27.63
CA PRO G 336 18.22 -13.71 -27.72
C PRO G 336 17.93 -15.03 -28.43
N GLN G 337 16.91 -15.73 -27.95
CA GLN G 337 16.77 -17.15 -28.26
C GLN G 337 16.35 -17.38 -29.71
N ILE G 338 15.44 -16.57 -30.25
CA ILE G 338 14.98 -16.80 -31.62
C ILE G 338 16.13 -16.63 -32.61
N THR G 339 16.92 -15.56 -32.43
CA THR G 339 18.07 -15.34 -33.31
C THR G 339 19.10 -16.44 -33.15
N ALA G 340 19.33 -16.88 -31.91
CA ALA G 340 20.30 -17.95 -31.67
C ALA G 340 19.87 -19.25 -32.35
N ILE G 341 18.58 -19.58 -32.26
CA ILE G 341 18.09 -20.79 -32.91
C ILE G 341 18.20 -20.67 -34.42
N LEU G 342 17.83 -19.52 -34.99
CA LEU G 342 17.94 -19.35 -36.44
C LEU G 342 19.39 -19.45 -36.90
N GLU G 343 20.33 -18.95 -36.09
CA GLU G 343 21.73 -19.03 -36.46
C GLU G 343 22.25 -20.45 -36.37
N ALA G 344 21.93 -21.16 -35.29
CA ALA G 344 22.44 -22.52 -35.15
C ALA G 344 21.82 -23.44 -36.18
N VAL G 345 20.53 -23.25 -36.48
CA VAL G 345 19.88 -24.06 -37.49
C VAL G 345 20.49 -23.79 -38.86
N ALA G 346 20.89 -22.55 -39.12
CA ALA G 346 21.52 -22.23 -40.41
C ALA G 346 22.77 -23.05 -40.65
N ALA G 347 23.41 -23.55 -39.59
CA ALA G 347 24.61 -24.38 -39.71
C ALA G 347 24.31 -25.86 -39.57
N CYS G 348 23.31 -26.23 -38.78
CA CYS G 348 23.01 -27.62 -38.52
C CYS G 348 22.08 -28.26 -39.55
N LYS G 349 21.31 -27.47 -40.29
CA LYS G 349 20.34 -28.02 -41.23
C LYS G 349 20.97 -28.81 -42.36
N PRO G 350 22.03 -28.34 -43.04
CA PRO G 350 22.56 -29.11 -44.18
C PRO G 350 23.09 -30.48 -43.81
N TYR G 351 23.42 -30.72 -42.54
CA TYR G 351 23.97 -32.01 -42.13
C TYR G 351 22.95 -32.89 -41.41
N GLY G 352 21.69 -32.46 -41.32
CA GLY G 352 20.68 -33.26 -40.68
C GLY G 352 20.80 -33.39 -39.18
N VAL G 353 21.55 -32.49 -38.54
CA VAL G 353 21.75 -32.54 -37.09
C VAL G 353 20.60 -31.79 -36.42
N PRO G 354 19.80 -32.45 -35.59
CA PRO G 354 18.71 -31.75 -34.91
C PRO G 354 19.22 -30.69 -33.94
N VAL G 355 18.40 -29.67 -33.74
CA VAL G 355 18.72 -28.55 -32.86
C VAL G 355 17.71 -28.54 -31.72
N ILE G 356 18.21 -28.49 -30.49
CA ILE G 356 17.37 -28.50 -29.29
C ILE G 356 17.36 -27.10 -28.69
N ALA G 357 16.16 -26.55 -28.48
CA ALA G 357 16.02 -25.27 -27.82
C ALA G 357 16.02 -25.46 -26.31
N ASP G 358 16.85 -24.69 -25.61
CA ASP G 358 17.08 -24.90 -24.18
C ASP G 358 16.95 -23.55 -23.46
N GLY G 359 15.92 -23.43 -22.64
CA GLY G 359 15.78 -22.26 -21.78
C GLY G 359 14.99 -21.15 -22.41
N GLY G 360 14.35 -20.35 -21.55
CA GLY G 360 13.60 -19.19 -21.98
C GLY G 360 12.13 -19.44 -22.29
N LEU G 361 11.67 -20.68 -22.27
CA LEU G 361 10.30 -20.99 -22.60
C LEU G 361 9.39 -20.75 -21.39
N GLN G 362 8.32 -19.99 -21.61
CA GLN G 362 7.36 -19.69 -20.56
C GLN G 362 5.95 -20.18 -20.86
N TYR G 363 5.55 -20.26 -22.12
CA TYR G 363 4.22 -20.72 -22.50
C TYR G 363 4.34 -21.73 -23.63
N SER G 364 3.21 -22.30 -24.02
CA SER G 364 3.19 -23.22 -25.16
C SER G 364 3.44 -22.47 -26.47
N GLY G 365 3.06 -21.20 -26.54
CA GLY G 365 3.37 -20.40 -27.71
C GLY G 365 4.87 -20.24 -27.91
N ASP G 366 5.63 -20.14 -26.81
CA ASP G 366 7.08 -20.09 -26.92
C ASP G 366 7.62 -21.40 -27.48
N ILE G 367 7.05 -22.53 -27.09
CA ILE G 367 7.46 -23.82 -27.65
C ILE G 367 7.16 -23.86 -29.15
N ALA G 368 5.98 -23.38 -29.54
CA ALA G 368 5.64 -23.34 -30.96
C ALA G 368 6.60 -22.45 -31.75
N LYS G 369 6.94 -21.29 -31.19
CA LYS G 369 7.89 -20.39 -31.87
C LYS G 369 9.26 -21.03 -31.98
N ALA G 370 9.72 -21.71 -30.92
CA ALA G 370 11.02 -22.35 -30.96
C ALA G 370 11.04 -23.46 -32.01
N LEU G 371 9.97 -24.23 -32.11
CA LEU G 371 9.91 -25.29 -33.12
C LEU G 371 9.81 -24.69 -34.52
N ALA G 372 9.14 -23.55 -34.67
CA ALA G 372 8.98 -22.93 -35.98
C ALA G 372 10.26 -22.24 -36.45
N ALA G 373 11.15 -21.87 -35.53
CA ALA G 373 12.40 -21.23 -35.91
C ALA G 373 13.41 -22.20 -36.50
N GLY G 374 13.16 -23.50 -36.40
CA GLY G 374 14.07 -24.48 -36.97
C GLY G 374 14.49 -25.56 -36.01
N ALA G 375 14.19 -25.40 -34.73
CA ALA G 375 14.54 -26.42 -33.75
C ALA G 375 13.68 -27.66 -33.95
N SER G 376 14.19 -28.78 -33.45
CA SER G 376 13.47 -30.05 -33.53
C SER G 376 12.94 -30.53 -32.19
N THR G 377 13.48 -30.02 -31.09
CA THR G 377 13.03 -30.41 -29.76
C THR G 377 13.21 -29.22 -28.83
N ALA G 378 12.43 -29.19 -27.75
CA ALA G 378 12.48 -28.10 -26.78
C ALA G 378 12.73 -28.66 -25.39
N MET G 379 13.66 -28.04 -24.67
CA MET G 379 13.98 -28.40 -23.30
C MET G 379 13.28 -27.44 -22.36
N LEU G 380 12.50 -27.96 -21.42
CA LEU G 380 11.50 -27.14 -20.74
C LEU G 380 12.03 -26.49 -19.47
N GLY G 381 12.46 -27.28 -18.50
CA GLY G 381 13.00 -26.69 -17.28
C GLY G 381 11.97 -26.22 -16.29
N SER G 382 11.76 -24.90 -16.22
CA SER G 382 10.92 -24.31 -15.19
C SER G 382 9.47 -24.80 -15.29
N LEU G 383 9.00 -25.12 -16.50
CA LEU G 383 7.63 -25.59 -16.65
C LEU G 383 7.40 -26.96 -16.02
N LEU G 384 8.47 -27.67 -15.66
CA LEU G 384 8.36 -28.99 -15.04
C LEU G 384 8.91 -29.03 -13.63
N ALA G 385 9.51 -27.95 -13.13
CA ALA G 385 10.10 -27.98 -11.80
C ALA G 385 9.03 -27.97 -10.71
N GLY G 386 7.87 -27.39 -10.98
CA GLY G 386 6.80 -27.30 -10.01
C GLY G 386 5.80 -28.43 -10.06
N THR G 387 6.09 -29.50 -10.81
CA THR G 387 5.16 -30.60 -10.94
C THR G 387 5.36 -31.60 -9.79
N ALA G 388 4.53 -32.64 -9.78
CA ALA G 388 4.61 -33.64 -8.71
C ALA G 388 5.82 -34.54 -8.86
N GLU G 389 6.13 -34.94 -10.11
CA GLU G 389 7.22 -35.88 -10.34
C GLU G 389 8.59 -35.26 -10.07
N SER G 390 8.69 -33.94 -10.01
CA SER G 390 9.97 -33.31 -9.72
C SER G 390 10.41 -33.66 -8.30
N PRO G 391 11.71 -33.77 -8.05
CA PRO G 391 12.19 -34.15 -6.72
C PRO G 391 11.85 -33.10 -5.67
N GLY G 392 11.74 -33.55 -4.43
CA GLY G 392 11.40 -32.66 -3.32
C GLY G 392 10.11 -33.06 -2.64
N GLU G 393 10.19 -33.20 -1.32
CA GLU G 393 9.01 -33.54 -0.53
C GLU G 393 8.00 -32.41 -0.58
N LEU G 394 6.74 -32.75 -0.81
CA LEU G 394 5.66 -31.77 -0.89
C LEU G 394 5.27 -31.35 0.52
N ILE G 395 5.44 -30.05 0.82
CA ILE G 395 5.18 -29.51 2.14
C ILE G 395 4.26 -28.29 1.99
N PHE G 396 3.75 -27.83 3.13
CA PHE G 396 2.81 -26.71 3.15
C PHE G 396 3.37 -25.60 4.04
N VAL G 397 3.54 -24.42 3.46
CA VAL G 397 4.01 -23.24 4.18
C VAL G 397 3.06 -22.09 3.89
N ASN G 398 2.57 -21.43 4.94
CA ASN G 398 1.65 -20.30 4.81
C ASN G 398 0.36 -20.70 4.09
N GLY G 399 -0.03 -21.97 4.21
CA GLY G 399 -1.19 -22.47 3.51
C GLY G 399 -0.97 -22.72 2.03
N LYS G 400 0.26 -22.62 1.55
CA LYS G 400 0.58 -22.78 0.15
C LYS G 400 1.51 -23.98 -0.04
N GLN G 401 1.47 -24.55 -1.24
CA GLN G 401 2.25 -25.75 -1.53
C GLN G 401 3.67 -25.40 -1.94
N PHE G 402 4.63 -26.17 -1.43
CA PHE G 402 6.03 -25.98 -1.77
C PHE G 402 6.70 -27.35 -1.80
N LYS G 403 7.92 -27.38 -2.31
CA LYS G 403 8.73 -28.59 -2.30
C LYS G 403 10.03 -28.34 -1.55
N SER G 404 10.55 -29.40 -0.94
CA SER G 404 11.74 -29.35 -0.10
C SER G 404 12.71 -30.42 -0.55
N TYR G 405 13.93 -30.36 -0.04
CA TYR G 405 14.96 -31.33 -0.40
C TYR G 405 15.75 -31.78 0.82
N TYR G 428 30.33 -29.93 -5.07
CA TYR G 428 31.64 -30.44 -5.44
C TYR G 428 31.66 -30.85 -6.92
N PHE G 429 30.58 -31.51 -7.35
CA PHE G 429 30.52 -32.07 -8.69
C PHE G 429 30.17 -31.03 -9.75
N GLN G 430 29.73 -29.85 -9.34
CA GLN G 430 29.41 -28.74 -10.24
C GLN G 430 30.72 -28.12 -10.74
N ASP G 431 31.34 -28.79 -11.70
CA ASP G 431 32.66 -28.42 -12.19
C ASP G 431 32.61 -27.37 -13.29
N ASP G 432 31.42 -26.91 -13.68
CA ASP G 432 31.29 -25.93 -14.76
C ASP G 432 31.63 -24.55 -14.19
N VAL G 433 32.77 -24.01 -14.60
CA VAL G 433 33.23 -22.71 -14.09
C VAL G 433 32.28 -21.59 -14.52
N LEU G 434 31.73 -21.67 -15.72
CA LEU G 434 30.88 -20.62 -16.26
C LEU G 434 29.41 -20.81 -15.92
N SER G 435 29.07 -21.78 -15.08
CA SER G 435 27.68 -21.96 -14.67
C SER G 435 27.24 -20.81 -13.78
N GLU G 436 25.93 -20.53 -13.81
CA GLU G 436 25.38 -19.46 -13.00
C GLU G 436 25.57 -19.73 -11.51
N ASP G 437 25.62 -21.01 -11.11
CA ASP G 437 25.76 -21.37 -9.72
C ASP G 437 27.05 -20.81 -9.11
N LYS G 438 28.05 -20.50 -9.94
CA LYS G 438 29.26 -19.84 -9.47
C LYS G 438 29.11 -18.32 -9.45
N LEU G 439 28.12 -17.78 -10.14
CA LEU G 439 27.96 -16.33 -10.24
C LEU G 439 27.18 -15.75 -9.07
N VAL G 440 26.33 -16.54 -8.43
CA VAL G 440 25.52 -16.06 -7.32
C VAL G 440 26.27 -16.21 -6.00
N VAL G 448 10.83 -25.46 -4.04
CA VAL G 448 10.13 -24.96 -5.22
C VAL G 448 8.63 -25.14 -5.06
N PRO G 449 7.83 -24.26 -5.68
CA PRO G 449 6.37 -24.35 -5.55
C PRO G 449 5.77 -25.56 -6.27
N PHE G 450 4.45 -25.67 -6.24
CA PHE G 450 3.74 -26.81 -6.80
C PHE G 450 2.84 -26.37 -7.95
N ARG G 451 2.68 -27.26 -8.93
CA ARG G 451 1.80 -27.03 -10.07
C ARG G 451 0.87 -28.18 -10.40
N GLY G 452 1.08 -29.37 -9.84
CA GLY G 452 0.22 -30.49 -10.11
C GLY G 452 0.90 -31.60 -10.89
N PRO G 453 0.14 -32.57 -11.37
CA PRO G 453 0.73 -33.68 -12.12
C PRO G 453 1.32 -33.21 -13.45
N LEU G 454 2.33 -33.95 -13.91
CA LEU G 454 3.04 -33.60 -15.14
C LEU G 454 2.23 -33.94 -16.37
N GLY G 455 1.39 -34.98 -16.30
CA GLY G 455 0.65 -35.41 -17.47
C GLY G 455 -0.24 -34.33 -18.04
N THR G 456 -0.97 -33.61 -17.18
CA THR G 456 -1.83 -32.54 -17.66
C THR G 456 -1.02 -31.39 -18.23
N VAL G 457 0.14 -31.09 -17.64
CA VAL G 457 1.00 -30.04 -18.17
C VAL G 457 1.47 -30.38 -19.58
N ILE G 458 1.92 -31.62 -19.77
CA ILE G 458 2.36 -32.06 -21.10
C ILE G 458 1.18 -32.05 -22.07
N HIS G 459 -0.01 -32.44 -21.60
CA HIS G 459 -1.19 -32.40 -22.44
C HIS G 459 -1.50 -30.98 -22.90
N GLN G 460 -1.40 -30.01 -22.00
CA GLN G 460 -1.69 -28.63 -22.35
C GLN G 460 -0.66 -28.07 -23.33
N LEU G 461 0.62 -28.38 -23.11
CA LEU G 461 1.65 -27.92 -24.04
C LEU G 461 1.45 -28.55 -25.41
N THR G 462 1.11 -29.84 -25.46
CA THR G 462 0.86 -30.49 -26.73
C THR G 462 -0.38 -29.92 -27.42
N GLY G 463 -1.40 -29.56 -26.64
CA GLY G 463 -2.57 -28.92 -27.23
C GLY G 463 -2.25 -27.56 -27.81
N GLY G 464 -1.43 -26.78 -27.13
CA GLY G 464 -0.99 -25.50 -27.69
C GLY G 464 -0.20 -25.68 -28.97
N LEU G 465 0.71 -26.66 -28.98
CA LEU G 465 1.49 -26.93 -30.19
C LEU G 465 0.58 -27.38 -31.32
N ARG G 466 -0.42 -28.21 -31.02
CA ARG G 466 -1.37 -28.65 -32.04
C ARG G 466 -2.18 -27.50 -32.59
N ALA G 467 -2.59 -26.57 -31.72
CA ALA G 467 -3.31 -25.39 -32.18
C ALA G 467 -2.43 -24.54 -33.10
N ALA G 468 -1.16 -24.39 -32.74
CA ALA G 468 -0.23 -23.66 -33.60
C ALA G 468 -0.07 -24.35 -34.96
N MET G 469 0.04 -25.68 -34.95
CA MET G 469 0.17 -26.43 -36.21
C MET G 469 -1.09 -26.29 -37.05
N GLY G 470 -2.26 -26.25 -36.42
CA GLY G 470 -3.49 -26.05 -37.17
C GLY G 470 -3.58 -24.65 -37.76
N TYR G 471 -3.17 -23.64 -36.99
CA TYR G 471 -3.19 -22.28 -37.51
C TYR G 471 -2.21 -22.10 -38.66
N THR G 472 -1.01 -22.67 -38.56
CA THR G 472 -0.01 -22.51 -39.60
C THR G 472 -0.14 -23.52 -40.73
N GLY G 473 -1.10 -24.44 -40.65
CA GLY G 473 -1.27 -25.43 -41.70
C GLY G 473 -0.13 -26.40 -41.85
N SER G 474 0.38 -26.93 -40.74
CA SER G 474 1.50 -27.87 -40.76
C SER G 474 1.01 -29.24 -40.32
N ALA G 475 1.18 -30.24 -41.20
CA ALA G 475 0.82 -31.61 -40.84
C ALA G 475 1.88 -32.24 -39.95
N THR G 476 3.14 -31.84 -40.07
CA THR G 476 4.22 -32.39 -39.27
C THR G 476 5.10 -31.25 -38.77
N ILE G 477 5.97 -31.57 -37.82
CA ILE G 477 6.89 -30.58 -37.28
C ILE G 477 7.82 -30.05 -38.36
N GLU G 478 8.24 -30.94 -39.27
CA GLU G 478 9.13 -30.52 -40.36
C GLU G 478 8.44 -29.55 -41.31
N GLN G 479 7.10 -29.55 -41.35
CA GLN G 479 6.36 -28.53 -42.08
C GLN G 479 6.15 -27.28 -41.24
N LEU G 480 6.10 -27.44 -39.91
CA LEU G 480 6.04 -26.28 -39.03
C LEU G 480 7.32 -25.46 -39.10
N GLN G 481 8.45 -26.13 -39.36
CA GLN G 481 9.73 -25.44 -39.42
C GLN G 481 9.88 -24.55 -40.65
N GLN G 482 8.88 -24.50 -41.52
CA GLN G 482 8.87 -23.62 -42.68
C GLN G 482 7.96 -22.41 -42.48
N ALA G 483 7.30 -22.29 -41.32
CA ALA G 483 6.39 -21.19 -41.08
C ALA G 483 7.15 -19.86 -41.06
N GLN G 484 6.39 -18.77 -41.16
CA GLN G 484 6.93 -17.43 -41.21
C GLN G 484 6.53 -16.66 -39.97
N PHE G 485 7.38 -15.72 -39.57
CA PHE G 485 7.13 -14.88 -38.40
C PHE G 485 6.71 -13.48 -38.81
N VAL G 486 6.02 -12.82 -37.89
CA VAL G 486 5.73 -11.39 -37.98
C VAL G 486 6.30 -10.73 -36.74
N GLN G 487 7.09 -9.68 -36.94
CA GLN G 487 7.74 -8.98 -35.85
C GLN G 487 6.81 -7.89 -35.31
N ILE G 488 6.60 -7.90 -34.00
CA ILE G 488 5.70 -6.96 -33.35
C ILE G 488 6.52 -5.87 -32.67
N THR G 489 5.99 -4.65 -32.67
CA THR G 489 6.65 -3.53 -32.03
C THR G 489 6.44 -3.58 -30.51
N ALA G 490 7.02 -2.62 -29.81
CA ALA G 490 6.88 -2.57 -28.36
C ALA G 490 5.44 -2.34 -27.93
N ALA G 491 4.64 -1.70 -28.78
CA ALA G 491 3.25 -1.43 -28.43
C ALA G 491 2.39 -2.69 -28.38
N GLY G 492 2.85 -3.78 -28.97
CA GLY G 492 2.09 -5.01 -28.94
C GLY G 492 2.24 -5.84 -27.68
N LEU G 493 3.10 -5.42 -26.76
CA LEU G 493 3.31 -6.14 -25.51
C LEU G 493 2.54 -5.54 -24.34
N LYS G 494 2.07 -4.30 -24.46
CA LYS G 494 1.41 -3.61 -23.36
C LYS G 494 0.09 -4.28 -22.98
N VAL H 12 24.63 -11.58 -47.43
CA VAL H 12 23.86 -12.83 -47.42
C VAL H 12 23.15 -13.07 -46.06
N PRO H 13 23.85 -12.94 -44.93
CA PRO H 13 23.17 -13.09 -43.64
C PRO H 13 22.16 -11.98 -43.41
N VAL H 14 21.10 -12.33 -42.69
CA VAL H 14 20.03 -11.38 -42.35
C VAL H 14 20.37 -10.75 -41.00
N PRO H 15 20.10 -9.46 -40.79
CA PRO H 15 20.42 -8.85 -39.49
C PRO H 15 19.68 -9.46 -38.31
N THR H 16 18.54 -10.13 -38.54
CA THR H 16 17.81 -10.78 -37.47
C THR H 16 18.16 -12.26 -37.33
N GLY H 17 19.13 -12.75 -38.08
CA GLY H 17 19.54 -14.13 -37.94
C GLY H 17 19.10 -14.99 -39.12
N GLY H 18 19.91 -15.99 -39.42
CA GLY H 18 19.62 -16.91 -40.49
C GLY H 18 20.01 -16.37 -41.85
N ASP H 19 19.82 -17.22 -42.86
CA ASP H 19 20.09 -16.87 -44.24
C ASP H 19 18.84 -16.66 -45.07
N ASP H 20 17.66 -16.83 -44.48
CA ASP H 20 16.41 -16.67 -45.21
C ASP H 20 15.84 -15.29 -44.91
N PRO H 21 15.78 -14.38 -45.90
CA PRO H 21 15.24 -13.05 -45.62
C PRO H 21 13.73 -13.00 -45.43
N THR H 22 13.01 -14.09 -45.72
CA THR H 22 11.57 -14.12 -45.59
C THR H 22 11.10 -14.90 -44.37
N LYS H 23 12.01 -15.32 -43.49
CA LYS H 23 11.59 -16.00 -42.26
C LYS H 23 10.79 -15.05 -41.38
N VAL H 24 11.25 -13.81 -41.26
CA VAL H 24 10.48 -12.75 -40.62
C VAL H 24 9.84 -11.96 -41.76
N ALA H 25 8.55 -12.21 -41.99
CA ALA H 25 7.90 -11.72 -43.21
C ALA H 25 7.82 -10.19 -43.22
N MET H 26 7.33 -9.60 -42.13
CA MET H 26 7.11 -8.16 -42.11
C MET H 26 6.96 -7.70 -40.67
N LEU H 27 7.09 -6.39 -40.48
CA LEU H 27 6.82 -5.77 -39.19
C LEU H 27 5.33 -5.45 -39.09
N GLY H 28 4.76 -5.71 -37.91
CA GLY H 28 3.34 -5.54 -37.69
C GLY H 28 3.04 -4.36 -36.78
N LEU H 29 2.11 -3.53 -37.22
CA LEU H 29 1.70 -2.34 -36.48
C LEU H 29 0.35 -2.58 -35.83
N THR H 30 0.25 -2.26 -34.54
CA THR H 30 -1.02 -2.29 -33.82
C THR H 30 -1.62 -0.89 -33.80
N PHE H 31 -2.76 -0.76 -33.12
CA PHE H 31 -3.43 0.54 -33.06
C PHE H 31 -2.60 1.57 -32.30
N ASP H 32 -1.84 1.13 -31.29
CA ASP H 32 -1.05 2.06 -30.49
C ASP H 32 0.18 2.58 -31.22
N ASP H 33 0.54 2.01 -32.37
CA ASP H 33 1.74 2.40 -33.09
C ASP H 33 1.53 3.58 -34.03
N VAL H 34 0.28 3.97 -34.31
CA VAL H 34 0.01 4.98 -35.32
C VAL H 34 -0.96 6.01 -34.78
N LEU H 35 -0.88 7.21 -35.34
CA LEU H 35 -1.85 8.27 -35.10
C LEU H 35 -2.24 8.89 -36.44
N LEU H 36 -3.39 9.55 -36.46
CA LEU H 36 -3.87 10.19 -37.69
C LEU H 36 -3.30 11.59 -37.81
N LEU H 37 -2.66 11.87 -38.95
CA LEU H 37 -2.11 13.19 -39.19
C LEU H 37 -3.22 14.17 -39.57
N PRO H 38 -3.16 15.40 -39.06
CA PRO H 38 -4.11 16.43 -39.53
C PRO H 38 -3.86 16.77 -40.98
N ALA H 39 -4.93 17.18 -41.67
CA ALA H 39 -4.86 17.50 -43.08
C ALA H 39 -5.73 18.73 -43.35
N ALA H 40 -5.65 19.22 -44.59
CA ALA H 40 -6.47 20.35 -45.00
C ALA H 40 -7.95 19.98 -44.86
N SER H 41 -8.68 20.77 -44.08
CA SER H 41 -10.05 20.44 -43.74
C SER H 41 -10.98 21.62 -43.94
N ASP H 42 -12.21 21.32 -44.32
CA ASP H 42 -13.30 22.29 -44.30
C ASP H 42 -14.58 21.65 -43.77
N VAL H 43 -14.46 20.58 -42.99
CA VAL H 43 -15.59 19.77 -42.54
C VAL H 43 -15.83 20.07 -41.07
N VAL H 44 -17.08 20.38 -40.74
CA VAL H 44 -17.47 20.51 -39.34
C VAL H 44 -17.88 19.12 -38.84
N PRO H 45 -17.53 18.74 -37.61
CA PRO H 45 -17.79 17.37 -37.16
C PRO H 45 -19.24 16.94 -37.23
N ALA H 46 -20.19 17.85 -36.97
CA ALA H 46 -21.59 17.45 -36.90
C ALA H 46 -22.17 17.05 -38.25
N THR H 47 -21.64 17.59 -39.35
CA THR H 47 -22.20 17.33 -40.67
C THR H 47 -21.41 16.30 -41.47
N ALA H 48 -20.43 15.64 -40.85
CA ALA H 48 -19.70 14.58 -41.55
C ALA H 48 -20.62 13.40 -41.83
N ASP H 49 -20.43 12.77 -42.99
CA ASP H 49 -21.26 11.65 -43.41
C ASP H 49 -20.57 10.35 -43.02
N THR H 50 -21.08 9.69 -41.99
CA THR H 50 -20.51 8.44 -41.50
C THR H 50 -21.07 7.21 -42.20
N SER H 51 -21.76 7.38 -43.32
CA SER H 51 -22.33 6.24 -44.02
C SER H 51 -21.22 5.37 -44.62
N SER H 52 -21.41 4.05 -44.54
CA SER H 52 -20.40 3.13 -45.02
C SER H 52 -21.08 1.84 -45.49
N GLN H 53 -20.37 1.10 -46.34
CA GLN H 53 -20.87 -0.16 -46.87
C GLN H 53 -20.53 -1.29 -45.90
N LEU H 54 -21.55 -2.03 -45.46
CA LEU H 54 -21.29 -3.26 -44.71
C LEU H 54 -20.93 -4.40 -45.66
N THR H 55 -21.75 -4.59 -46.69
CA THR H 55 -21.45 -5.55 -47.76
C THR H 55 -21.55 -4.84 -49.10
N LYS H 56 -21.48 -5.59 -50.19
CA LYS H 56 -21.55 -4.96 -51.51
C LYS H 56 -22.94 -4.43 -51.84
N ARG H 57 -23.96 -4.76 -51.06
CA ARG H 57 -25.32 -4.30 -51.30
C ARG H 57 -25.97 -3.60 -50.11
N ILE H 58 -25.38 -3.68 -48.92
CA ILE H 58 -25.97 -3.12 -47.70
C ILE H 58 -25.10 -1.95 -47.23
N ARG H 59 -25.74 -0.82 -46.95
CA ARG H 59 -25.05 0.37 -46.49
C ARG H 59 -25.62 0.79 -45.14
N LEU H 60 -24.75 0.86 -44.14
CA LEU H 60 -25.15 1.30 -42.81
C LEU H 60 -24.92 2.80 -42.66
N ARG H 61 -25.72 3.42 -41.79
CA ARG H 61 -25.54 4.83 -41.49
C ARG H 61 -24.54 5.08 -40.38
N VAL H 62 -24.28 4.07 -39.56
CA VAL H 62 -23.20 4.10 -38.56
C VAL H 62 -22.41 2.82 -38.74
N PRO H 63 -21.14 2.89 -39.15
CA PRO H 63 -20.38 1.67 -39.50
C PRO H 63 -19.93 0.88 -38.28
N LEU H 64 -20.89 0.44 -37.46
CA LEU H 64 -20.61 -0.35 -36.28
C LEU H 64 -21.48 -1.60 -36.29
N VAL H 65 -20.89 -2.74 -35.93
CA VAL H 65 -21.57 -4.03 -35.91
C VAL H 65 -21.18 -4.75 -34.64
N SER H 66 -22.16 -5.40 -34.01
CA SER H 66 -21.89 -6.20 -32.82
C SER H 66 -21.22 -7.53 -33.21
N SER H 67 -20.51 -8.12 -32.25
CA SER H 67 -19.50 -9.12 -32.56
C SER H 67 -20.01 -10.56 -32.58
N ALA H 68 -21.32 -10.77 -32.39
CA ALA H 68 -21.92 -12.10 -32.50
C ALA H 68 -21.35 -13.07 -31.47
N MET H 69 -21.06 -12.57 -30.28
CA MET H 69 -20.66 -13.45 -29.18
C MET H 69 -21.88 -13.79 -28.33
N ASP H 70 -21.76 -14.88 -27.57
CA ASP H 70 -22.88 -15.32 -26.75
C ASP H 70 -23.20 -14.34 -25.62
N THR H 71 -22.28 -13.44 -25.29
CA THR H 71 -22.50 -12.43 -24.27
C THR H 71 -22.69 -11.03 -24.84
N VAL H 72 -22.90 -10.92 -26.16
CA VAL H 72 -23.01 -9.60 -26.79
C VAL H 72 -24.34 -9.42 -27.51
N THR H 73 -24.63 -10.29 -28.49
CA THR H 73 -25.72 -10.05 -29.43
C THR H 73 -26.77 -11.13 -29.34
N GLU H 74 -28.00 -10.71 -29.04
CA GLU H 74 -29.20 -11.52 -29.22
C GLU H 74 -30.27 -10.62 -29.82
N SER H 75 -31.52 -11.09 -29.83
CA SER H 75 -32.60 -10.34 -30.48
C SER H 75 -32.71 -8.93 -29.93
N ARG H 76 -32.63 -8.77 -28.62
CA ARG H 76 -32.69 -7.45 -28.01
C ARG H 76 -31.54 -6.57 -28.50
N MET H 77 -30.32 -7.08 -28.41
CA MET H 77 -29.15 -6.33 -28.85
C MET H 77 -29.21 -6.06 -30.35
N ALA H 78 -29.67 -7.04 -31.14
CA ALA H 78 -29.76 -6.85 -32.58
C ALA H 78 -30.73 -5.73 -32.92
N ILE H 79 -31.89 -5.69 -32.26
CA ILE H 79 -32.85 -4.62 -32.51
C ILE H 79 -32.27 -3.27 -32.09
N ALA H 80 -31.62 -3.22 -30.93
CA ALA H 80 -31.04 -1.97 -30.47
C ALA H 80 -29.97 -1.47 -31.45
N MET H 81 -29.13 -2.37 -31.96
CA MET H 81 -28.11 -2.00 -32.92
C MET H 81 -28.73 -1.52 -34.22
N ALA H 82 -29.77 -2.21 -34.70
CA ALA H 82 -30.37 -1.83 -35.97
C ALA H 82 -31.11 -0.49 -35.87
N ARG H 83 -31.63 -0.15 -34.69
CA ARG H 83 -32.30 1.13 -34.52
C ARG H 83 -31.30 2.28 -34.44
N ALA H 84 -30.08 2.02 -33.97
CA ALA H 84 -29.07 3.06 -33.83
C ALA H 84 -28.30 3.33 -35.12
N GLY H 85 -28.57 2.59 -36.18
CA GLY H 85 -27.89 2.77 -37.45
C GLY H 85 -26.90 1.69 -37.82
N GLY H 86 -26.63 0.75 -36.94
CA GLY H 86 -25.71 -0.35 -37.21
C GLY H 86 -26.45 -1.62 -37.57
N MET H 87 -25.94 -2.74 -37.07
CA MET H 87 -26.57 -4.04 -37.30
C MET H 87 -26.00 -5.03 -36.31
N GLY H 88 -26.86 -5.87 -35.75
CA GLY H 88 -26.44 -6.93 -34.86
C GLY H 88 -26.36 -8.26 -35.60
N VAL H 89 -25.38 -9.07 -35.22
CA VAL H 89 -25.18 -10.40 -35.79
C VAL H 89 -25.40 -11.40 -34.67
N LEU H 90 -26.35 -12.31 -34.86
CA LEU H 90 -26.73 -13.23 -33.79
C LEU H 90 -25.70 -14.35 -33.66
N HIS H 91 -25.39 -14.70 -32.42
CA HIS H 91 -24.44 -15.75 -32.13
C HIS H 91 -25.05 -17.13 -32.41
N ARG H 92 -24.17 -18.11 -32.61
CA ARG H 92 -24.58 -19.45 -32.99
C ARG H 92 -24.37 -20.47 -31.88
N ASN H 93 -24.20 -20.02 -30.63
CA ASN H 93 -24.13 -20.93 -29.50
C ASN H 93 -25.52 -21.33 -29.02
N LEU H 94 -26.37 -21.78 -29.93
CA LEU H 94 -27.76 -22.09 -29.64
C LEU H 94 -28.22 -23.17 -30.60
N PRO H 95 -29.33 -23.86 -30.28
CA PRO H 95 -29.96 -24.72 -31.28
C PRO H 95 -30.50 -23.91 -32.45
N VAL H 96 -30.63 -24.58 -33.59
CA VAL H 96 -31.06 -23.90 -34.81
C VAL H 96 -32.41 -23.23 -34.63
N ALA H 97 -33.33 -23.90 -33.94
CA ALA H 97 -34.67 -23.36 -33.75
C ALA H 97 -34.63 -22.05 -32.95
N GLU H 98 -33.78 -21.99 -31.93
CA GLU H 98 -33.68 -20.77 -31.14
C GLU H 98 -33.14 -19.60 -31.97
N GLN H 99 -32.13 -19.86 -32.79
CA GLN H 99 -31.58 -18.80 -33.64
C GLN H 99 -32.60 -18.34 -34.67
N ALA H 100 -33.34 -19.27 -35.26
CA ALA H 100 -34.40 -18.89 -36.19
C ALA H 100 -35.49 -18.08 -35.50
N GLY H 101 -35.85 -18.46 -34.26
CA GLY H 101 -36.82 -17.69 -33.51
C GLY H 101 -36.34 -16.29 -33.21
N GLN H 102 -35.06 -16.14 -32.89
CA GLN H 102 -34.50 -14.80 -32.66
C GLN H 102 -34.49 -13.97 -33.93
N VAL H 103 -34.18 -14.61 -35.07
CA VAL H 103 -34.24 -13.90 -36.36
C VAL H 103 -35.65 -13.42 -36.62
N GLU H 104 -36.65 -14.28 -36.40
CA GLU H 104 -38.04 -13.90 -36.60
C GLU H 104 -38.45 -12.78 -35.66
N THR H 105 -38.02 -12.86 -34.40
CA THR H 105 -38.32 -11.81 -33.43
C THR H 105 -37.76 -10.47 -33.88
N VAL H 106 -36.51 -10.45 -34.36
CA VAL H 106 -35.90 -9.21 -34.82
C VAL H 106 -36.67 -8.67 -36.04
N LYS H 107 -36.98 -9.55 -36.99
CA LYS H 107 -37.63 -9.08 -38.21
C LYS H 107 -39.05 -8.59 -37.94
N ARG H 108 -39.72 -9.15 -36.94
CA ARG H 108 -41.11 -8.79 -36.62
C ARG H 108 -41.09 -7.66 -35.60
N SER H 109 -40.83 -6.45 -36.10
CA SER H 109 -40.83 -5.27 -35.24
C SER H 109 -41.03 -4.00 -36.06
N THR H 223 -41.62 7.67 -36.89
CA THR H 223 -40.37 7.06 -36.47
C THR H 223 -39.37 8.12 -36.02
N GLU H 224 -39.82 9.04 -35.17
CA GLU H 224 -38.94 10.10 -34.70
C GLU H 224 -37.91 9.58 -33.69
N GLN H 225 -38.24 8.51 -32.96
CA GLN H 225 -37.35 8.01 -31.93
C GLN H 225 -36.03 7.51 -32.51
N PHE H 226 -36.10 6.77 -33.62
CA PHE H 226 -34.92 6.16 -34.23
C PHE H 226 -34.90 6.47 -35.73
N PRO H 227 -34.58 7.70 -36.12
CA PRO H 227 -34.52 8.03 -37.55
C PRO H 227 -33.47 7.24 -38.31
N LEU H 228 -32.35 6.92 -37.68
CA LEU H 228 -31.21 6.28 -38.36
C LEU H 228 -31.38 4.78 -38.51
N SER H 229 -32.57 4.23 -38.27
CA SER H 229 -32.76 2.78 -38.34
C SER H 229 -32.38 2.25 -39.70
N THR H 230 -31.66 1.13 -39.72
CA THR H 230 -31.29 0.46 -40.96
C THR H 230 -32.39 -0.52 -41.34
N LYS H 231 -32.87 -0.42 -42.58
CA LYS H 231 -34.02 -1.19 -43.03
C LYS H 231 -33.80 -1.64 -44.46
N ASP H 232 -34.49 -2.72 -44.82
CA ASP H 232 -34.45 -3.25 -46.18
C ASP H 232 -35.49 -2.51 -47.03
N SER H 233 -35.73 -3.02 -48.25
CA SER H 233 -36.73 -2.42 -49.12
C SER H 233 -38.15 -2.60 -48.59
N ASP H 234 -38.38 -3.60 -47.74
CA ASP H 234 -39.70 -3.87 -47.18
C ASP H 234 -39.98 -3.09 -45.90
N GLY H 235 -39.03 -2.31 -45.42
CA GLY H 235 -39.22 -1.52 -44.22
C GLY H 235 -38.94 -2.23 -42.91
N ARG H 236 -38.55 -3.49 -42.93
CA ARG H 236 -38.23 -4.21 -41.72
C ARG H 236 -36.76 -4.04 -41.35
N LEU H 237 -36.47 -4.28 -40.07
CA LEU H 237 -35.10 -4.18 -39.59
C LEU H 237 -34.23 -5.28 -40.19
N LEU H 238 -32.94 -4.97 -40.33
CA LEU H 238 -31.96 -5.95 -40.79
C LEU H 238 -31.30 -6.64 -39.59
N VAL H 239 -30.81 -7.85 -39.84
CA VAL H 239 -30.16 -8.63 -38.80
C VAL H 239 -29.26 -9.65 -39.47
N GLY H 240 -28.25 -10.12 -38.75
CA GLY H 240 -27.34 -11.12 -39.25
C GLY H 240 -27.23 -12.28 -38.28
N ALA H 241 -26.73 -13.40 -38.79
CA ALA H 241 -26.58 -14.61 -37.99
C ALA H 241 -25.30 -15.32 -38.42
N ALA H 242 -24.72 -16.07 -37.49
CA ALA H 242 -23.46 -16.76 -37.71
C ALA H 242 -23.69 -18.25 -37.90
N VAL H 243 -22.99 -18.81 -38.89
CA VAL H 243 -23.02 -20.24 -39.19
C VAL H 243 -21.59 -20.75 -39.28
N GLY H 244 -21.42 -22.04 -39.07
CA GLY H 244 -20.10 -22.67 -39.12
C GLY H 244 -19.83 -23.33 -40.45
N VAL H 245 -19.21 -24.51 -40.39
CA VAL H 245 -18.89 -25.30 -41.58
C VAL H 245 -19.33 -26.74 -41.33
N GLY H 246 -19.97 -27.34 -42.33
CA GLY H 246 -20.42 -28.71 -42.25
C GLY H 246 -21.86 -28.85 -42.72
N ASP H 247 -22.47 -29.97 -42.38
CA ASP H 247 -23.84 -30.25 -42.78
C ASP H 247 -24.85 -29.65 -41.81
N ASP H 248 -24.60 -29.74 -40.50
CA ASP H 248 -25.43 -29.06 -39.53
C ASP H 248 -25.40 -27.56 -39.74
N ALA H 249 -24.21 -27.02 -40.06
CA ALA H 249 -24.10 -25.61 -40.41
C ALA H 249 -24.93 -25.29 -41.65
N TRP H 250 -24.92 -26.18 -42.65
CA TRP H 250 -25.71 -25.93 -43.85
C TRP H 250 -27.21 -25.91 -43.55
N THR H 251 -27.69 -26.84 -42.72
CA THR H 251 -29.11 -26.84 -42.42
C THR H 251 -29.49 -25.65 -41.54
N ARG H 252 -28.59 -25.23 -40.65
CA ARG H 252 -28.83 -24.02 -39.88
C ARG H 252 -28.90 -22.80 -40.79
N ALA H 253 -28.00 -22.72 -41.78
CA ALA H 253 -28.02 -21.62 -42.73
C ALA H 253 -29.31 -21.60 -43.54
N MET H 254 -29.77 -22.78 -43.96
CA MET H 254 -31.04 -22.85 -44.71
C MET H 254 -32.20 -22.40 -43.84
N THR H 255 -32.23 -22.83 -42.58
CA THR H 255 -33.30 -22.40 -41.69
C THR H 255 -33.28 -20.89 -41.48
N LEU H 256 -32.08 -20.32 -41.31
CA LEU H 256 -31.97 -18.87 -41.12
C LEU H 256 -32.38 -18.11 -42.37
N VAL H 257 -32.04 -18.63 -43.55
CA VAL H 257 -32.48 -18.00 -44.79
C VAL H 257 -34.00 -18.02 -44.89
N ASP H 258 -34.61 -19.16 -44.58
CA ASP H 258 -36.06 -19.23 -44.56
C ASP H 258 -36.67 -18.37 -43.46
N ALA H 259 -35.90 -18.08 -42.40
CA ALA H 259 -36.39 -17.23 -41.32
C ALA H 259 -36.31 -15.74 -41.65
N GLY H 260 -35.72 -15.38 -42.80
CA GLY H 260 -35.68 -14.00 -43.21
C GLY H 260 -34.44 -13.23 -42.80
N VAL H 261 -33.37 -13.91 -42.38
CA VAL H 261 -32.12 -13.22 -42.10
C VAL H 261 -31.54 -12.66 -43.38
N ASP H 262 -30.73 -11.62 -43.26
CA ASP H 262 -30.21 -10.90 -44.42
C ASP H 262 -28.72 -11.07 -44.63
N VAL H 263 -27.94 -11.29 -43.57
CA VAL H 263 -26.50 -11.47 -43.67
C VAL H 263 -26.12 -12.79 -43.01
N LEU H 264 -25.42 -13.64 -43.74
CA LEU H 264 -24.91 -14.90 -43.20
C LEU H 264 -23.42 -14.77 -42.98
N ILE H 265 -22.99 -14.87 -41.72
CA ILE H 265 -21.59 -14.76 -41.34
C ILE H 265 -21.05 -16.17 -41.12
N VAL H 266 -20.15 -16.61 -41.99
CA VAL H 266 -19.47 -17.88 -41.78
C VAL H 266 -18.39 -17.63 -40.74
N ASP H 267 -18.71 -17.89 -39.47
CA ASP H 267 -17.87 -17.48 -38.35
C ASP H 267 -16.93 -18.63 -37.98
N THR H 268 -15.64 -18.43 -38.26
CA THR H 268 -14.61 -19.39 -37.89
C THR H 268 -13.42 -18.64 -37.34
N ALA H 269 -12.55 -19.36 -36.63
CA ALA H 269 -11.34 -18.75 -36.09
C ALA H 269 -10.28 -18.56 -37.16
N HIS H 270 -10.25 -19.42 -38.17
CA HIS H 270 -9.23 -19.36 -39.21
C HIS H 270 -9.91 -19.67 -40.54
N ALA H 271 -10.09 -18.65 -41.37
CA ALA H 271 -10.91 -18.76 -42.57
C ALA H 271 -10.12 -19.18 -43.81
N HIS H 272 -8.83 -19.44 -43.69
CA HIS H 272 -8.08 -19.92 -44.84
C HIS H 272 -8.24 -21.42 -45.06
N ASN H 273 -9.02 -22.09 -44.22
CA ASN H 273 -9.30 -23.51 -44.39
C ASN H 273 -10.10 -23.75 -45.66
N ARG H 274 -9.90 -24.93 -46.26
CA ARG H 274 -10.63 -25.27 -47.47
C ARG H 274 -12.11 -25.45 -47.19
N GLY H 275 -12.47 -25.96 -46.00
CA GLY H 275 -13.87 -26.13 -45.66
C GLY H 275 -14.63 -24.82 -45.63
N VAL H 276 -14.01 -23.77 -45.08
CA VAL H 276 -14.66 -22.47 -45.01
C VAL H 276 -14.91 -21.93 -46.42
N LEU H 277 -13.90 -22.04 -47.29
CA LEU H 277 -14.06 -21.57 -48.66
C LEU H 277 -15.14 -22.34 -49.40
N ASP H 278 -15.18 -23.67 -49.23
CA ASP H 278 -16.21 -24.47 -49.88
C ASP H 278 -17.60 -24.10 -49.38
N MET H 279 -17.74 -23.91 -48.06
CA MET H 279 -19.03 -23.53 -47.49
C MET H 279 -19.48 -22.16 -48.01
N VAL H 280 -18.55 -21.21 -48.10
CA VAL H 280 -18.90 -19.89 -48.61
C VAL H 280 -19.33 -19.97 -50.06
N SER H 281 -18.61 -20.75 -50.88
CA SER H 281 -18.99 -20.91 -52.27
C SER H 281 -20.37 -21.56 -52.40
N ARG H 282 -20.64 -22.59 -51.59
CA ARG H 282 -21.93 -23.25 -51.64
C ARG H 282 -23.06 -22.27 -51.27
N LEU H 283 -22.87 -21.52 -50.19
CA LEU H 283 -23.91 -20.58 -49.76
C LEU H 283 -24.12 -19.49 -50.81
N LYS H 284 -23.04 -18.97 -51.39
CA LYS H 284 -23.17 -17.94 -52.40
C LYS H 284 -23.86 -18.46 -53.65
N GLN H 285 -23.63 -19.72 -54.00
CA GLN H 285 -24.26 -20.29 -55.18
C GLN H 285 -25.73 -20.62 -54.92
N ALA H 286 -26.08 -20.98 -53.70
CA ALA H 286 -27.43 -21.46 -53.40
C ALA H 286 -28.38 -20.32 -53.02
N VAL H 287 -27.99 -19.48 -52.06
CA VAL H 287 -28.86 -18.43 -51.54
C VAL H 287 -28.21 -17.07 -51.77
N GLY H 288 -27.44 -16.95 -52.85
CA GLY H 288 -26.69 -15.74 -53.08
C GLY H 288 -27.56 -14.51 -53.32
N GLU H 289 -28.62 -14.66 -54.12
CA GLU H 289 -29.43 -13.50 -54.48
C GLU H 289 -30.23 -12.96 -53.31
N ARG H 290 -30.49 -13.76 -52.29
CA ARG H 290 -31.33 -13.32 -51.18
C ARG H 290 -30.52 -12.71 -50.04
N VAL H 291 -29.39 -13.33 -49.68
CA VAL H 291 -28.60 -12.91 -48.53
C VAL H 291 -27.16 -12.70 -48.96
N ASP H 292 -26.40 -12.01 -48.11
CA ASP H 292 -24.99 -11.76 -48.35
C ASP H 292 -24.15 -12.68 -47.46
N VAL H 293 -23.07 -13.21 -48.02
CA VAL H 293 -22.19 -14.14 -47.32
C VAL H 293 -20.89 -13.41 -47.00
N VAL H 294 -20.45 -13.53 -45.75
CA VAL H 294 -19.24 -12.87 -45.26
C VAL H 294 -18.26 -13.94 -44.81
N GLY H 295 -17.02 -13.85 -45.28
CA GLY H 295 -16.02 -14.82 -44.91
C GLY H 295 -15.56 -14.65 -43.47
N GLY H 296 -14.93 -15.71 -42.96
CA GLY H 296 -14.47 -15.72 -41.59
C GLY H 296 -13.26 -14.84 -41.38
N ASN H 297 -12.67 -14.99 -40.19
CA ASN H 297 -11.55 -14.15 -39.81
C ASN H 297 -10.29 -14.52 -40.60
N VAL H 298 -9.63 -13.52 -41.16
CA VAL H 298 -8.38 -13.69 -41.88
C VAL H 298 -7.39 -12.64 -41.37
N ALA H 299 -6.11 -12.85 -41.71
CA ALA H 299 -5.06 -11.94 -41.29
C ALA H 299 -4.01 -11.68 -42.36
N THR H 300 -4.18 -12.19 -43.58
CA THR H 300 -3.16 -12.05 -44.61
C THR H 300 -3.82 -11.70 -45.94
N ARG H 301 -3.01 -11.19 -46.86
CA ARG H 301 -3.51 -10.85 -48.19
C ARG H 301 -3.97 -12.08 -48.96
N ALA H 302 -3.23 -13.20 -48.82
CA ALA H 302 -3.58 -14.41 -49.55
C ALA H 302 -4.93 -14.95 -49.12
N ALA H 303 -5.20 -14.96 -47.82
CA ALA H 303 -6.49 -15.45 -47.33
C ALA H 303 -7.64 -14.58 -47.82
N ALA H 304 -7.44 -13.25 -47.79
CA ALA H 304 -8.48 -12.35 -48.29
C ALA H 304 -8.72 -12.57 -49.78
N ALA H 305 -7.64 -12.76 -50.55
CA ALA H 305 -7.80 -13.05 -51.98
C ALA H 305 -8.55 -14.35 -52.20
N ALA H 306 -8.24 -15.37 -51.40
CA ALA H 306 -8.94 -16.65 -51.53
C ALA H 306 -10.43 -16.49 -51.21
N LEU H 307 -10.76 -15.74 -50.17
CA LEU H 307 -12.16 -15.52 -49.83
C LEU H 307 -12.87 -14.74 -50.93
N VAL H 308 -12.20 -13.75 -51.51
CA VAL H 308 -12.83 -12.98 -52.59
C VAL H 308 -13.06 -13.85 -53.81
N GLU H 309 -12.09 -14.72 -54.13
CA GLU H 309 -12.27 -15.66 -55.23
C GLU H 309 -13.40 -16.63 -54.96
N ALA H 310 -13.58 -17.02 -53.69
CA ALA H 310 -14.70 -17.88 -53.34
C ALA H 310 -16.04 -17.19 -53.61
N GLY H 311 -16.11 -15.88 -53.39
CA GLY H 311 -17.32 -15.14 -53.68
C GLY H 311 -17.99 -14.49 -52.49
N ALA H 312 -17.22 -14.22 -51.43
CA ALA H 312 -17.78 -13.57 -50.26
C ALA H 312 -18.06 -12.09 -50.56
N ASP H 313 -19.15 -11.58 -49.97
CA ASP H 313 -19.51 -10.18 -50.11
C ASP H 313 -18.82 -9.28 -49.11
N ALA H 314 -18.16 -9.84 -48.10
CA ALA H 314 -17.39 -9.05 -47.15
C ALA H 314 -16.33 -9.95 -46.54
N VAL H 315 -15.33 -9.32 -45.94
CA VAL H 315 -14.22 -10.03 -45.32
C VAL H 315 -14.05 -9.53 -43.90
N LYS H 316 -14.06 -10.45 -42.93
CA LYS H 316 -13.85 -10.12 -41.53
C LYS H 316 -12.39 -10.40 -41.19
N VAL H 317 -11.74 -9.44 -40.54
CA VAL H 317 -10.29 -9.43 -40.40
C VAL H 317 -9.93 -9.50 -38.93
N GLY H 318 -8.94 -10.35 -38.62
CA GLY H 318 -8.37 -10.43 -37.29
C GLY H 318 -8.18 -11.84 -36.78
N VAL H 319 -6.95 -12.19 -36.42
CA VAL H 319 -6.61 -13.48 -35.84
C VAL H 319 -5.76 -13.19 -34.61
N GLY H 320 -6.38 -13.22 -33.43
CA GLY H 320 -5.72 -12.80 -32.22
C GLY H 320 -5.19 -11.39 -32.31
N PRO H 321 -6.08 -10.40 -32.43
CA PRO H 321 -5.61 -9.01 -32.58
C PRO H 321 -5.25 -8.35 -31.26
N GLY H 322 -5.70 -8.87 -30.13
CA GLY H 322 -5.37 -8.27 -28.86
C GLY H 322 -3.91 -8.45 -28.50
N SER H 323 -3.43 -7.56 -27.63
CA SER H 323 -2.02 -7.59 -27.24
C SER H 323 -1.67 -8.86 -26.49
N ILE H 324 -2.52 -9.29 -25.57
CA ILE H 324 -2.25 -10.47 -24.75
C ILE H 324 -3.34 -11.51 -24.94
N CYS H 325 -3.92 -11.56 -26.14
CA CYS H 325 -5.00 -12.51 -26.42
C CYS H 325 -4.52 -13.94 -26.19
N THR H 326 -5.47 -14.82 -25.88
CA THR H 326 -5.13 -16.21 -25.57
C THR H 326 -4.53 -16.92 -26.77
N THR H 327 -4.90 -16.51 -27.98
CA THR H 327 -4.32 -17.12 -29.18
C THR H 327 -2.82 -16.84 -29.27
N ARG H 328 -2.39 -15.67 -28.80
CA ARG H 328 -0.97 -15.36 -28.81
C ARG H 328 -0.22 -16.14 -27.75
N VAL H 329 -0.79 -16.26 -26.55
CA VAL H 329 -0.08 -16.89 -25.44
C VAL H 329 -0.02 -18.40 -25.62
N VAL H 330 -1.14 -19.02 -26.01
CA VAL H 330 -1.23 -20.48 -26.04
C VAL H 330 -0.73 -21.04 -27.35
N ALA H 331 -1.15 -20.45 -28.48
CA ALA H 331 -0.79 -20.95 -29.79
C ALA H 331 0.41 -20.25 -30.41
N GLY H 332 0.77 -19.07 -29.91
CA GLY H 332 1.86 -18.32 -30.51
C GLY H 332 1.55 -17.77 -31.88
N VAL H 333 0.26 -17.66 -32.23
CA VAL H 333 -0.16 -17.23 -33.56
C VAL H 333 -0.94 -15.93 -33.41
N GLY H 334 -0.66 -14.98 -34.29
CA GLY H 334 -1.37 -13.72 -34.26
C GLY H 334 -0.89 -12.81 -35.37
N ALA H 335 -1.55 -11.66 -35.46
CA ALA H 335 -1.22 -10.65 -36.47
C ALA H 335 -1.70 -9.30 -35.99
N PRO H 336 -0.84 -8.28 -35.96
CA PRO H 336 -1.28 -6.95 -35.55
C PRO H 336 -2.37 -6.42 -36.46
N GLN H 337 -3.29 -5.65 -35.87
CA GLN H 337 -4.54 -5.35 -36.55
C GLN H 337 -4.36 -4.36 -37.70
N ILE H 338 -3.54 -3.32 -37.51
CA ILE H 338 -3.36 -2.33 -38.58
C ILE H 338 -2.72 -2.97 -39.81
N THR H 339 -1.67 -3.76 -39.60
CA THR H 339 -1.00 -4.41 -40.72
C THR H 339 -1.93 -5.42 -41.39
N ALA H 340 -2.69 -6.18 -40.59
CA ALA H 340 -3.62 -7.15 -41.15
C ALA H 340 -4.69 -6.48 -41.98
N ILE H 341 -5.23 -5.37 -41.49
CA ILE H 341 -6.24 -4.63 -42.25
C ILE H 341 -5.65 -4.09 -43.54
N LEU H 342 -4.45 -3.52 -43.48
CA LEU H 342 -3.83 -2.99 -44.70
C LEU H 342 -3.58 -4.08 -45.73
N GLU H 343 -3.18 -5.27 -45.26
CA GLU H 343 -2.97 -6.39 -46.17
C GLU H 343 -4.28 -6.86 -46.78
N ALA H 344 -5.31 -7.05 -45.95
CA ALA H 344 -6.57 -7.55 -46.48
C ALA H 344 -7.20 -6.56 -47.43
N VAL H 345 -7.11 -5.27 -47.11
CA VAL H 345 -7.66 -4.24 -47.99
C VAL H 345 -6.92 -4.23 -49.32
N ALA H 346 -5.60 -4.50 -49.28
CA ALA H 346 -4.84 -4.52 -50.53
C ALA H 346 -5.37 -5.57 -51.50
N ALA H 347 -6.04 -6.61 -51.00
CA ALA H 347 -6.60 -7.64 -51.87
C ALA H 347 -8.09 -7.46 -52.12
N CYS H 348 -8.81 -6.84 -51.20
CA CYS H 348 -10.25 -6.69 -51.32
C CYS H 348 -10.67 -5.43 -52.08
N LYS H 349 -9.89 -4.35 -51.98
CA LYS H 349 -10.29 -3.08 -52.59
C LYS H 349 -10.47 -3.18 -54.10
N PRO H 350 -9.58 -3.81 -54.88
CA PRO H 350 -9.79 -3.84 -56.34
C PRO H 350 -11.09 -4.50 -56.76
N TYR H 351 -11.61 -5.45 -55.98
CA TYR H 351 -12.85 -6.13 -56.33
C TYR H 351 -14.07 -5.58 -55.60
N GLY H 352 -13.92 -4.47 -54.88
CA GLY H 352 -15.07 -3.85 -54.25
C GLY H 352 -15.62 -4.57 -53.04
N VAL H 353 -14.87 -5.50 -52.46
CA VAL H 353 -15.35 -6.28 -51.32
C VAL H 353 -15.05 -5.49 -50.05
N PRO H 354 -16.06 -5.15 -49.25
CA PRO H 354 -15.80 -4.45 -47.99
C PRO H 354 -15.05 -5.32 -46.99
N VAL H 355 -14.33 -4.65 -46.09
CA VAL H 355 -13.53 -5.31 -45.05
C VAL H 355 -14.05 -4.87 -43.70
N ILE H 356 -14.25 -5.84 -42.79
CA ILE H 356 -14.74 -5.58 -41.45
C ILE H 356 -13.60 -5.80 -40.46
N ALA H 357 -13.30 -4.78 -39.67
CA ALA H 357 -12.26 -4.85 -38.65
C ALA H 357 -12.85 -5.46 -37.38
N ASP H 358 -12.37 -6.66 -37.02
CA ASP H 358 -12.93 -7.41 -35.91
C ASP H 358 -11.88 -7.54 -34.81
N GLY H 359 -12.20 -7.04 -33.63
CA GLY H 359 -11.35 -7.25 -32.46
C GLY H 359 -10.25 -6.20 -32.33
N GLY H 360 -9.84 -5.98 -31.09
CA GLY H 360 -8.76 -5.07 -30.79
C GLY H 360 -9.15 -3.63 -30.53
N LEU H 361 -10.41 -3.27 -30.75
CA LEU H 361 -10.83 -1.89 -30.57
C LEU H 361 -11.12 -1.60 -29.10
N GLN H 362 -10.51 -0.54 -28.57
CA GLN H 362 -10.70 -0.14 -27.19
C GLN H 362 -11.21 1.28 -27.02
N TYR H 363 -11.13 2.12 -28.04
CA TYR H 363 -11.64 3.49 -27.99
C TYR H 363 -12.17 3.87 -29.35
N SER H 364 -12.83 5.04 -29.40
CA SER H 364 -13.27 5.58 -30.68
C SER H 364 -12.10 5.90 -31.59
N GLY H 365 -10.95 6.27 -31.01
CA GLY H 365 -9.76 6.46 -31.81
C GLY H 365 -9.34 5.22 -32.56
N ASP H 366 -9.50 4.05 -31.93
CA ASP H 366 -9.21 2.80 -32.63
C ASP H 366 -10.16 2.58 -33.80
N ILE H 367 -11.43 2.94 -33.63
CA ILE H 367 -12.38 2.84 -34.74
C ILE H 367 -11.95 3.75 -35.88
N ALA H 368 -11.55 4.99 -35.55
CA ALA H 368 -11.11 5.91 -36.58
C ALA H 368 -9.88 5.39 -37.30
N LYS H 369 -8.92 4.83 -36.55
CA LYS H 369 -7.71 4.30 -37.16
C LYS H 369 -8.01 3.11 -38.05
N ALA H 370 -8.94 2.24 -37.61
CA ALA H 370 -9.31 1.08 -38.43
C ALA H 370 -9.99 1.51 -39.71
N LEU H 371 -10.87 2.50 -39.64
CA LEU H 371 -11.54 2.99 -40.85
C LEU H 371 -10.54 3.69 -41.77
N ALA H 372 -9.56 4.40 -41.19
CA ALA H 372 -8.55 5.05 -42.00
C ALA H 372 -7.61 4.04 -42.65
N ALA H 373 -7.40 2.89 -42.01
CA ALA H 373 -6.52 1.87 -42.55
C ALA H 373 -7.10 1.17 -43.77
N GLY H 374 -8.37 1.39 -44.08
CA GLY H 374 -8.99 0.78 -45.24
C GLY H 374 -10.25 -0.01 -44.96
N ALA H 375 -10.53 -0.28 -43.69
CA ALA H 375 -11.73 -1.02 -43.35
C ALA H 375 -12.98 -0.19 -43.65
N SER H 376 -14.08 -0.87 -43.95
CA SER H 376 -15.34 -0.22 -44.22
C SER H 376 -16.32 -0.29 -43.06
N THR H 377 -16.11 -1.22 -42.12
CA THR H 377 -16.97 -1.34 -40.95
C THR H 377 -16.13 -1.89 -39.81
N ALA H 378 -16.54 -1.56 -38.58
CA ALA H 378 -15.83 -2.00 -37.38
C ALA H 378 -16.76 -2.85 -36.52
N MET H 379 -16.23 -3.96 -36.01
CA MET H 379 -16.98 -4.87 -35.16
C MET H 379 -16.54 -4.64 -33.71
N LEU H 380 -17.50 -4.33 -32.84
CA LEU H 380 -17.18 -3.73 -31.55
C LEU H 380 -16.81 -4.77 -30.50
N GLY H 381 -17.72 -5.69 -30.21
CA GLY H 381 -17.42 -6.72 -29.22
C GLY H 381 -17.41 -6.22 -27.78
N SER H 382 -16.21 -6.15 -27.19
CA SER H 382 -16.08 -5.89 -25.76
C SER H 382 -16.63 -4.52 -25.37
N LEU H 383 -16.78 -3.59 -26.33
CA LEU H 383 -17.35 -2.30 -26.01
C LEU H 383 -18.82 -2.39 -25.67
N LEU H 384 -19.51 -3.40 -26.21
CA LEU H 384 -20.94 -3.61 -25.96
C LEU H 384 -21.21 -4.76 -25.01
N ALA H 385 -20.17 -5.26 -24.33
CA ALA H 385 -20.35 -6.40 -23.44
C ALA H 385 -21.12 -6.01 -22.18
N GLY H 386 -20.88 -4.81 -21.67
CA GLY H 386 -21.48 -4.36 -20.43
C GLY H 386 -22.70 -3.48 -20.57
N THR H 387 -23.24 -3.33 -21.77
CA THR H 387 -24.43 -2.51 -21.93
C THR H 387 -25.67 -3.27 -21.47
N ALA H 388 -26.76 -2.52 -21.28
CA ALA H 388 -27.99 -3.11 -20.78
C ALA H 388 -28.59 -4.08 -21.78
N GLU H 389 -28.54 -3.74 -23.08
CA GLU H 389 -29.17 -4.56 -24.11
C GLU H 389 -28.47 -5.90 -24.31
N SER H 390 -27.24 -6.04 -23.83
CA SER H 390 -26.54 -7.31 -23.97
C SER H 390 -27.23 -8.40 -23.13
N PRO H 391 -27.15 -9.65 -23.57
CA PRO H 391 -27.82 -10.73 -22.82
C PRO H 391 -27.20 -10.96 -21.46
N GLY H 392 -28.04 -11.46 -20.54
CA GLY H 392 -27.62 -11.66 -19.17
C GLY H 392 -28.42 -10.82 -18.19
N GLU H 393 -28.77 -11.39 -17.04
CA GLU H 393 -29.56 -10.65 -16.07
C GLU H 393 -28.68 -9.75 -15.22
N LEU H 394 -29.15 -8.53 -15.01
CA LEU H 394 -28.39 -7.53 -14.24
C LEU H 394 -28.61 -7.73 -12.75
N ILE H 395 -27.55 -8.11 -12.04
CA ILE H 395 -27.61 -8.31 -10.60
C ILE H 395 -26.56 -7.43 -9.94
N PHE H 396 -26.51 -7.44 -8.61
CA PHE H 396 -25.59 -6.61 -7.84
C PHE H 396 -24.66 -7.48 -7.02
N VAL H 397 -23.35 -7.23 -7.15
CA VAL H 397 -22.32 -7.91 -6.39
C VAL H 397 -21.46 -6.86 -5.72
N ASN H 398 -21.38 -6.90 -4.39
CA ASN H 398 -20.57 -5.97 -3.60
C ASN H 398 -20.85 -4.51 -3.97
N GLY H 399 -22.11 -4.19 -4.21
CA GLY H 399 -22.50 -2.84 -4.52
C GLY H 399 -22.29 -2.41 -5.95
N LYS H 400 -21.86 -3.30 -6.84
CA LYS H 400 -21.59 -2.95 -8.22
C LYS H 400 -22.38 -3.87 -9.16
N GLN H 401 -22.80 -3.30 -10.29
CA GLN H 401 -23.69 -4.00 -11.20
C GLN H 401 -22.91 -4.96 -12.09
N PHE H 402 -23.43 -6.17 -12.25
CA PHE H 402 -22.81 -7.17 -13.10
C PHE H 402 -23.92 -7.93 -13.82
N LYS H 403 -23.52 -8.69 -14.84
CA LYS H 403 -24.46 -9.53 -15.58
C LYS H 403 -24.18 -11.00 -15.33
N SER H 404 -25.25 -11.78 -15.21
CA SER H 404 -25.19 -13.17 -14.82
C SER H 404 -25.92 -14.02 -15.85
N TYR H 405 -25.46 -15.25 -16.02
CA TYR H 405 -26.06 -16.21 -16.95
C TYR H 405 -26.45 -17.50 -16.24
N TYR H 428 -21.93 -27.63 -26.62
CA TYR H 428 -22.00 -28.59 -27.71
C TYR H 428 -21.76 -27.90 -29.06
N PHE H 429 -22.25 -26.67 -29.18
CA PHE H 429 -22.17 -25.93 -30.43
C PHE H 429 -20.90 -25.12 -30.57
N GLN H 430 -19.97 -25.22 -29.60
CA GLN H 430 -18.64 -24.65 -29.74
C GLN H 430 -17.79 -25.57 -30.62
N ASP H 431 -18.22 -25.71 -31.87
CA ASP H 431 -17.67 -26.69 -32.79
C ASP H 431 -16.51 -26.15 -33.62
N ASP H 432 -16.12 -24.90 -33.43
CA ASP H 432 -14.93 -24.37 -34.10
C ASP H 432 -13.71 -24.88 -33.34
N VAL H 433 -12.90 -25.70 -34.02
CA VAL H 433 -11.78 -26.36 -33.34
C VAL H 433 -10.73 -25.36 -32.91
N LEU H 434 -10.49 -24.32 -33.72
CA LEU H 434 -9.43 -23.37 -33.47
C LEU H 434 -9.89 -22.15 -32.67
N SER H 435 -11.13 -22.15 -32.19
CA SER H 435 -11.61 -21.01 -31.41
C SER H 435 -10.91 -20.94 -30.06
N GLU H 436 -10.84 -19.73 -29.51
CA GLU H 436 -10.11 -19.51 -28.27
C GLU H 436 -10.74 -20.24 -27.09
N ASP H 437 -12.05 -20.46 -27.13
CA ASP H 437 -12.73 -21.13 -26.02
C ASP H 437 -12.23 -22.56 -25.82
N LYS H 438 -11.78 -23.21 -26.89
CA LYS H 438 -11.15 -24.52 -26.76
C LYS H 438 -9.76 -24.43 -26.14
N LEU H 439 -9.12 -23.27 -26.19
CA LEU H 439 -7.74 -23.15 -25.70
C LEU H 439 -7.68 -23.04 -24.18
N VAL H 440 -8.59 -22.28 -23.58
CA VAL H 440 -8.58 -22.09 -22.14
C VAL H 440 -9.30 -23.25 -21.44
N VAL H 448 -20.12 -10.22 -16.11
CA VAL H 448 -19.54 -9.07 -16.78
C VAL H 448 -20.14 -7.78 -16.24
N PRO H 449 -19.35 -6.69 -16.22
CA PRO H 449 -19.80 -5.45 -15.58
C PRO H 449 -20.90 -4.73 -16.35
N PHE H 450 -21.29 -3.55 -15.86
CA PHE H 450 -22.34 -2.74 -16.44
C PHE H 450 -21.76 -1.45 -17.02
N ARG H 451 -22.36 -0.99 -18.12
CA ARG H 451 -21.91 0.23 -18.76
C ARG H 451 -23.02 1.24 -19.03
N GLY H 452 -24.28 0.87 -18.83
CA GLY H 452 -25.38 1.80 -19.05
C GLY H 452 -26.09 1.52 -20.36
N PRO H 453 -26.89 2.48 -20.83
CA PRO H 453 -27.61 2.29 -22.08
C PRO H 453 -26.67 2.28 -23.28
N LEU H 454 -27.04 1.49 -24.29
CA LEU H 454 -26.19 1.35 -25.46
C LEU H 454 -26.19 2.62 -26.32
N GLY H 455 -27.31 3.33 -26.36
CA GLY H 455 -27.42 4.50 -27.22
C GLY H 455 -26.37 5.56 -26.92
N THR H 456 -26.11 5.82 -25.64
CA THR H 456 -25.09 6.80 -25.28
C THR H 456 -23.70 6.36 -25.72
N VAL H 457 -23.40 5.07 -25.58
CA VAL H 457 -22.09 4.57 -26.01
C VAL H 457 -21.93 4.71 -27.52
N ILE H 458 -22.98 4.35 -28.27
CA ILE H 458 -22.91 4.47 -29.73
C ILE H 458 -22.77 5.94 -30.13
N HIS H 459 -23.50 6.83 -29.45
CA HIS H 459 -23.38 8.25 -29.73
C HIS H 459 -21.97 8.75 -29.46
N GLN H 460 -21.35 8.29 -28.37
CA GLN H 460 -19.99 8.71 -28.06
C GLN H 460 -19.00 8.23 -29.11
N LEU H 461 -19.12 6.97 -29.54
CA LEU H 461 -18.22 6.46 -30.58
C LEU H 461 -18.43 7.21 -31.88
N THR H 462 -19.68 7.51 -32.23
CA THR H 462 -19.95 8.28 -33.45
C THR H 462 -19.37 9.69 -33.35
N GLY H 463 -19.47 10.31 -32.17
CA GLY H 463 -18.88 11.62 -32.00
C GLY H 463 -17.37 11.60 -32.12
N GLY H 464 -16.72 10.58 -31.57
CA GLY H 464 -15.28 10.44 -31.75
C GLY H 464 -14.90 10.27 -33.20
N LEU H 465 -15.63 9.43 -33.93
CA LEU H 465 -15.37 9.25 -35.36
C LEU H 465 -15.59 10.55 -36.12
N ARG H 466 -16.62 11.31 -35.75
CA ARG H 466 -16.87 12.60 -36.39
C ARG H 466 -15.74 13.58 -36.14
N ALA H 467 -15.21 13.60 -34.91
CA ALA H 467 -14.07 14.46 -34.61
C ALA H 467 -12.85 14.06 -35.42
N ALA H 468 -12.62 12.75 -35.57
CA ALA H 468 -11.52 12.29 -36.41
C ALA H 468 -11.70 12.73 -37.86
N MET H 469 -12.93 12.62 -38.37
CA MET H 469 -13.20 13.02 -39.74
C MET H 469 -13.01 14.52 -39.93
N GLY H 470 -13.37 15.31 -38.92
CA GLY H 470 -13.13 16.74 -38.99
C GLY H 470 -11.65 17.08 -38.96
N TYR H 471 -10.88 16.38 -38.13
CA TYR H 471 -9.44 16.61 -38.08
C TYR H 471 -8.76 16.25 -39.39
N THR H 472 -9.18 15.14 -40.01
CA THR H 472 -8.54 14.69 -41.23
C THR H 472 -9.16 15.26 -42.49
N GLY H 473 -10.17 16.10 -42.37
CA GLY H 473 -10.80 16.69 -43.55
C GLY H 473 -11.52 15.70 -44.43
N SER H 474 -12.20 14.73 -43.85
CA SER H 474 -12.90 13.67 -44.58
C SER H 474 -14.40 13.92 -44.50
N ALA H 475 -15.01 14.27 -45.63
CA ALA H 475 -16.45 14.47 -45.67
C ALA H 475 -17.23 13.16 -45.63
N THR H 476 -16.60 12.05 -46.02
CA THR H 476 -17.23 10.74 -46.02
C THR H 476 -16.21 9.70 -45.53
N ILE H 477 -16.73 8.50 -45.24
CA ILE H 477 -15.86 7.40 -44.84
C ILE H 477 -14.91 7.01 -45.98
N GLU H 478 -15.41 7.08 -47.22
CA GLU H 478 -14.56 6.77 -48.36
C GLU H 478 -13.40 7.75 -48.48
N GLN H 479 -13.60 9.00 -48.03
CA GLN H 479 -12.49 9.94 -47.96
C GLN H 479 -11.60 9.67 -46.76
N LEU H 480 -12.19 9.23 -45.63
CA LEU H 480 -11.40 8.89 -44.46
C LEU H 480 -10.46 7.73 -44.74
N GLN H 481 -10.84 6.82 -45.65
CA GLN H 481 -9.99 5.68 -45.95
C GLN H 481 -8.71 6.07 -46.69
N GLN H 482 -8.58 7.32 -47.13
CA GLN H 482 -7.38 7.80 -47.79
C GLN H 482 -6.49 8.62 -46.86
N ALA H 483 -6.76 8.60 -45.56
CA ALA H 483 -5.94 9.37 -44.63
C ALA H 483 -4.57 8.73 -44.45
N GLN H 484 -3.68 9.44 -43.78
CA GLN H 484 -2.31 9.02 -43.58
C GLN H 484 -2.03 8.84 -42.08
N PHE H 485 -1.09 7.96 -41.77
CA PHE H 485 -0.68 7.71 -40.41
C PHE H 485 0.70 8.30 -40.13
N VAL H 486 0.96 8.53 -38.85
CA VAL H 486 2.30 8.83 -38.34
C VAL H 486 2.63 7.77 -37.29
N GLN H 487 3.80 7.15 -37.42
CA GLN H 487 4.19 6.06 -36.55
C GLN H 487 4.96 6.61 -35.35
N ILE H 488 4.41 6.43 -34.17
CA ILE H 488 5.01 6.94 -32.94
C ILE H 488 5.93 5.88 -32.35
N THR H 489 6.98 6.33 -31.68
CA THR H 489 7.94 5.43 -31.06
C THR H 489 7.43 4.95 -29.71
N ALA H 490 8.22 4.11 -29.05
CA ALA H 490 7.84 3.59 -27.75
C ALA H 490 7.75 4.67 -26.69
N ALA H 491 8.41 5.81 -26.89
CA ALA H 491 8.36 6.89 -25.92
C ALA H 491 7.02 7.61 -25.92
N GLY H 492 6.24 7.48 -26.99
CA GLY H 492 4.97 8.15 -27.11
C GLY H 492 3.80 7.44 -26.44
N LEU H 493 4.03 6.31 -25.80
CA LEU H 493 2.97 5.55 -25.14
C LEU H 493 2.95 5.72 -23.64
N LYS H 494 4.06 6.13 -23.02
CA LYS H 494 4.13 6.32 -21.59
C LYS H 494 3.27 7.50 -21.14
#